data_8ED4
#
_entry.id   8ED4
#
_cell.length_a   129.400
_cell.length_b   126.560
_cell.length_c   148.020
_cell.angle_alpha   90.00
_cell.angle_beta   107.81
_cell.angle_gamma   90.00
#
_symmetry.space_group_name_H-M   'P 1 21 1'
#
loop_
_entity.id
_entity.type
_entity.pdbx_description
1 polymer AroA
2 polymer AroB
3 polymer 'C-type cytochrome c552'
4 non-polymer '2-AMINO-5,6-DIMERCAPTO-7-METHYL-3,7,8A,9-TETRAHYDRO-8-OXA-1,3,9,10-TETRAAZA-ANTHRACEN-4-ONE GUANOSINE DINUCLEOTIDE'
5 non-polymer 'MOLYBDENUM(IV) ION'
6 non-polymer 'FE3-S4 CLUSTER'
7 non-polymer 'OXYGEN ATOM'
8 non-polymer 'FE2/S2 (INORGANIC) CLUSTER'
9 non-polymer 'PROTOPORPHYRIN IX CONTAINING FE'
10 non-polymer GLYCEROL
11 non-polymer 'TETRAETHYLENE GLYCOL'
12 non-polymer 'HEME C'
13 water water
#
loop_
_entity_poly.entity_id
_entity_poly.type
_entity_poly.pdbx_seq_one_letter_code
_entity_poly.pdbx_strand_id
1 'polypeptide(L)'
;AFKRHIDRLPIIPADAKKHNVTCHFCIVGCGYHAYTWPINKQGGTDPQNNIFGVDLSEQQQAESDAWYSPSMYNVVKQDG
RDVHVVIKPDHECVVNSGLGSVRGARMAETSFSEARNTQQQRLTDPLVWRYGQMQPTSWDDALDLVARVTAKIVKEKGED
ALIVSAFDHGGAGGGYENTWGTGKLYFEAMKVKNIRIHNRPAYNSEVHGTRDMGVGELNNCYEDAELADTIVAVGTNALE
TQTNYFLNHWIPNLRGESLGKKKELMPEEPHEAGRIIIVDPRRTVTVNACEQTAGADNVLHLAINSGTDLALFNALFTYI
ADKGWVDRDFIDKSTLREGTARPPLYPARGVSEANPGHLSSFEDAVEGCRMSIEEAAEITGLDAAQIIKAAEWIGMPKEG
GKRRRVMFGYEKGLIWGNDNYRTNGALVNLALATGNIGRPGGGVVRLGGHQEGYVRPSDAHVGRPAAYVDQLLIGGQGGV
HHIWGCDHYKTTLNAHEFKRVYKKRTDMVKDAMSAAPYGDREAMVNAIVDAINQGGLFAVNVDIIPTKIGEACHVILPAA
TSGEMNLTSMNGERRMRLTERYMDPPGQSMPDCLIAARLANTMERVLTEMGDVGYAAQFKGFDWQTEEDAFMDGYNKNAH
GGEFVTYERLSAMGTNGFQEPATGFTDGKIEGTQRLYTDGVFSTDDGKARFMDAPWRGLQAPGKQQQKDSHKYLINNGRA
NVVWQSAYLDQENDFVMDRFPYPFIEMNPEDMAEAGLKEGDLVEIYNDAGATQAMAYPTPTARRGETFMLFGFPTGVQGN
VTSAGTNELIIPNYKQTWGNIRKISDAPRNVAHLSFKSKEYQSA
;
A,C,E,G
2 'polypeptide(L)'
;HHHHHHDYDIPTTENLYFQGAMGSGIQATAAAGVEYPANRLANISELTLNEPLDVAYPDEDAAGVLLKLGTRVEGGVGPD
GDIVGFSTICPHKGFPLSYSADNKTFNCPGHFSVFDPEKGGQQVWGQATQNLPQYVLRVADNGDIFAEGVDELIYGRLSN
VL
;
B,D,F,H
3 'polypeptide(L)'
;MDESNAEKGAVVFKKCAACHAVGDGAANKVGPELNGLIGRKVAGVEGFNYSPAFKAKAEEGWVWDEVHLTEYLANPKAYI
KGTKMAFAGLKKPEDVADVIAYLKTFSTPLEHHHHHH
;
I,J,K,L
#
loop_
_chem_comp.id
_chem_comp.type
_chem_comp.name
_chem_comp.formula
4MO non-polymer 'MOLYBDENUM(IV) ION' 'Mo 4'
F3S non-polymer 'FE3-S4 CLUSTER' 'Fe3 S4'
FES non-polymer 'FE2/S2 (INORGANIC) CLUSTER' 'Fe2 S2'
GOL non-polymer GLYCEROL 'C3 H8 O3'
HEC non-polymer 'HEME C' 'C34 H34 Fe N4 O4'
HEM non-polymer 'PROTOPORPHYRIN IX CONTAINING FE' 'C34 H32 Fe N4 O4'
MGD non-polymer '2-AMINO-5,6-DIMERCAPTO-7-METHYL-3,7,8A,9-TETRAHYDRO-8-OXA-1,3,9,10-TETRAAZA-ANTHRACEN-4-ONE GUANOSINE DINUCLEOTIDE' 'C20 H26 N10 O13 P2 S2'
O non-polymer 'OXYGEN ATOM' O
PG4 non-polymer 'TETRAETHYLENE GLYCOL' 'C8 H18 O5'
#
# COMPACT_ATOMS: atom_id res chain seq x y z
N ALA A 1 15.81 47.74 -15.41
CA ALA A 1 14.80 48.81 -15.30
C ALA A 1 13.72 48.63 -16.37
N PHE A 2 12.45 48.83 -16.03
CA PHE A 2 11.31 48.64 -16.97
C PHE A 2 11.39 49.73 -18.03
N LYS A 3 11.39 49.32 -19.30
CA LYS A 3 11.37 50.20 -20.49
C LYS A 3 10.20 49.78 -21.37
N ARG A 4 9.39 50.74 -21.82
CA ARG A 4 8.16 50.49 -22.60
C ARG A 4 8.51 50.16 -24.06
N HIS A 5 9.68 50.58 -24.54
CA HIS A 5 10.10 50.46 -25.96
C HIS A 5 9.01 51.05 -26.87
N ILE A 6 8.36 52.12 -26.46
CA ILE A 6 7.44 52.90 -27.34
C ILE A 6 8.23 54.11 -27.84
N ASP A 7 8.86 54.01 -29.01
CA ASP A 7 9.75 55.10 -29.52
C ASP A 7 9.01 56.01 -30.50
N ARG A 8 7.67 56.04 -30.46
CA ARG A 8 6.86 56.88 -31.38
C ARG A 8 5.40 56.83 -30.90
N LEU A 9 4.74 57.99 -30.85
CA LEU A 9 3.33 58.16 -30.40
C LEU A 9 2.52 58.81 -31.51
N PRO A 10 1.25 58.41 -31.67
CA PRO A 10 0.33 59.14 -32.53
C PRO A 10 0.30 60.63 -32.16
N ILE A 11 0.39 61.52 -33.15
CA ILE A 11 0.33 63.00 -32.96
C ILE A 11 -1.14 63.43 -32.79
N ILE A 12 -1.45 64.24 -31.78
CA ILE A 12 -2.81 64.78 -31.62
C ILE A 12 -3.10 65.62 -32.87
N PRO A 13 -4.16 65.31 -33.65
CA PRO A 13 -4.55 66.16 -34.78
C PRO A 13 -5.23 67.45 -34.31
N ALA A 14 -5.19 68.50 -35.14
CA ALA A 14 -5.67 69.87 -34.84
C ALA A 14 -7.19 69.89 -34.56
N ASP A 15 -7.95 68.83 -34.90
CA ASP A 15 -9.43 68.78 -34.67
C ASP A 15 -9.78 67.72 -33.62
N ALA A 16 -8.79 67.21 -32.88
CA ALA A 16 -9.01 66.35 -31.68
C ALA A 16 -10.00 67.04 -30.75
N LYS A 17 -10.87 66.28 -30.07
CA LYS A 17 -11.84 66.80 -29.06
C LYS A 17 -11.13 67.07 -27.72
N LYS A 18 -11.37 68.24 -27.13
CA LYS A 18 -10.74 68.69 -25.87
C LYS A 18 -11.74 68.48 -24.73
N HIS A 19 -11.30 67.81 -23.66
CA HIS A 19 -12.01 67.74 -22.35
C HIS A 19 -11.10 68.31 -21.25
N ASN A 20 -11.72 69.01 -20.29
CA ASN A 20 -11.04 69.53 -19.08
C ASN A 20 -11.02 68.42 -18.04
N VAL A 21 -9.82 68.10 -17.55
CA VAL A 21 -9.59 66.98 -16.59
C VAL A 21 -8.77 67.54 -15.42
N THR A 22 -9.31 67.45 -14.22
CA THR A 22 -8.54 67.54 -12.96
C THR A 22 -7.86 66.19 -12.74
N CYS A 23 -6.61 66.17 -12.33
CA CYS A 23 -5.91 64.93 -11.89
C CYS A 23 -6.85 64.10 -11.01
N HIS A 24 -6.86 62.79 -11.22
CA HIS A 24 -7.69 61.80 -10.46
C HIS A 24 -7.30 61.79 -8.97
N PHE A 25 -6.02 62.07 -8.69
CA PHE A 25 -5.35 61.63 -7.44
C PHE A 25 -5.33 62.79 -6.41
N CYS A 26 -4.17 63.39 -6.15
CA CYS A 26 -3.96 64.10 -4.85
C CYS A 26 -4.56 65.52 -4.83
N ILE A 27 -4.61 66.06 -3.62
CA ILE A 27 -5.22 67.35 -3.17
C ILE A 27 -4.91 68.49 -4.16
N VAL A 28 -3.68 68.55 -4.70
CA VAL A 28 -3.17 69.70 -5.50
C VAL A 28 -4.13 69.97 -6.66
N GLY A 29 -4.69 68.90 -7.25
CA GLY A 29 -5.73 69.00 -8.29
C GLY A 29 -5.19 69.67 -9.55
N CYS A 30 -3.98 69.29 -9.96
CA CYS A 30 -3.30 69.82 -11.18
C CYS A 30 -4.25 69.74 -12.39
N GLY A 31 -4.22 70.76 -13.25
CA GLY A 31 -5.11 70.83 -14.42
C GLY A 31 -4.52 70.04 -15.58
N TYR A 32 -5.37 69.29 -16.29
CA TYR A 32 -5.06 68.48 -17.49
C TYR A 32 -6.14 68.72 -18.56
N HIS A 33 -5.82 68.40 -19.81
CA HIS A 33 -6.83 68.14 -20.88
C HIS A 33 -6.71 66.70 -21.38
N ALA A 34 -7.87 66.10 -21.68
CA ALA A 34 -8.00 64.87 -22.49
C ALA A 34 -8.34 65.24 -23.94
N TYR A 35 -7.41 64.95 -24.86
CA TYR A 35 -7.60 65.01 -26.33
C TYR A 35 -7.91 63.60 -26.86
N THR A 36 -9.11 63.40 -27.41
CA THR A 36 -9.50 62.15 -28.09
C THR A 36 -9.72 62.42 -29.59
N TRP A 37 -9.36 61.47 -30.44
CA TRP A 37 -9.68 61.51 -31.89
C TRP A 37 -9.93 60.11 -32.41
N PRO A 38 -10.70 59.96 -33.51
CA PRO A 38 -11.05 58.63 -34.02
C PRO A 38 -9.82 57.75 -34.28
N ILE A 39 -9.91 56.47 -33.90
CA ILE A 39 -8.95 55.41 -34.32
C ILE A 39 -9.01 55.44 -35.85
N ASN A 40 -7.88 55.25 -36.53
CA ASN A 40 -7.79 55.30 -38.02
C ASN A 40 -7.51 56.73 -38.49
N LYS A 41 -7.34 57.67 -37.55
CA LYS A 41 -6.93 59.08 -37.83
C LYS A 41 -5.74 59.43 -36.94
N GLN A 42 -4.98 60.45 -37.37
CA GLN A 42 -3.79 60.96 -36.67
C GLN A 42 -3.48 62.39 -37.16
N GLY A 43 -2.79 63.17 -36.33
CA GLY A 43 -2.21 64.46 -36.74
C GLY A 43 -0.90 64.25 -37.48
N GLY A 44 -0.30 65.35 -37.94
CA GLY A 44 0.96 65.34 -38.68
C GLY A 44 1.95 66.31 -38.07
N THR A 45 3.21 66.16 -38.48
CA THR A 45 4.38 66.99 -38.08
C THR A 45 4.11 68.47 -38.40
N ASP A 46 3.42 68.76 -39.50
CA ASP A 46 3.19 70.15 -39.99
C ASP A 46 2.21 70.86 -39.05
N PRO A 47 2.48 72.16 -38.75
CA PRO A 47 1.67 72.94 -37.81
C PRO A 47 0.15 72.93 -37.95
N GLN A 48 -0.40 72.91 -39.16
CA GLN A 48 -1.86 72.98 -39.38
C GLN A 48 -2.47 71.59 -39.12
N ASN A 49 -1.63 70.55 -38.99
CA ASN A 49 -2.00 69.11 -38.88
C ASN A 49 -1.92 68.61 -37.43
N ASN A 50 -1.56 69.46 -36.46
CA ASN A 50 -1.47 69.04 -35.02
C ASN A 50 -2.03 70.13 -34.10
N ILE A 51 -2.47 69.72 -32.90
CA ILE A 51 -3.19 70.57 -31.91
C ILE A 51 -2.27 71.70 -31.40
N PHE A 52 -0.95 71.56 -31.55
CA PHE A 52 0.04 72.50 -30.97
C PHE A 52 0.34 73.67 -31.93
N GLY A 53 0.03 73.52 -33.22
CA GLY A 53 0.34 74.52 -34.27
C GLY A 53 1.84 74.69 -34.42
N VAL A 54 2.62 73.60 -34.28
CA VAL A 54 4.09 73.63 -34.12
C VAL A 54 4.73 72.58 -35.03
N ASP A 55 5.93 72.84 -35.54
CA ASP A 55 6.67 71.86 -36.38
C ASP A 55 7.28 70.78 -35.48
N LEU A 56 6.60 69.63 -35.37
CA LEU A 56 7.02 68.48 -34.53
C LEU A 56 8.18 67.72 -35.18
N SER A 57 8.60 68.09 -36.40
CA SER A 57 9.83 67.54 -37.05
C SER A 57 11.08 68.15 -36.41
N GLU A 58 10.94 69.18 -35.57
CA GLU A 58 12.04 69.78 -34.76
C GLU A 58 12.00 69.24 -33.32
N GLN A 59 13.19 68.96 -32.76
CA GLN A 59 13.41 68.80 -31.30
C GLN A 59 12.66 69.93 -30.58
N GLN A 60 11.88 69.61 -29.54
CA GLN A 60 11.29 70.63 -28.63
C GLN A 60 12.28 70.85 -27.48
N GLN A 61 12.34 72.08 -26.98
CA GLN A 61 13.25 72.46 -25.85
C GLN A 61 12.54 72.21 -24.51
N ALA A 62 13.28 72.27 -23.42
CA ALA A 62 12.77 72.03 -22.04
C ALA A 62 11.40 72.72 -21.87
N GLU A 63 10.50 72.09 -21.13
CA GLU A 63 9.18 72.63 -20.67
C GLU A 63 8.25 72.92 -21.85
N SER A 64 8.46 72.33 -23.03
CA SER A 64 7.57 72.50 -24.21
C SER A 64 6.16 71.99 -23.89
N ASP A 65 5.14 72.73 -24.28
CA ASP A 65 3.73 72.23 -24.27
C ASP A 65 3.51 71.24 -25.44
N ALA A 66 4.46 71.08 -26.36
CA ALA A 66 4.27 70.33 -27.63
C ALA A 66 4.92 68.93 -27.54
N TRP A 67 4.75 68.27 -26.40
CA TRP A 67 5.25 66.89 -26.14
C TRP A 67 4.33 66.23 -25.13
N TYR A 68 4.43 64.91 -25.04
CA TYR A 68 3.81 64.08 -23.99
C TYR A 68 4.63 62.78 -23.94
N SER A 69 4.57 62.11 -22.78
CA SER A 69 5.21 60.79 -22.55
C SER A 69 4.26 59.67 -22.97
N PRO A 70 4.81 58.46 -23.23
CA PRO A 70 4.00 57.26 -23.40
C PRO A 70 2.88 57.11 -22.36
N SER A 71 3.18 57.39 -21.10
CA SER A 71 2.24 57.19 -19.95
C SER A 71 1.01 58.06 -20.16
N MET A 72 1.11 59.09 -20.99
CA MET A 72 0.01 60.06 -21.23
C MET A 72 -0.84 59.61 -22.41
N TYR A 73 -0.44 58.56 -23.13
CA TYR A 73 -1.14 58.10 -24.36
C TYR A 73 -1.83 56.75 -24.13
N ASN A 74 -3.06 56.61 -24.63
CA ASN A 74 -3.74 55.29 -24.66
C ASN A 74 -4.86 55.27 -25.71
N VAL A 75 -5.54 54.12 -25.82
CA VAL A 75 -6.77 53.91 -26.64
C VAL A 75 -7.87 53.40 -25.70
N VAL A 76 -9.01 54.11 -25.66
CA VAL A 76 -10.14 53.80 -24.75
C VAL A 76 -11.43 53.82 -25.57
N LYS A 77 -12.49 53.22 -25.05
CA LYS A 77 -13.86 53.34 -25.61
C LYS A 77 -14.39 54.73 -25.29
N GLN A 78 -14.94 55.41 -26.29
CA GLN A 78 -15.74 56.66 -26.16
C GLN A 78 -17.00 56.48 -26.98
N ASP A 79 -18.18 56.53 -26.33
CA ASP A 79 -19.50 56.34 -26.98
C ASP A 79 -19.50 55.03 -27.77
N GLY A 80 -18.91 53.96 -27.24
CA GLY A 80 -18.95 52.63 -27.86
C GLY A 80 -17.87 52.42 -28.90
N ARG A 81 -17.04 53.42 -29.20
CA ARG A 81 -15.94 53.36 -30.21
C ARG A 81 -14.56 53.52 -29.57
N ASP A 82 -13.55 52.84 -30.13
CA ASP A 82 -12.12 53.00 -29.76
C ASP A 82 -11.62 54.36 -30.27
N VAL A 83 -11.13 55.23 -29.38
CA VAL A 83 -10.46 56.50 -29.76
C VAL A 83 -9.05 56.54 -29.18
N HIS A 84 -8.13 57.19 -29.86
CA HIS A 84 -6.85 57.65 -29.29
C HIS A 84 -7.19 58.66 -28.17
N VAL A 85 -6.39 58.70 -27.11
CA VAL A 85 -6.52 59.69 -26.01
C VAL A 85 -5.11 60.07 -25.56
N VAL A 86 -4.83 61.38 -25.47
CA VAL A 86 -3.70 61.95 -24.69
C VAL A 86 -4.27 62.73 -23.49
N ILE A 87 -3.83 62.38 -22.27
CA ILE A 87 -4.15 63.14 -21.01
C ILE A 87 -2.85 63.83 -20.55
N LYS A 88 -2.89 65.15 -20.66
CA LYS A 88 -1.72 66.04 -20.87
C LYS A 88 -1.86 67.19 -19.89
N PRO A 89 -0.82 67.55 -19.12
CA PRO A 89 -0.94 68.64 -18.15
C PRO A 89 -1.20 70.00 -18.82
N ASP A 90 -2.14 70.79 -18.27
CA ASP A 90 -2.57 72.09 -18.82
C ASP A 90 -1.58 73.19 -18.40
N HIS A 91 -0.92 73.77 -19.38
CA HIS A 91 0.08 74.87 -19.27
C HIS A 91 -0.57 76.14 -18.71
N GLU A 92 -1.86 76.36 -18.96
CA GLU A 92 -2.59 77.62 -18.58
C GLU A 92 -3.31 77.43 -17.24
N CYS A 93 -3.17 76.26 -16.59
CA CYS A 93 -3.70 76.05 -15.21
C CYS A 93 -2.71 76.66 -14.22
N VAL A 94 -3.16 77.59 -13.38
CA VAL A 94 -2.32 78.33 -12.37
C VAL A 94 -1.86 77.36 -11.27
N VAL A 95 -2.64 76.31 -10.98
CA VAL A 95 -2.26 75.28 -9.98
C VAL A 95 -0.87 74.73 -10.33
N ASN A 96 -0.72 74.16 -11.54
CA ASN A 96 0.47 73.34 -11.90
C ASN A 96 1.35 73.97 -12.99
N SER A 97 0.81 74.87 -13.82
CA SER A 97 1.53 75.51 -14.97
C SER A 97 2.17 74.47 -15.88
N GLY A 98 1.41 73.43 -16.26
CA GLY A 98 1.89 72.40 -17.20
C GLY A 98 2.70 71.30 -16.51
N LEU A 99 2.96 71.40 -15.19
CA LEU A 99 3.55 70.29 -14.40
C LEU A 99 2.52 69.15 -14.27
N GLY A 100 3.03 67.93 -14.48
CA GLY A 100 2.38 66.65 -14.13
C GLY A 100 3.29 65.83 -13.24
N SER A 101 2.79 65.33 -12.12
CA SER A 101 3.53 64.39 -11.22
C SER A 101 3.65 63.03 -11.90
N VAL A 102 4.55 62.19 -11.38
CA VAL A 102 4.74 60.78 -11.81
C VAL A 102 3.41 60.04 -11.69
N ARG A 103 2.41 60.60 -11.01
CA ARG A 103 1.07 59.97 -10.83
C ARG A 103 0.06 60.49 -11.85
N GLY A 104 -0.19 61.80 -11.89
CA GLY A 104 -1.15 62.39 -12.85
C GLY A 104 -0.78 62.05 -14.30
N ALA A 105 0.52 62.05 -14.62
CA ALA A 105 1.05 61.86 -15.98
C ALA A 105 0.84 60.40 -16.45
N ARG A 106 0.49 59.49 -15.54
CA ARG A 106 0.18 58.08 -15.91
C ARG A 106 -1.33 57.86 -15.81
N MET A 107 -2.13 58.91 -15.74
CA MET A 107 -3.61 58.74 -15.76
C MET A 107 -4.00 57.91 -16.99
N ALA A 108 -3.41 58.18 -18.16
CA ALA A 108 -3.80 57.56 -19.44
C ALA A 108 -3.50 56.05 -19.38
N GLU A 109 -2.23 55.73 -19.11
CA GLU A 109 -1.65 54.36 -18.99
C GLU A 109 -2.38 53.53 -17.91
N THR A 110 -3.02 54.16 -16.93
CA THR A 110 -3.80 53.47 -15.86
C THR A 110 -5.30 53.54 -16.15
N SER A 111 -5.68 54.01 -17.34
CA SER A 111 -7.09 53.89 -17.83
C SER A 111 -7.28 52.48 -18.37
N PHE A 112 -8.50 51.92 -18.31
CA PHE A 112 -8.91 50.67 -18.99
C PHE A 112 -8.73 50.78 -20.51
N SER A 113 -7.93 49.89 -21.12
CA SER A 113 -7.86 49.71 -22.59
C SER A 113 -7.88 48.22 -23.00
N GLU A 114 -8.97 47.72 -23.59
CA GLU A 114 -9.00 46.39 -24.26
C GLU A 114 -7.95 46.34 -25.38
N ALA A 115 -7.89 47.40 -26.19
CA ALA A 115 -7.03 47.45 -27.39
C ALA A 115 -5.56 47.45 -26.95
N ARG A 116 -5.18 48.20 -25.90
CA ARG A 116 -3.76 48.30 -25.48
C ARG A 116 -3.50 47.46 -24.22
N ASN A 117 -4.53 46.80 -23.68
CA ASN A 117 -4.46 45.77 -22.60
C ASN A 117 -3.96 46.38 -21.29
N THR A 118 -4.40 47.60 -20.96
CA THR A 118 -4.06 48.29 -19.69
C THR A 118 -5.20 48.06 -18.70
N GLN A 119 -4.83 47.76 -17.45
CA GLN A 119 -5.76 47.70 -16.30
C GLN A 119 -6.90 46.72 -16.61
N GLN A 120 -6.56 45.51 -17.07
CA GLN A 120 -7.54 44.43 -17.34
C GLN A 120 -8.11 43.93 -16.00
N GLN A 121 -7.44 44.23 -14.86
CA GLN A 121 -7.99 43.92 -13.51
C GLN A 121 -9.32 44.66 -13.29
N ARG A 122 -9.62 45.75 -14.02
CA ARG A 122 -10.85 46.57 -13.79
C ARG A 122 -12.08 45.65 -13.77
N LEU A 123 -12.94 45.84 -12.77
CA LEU A 123 -14.25 45.16 -12.66
C LEU A 123 -15.13 45.59 -13.83
N THR A 124 -15.76 44.63 -14.51
CA THR A 124 -16.69 44.87 -15.64
C THR A 124 -18.09 44.39 -15.27
N ASP A 125 -18.26 43.57 -14.23
CA ASP A 125 -19.53 42.83 -13.97
C ASP A 125 -19.79 42.70 -12.47
N PRO A 126 -21.05 42.81 -11.99
CA PRO A 126 -21.40 42.36 -10.65
C PRO A 126 -20.95 40.90 -10.45
N LEU A 127 -20.48 40.58 -9.24
CA LEU A 127 -20.04 39.22 -8.82
C LEU A 127 -20.82 38.83 -7.56
N VAL A 128 -21.21 37.57 -7.45
CA VAL A 128 -21.82 36.99 -6.22
C VAL A 128 -21.13 35.67 -5.91
N TRP A 129 -20.88 35.44 -4.62
CA TRP A 129 -20.43 34.14 -4.05
C TRP A 129 -21.58 33.12 -4.15
N ARG A 130 -21.44 32.19 -5.09
CA ARG A 130 -22.37 31.03 -5.25
C ARG A 130 -21.66 29.89 -6.00
N TYR A 131 -22.01 28.66 -5.67
CA TYR A 131 -21.49 27.44 -6.36
C TYR A 131 -20.00 27.29 -6.08
N GLY A 132 -19.51 27.81 -4.96
CA GLY A 132 -18.17 27.53 -4.42
C GLY A 132 -17.13 28.59 -4.78
N GLN A 133 -17.49 29.63 -5.54
CA GLN A 133 -16.57 30.74 -5.88
C GLN A 133 -17.38 31.96 -6.31
N MET A 134 -16.71 33.08 -6.58
CA MET A 134 -17.36 34.31 -7.09
CA MET A 134 -17.35 34.31 -7.09
C MET A 134 -17.80 34.05 -8.53
N GLN A 135 -19.00 34.49 -8.87
CA GLN A 135 -19.58 34.26 -10.22
C GLN A 135 -20.14 35.57 -10.74
N PRO A 136 -19.91 35.92 -12.02
CA PRO A 136 -20.50 37.12 -12.59
C PRO A 136 -22.03 36.91 -12.72
N THR A 137 -22.77 38.00 -12.57
CA THR A 137 -24.25 38.03 -12.69
C THR A 137 -24.70 39.41 -13.15
N SER A 138 -26.01 39.60 -13.24
CA SER A 138 -26.66 40.86 -13.70
C SER A 138 -26.77 41.81 -12.52
N TRP A 139 -26.82 43.11 -12.79
CA TRP A 139 -27.19 44.17 -11.82
C TRP A 139 -28.49 43.84 -11.09
N ASP A 140 -29.54 43.42 -11.81
CA ASP A 140 -30.88 43.13 -11.22
C ASP A 140 -30.70 42.12 -10.08
N ASP A 141 -30.04 40.99 -10.40
CA ASP A 141 -29.82 39.83 -9.49
C ASP A 141 -28.97 40.27 -8.28
N ALA A 142 -27.83 40.91 -8.53
CA ALA A 142 -26.87 41.30 -7.46
C ALA A 142 -27.52 42.32 -6.51
N LEU A 143 -28.09 43.40 -7.05
CA LEU A 143 -28.84 44.42 -6.25
C LEU A 143 -29.99 43.77 -5.48
N ASP A 144 -30.80 42.92 -6.13
CA ASP A 144 -31.89 42.17 -5.44
C ASP A 144 -31.32 41.51 -4.19
N LEU A 145 -30.22 40.76 -4.31
CA LEU A 145 -29.68 39.95 -3.17
C LEU A 145 -29.22 40.88 -2.05
N VAL A 146 -28.46 41.93 -2.39
CA VAL A 146 -27.93 42.94 -1.43
C VAL A 146 -29.14 43.60 -0.72
N ALA A 147 -30.16 44.01 -1.49
CA ALA A 147 -31.39 44.64 -0.97
C ALA A 147 -32.10 43.69 0.01
N ARG A 148 -32.34 42.43 -0.41
CA ARG A 148 -33.15 41.48 0.38
C ARG A 148 -32.46 41.19 1.71
N VAL A 149 -31.16 40.92 1.69
CA VAL A 149 -30.36 40.65 2.93
C VAL A 149 -30.35 41.91 3.79
N THR A 150 -29.99 43.07 3.21
CA THR A 150 -29.86 44.35 3.95
C THR A 150 -31.21 44.69 4.62
N ALA A 151 -32.32 44.53 3.87
CA ALA A 151 -33.70 44.80 4.32
C ALA A 151 -34.10 43.85 5.46
N LYS A 152 -33.87 42.55 5.29
CA LYS A 152 -34.28 41.55 6.32
C LYS A 152 -33.56 41.86 7.64
N ILE A 153 -32.26 42.14 7.57
CA ILE A 153 -31.39 42.33 8.77
C ILE A 153 -31.78 43.63 9.47
N VAL A 154 -31.96 44.70 8.72
CA VAL A 154 -32.32 46.03 9.28
C VAL A 154 -33.67 45.92 9.97
N LYS A 155 -34.62 45.19 9.36
CA LYS A 155 -36.02 45.02 9.85
C LYS A 155 -36.06 44.18 11.12
N GLU A 156 -35.14 43.24 11.31
CA GLU A 156 -35.16 42.31 12.47
C GLU A 156 -34.28 42.85 13.61
N LYS A 157 -33.19 43.57 13.29
CA LYS A 157 -32.18 43.99 14.31
C LYS A 157 -31.96 45.51 14.30
N GLY A 158 -32.62 46.27 13.42
CA GLY A 158 -32.48 47.74 13.32
C GLY A 158 -31.34 48.14 12.40
N GLU A 159 -31.26 49.43 12.07
CA GLU A 159 -30.22 50.03 11.20
C GLU A 159 -28.81 49.87 11.82
N ASP A 160 -28.72 49.70 13.14
CA ASP A 160 -27.42 49.52 13.85
C ASP A 160 -26.70 48.25 13.39
N ALA A 161 -27.43 47.30 12.78
CA ALA A 161 -26.91 46.02 12.25
C ALA A 161 -26.23 46.25 10.89
N LEU A 162 -26.52 47.38 10.23
CA LEU A 162 -25.83 47.80 8.99
C LEU A 162 -24.57 48.59 9.34
N ILE A 163 -23.41 48.07 8.92
CA ILE A 163 -22.08 48.73 9.02
C ILE A 163 -21.77 49.30 7.64
N VAL A 164 -21.32 50.56 7.58
CA VAL A 164 -20.89 51.17 6.28
C VAL A 164 -19.42 51.61 6.40
N SER A 165 -18.62 51.31 5.37
CA SER A 165 -17.28 51.91 5.13
C SER A 165 -17.34 52.61 3.78
N ALA A 166 -17.17 53.94 3.73
CA ALA A 166 -17.27 54.70 2.47
C ALA A 166 -16.27 55.85 2.49
N PHE A 167 -15.59 56.08 1.36
CA PHE A 167 -14.89 57.34 1.05
C PHE A 167 -15.77 58.52 1.54
N ASP A 168 -15.13 59.60 1.97
CA ASP A 168 -15.77 60.94 2.12
C ASP A 168 -14.98 61.98 1.32
N HIS A 169 -14.02 61.57 0.49
CA HIS A 169 -13.06 62.49 -0.18
C HIS A 169 -13.54 62.86 -1.59
N GLY A 170 -12.76 63.69 -2.27
CA GLY A 170 -12.98 64.12 -3.65
C GLY A 170 -12.08 63.39 -4.65
N GLY A 171 -12.18 63.76 -5.92
CA GLY A 171 -11.41 63.12 -7.01
C GLY A 171 -11.94 61.74 -7.33
N ALA A 172 -11.12 60.95 -8.01
CA ALA A 172 -11.46 59.56 -8.38
C ALA A 172 -11.77 58.78 -7.09
N GLY A 173 -12.98 58.22 -7.00
CA GLY A 173 -13.42 57.43 -5.84
C GLY A 173 -14.07 58.30 -4.80
N GLY A 174 -14.46 59.51 -5.19
CA GLY A 174 -15.32 60.40 -4.39
C GLY A 174 -15.83 61.53 -5.27
N GLY A 175 -15.89 62.75 -4.72
CA GLY A 175 -16.47 63.93 -5.40
C GLY A 175 -17.91 64.17 -4.94
N TYR A 176 -18.46 65.32 -5.35
CA TYR A 176 -19.73 65.87 -4.82
C TYR A 176 -20.90 64.93 -5.19
N GLU A 177 -20.87 64.35 -6.39
CA GLU A 177 -21.93 63.43 -6.88
C GLU A 177 -21.93 62.18 -5.98
N ASN A 178 -20.76 61.58 -5.79
CA ASN A 178 -20.58 60.26 -5.14
C ASN A 178 -20.82 60.34 -3.63
N THR A 179 -20.29 61.37 -2.95
CA THR A 179 -20.48 61.53 -1.49
C THR A 179 -21.97 61.77 -1.23
N TRP A 180 -22.64 62.51 -2.11
CA TRP A 180 -24.07 62.87 -1.96
C TRP A 180 -24.94 61.62 -2.13
N GLY A 181 -24.66 60.83 -3.18
CA GLY A 181 -25.34 59.56 -3.46
C GLY A 181 -25.31 58.65 -2.26
N THR A 182 -24.10 58.38 -1.77
CA THR A 182 -23.84 57.49 -0.60
C THR A 182 -24.44 58.13 0.66
N GLY A 183 -24.19 59.42 0.84
CA GLY A 183 -24.70 60.20 1.99
C GLY A 183 -26.22 60.17 2.06
N LYS A 184 -26.89 60.47 0.96
CA LYS A 184 -28.38 60.45 0.89
C LYS A 184 -28.90 59.05 1.24
N LEU A 185 -28.23 57.99 0.76
CA LEU A 185 -28.69 56.60 0.97
C LEU A 185 -28.67 56.27 2.47
N TYR A 186 -27.56 56.52 3.16
CA TYR A 186 -27.35 56.05 4.56
C TYR A 186 -27.69 57.12 5.61
N PHE A 187 -27.83 58.41 5.23
CA PHE A 187 -28.12 59.50 6.21
C PHE A 187 -29.52 60.10 5.99
N GLU A 188 -30.02 60.18 4.74
CA GLU A 188 -31.39 60.70 4.46
C GLU A 188 -32.41 59.55 4.58
N ALA A 189 -32.33 58.56 3.69
CA ALA A 189 -33.24 57.40 3.67
C ALA A 189 -33.12 56.59 4.96
N MET A 190 -31.91 56.49 5.50
CA MET A 190 -31.59 55.73 6.74
C MET A 190 -30.90 56.67 7.73
N LYS A 191 -30.73 56.21 8.98
CA LYS A 191 -29.94 56.90 10.03
C LYS A 191 -28.86 55.92 10.51
N VAL A 192 -27.95 55.54 9.61
CA VAL A 192 -26.76 54.68 9.94
C VAL A 192 -25.81 55.47 10.86
N LYS A 193 -25.62 54.97 12.08
CA LYS A 193 -24.61 55.45 13.07
C LYS A 193 -23.27 54.71 12.89
N ASN A 194 -23.33 53.42 12.55
CA ASN A 194 -22.15 52.53 12.54
C ASN A 194 -21.52 52.66 11.15
N ILE A 195 -21.08 53.87 10.81
CA ILE A 195 -20.43 54.24 9.53
C ILE A 195 -19.03 54.77 9.84
N ARG A 196 -18.03 54.35 9.07
CA ARG A 196 -16.65 54.88 9.16
C ARG A 196 -16.29 55.45 7.79
N ILE A 197 -15.12 56.05 7.70
CA ILE A 197 -14.62 56.76 6.51
C ILE A 197 -13.44 55.96 5.95
N HIS A 198 -13.02 56.26 4.73
CA HIS A 198 -11.95 55.52 4.01
C HIS A 198 -10.67 55.45 4.85
N ASN A 199 -10.39 56.42 5.72
CA ASN A 199 -9.04 56.56 6.34
C ASN A 199 -9.07 56.55 7.88
N ARG A 200 -10.25 56.44 8.47
CA ARG A 200 -10.38 56.48 9.95
C ARG A 200 -11.65 55.72 10.32
N PRO A 201 -11.60 54.98 11.46
CA PRO A 201 -12.59 53.95 11.77
C PRO A 201 -13.85 54.43 12.51
N ALA A 202 -14.10 55.75 12.51
CA ALA A 202 -15.35 56.36 13.00
C ALA A 202 -15.80 57.49 12.06
N TYR A 203 -17.05 57.96 12.17
CA TYR A 203 -17.54 59.10 11.35
C TYR A 203 -17.24 60.42 12.08
N ASN A 204 -15.96 60.81 12.06
CA ASN A 204 -15.40 61.97 12.77
C ASN A 204 -14.74 62.86 11.71
N SER A 205 -14.21 64.00 12.14
CA SER A 205 -13.35 64.90 11.34
C SER A 205 -11.89 64.64 11.69
N GLU A 206 -11.00 64.80 10.71
CA GLU A 206 -9.52 64.73 10.90
C GLU A 206 -9.10 65.84 11.88
N VAL A 207 -9.84 66.95 11.90
CA VAL A 207 -9.35 68.23 12.48
C VAL A 207 -10.47 68.97 13.21
N HIS A 208 -11.15 68.31 14.14
CA HIS A 208 -12.14 68.93 15.07
C HIS A 208 -11.51 70.13 15.79
N GLY A 209 -10.22 70.04 16.11
CA GLY A 209 -9.45 71.10 16.80
C GLY A 209 -9.57 72.44 16.08
N THR A 210 -8.99 72.57 14.89
CA THR A 210 -9.07 73.81 14.08
C THR A 210 -10.54 74.20 13.88
N ARG A 211 -11.46 73.25 13.69
CA ARG A 211 -12.89 73.55 13.38
C ARG A 211 -13.61 74.11 14.63
N ASP A 212 -13.42 73.47 15.78
CA ASP A 212 -13.96 73.91 17.11
C ASP A 212 -13.47 75.32 17.45
N MET A 213 -12.29 75.70 16.97
CA MET A 213 -11.66 77.02 17.19
C MET A 213 -12.27 78.04 16.21
N GLY A 214 -13.09 77.58 15.26
CA GLY A 214 -13.77 78.38 14.22
C GLY A 214 -12.91 78.65 13.00
N VAL A 215 -11.79 77.93 12.82
CA VAL A 215 -10.90 78.11 11.63
C VAL A 215 -11.04 76.86 10.73
N GLY A 216 -11.79 76.96 9.64
CA GLY A 216 -11.80 75.93 8.57
C GLY A 216 -10.39 75.68 8.05
N GLU A 217 -10.06 74.41 7.79
CA GLU A 217 -8.65 73.94 7.62
C GLU A 217 -8.09 74.28 6.22
N LEU A 218 -8.95 74.74 5.30
CA LEU A 218 -8.58 75.13 3.91
C LEU A 218 -8.94 76.60 3.69
N ASN A 219 -8.21 77.52 4.32
CA ASN A 219 -8.61 78.94 4.52
C ASN A 219 -7.74 79.88 3.69
N ASN A 220 -6.74 79.37 2.95
CA ASN A 220 -5.79 80.24 2.23
C ASN A 220 -5.91 79.98 0.70
N CYS A 221 -4.95 80.47 -0.08
CA CYS A 221 -4.80 80.16 -1.53
C CYS A 221 -3.34 79.80 -1.76
N TYR A 222 -3.06 79.09 -2.85
CA TYR A 222 -1.72 78.52 -3.17
C TYR A 222 -0.71 79.66 -3.35
N GLU A 223 -1.19 80.85 -3.72
CA GLU A 223 -0.34 82.06 -3.94
C GLU A 223 0.30 82.45 -2.62
N ASP A 224 -0.42 82.25 -1.51
CA ASP A 224 0.07 82.51 -0.12
C ASP A 224 1.42 81.81 0.08
N ALA A 225 1.63 80.62 -0.48
CA ALA A 225 2.91 79.91 -0.37
C ALA A 225 4.00 80.68 -1.12
N GLU A 226 3.64 81.45 -2.16
CA GLU A 226 4.58 82.32 -2.92
C GLU A 226 4.87 83.61 -2.14
N LEU A 227 3.92 84.10 -1.34
CA LEU A 227 3.93 85.47 -0.77
C LEU A 227 4.47 85.51 0.67
N ALA A 228 4.61 84.35 1.32
CA ALA A 228 4.99 84.23 2.74
C ALA A 228 6.48 84.54 2.93
N ASP A 229 6.82 85.18 4.06
CA ASP A 229 8.22 85.37 4.55
C ASP A 229 8.71 84.01 5.02
N THR A 230 7.86 83.24 5.69
CA THR A 230 8.23 81.91 6.25
C THR A 230 7.13 80.93 5.96
N ILE A 231 7.49 79.76 5.43
CA ILE A 231 6.60 78.56 5.38
C ILE A 231 6.92 77.71 6.60
N VAL A 232 5.89 77.36 7.37
CA VAL A 232 5.97 76.33 8.45
C VAL A 232 5.23 75.07 7.98
N ALA A 233 6.02 74.03 7.72
CA ALA A 233 5.60 72.76 7.10
C ALA A 233 5.69 71.66 8.16
N VAL A 234 4.54 71.26 8.72
CA VAL A 234 4.47 70.27 9.84
C VAL A 234 3.90 68.94 9.33
N GLY A 235 4.65 67.84 9.48
CA GLY A 235 4.13 66.49 9.21
C GLY A 235 3.67 66.39 7.77
N THR A 236 4.45 66.95 6.86
CA THR A 236 4.21 66.96 5.41
C THR A 236 5.49 66.63 4.67
N ASN A 237 5.38 65.80 3.63
CA ASN A 237 6.51 65.44 2.74
C ASN A 237 6.16 65.95 1.34
N ALA A 238 5.93 67.27 1.22
CA ALA A 238 5.14 67.92 0.13
C ALA A 238 5.73 67.64 -1.26
N LEU A 239 7.06 67.51 -1.40
CA LEU A 239 7.68 67.17 -2.70
C LEU A 239 7.10 65.84 -3.18
N GLU A 240 6.89 64.88 -2.26
CA GLU A 240 6.37 63.52 -2.57
C GLU A 240 4.82 63.52 -2.54
N THR A 241 4.17 64.34 -1.70
CA THR A 241 2.74 64.16 -1.29
C THR A 241 1.85 65.33 -1.71
N GLN A 242 2.42 66.48 -2.03
CA GLN A 242 1.69 67.62 -2.61
C GLN A 242 2.58 68.20 -3.71
N THR A 243 3.11 67.32 -4.56
CA THR A 243 4.28 67.57 -5.46
C THR A 243 4.15 68.98 -6.10
N ASN A 244 3.07 69.27 -6.83
CA ASN A 244 3.00 70.40 -7.80
C ASN A 244 2.62 71.69 -7.06
N TYR A 245 2.07 71.61 -5.84
CA TYR A 245 1.93 72.78 -4.95
C TYR A 245 3.34 73.17 -4.51
N PHE A 246 4.08 72.20 -4.00
CA PHE A 246 5.50 72.39 -3.61
C PHE A 246 6.28 73.01 -4.78
N LEU A 247 6.26 72.36 -5.95
CA LEU A 247 7.15 72.72 -7.08
C LEU A 247 6.73 74.07 -7.71
N ASN A 248 5.44 74.33 -7.87
CA ASN A 248 4.93 75.45 -8.70
C ASN A 248 4.65 76.70 -7.83
N HIS A 249 4.78 76.60 -6.50
CA HIS A 249 4.37 77.67 -5.55
C HIS A 249 5.32 77.85 -4.36
N TRP A 250 5.75 76.77 -3.70
CA TRP A 250 6.71 76.91 -2.57
C TRP A 250 8.08 77.28 -3.13
N ILE A 251 8.54 76.53 -4.13
CA ILE A 251 9.88 76.70 -4.78
C ILE A 251 10.04 78.14 -5.24
N PRO A 252 9.16 78.72 -6.06
CA PRO A 252 9.34 80.10 -6.50
C PRO A 252 9.61 81.05 -5.32
N ASN A 253 8.97 80.83 -4.16
CA ASN A 253 9.18 81.63 -2.91
C ASN A 253 10.63 81.44 -2.44
N LEU A 254 11.10 80.20 -2.35
CA LEU A 254 12.41 79.84 -1.75
C LEU A 254 13.61 80.33 -2.58
N ARG A 255 13.53 80.37 -3.92
N ARG A 255 13.44 80.35 -3.92
CA ARG A 255 14.67 80.86 -4.76
CA ARG A 255 14.41 80.78 -4.97
C ARG A 255 14.39 82.30 -5.23
C ARG A 255 14.48 82.31 -5.09
N GLY A 256 13.46 83.01 -4.58
CA GLY A 256 13.31 84.48 -4.73
C GLY A 256 12.54 84.91 -5.97
N GLU A 257 11.97 83.96 -6.74
CA GLU A 257 11.24 84.25 -8.00
C GLU A 257 9.99 85.08 -7.74
N SER A 258 9.37 84.93 -6.58
CA SER A 258 8.08 85.57 -6.22
C SER A 258 8.32 86.98 -5.65
N LEU A 259 9.59 87.40 -5.53
CA LEU A 259 9.96 88.70 -4.91
C LEU A 259 9.28 89.85 -5.64
N GLY A 260 9.41 89.88 -6.96
CA GLY A 260 8.70 90.87 -7.81
C GLY A 260 7.25 90.95 -7.40
N LYS A 261 6.55 89.82 -7.34
CA LYS A 261 5.09 89.77 -7.02
C LYS A 261 4.88 90.30 -5.59
N LYS A 262 5.76 89.94 -4.65
CA LYS A 262 5.63 90.32 -3.21
C LYS A 262 5.68 91.85 -3.10
N LYS A 263 6.68 92.47 -3.72
CA LYS A 263 6.92 93.94 -3.73
C LYS A 263 5.72 94.68 -4.34
N GLU A 264 5.07 94.08 -5.33
CA GLU A 264 3.91 94.66 -6.06
C GLU A 264 2.64 94.53 -5.19
N LEU A 265 2.39 93.38 -4.58
CA LEU A 265 1.12 93.07 -3.86
C LEU A 265 1.17 93.64 -2.44
N MET A 266 2.37 93.82 -1.89
CA MET A 266 2.63 94.27 -0.49
C MET A 266 3.78 95.28 -0.50
N PRO A 267 3.51 96.52 -0.96
CA PRO A 267 4.53 97.57 -0.95
C PRO A 267 4.54 98.21 0.43
N GLU A 268 5.64 98.81 0.83
CA GLU A 268 5.78 99.51 2.15
C GLU A 268 6.08 98.49 3.26
N GLU A 269 6.63 97.32 2.94
CA GLU A 269 7.27 96.40 3.92
C GLU A 269 8.40 95.65 3.22
N PRO A 270 9.45 95.23 3.95
CA PRO A 270 10.52 94.45 3.34
C PRO A 270 10.10 93.00 3.00
N HIS A 271 10.89 92.41 2.11
CA HIS A 271 10.64 91.13 1.43
C HIS A 271 11.99 90.55 1.07
N GLU A 272 12.25 89.31 1.48
CA GLU A 272 13.44 88.55 1.02
C GLU A 272 12.92 87.15 0.62
N ALA A 273 13.78 86.34 0.00
CA ALA A 273 13.47 84.95 -0.39
C ALA A 273 12.84 84.27 0.84
N GLY A 274 11.79 83.49 0.61
CA GLY A 274 11.11 82.70 1.66
C GLY A 274 12.08 81.77 2.39
N ARG A 275 11.88 81.66 3.70
CA ARG A 275 12.53 80.63 4.56
C ARG A 275 11.50 79.56 4.87
N ILE A 276 11.96 78.38 5.27
CA ILE A 276 11.04 77.24 5.55
C ILE A 276 11.49 76.53 6.82
N ILE A 277 10.54 76.33 7.73
CA ILE A 277 10.66 75.41 8.89
C ILE A 277 9.92 74.12 8.50
N ILE A 278 10.63 72.99 8.47
CA ILE A 278 10.03 71.63 8.29
C ILE A 278 10.07 70.92 9.64
N VAL A 279 8.90 70.66 10.23
CA VAL A 279 8.78 69.81 11.45
C VAL A 279 8.43 68.38 11.01
N ASP A 280 9.43 67.50 11.04
CA ASP A 280 9.34 66.08 10.64
C ASP A 280 10.50 65.36 11.30
N PRO A 281 10.29 64.25 12.05
CA PRO A 281 11.40 63.50 12.63
C PRO A 281 12.35 62.92 11.56
N ARG A 282 11.82 62.69 10.35
CA ARG A 282 12.57 62.09 9.21
C ARG A 282 13.06 63.20 8.26
N ARG A 283 14.33 63.14 7.87
CA ARG A 283 14.90 63.95 6.77
C ARG A 283 14.40 63.38 5.44
N THR A 284 13.53 64.13 4.76
CA THR A 284 12.88 63.71 3.49
C THR A 284 13.52 64.40 2.28
N VAL A 285 13.12 63.97 1.09
CA VAL A 285 13.57 64.56 -0.20
C VAL A 285 13.15 66.03 -0.21
N THR A 286 11.98 66.35 0.37
CA THR A 286 11.48 67.74 0.59
C THR A 286 12.50 68.60 1.35
N VAL A 287 13.06 68.10 2.46
CA VAL A 287 14.09 68.84 3.24
C VAL A 287 15.26 69.09 2.28
N ASN A 288 15.68 68.05 1.56
CA ASN A 288 16.83 68.09 0.62
C ASN A 288 16.60 69.15 -0.45
N ALA A 289 15.40 69.16 -1.04
CA ALA A 289 15.01 70.04 -2.16
C ALA A 289 15.07 71.47 -1.67
N CYS A 290 14.42 71.74 -0.53
CA CYS A 290 14.45 73.04 0.17
C CYS A 290 15.90 73.51 0.35
N GLU A 291 16.79 72.70 0.91
CA GLU A 291 18.22 73.06 1.12
C GLU A 291 18.85 73.44 -0.22
N GLN A 292 18.55 72.65 -1.24
CA GLN A 292 19.13 72.74 -2.60
C GLN A 292 18.67 74.02 -3.31
N THR A 293 17.46 74.53 -3.05
CA THR A 293 16.90 75.67 -3.79
C THR A 293 17.10 76.97 -2.99
N ALA A 294 16.92 76.95 -1.66
CA ALA A 294 17.00 78.16 -0.81
C ALA A 294 18.40 78.34 -0.21
N GLY A 295 19.17 77.26 -0.09
CA GLY A 295 20.41 77.24 0.70
C GLY A 295 20.13 76.76 2.11
N ALA A 296 21.06 76.02 2.71
CA ALA A 296 20.88 75.37 4.04
C ALA A 296 20.46 76.42 5.07
N ASP A 297 20.96 77.66 4.95
CA ASP A 297 20.74 78.75 5.94
C ASP A 297 19.29 79.23 5.94
N ASN A 298 18.51 79.00 4.86
CA ASN A 298 17.11 79.46 4.79
C ASN A 298 16.15 78.28 5.06
N VAL A 299 16.69 77.15 5.51
CA VAL A 299 15.91 75.92 5.84
C VAL A 299 16.23 75.50 7.27
N LEU A 300 15.21 75.44 8.12
CA LEU A 300 15.34 74.92 9.51
C LEU A 300 14.57 73.60 9.60
N HIS A 301 15.27 72.48 9.53
CA HIS A 301 14.66 71.14 9.69
C HIS A 301 14.63 70.84 11.19
N LEU A 302 13.47 70.90 11.83
CA LEU A 302 13.28 70.47 13.24
C LEU A 302 12.97 68.97 13.24
N ALA A 303 14.02 68.15 13.36
CA ALA A 303 13.91 66.68 13.42
C ALA A 303 13.51 66.30 14.84
N ILE A 304 12.27 66.60 15.20
CA ILE A 304 11.69 66.32 16.56
C ILE A 304 11.72 64.80 16.80
N ASN A 305 11.62 64.41 18.06
CA ASN A 305 11.24 63.04 18.50
C ASN A 305 9.81 62.79 17.98
N SER A 306 9.51 61.57 17.51
CA SER A 306 8.17 61.20 17.01
C SER A 306 7.13 61.51 18.08
N GLY A 307 6.03 62.17 17.70
CA GLY A 307 4.88 62.45 18.59
C GLY A 307 5.10 63.62 19.55
N THR A 308 6.10 64.49 19.35
CA THR A 308 6.42 65.60 20.30
C THR A 308 6.11 67.00 19.71
N ASP A 309 5.35 67.08 18.61
CA ASP A 309 4.96 68.37 17.97
C ASP A 309 4.37 69.37 18.98
N LEU A 310 3.41 68.92 19.79
CA LEU A 310 2.64 69.77 20.74
C LEU A 310 3.61 70.50 21.68
N ALA A 311 4.59 69.79 22.23
CA ALA A 311 5.64 70.39 23.06
C ALA A 311 6.29 71.55 22.29
N LEU A 312 6.66 71.29 21.03
CA LEU A 312 7.36 72.32 20.23
C LEU A 312 6.44 73.53 20.06
N PHE A 313 5.18 73.32 19.68
CA PHE A 313 4.24 74.41 19.35
C PHE A 313 3.95 75.24 20.59
N ASN A 314 3.62 74.58 21.70
CA ASN A 314 3.42 75.24 23.01
C ASN A 314 4.63 76.13 23.32
N ALA A 315 5.86 75.60 23.19
CA ALA A 315 7.08 76.37 23.49
C ALA A 315 7.19 77.59 22.56
N LEU A 316 6.89 77.44 21.26
CA LEU A 316 6.96 78.58 20.30
C LEU A 316 5.92 79.63 20.68
N PHE A 317 4.70 79.19 21.00
CA PHE A 317 3.55 80.05 21.40
C PHE A 317 3.93 80.88 22.63
N THR A 318 4.61 80.22 23.57
CA THR A 318 5.04 80.79 24.86
C THR A 318 6.05 81.88 24.59
N TYR A 319 7.09 81.55 23.83
CA TYR A 319 8.22 82.45 23.47
C TYR A 319 7.68 83.63 22.68
N ILE A 320 6.84 83.36 21.68
CA ILE A 320 6.26 84.42 20.81
C ILE A 320 5.39 85.35 21.66
N ALA A 321 4.53 84.84 22.53
CA ALA A 321 3.63 85.66 23.38
C ALA A 321 4.44 86.52 24.37
N ASP A 322 5.47 85.94 25.01
CA ASP A 322 6.28 86.66 26.04
C ASP A 322 7.03 87.83 25.39
N LYS A 323 7.44 87.70 24.12
CA LYS A 323 8.19 88.74 23.36
C LYS A 323 7.24 89.82 22.86
N GLY A 324 5.93 89.63 22.98
CA GLY A 324 4.91 90.49 22.35
C GLY A 324 4.97 90.43 20.81
N TRP A 325 5.52 89.37 20.22
CA TRP A 325 5.66 89.17 18.75
C TRP A 325 4.33 88.72 18.15
N VAL A 326 3.25 89.39 18.52
CA VAL A 326 1.85 89.02 18.18
C VAL A 326 1.15 90.22 17.54
N ASP A 327 0.04 89.95 16.86
CA ASP A 327 -0.84 90.94 16.21
C ASP A 327 -1.96 91.24 17.22
N ARG A 328 -1.65 92.11 18.18
CA ARG A 328 -2.59 92.67 19.21
C ARG A 328 -3.95 93.02 18.59
N ASP A 329 -3.96 93.77 17.50
CA ASP A 329 -5.18 94.26 16.83
C ASP A 329 -6.02 93.05 16.37
N PHE A 330 -5.38 92.08 15.70
CA PHE A 330 -6.08 90.84 15.25
C PHE A 330 -6.68 90.12 16.47
N ILE A 331 -5.90 89.93 17.53
CA ILE A 331 -6.32 89.23 18.78
C ILE A 331 -7.51 89.99 19.41
N ASP A 332 -7.41 91.32 19.56
CA ASP A 332 -8.44 92.12 20.26
C ASP A 332 -9.74 92.03 19.45
N LYS A 333 -9.67 92.06 18.12
CA LYS A 333 -10.89 92.27 17.28
C LYS A 333 -11.51 90.94 16.82
N SER A 334 -10.75 89.85 16.69
CA SER A 334 -11.24 88.64 15.97
C SER A 334 -11.25 87.37 16.84
N THR A 335 -10.74 87.40 18.07
CA THR A 335 -10.63 86.20 18.96
C THR A 335 -11.37 86.46 20.28
N LEU A 336 -11.75 85.40 20.99
CA LEU A 336 -12.56 85.43 22.24
C LEU A 336 -11.75 86.07 23.37
N ARG A 337 -12.34 87.06 24.06
CA ARG A 337 -11.67 87.86 25.13
C ARG A 337 -12.10 87.39 26.53
N GLU A 338 -13.38 87.00 26.68
CA GLU A 338 -13.97 86.56 27.98
C GLU A 338 -13.33 85.24 28.42
N GLY A 339 -12.43 85.28 29.41
CA GLY A 339 -11.78 84.11 30.00
C GLY A 339 -12.82 83.06 30.39
N THR A 340 -12.38 81.81 30.62
CA THR A 340 -13.29 80.65 30.87
C THR A 340 -12.55 79.60 31.71
N ALA A 341 -13.27 78.86 32.56
CA ALA A 341 -12.72 78.04 33.66
C ALA A 341 -12.27 76.67 33.14
N ARG A 342 -11.06 76.25 33.49
CA ARG A 342 -10.48 74.94 33.07
C ARG A 342 -11.43 73.84 33.57
N PRO A 343 -11.61 72.73 32.82
CA PRO A 343 -12.51 71.68 33.27
C PRO A 343 -11.87 70.89 34.41
N PRO A 344 -12.70 70.24 35.26
CA PRO A 344 -12.24 69.55 36.47
C PRO A 344 -10.93 68.75 36.38
N LEU A 345 -10.77 67.92 35.33
CA LEU A 345 -9.68 66.89 35.22
C LEU A 345 -8.47 67.45 34.48
N TYR A 346 -8.44 68.74 34.13
CA TYR A 346 -7.35 69.38 33.34
C TYR A 346 -6.13 69.50 34.23
N PRO A 347 -4.88 69.36 33.74
CA PRO A 347 -4.58 69.21 32.31
C PRO A 347 -4.63 67.81 31.64
N ALA A 348 -4.64 66.72 32.40
CA ALA A 348 -4.51 65.33 31.89
C ALA A 348 -5.63 64.98 30.89
N ARG A 349 -6.88 65.30 31.21
CA ARG A 349 -8.08 64.98 30.38
C ARG A 349 -8.90 66.26 30.20
N GLY A 350 -9.53 66.42 29.03
CA GLY A 350 -10.53 67.48 28.76
C GLY A 350 -11.78 67.33 29.61
N VAL A 351 -12.83 68.11 29.32
CA VAL A 351 -14.11 68.07 30.10
C VAL A 351 -14.82 66.73 29.86
N SER A 352 -14.69 66.20 28.63
CA SER A 352 -15.28 64.91 28.18
C SER A 352 -14.40 64.29 27.08
N GLU A 353 -14.73 63.09 26.62
CA GLU A 353 -14.10 62.42 25.44
C GLU A 353 -14.34 63.30 24.20
N ALA A 354 -15.50 63.97 24.15
CA ALA A 354 -15.96 64.82 23.03
C ALA A 354 -15.02 66.02 22.80
N ASN A 355 -14.38 66.53 23.87
CA ASN A 355 -13.71 67.85 23.89
C ASN A 355 -12.36 67.75 24.59
N PRO A 356 -11.32 67.15 23.96
CA PRO A 356 -10.04 66.89 24.65
C PRO A 356 -9.25 68.12 25.07
N GLY A 357 -9.57 69.29 24.50
CA GLY A 357 -8.83 70.54 24.73
C GLY A 357 -9.75 71.63 25.26
N HIS A 358 -9.19 72.70 25.81
CA HIS A 358 -9.97 73.80 26.44
C HIS A 358 -9.92 75.05 25.55
N LEU A 359 -11.07 75.40 24.99
CA LEU A 359 -11.23 76.59 24.09
C LEU A 359 -11.25 77.83 24.99
N SER A 360 -10.43 78.83 24.69
CA SER A 360 -10.25 79.99 25.61
C SER A 360 -9.69 81.23 24.90
N SER A 361 -9.50 82.28 25.69
CA SER A 361 -8.88 83.55 25.25
C SER A 361 -7.42 83.31 24.96
N PHE A 362 -6.78 84.27 24.32
CA PHE A 362 -5.32 84.32 24.04
C PHE A 362 -4.53 84.08 25.33
N GLU A 363 -4.76 84.94 26.33
CA GLU A 363 -3.95 85.03 27.58
C GLU A 363 -4.08 83.70 28.34
N ASP A 364 -5.28 83.16 28.45
CA ASP A 364 -5.56 81.87 29.14
C ASP A 364 -4.79 80.73 28.45
N ALA A 365 -4.78 80.70 27.12
CA ALA A 365 -4.13 79.66 26.30
C ALA A 365 -2.61 79.76 26.47
N VAL A 366 -2.07 80.97 26.48
CA VAL A 366 -0.61 81.18 26.74
C VAL A 366 -0.26 80.55 28.10
N GLU A 367 -1.07 80.79 29.13
CA GLU A 367 -0.77 80.32 30.51
C GLU A 367 -0.98 78.81 30.58
N GLY A 368 -2.09 78.30 30.04
CA GLY A 368 -2.35 76.85 29.96
C GLY A 368 -1.30 76.09 29.15
N CYS A 369 -0.93 76.56 27.95
CA CYS A 369 0.06 75.88 27.07
C CYS A 369 1.49 76.13 27.60
N ARG A 370 1.66 77.12 28.48
CA ARG A 370 2.98 77.62 28.92
C ARG A 370 4.02 76.50 29.00
N MET A 371 5.10 76.62 28.22
CA MET A 371 6.23 75.69 28.23
C MET A 371 7.52 76.41 27.82
N SER A 372 8.60 76.13 28.55
CA SER A 372 9.93 76.77 28.39
C SER A 372 10.68 76.12 27.22
N ILE A 373 11.61 76.86 26.64
CA ILE A 373 12.57 76.32 25.63
C ILE A 373 13.26 75.08 26.22
N GLU A 374 13.77 75.18 27.45
CA GLU A 374 14.53 74.10 28.14
C GLU A 374 13.70 72.81 28.11
N GLU A 375 12.44 72.88 28.53
CA GLU A 375 11.53 71.72 28.63
C GLU A 375 11.26 71.13 27.25
N ALA A 376 10.90 71.97 26.27
CA ALA A 376 10.52 71.53 24.92
C ALA A 376 11.73 70.91 24.21
N ALA A 377 12.94 71.45 24.39
CA ALA A 377 14.19 70.87 23.84
C ALA A 377 14.39 69.46 24.43
N GLU A 378 14.15 69.28 25.73
CA GLU A 378 14.28 67.96 26.40
C GLU A 378 13.28 66.97 25.78
N ILE A 379 12.01 67.37 25.65
CA ILE A 379 10.93 66.48 25.13
C ILE A 379 11.21 66.16 23.65
N THR A 380 11.43 67.19 22.84
CA THR A 380 11.51 67.08 21.36
C THR A 380 12.87 66.57 20.91
N GLY A 381 13.92 66.76 21.71
CA GLY A 381 15.28 66.33 21.33
C GLY A 381 16.02 67.39 20.53
N LEU A 382 15.38 68.54 20.29
CA LEU A 382 15.95 69.73 19.60
C LEU A 382 16.89 70.51 20.53
N ASP A 383 17.85 71.24 19.96
CA ASP A 383 18.63 72.29 20.70
C ASP A 383 17.69 73.46 21.01
N ALA A 384 17.85 74.06 22.18
CA ALA A 384 17.22 75.35 22.56
C ALA A 384 17.37 76.35 21.41
N ALA A 385 18.56 76.43 20.81
CA ALA A 385 18.87 77.38 19.71
C ALA A 385 17.98 77.13 18.49
N GLN A 386 17.70 75.87 18.14
CA GLN A 386 16.79 75.54 16.99
C GLN A 386 15.35 76.05 17.28
N ILE A 387 14.87 75.96 18.52
CA ILE A 387 13.48 76.35 18.90
C ILE A 387 13.38 77.87 18.93
N ILE A 388 14.43 78.55 19.40
CA ILE A 388 14.52 80.04 19.46
C ILE A 388 14.53 80.56 18.01
N LYS A 389 15.44 80.04 17.18
CA LYS A 389 15.53 80.46 15.75
C LYS A 389 14.16 80.28 15.11
N ALA A 390 13.47 79.17 15.39
CA ALA A 390 12.13 78.88 14.82
C ALA A 390 11.13 79.95 15.28
N ALA A 391 11.18 80.37 16.53
CA ALA A 391 10.28 81.43 17.07
C ALA A 391 10.59 82.76 16.34
N GLU A 392 11.85 82.99 16.01
CA GLU A 392 12.35 84.24 15.34
C GLU A 392 11.84 84.26 13.91
N TRP A 393 12.03 83.16 13.16
CA TRP A 393 11.55 82.96 11.77
C TRP A 393 10.01 83.03 11.69
N ILE A 394 9.30 82.80 12.80
CA ILE A 394 7.81 82.84 12.81
C ILE A 394 7.29 84.20 13.27
N GLY A 395 7.91 84.82 14.27
CA GLY A 395 7.26 85.93 15.02
C GLY A 395 7.98 87.27 14.98
N MET A 396 9.29 87.29 14.77
CA MET A 396 10.12 88.50 14.93
C MET A 396 9.71 89.48 13.83
N PRO A 397 9.21 90.69 14.19
CA PRO A 397 8.92 91.74 13.19
C PRO A 397 10.07 91.98 12.20
N LYS A 398 9.72 92.27 10.95
CA LYS A 398 10.65 92.65 9.86
C LYS A 398 11.09 94.11 10.07
N GLU A 399 12.21 94.53 9.46
CA GLU A 399 12.67 95.96 9.38
C GLU A 399 11.45 96.90 9.37
N GLY A 400 11.46 97.92 10.22
CA GLY A 400 10.33 98.84 10.41
C GLY A 400 9.22 98.23 11.26
N GLY A 401 9.47 97.10 11.92
CA GLY A 401 8.50 96.40 12.78
C GLY A 401 7.23 96.04 12.02
N LYS A 402 7.37 95.51 10.81
CA LYS A 402 6.22 95.04 10.01
C LYS A 402 6.02 93.57 10.34
N ARG A 403 4.76 93.18 10.55
CA ARG A 403 4.35 91.80 10.94
C ARG A 403 4.92 90.79 9.92
N ARG A 404 5.58 89.74 10.40
CA ARG A 404 6.11 88.63 9.54
C ARG A 404 4.95 87.78 9.02
N ARG A 405 4.94 87.52 7.70
CA ARG A 405 3.87 86.73 7.05
C ARG A 405 4.32 85.26 7.04
N VAL A 406 3.50 84.40 7.59
CA VAL A 406 3.87 82.97 7.82
C VAL A 406 2.70 82.11 7.35
N MET A 407 2.96 81.17 6.45
CA MET A 407 1.99 80.10 6.10
C MET A 407 2.33 78.81 6.85
N PHE A 408 1.40 78.38 7.70
CA PHE A 408 1.45 77.16 8.52
C PHE A 408 0.67 76.08 7.76
N GLY A 409 1.37 75.11 7.16
CA GLY A 409 0.74 73.95 6.51
C GLY A 409 1.06 72.68 7.27
N TYR A 410 0.05 71.87 7.58
CA TYR A 410 0.24 70.56 8.25
C TYR A 410 -0.45 69.47 7.44
N GLU A 411 -0.03 68.21 7.59
CA GLU A 411 -0.77 67.06 7.04
C GLU A 411 -0.69 65.89 8.03
N LYS A 412 -0.38 64.67 7.60
CA LYS A 412 -0.73 63.44 8.38
C LYS A 412 0.31 63.15 9.48
N GLY A 413 1.52 63.71 9.40
CA GLY A 413 2.50 63.65 10.51
C GLY A 413 1.93 64.30 11.77
N LEU A 414 1.05 65.30 11.62
CA LEU A 414 0.31 65.91 12.74
C LEU A 414 -1.00 65.15 12.95
N ILE A 415 -1.79 65.02 11.90
CA ILE A 415 -3.18 64.46 11.99
C ILE A 415 -3.14 63.00 12.46
N TRP A 416 -2.26 62.15 11.93
CA TRP A 416 -2.11 60.76 12.41
C TRP A 416 -1.02 60.70 13.49
N GLY A 417 -0.62 61.89 13.96
CA GLY A 417 0.39 62.10 15.00
C GLY A 417 -0.22 62.16 16.38
N ASN A 418 0.65 62.28 17.38
CA ASN A 418 0.27 62.22 18.81
C ASN A 418 -0.68 63.37 19.16
N ASP A 419 -1.72 63.03 19.93
CA ASP A 419 -2.66 64.00 20.56
C ASP A 419 -3.19 64.93 19.47
N ASN A 420 -3.98 64.38 18.54
CA ASN A 420 -4.44 65.07 17.30
C ASN A 420 -5.08 66.41 17.70
N TYR A 421 -5.96 66.39 18.69
CA TYR A 421 -6.86 67.53 19.00
C TYR A 421 -6.03 68.71 19.50
N ARG A 422 -5.17 68.46 20.48
CA ARG A 422 -4.37 69.53 21.16
C ARG A 422 -3.24 69.98 20.25
N THR A 423 -2.62 69.07 19.49
CA THR A 423 -1.51 69.43 18.58
C THR A 423 -2.06 70.32 17.46
N ASN A 424 -3.27 70.03 17.01
CA ASN A 424 -3.92 70.78 15.91
C ASN A 424 -4.17 72.19 16.45
N GLY A 425 -4.74 72.30 17.66
CA GLY A 425 -5.01 73.58 18.35
C GLY A 425 -3.75 74.39 18.58
N ALA A 426 -2.70 73.76 19.10
CA ALA A 426 -1.40 74.41 19.38
C ALA A 426 -0.84 75.10 18.14
N LEU A 427 -1.04 74.51 16.95
CA LEU A 427 -0.51 75.07 15.70
C LEU A 427 -1.36 76.28 15.31
N VAL A 428 -2.69 76.13 15.38
CA VAL A 428 -3.66 77.22 15.08
C VAL A 428 -3.36 78.37 16.04
N ASN A 429 -3.05 78.07 17.31
CA ASN A 429 -2.65 79.09 18.31
C ASN A 429 -1.61 80.00 17.65
N LEU A 430 -0.57 79.43 17.03
CA LEU A 430 0.62 80.17 16.51
C LEU A 430 0.18 81.12 15.39
N ALA A 431 -0.76 80.68 14.55
CA ALA A 431 -1.27 81.45 13.39
C ALA A 431 -2.24 82.57 13.84
N LEU A 432 -3.17 82.27 14.75
CA LEU A 432 -4.05 83.29 15.40
C LEU A 432 -3.19 84.39 16.03
N ALA A 433 -2.26 84.02 16.91
CA ALA A 433 -1.47 85.01 17.68
C ALA A 433 -0.66 85.91 16.72
N THR A 434 -0.30 85.46 15.52
CA THR A 434 0.56 86.23 14.58
C THR A 434 -0.29 86.88 13.47
N GLY A 435 -1.62 86.85 13.57
CA GLY A 435 -2.56 87.41 12.57
C GLY A 435 -2.34 86.83 11.18
N ASN A 436 -2.01 85.53 11.08
CA ASN A 436 -1.67 84.86 9.81
C ASN A 436 -2.85 83.99 9.40
N ILE A 437 -4.07 84.50 9.53
CA ILE A 437 -5.30 83.88 8.98
C ILE A 437 -6.14 84.99 8.34
N GLY A 438 -6.42 84.87 7.03
CA GLY A 438 -7.24 85.82 6.25
C GLY A 438 -6.39 86.86 5.52
N ARG A 439 -5.06 86.71 5.50
CA ARG A 439 -4.15 87.75 4.96
C ARG A 439 -3.20 87.16 3.95
N PRO A 440 -2.81 87.95 2.93
CA PRO A 440 -1.74 87.54 2.01
C PRO A 440 -0.51 86.97 2.74
N GLY A 441 -0.01 85.83 2.26
CA GLY A 441 1.23 85.18 2.75
C GLY A 441 0.99 84.37 4.01
N GLY A 442 -0.27 84.24 4.44
CA GLY A 442 -0.65 83.57 5.69
C GLY A 442 -1.42 82.28 5.45
N GLY A 443 -2.23 81.89 6.45
CA GLY A 443 -2.98 80.64 6.48
C GLY A 443 -2.44 79.67 7.52
N VAL A 444 -3.36 78.96 8.19
CA VAL A 444 -3.02 77.71 8.92
C VAL A 444 -3.86 76.59 8.31
N VAL A 445 -3.24 75.73 7.50
CA VAL A 445 -4.00 74.85 6.56
C VAL A 445 -3.52 73.40 6.58
N ARG A 446 -4.47 72.46 6.50
CA ARG A 446 -4.26 71.11 5.91
C ARG A 446 -3.68 71.31 4.51
N LEU A 447 -2.56 70.67 4.20
CA LEU A 447 -1.99 70.59 2.83
C LEU A 447 -2.73 69.52 2.04
N GLY A 448 -3.32 68.55 2.74
CA GLY A 448 -4.39 67.69 2.25
C GLY A 448 -3.87 66.39 1.67
N GLY A 449 -4.80 65.47 1.40
CA GLY A 449 -4.52 64.13 0.87
C GLY A 449 -5.16 63.95 -0.49
N HIS A 450 -6.44 63.55 -0.49
CA HIS A 450 -7.31 63.56 -1.68
C HIS A 450 -7.79 64.99 -1.89
N GLN A 451 -8.30 65.28 -3.08
CA GLN A 451 -9.16 66.46 -3.30
C GLN A 451 -10.37 66.31 -2.38
N GLU A 452 -11.15 67.37 -2.28
CA GLU A 452 -12.34 67.46 -1.41
C GLU A 452 -13.58 67.47 -2.30
N GLY A 453 -14.61 66.72 -1.94
CA GLY A 453 -15.89 66.74 -2.66
C GLY A 453 -17.00 66.24 -1.77
N TYR A 454 -17.08 66.78 -0.57
CA TYR A 454 -18.05 66.37 0.49
C TYR A 454 -19.30 67.23 0.39
N VAL A 455 -20.44 66.57 0.17
CA VAL A 455 -21.79 67.09 0.50
C VAL A 455 -22.69 65.89 0.79
N ARG A 456 -23.36 65.91 1.94
CA ARG A 456 -24.17 64.82 2.50
C ARG A 456 -25.20 65.47 3.40
N PRO A 457 -26.32 64.79 3.73
CA PRO A 457 -27.23 65.25 4.77
C PRO A 457 -26.54 65.42 6.12
N SER A 458 -27.24 66.02 7.08
CA SER A 458 -26.94 66.00 8.54
C SER A 458 -26.37 64.63 8.90
N ASP A 459 -25.29 64.62 9.71
CA ASP A 459 -24.69 63.39 10.31
C ASP A 459 -24.90 63.40 11.83
N ALA A 460 -25.84 64.19 12.36
CA ALA A 460 -25.97 64.49 13.80
C ALA A 460 -26.20 63.22 14.63
N HIS A 461 -26.89 62.21 14.06
CA HIS A 461 -27.25 60.92 14.73
C HIS A 461 -25.98 60.09 15.05
N VAL A 462 -24.89 60.33 14.32
CA VAL A 462 -23.58 59.62 14.44
C VAL A 462 -22.98 59.83 15.84
N GLY A 463 -23.14 61.03 16.41
CA GLY A 463 -22.64 61.38 17.75
C GLY A 463 -21.19 61.82 17.72
N ARG A 464 -20.66 62.23 18.87
CA ARG A 464 -19.25 62.67 19.08
C ARG A 464 -18.87 62.38 20.53
N PRO A 465 -17.93 61.45 20.83
CA PRO A 465 -17.32 60.55 19.84
C PRO A 465 -18.31 59.65 19.08
N ALA A 466 -17.99 59.34 17.82
CA ALA A 466 -18.74 58.36 16.97
C ALA A 466 -18.23 56.94 17.27
N ALA A 467 -19.00 55.92 16.87
CA ALA A 467 -18.71 54.48 17.09
C ALA A 467 -17.40 54.10 16.40
N TYR A 468 -16.55 53.35 17.09
CA TYR A 468 -15.29 52.77 16.56
C TYR A 468 -15.68 51.52 15.78
N VAL A 469 -15.90 51.66 14.47
CA VAL A 469 -16.52 50.61 13.62
C VAL A 469 -15.65 49.35 13.64
N ASP A 470 -14.33 49.47 13.54
CA ASP A 470 -13.43 48.30 13.49
C ASP A 470 -13.62 47.43 14.74
N GLN A 471 -13.71 48.06 15.90
CA GLN A 471 -13.82 47.35 17.20
C GLN A 471 -15.17 46.65 17.29
N LEU A 472 -16.23 47.27 16.72
CA LEU A 472 -17.53 46.60 16.54
C LEU A 472 -17.30 45.29 15.76
N LEU A 473 -16.72 45.36 14.56
CA LEU A 473 -16.59 44.18 13.66
C LEU A 473 -15.72 43.12 14.33
N ILE A 474 -14.56 43.53 14.85
CA ILE A 474 -13.59 42.64 15.57
C ILE A 474 -14.29 41.97 16.77
N GLY A 475 -15.22 42.66 17.43
CA GLY A 475 -15.94 42.15 18.61
C GLY A 475 -17.25 41.47 18.25
N GLY A 476 -17.44 41.11 16.98
CA GLY A 476 -18.51 40.18 16.53
C GLY A 476 -19.84 40.87 16.30
N GLN A 477 -19.88 42.20 16.20
CA GLN A 477 -21.15 42.97 16.12
C GLN A 477 -21.43 43.39 14.66
N GLY A 478 -22.68 43.69 14.35
CA GLY A 478 -23.11 44.03 12.99
C GLY A 478 -23.39 42.77 12.19
N GLY A 479 -24.25 42.87 11.17
CA GLY A 479 -24.73 41.73 10.38
C GLY A 479 -24.43 41.91 8.91
N VAL A 480 -24.49 43.14 8.42
CA VAL A 480 -24.26 43.49 6.99
C VAL A 480 -23.26 44.64 6.93
N HIS A 481 -22.31 44.57 6.00
CA HIS A 481 -21.27 45.60 5.80
C HIS A 481 -21.32 46.01 4.33
N HIS A 482 -21.59 47.29 4.06
CA HIS A 482 -21.43 47.92 2.73
C HIS A 482 -20.10 48.67 2.72
N ILE A 483 -19.19 48.28 1.84
CA ILE A 483 -17.84 48.90 1.69
C ILE A 483 -17.79 49.64 0.35
N TRP A 484 -17.55 50.96 0.36
CA TRP A 484 -17.41 51.80 -0.85
C TRP A 484 -16.01 52.41 -0.93
N GLY A 485 -15.25 52.01 -1.95
CA GLY A 485 -14.03 52.70 -2.38
C GLY A 485 -13.01 52.87 -1.27
N CYS A 486 -12.86 51.85 -0.41
CA CYS A 486 -11.73 51.77 0.56
C CYS A 486 -11.38 50.30 0.83
N ASP A 487 -10.16 50.03 1.27
CA ASP A 487 -9.66 48.63 1.41
C ASP A 487 -8.95 48.49 2.75
N HIS A 488 -9.71 48.22 3.80
CA HIS A 488 -9.19 48.15 5.19
C HIS A 488 -8.10 47.10 5.30
N TYR A 489 -8.16 46.00 4.54
CA TYR A 489 -7.12 44.95 4.57
C TYR A 489 -5.74 45.59 4.35
N LYS A 490 -5.65 46.69 3.60
CA LYS A 490 -4.35 47.36 3.34
C LYS A 490 -4.12 48.62 4.19
N THR A 491 -5.17 49.25 4.73
CA THR A 491 -5.08 50.67 5.16
C THR A 491 -5.64 50.94 6.57
N THR A 492 -6.40 50.05 7.19
CA THR A 492 -6.93 50.34 8.54
C THR A 492 -5.80 50.16 9.56
N LEU A 493 -6.02 50.65 10.78
CA LEU A 493 -5.15 50.39 11.95
C LEU A 493 -5.42 48.97 12.46
N ASN A 494 -4.45 48.34 13.13
CA ASN A 494 -4.67 47.04 13.82
C ASN A 494 -5.16 46.03 12.78
N ALA A 495 -4.56 46.07 11.61
CA ALA A 495 -5.06 45.45 10.36
C ALA A 495 -4.90 43.93 10.41
N HIS A 496 -3.97 43.43 11.21
CA HIS A 496 -3.71 41.97 11.36
C HIS A 496 -4.89 41.34 12.09
N GLU A 497 -5.25 41.84 13.27
CA GLU A 497 -6.43 41.36 14.02
C GLU A 497 -7.68 41.55 13.15
N PHE A 498 -7.77 42.67 12.42
CA PHE A 498 -8.97 43.00 11.61
C PHE A 498 -9.23 41.89 10.57
N LYS A 499 -8.20 41.54 9.81
CA LYS A 499 -8.25 40.48 8.76
C LYS A 499 -8.57 39.11 9.38
N ARG A 500 -7.87 38.77 10.47
CA ARG A 500 -8.07 37.48 11.20
C ARG A 500 -9.56 37.30 11.47
N VAL A 501 -10.23 38.28 12.06
CA VAL A 501 -11.64 38.15 12.49
C VAL A 501 -12.54 38.35 11.28
N TYR A 502 -12.19 39.25 10.36
CA TYR A 502 -13.06 39.58 9.20
C TYR A 502 -13.18 38.35 8.29
N LYS A 503 -12.06 37.65 8.08
CA LYS A 503 -12.04 36.36 7.35
C LYS A 503 -12.99 35.36 8.03
N LYS A 504 -12.87 35.14 9.34
CA LYS A 504 -13.71 34.16 10.10
C LYS A 504 -15.20 34.46 9.91
N ARG A 505 -15.61 35.70 10.15
CA ARG A 505 -17.05 36.06 10.13
C ARG A 505 -17.62 35.97 8.70
N THR A 506 -16.88 36.41 7.69
CA THR A 506 -17.33 36.33 6.28
C THR A 506 -17.31 34.86 5.81
N ASP A 507 -16.40 34.02 6.33
CA ASP A 507 -16.30 32.59 5.94
C ASP A 507 -17.58 31.84 6.38
N MET A 508 -18.13 32.19 7.55
CA MET A 508 -19.35 31.56 8.12
C MET A 508 -20.48 31.77 7.12
N VAL A 509 -20.57 32.98 6.57
CA VAL A 509 -21.61 33.34 5.56
C VAL A 509 -21.28 32.73 4.19
N LYS A 510 -20.00 32.64 3.80
CA LYS A 510 -19.60 31.96 2.55
C LYS A 510 -19.99 30.48 2.59
N ASP A 511 -19.74 29.80 3.71
CA ASP A 511 -20.02 28.35 3.88
C ASP A 511 -21.53 28.13 3.74
N ALA A 512 -22.37 28.98 4.35
CA ALA A 512 -23.84 28.89 4.30
C ALA A 512 -24.31 29.06 2.85
N MET A 513 -23.78 30.06 2.16
CA MET A 513 -24.20 30.37 0.77
C MET A 513 -23.84 29.20 -0.14
N SER A 514 -22.73 28.51 0.11
CA SER A 514 -22.23 27.37 -0.72
C SER A 514 -23.12 26.13 -0.53
N ALA A 515 -23.80 25.98 0.62
CA ALA A 515 -24.59 24.78 0.98
C ALA A 515 -26.08 25.00 0.65
N ALA A 516 -26.48 26.25 0.38
CA ALA A 516 -27.88 26.67 0.11
C ALA A 516 -28.14 26.73 -1.39
N PRO A 517 -29.39 26.47 -1.84
CA PRO A 517 -29.76 26.68 -3.24
C PRO A 517 -29.98 28.17 -3.58
N TYR A 518 -29.36 28.66 -4.65
CA TYR A 518 -29.42 30.09 -5.06
C TYR A 518 -30.71 30.34 -5.85
N GLY A 519 -31.09 29.38 -6.71
CA GLY A 519 -32.28 29.43 -7.58
C GLY A 519 -33.57 29.67 -6.82
N ASP A 520 -33.64 29.23 -5.56
CA ASP A 520 -34.66 29.65 -4.54
C ASP A 520 -34.05 30.79 -3.71
N ARG A 521 -34.15 32.03 -4.20
CA ARG A 521 -33.48 33.22 -3.60
C ARG A 521 -33.91 33.38 -2.14
N GLU A 522 -35.12 32.96 -1.80
CA GLU A 522 -35.69 33.06 -0.43
C GLU A 522 -34.95 32.09 0.51
N ALA A 523 -34.60 30.89 0.03
CA ALA A 523 -33.80 29.90 0.79
C ALA A 523 -32.38 30.44 1.01
N MET A 524 -31.78 31.04 -0.02
CA MET A 524 -30.42 31.64 0.01
C MET A 524 -30.36 32.73 1.10
N VAL A 525 -31.26 33.71 1.00
CA VAL A 525 -31.36 34.86 1.95
C VAL A 525 -31.49 34.31 3.38
N ASN A 526 -32.24 33.22 3.57
CA ASN A 526 -32.50 32.61 4.90
C ASN A 526 -31.19 32.03 5.47
N ALA A 527 -30.45 31.29 4.63
CA ALA A 527 -29.16 30.67 5.01
C ALA A 527 -28.20 31.78 5.44
N ILE A 528 -28.19 32.90 4.73
CA ILE A 528 -27.28 34.07 4.97
C ILE A 528 -27.62 34.70 6.32
N VAL A 529 -28.90 35.03 6.52
CA VAL A 529 -29.40 35.65 7.79
C VAL A 529 -29.15 34.69 8.96
N ASP A 530 -29.33 33.38 8.78
CA ASP A 530 -29.10 32.37 9.86
C ASP A 530 -27.62 32.38 10.27
N ALA A 531 -26.71 32.50 9.30
CA ALA A 531 -25.25 32.57 9.53
C ALA A 531 -24.88 33.90 10.20
N ILE A 532 -25.43 35.03 9.74
CA ILE A 532 -25.28 36.36 10.39
C ILE A 532 -25.68 36.24 11.87
N ASN A 533 -26.80 35.56 12.15
CA ASN A 533 -27.36 35.36 13.51
C ASN A 533 -26.43 34.50 14.38
N GLN A 534 -25.48 33.78 13.78
CA GLN A 534 -24.44 33.00 14.51
C GLN A 534 -23.14 33.80 14.68
N GLY A 535 -23.12 35.07 14.27
CA GLY A 535 -21.93 35.94 14.42
C GLY A 535 -21.18 36.15 13.12
N GLY A 536 -21.71 35.66 11.99
CA GLY A 536 -21.17 35.87 10.63
C GLY A 536 -21.45 37.28 10.11
N LEU A 537 -20.84 37.66 8.99
CA LEU A 537 -21.02 38.98 8.35
C LEU A 537 -21.24 38.83 6.85
N PHE A 538 -22.29 39.46 6.33
CA PHE A 538 -22.56 39.57 4.87
C PHE A 538 -21.96 40.89 4.41
N ALA A 539 -21.10 40.86 3.39
CA ALA A 539 -20.21 41.98 3.03
C ALA A 539 -20.29 42.26 1.53
N VAL A 540 -20.59 43.51 1.21
CA VAL A 540 -20.83 44.01 -0.17
C VAL A 540 -19.78 45.06 -0.46
N ASN A 541 -19.02 44.88 -1.54
CA ASN A 541 -17.89 45.75 -1.94
C ASN A 541 -18.28 46.51 -3.22
N VAL A 542 -18.23 47.84 -3.19
CA VAL A 542 -18.37 48.70 -4.41
C VAL A 542 -16.98 49.23 -4.73
N ASP A 543 -16.36 48.79 -5.82
CA ASP A 543 -14.97 49.19 -6.16
C ASP A 543 -14.76 49.11 -7.67
N ILE A 544 -13.56 49.41 -8.14
CA ILE A 544 -13.16 49.40 -9.58
C ILE A 544 -12.19 48.24 -9.88
N ILE A 545 -11.64 47.58 -8.84
CA ILE A 545 -10.73 46.41 -8.99
C ILE A 545 -11.16 45.32 -8.02
N PRO A 546 -10.64 44.07 -8.16
CA PRO A 546 -10.77 43.07 -7.10
C PRO A 546 -9.91 43.50 -5.90
N THR A 547 -10.53 43.95 -4.81
CA THR A 547 -9.83 44.49 -3.62
C THR A 547 -9.32 43.34 -2.72
N LYS A 548 -8.44 43.65 -1.77
CA LYS A 548 -7.97 42.68 -0.77
C LYS A 548 -9.14 42.33 0.13
N ILE A 549 -9.88 43.31 0.63
CA ILE A 549 -11.07 43.05 1.49
C ILE A 549 -12.14 42.36 0.66
N GLY A 550 -12.15 42.56 -0.66
CA GLY A 550 -13.08 41.91 -1.60
C GLY A 550 -12.96 40.39 -1.58
N GLU A 551 -11.74 39.88 -1.36
CA GLU A 551 -11.48 38.42 -1.20
C GLU A 551 -12.35 37.87 -0.07
N ALA A 552 -12.91 38.71 0.82
CA ALA A 552 -13.75 38.25 1.95
C ALA A 552 -15.23 38.54 1.68
N CYS A 553 -15.57 39.25 0.61
CA CYS A 553 -16.95 39.75 0.37
C CYS A 553 -17.79 38.75 -0.44
N HIS A 554 -19.12 38.84 -0.31
CA HIS A 554 -20.14 37.95 -0.91
C HIS A 554 -20.70 38.58 -2.17
N VAL A 555 -20.66 39.91 -2.29
CA VAL A 555 -21.19 40.60 -3.50
C VAL A 555 -20.24 41.73 -3.86
N ILE A 556 -20.01 41.91 -5.15
CA ILE A 556 -19.07 42.94 -5.65
C ILE A 556 -19.77 43.69 -6.79
N LEU A 557 -19.91 45.00 -6.66
CA LEU A 557 -20.60 45.88 -7.63
C LEU A 557 -19.54 46.72 -8.33
N PRO A 558 -19.48 46.70 -9.69
CA PRO A 558 -18.44 47.41 -10.42
C PRO A 558 -18.80 48.89 -10.61
N ALA A 559 -17.86 49.76 -10.27
CA ALA A 559 -17.99 51.23 -10.32
C ALA A 559 -17.18 51.77 -11.50
N ALA A 560 -17.63 52.92 -12.03
CA ALA A 560 -16.90 53.76 -13.01
C ALA A 560 -16.26 54.91 -12.25
N THR A 561 -15.05 55.31 -12.65
CA THR A 561 -14.26 56.33 -11.92
C THR A 561 -14.16 57.59 -12.78
N SER A 562 -13.62 58.67 -12.19
CA SER A 562 -13.38 59.98 -12.83
C SER A 562 -12.86 59.76 -14.27
N GLY A 563 -13.43 60.47 -15.24
CA GLY A 563 -13.03 60.36 -16.67
C GLY A 563 -13.98 59.47 -17.47
N GLU A 564 -14.55 58.46 -16.81
CA GLU A 564 -15.61 57.57 -17.35
C GLU A 564 -16.96 58.10 -16.90
N MET A 565 -16.91 59.12 -16.03
CA MET A 565 -18.08 59.90 -15.52
C MET A 565 -17.64 61.35 -15.43
N ASN A 566 -18.60 62.28 -15.44
CA ASN A 566 -18.36 63.68 -15.02
C ASN A 566 -18.16 63.65 -13.50
N LEU A 567 -17.26 64.48 -12.99
CA LEU A 567 -16.96 64.55 -11.55
C LEU A 567 -16.47 65.94 -11.15
N THR A 568 -17.03 66.46 -10.05
CA THR A 568 -16.66 67.75 -9.40
C THR A 568 -15.96 67.49 -8.05
N SER A 569 -15.03 68.39 -7.70
CA SER A 569 -14.18 68.38 -6.49
C SER A 569 -13.34 69.66 -6.47
N MET A 570 -12.88 70.06 -5.30
CA MET A 570 -12.00 71.26 -5.13
C MET A 570 -10.65 70.82 -4.56
N ASN A 571 -9.60 71.62 -4.78
CA ASN A 571 -8.22 71.29 -4.36
C ASN A 571 -7.91 71.95 -3.00
N GLY A 572 -6.61 72.04 -2.64
CA GLY A 572 -6.13 72.53 -1.35
C GLY A 572 -6.34 74.02 -1.14
N GLU A 573 -6.77 74.75 -2.18
CA GLU A 573 -7.16 76.19 -2.14
C GLU A 573 -8.61 76.36 -2.54
N ARG A 574 -9.42 75.29 -2.44
CA ARG A 574 -10.90 75.28 -2.65
C ARG A 574 -11.27 75.50 -4.13
N ARG A 575 -10.30 75.35 -5.03
CA ARG A 575 -10.51 75.53 -6.49
C ARG A 575 -11.32 74.35 -7.03
N MET A 576 -12.64 74.56 -7.15
CA MET A 576 -13.60 73.60 -7.75
C MET A 576 -13.41 73.52 -9.27
N ARG A 577 -13.36 72.31 -9.84
CA ARG A 577 -13.34 72.07 -11.29
C ARG A 577 -14.27 70.91 -11.64
N LEU A 578 -14.75 70.89 -12.88
CA LEU A 578 -15.47 69.72 -13.47
C LEU A 578 -14.45 68.92 -14.27
N THR A 579 -14.34 67.63 -13.96
CA THR A 579 -13.67 66.66 -14.86
C THR A 579 -14.78 66.20 -15.82
N GLU A 580 -14.58 66.54 -17.09
CA GLU A 580 -15.48 66.22 -18.22
C GLU A 580 -15.22 64.80 -18.72
N ARG A 581 -16.23 63.94 -18.63
CA ARG A 581 -16.19 62.54 -19.14
C ARG A 581 -15.58 62.47 -20.54
N TYR A 582 -14.50 61.71 -20.72
CA TYR A 582 -13.81 61.55 -22.01
C TYR A 582 -13.85 60.09 -22.50
N MET A 583 -14.34 59.15 -21.69
CA MET A 583 -14.36 57.70 -22.04
C MET A 583 -15.54 57.00 -21.34
N ASP A 584 -15.84 55.79 -21.78
CA ASP A 584 -16.94 54.95 -21.27
C ASP A 584 -16.48 54.18 -20.04
N PRO A 585 -17.41 53.83 -19.10
CA PRO A 585 -17.13 52.84 -18.06
C PRO A 585 -16.73 51.48 -18.65
N PRO A 586 -15.75 50.76 -18.07
CA PRO A 586 -15.46 49.39 -18.51
C PRO A 586 -16.65 48.46 -18.21
N GLY A 587 -17.05 47.65 -19.20
CA GLY A 587 -18.12 46.65 -19.08
C GLY A 587 -19.41 47.30 -18.60
N GLN A 588 -20.14 46.69 -17.66
CA GLN A 588 -21.41 47.24 -17.12
C GLN A 588 -21.12 48.03 -15.83
N SER A 589 -19.90 48.58 -15.65
CA SER A 589 -19.55 49.33 -14.43
C SER A 589 -20.29 50.68 -14.41
N MET A 590 -20.68 51.17 -13.24
CA MET A 590 -21.52 52.39 -13.16
C MET A 590 -21.05 53.33 -12.04
N PRO A 591 -21.27 54.66 -12.20
CA PRO A 591 -20.85 55.64 -11.20
C PRO A 591 -21.42 55.38 -9.81
N ASP A 592 -20.65 55.70 -8.77
CA ASP A 592 -21.01 55.30 -7.38
C ASP A 592 -22.36 55.90 -7.01
N CYS A 593 -22.61 57.17 -7.36
CA CYS A 593 -23.86 57.88 -7.03
C CYS A 593 -25.06 57.12 -7.63
N LEU A 594 -24.88 56.59 -8.84
CA LEU A 594 -25.93 55.82 -9.55
C LEU A 594 -26.09 54.41 -8.96
N ILE A 595 -25.01 53.76 -8.48
CA ILE A 595 -25.13 52.46 -7.75
C ILE A 595 -25.95 52.68 -6.48
N ALA A 596 -25.65 53.76 -5.74
CA ALA A 596 -26.39 54.22 -4.54
C ALA A 596 -27.88 54.39 -4.89
N ALA A 597 -28.15 55.09 -6.00
CA ALA A 597 -29.52 55.33 -6.50
C ALA A 597 -30.21 53.98 -6.77
N ARG A 598 -29.60 53.18 -7.65
CA ARG A 598 -30.09 51.82 -8.05
C ARG A 598 -30.34 50.96 -6.81
N LEU A 599 -29.48 51.00 -5.81
CA LEU A 599 -29.64 50.21 -4.55
C LEU A 599 -30.84 50.74 -3.76
N ALA A 600 -31.05 52.06 -3.73
CA ALA A 600 -32.21 52.72 -3.08
C ALA A 600 -33.50 52.31 -3.79
N ASN A 601 -33.51 52.33 -5.13
CA ASN A 601 -34.64 51.81 -5.95
C ASN A 601 -34.98 50.39 -5.51
N THR A 602 -33.96 49.52 -5.34
CA THR A 602 -34.10 48.06 -5.05
C THR A 602 -34.59 47.86 -3.62
N MET A 603 -34.10 48.68 -2.68
CA MET A 603 -34.55 48.67 -1.25
C MET A 603 -36.05 49.00 -1.19
N GLU A 604 -36.52 49.92 -2.05
CA GLU A 604 -37.92 50.43 -2.03
C GLU A 604 -38.83 49.31 -2.50
N ARG A 605 -38.52 48.78 -3.69
CA ARG A 605 -39.22 47.61 -4.29
C ARG A 605 -39.28 46.50 -3.25
N VAL A 606 -38.14 46.14 -2.66
CA VAL A 606 -38.03 44.94 -1.78
C VAL A 606 -38.83 45.20 -0.50
N LEU A 607 -38.75 46.42 0.06
CA LEU A 607 -39.48 46.75 1.30
C LEU A 607 -41.00 46.78 1.04
N THR A 608 -41.45 47.22 -0.14
CA THR A 608 -42.87 47.16 -0.58
C THR A 608 -43.34 45.69 -0.48
N GLU A 609 -42.74 44.80 -1.28
CA GLU A 609 -43.00 43.33 -1.29
C GLU A 609 -43.04 42.77 0.14
N MET A 610 -42.19 43.22 1.05
CA MET A 610 -42.13 42.69 2.44
C MET A 610 -43.31 43.21 3.27
N GLY A 611 -44.10 44.15 2.74
CA GLY A 611 -45.18 44.81 3.48
C GLY A 611 -44.82 46.26 3.81
N ASP A 612 -43.74 46.48 4.54
CA ASP A 612 -43.37 47.79 5.16
C ASP A 612 -43.31 48.90 4.08
N VAL A 613 -44.42 49.60 3.86
CA VAL A 613 -44.56 50.69 2.85
C VAL A 613 -44.00 52.00 3.42
N GLY A 614 -44.10 52.18 4.74
CA GLY A 614 -43.53 53.32 5.49
C GLY A 614 -42.01 53.42 5.31
N TYR A 615 -41.29 52.37 5.68
CA TYR A 615 -39.81 52.25 5.55
C TYR A 615 -39.41 52.35 4.06
N ALA A 616 -40.24 51.81 3.15
CA ALA A 616 -39.94 51.76 1.70
C ALA A 616 -39.90 53.17 1.10
N ALA A 617 -40.81 54.05 1.57
CA ALA A 617 -41.00 55.42 1.06
C ALA A 617 -39.74 56.25 1.34
N GLN A 618 -39.03 55.95 2.43
CA GLN A 618 -37.78 56.63 2.83
C GLN A 618 -36.71 56.51 1.72
N PHE A 619 -36.79 55.52 0.83
CA PHE A 619 -35.77 55.29 -0.23
C PHE A 619 -36.19 55.95 -1.54
N LYS A 620 -37.16 56.85 -1.50
CA LYS A 620 -37.59 57.66 -2.68
C LYS A 620 -36.63 58.84 -2.85
N GLY A 621 -36.63 59.45 -4.02
CA GLY A 621 -35.77 60.61 -4.38
C GLY A 621 -34.46 60.17 -4.99
N PHE A 622 -34.44 59.04 -5.70
CA PHE A 622 -33.22 58.46 -6.32
C PHE A 622 -33.50 58.07 -7.78
N ASP A 623 -34.12 58.97 -8.55
CA ASP A 623 -34.54 58.68 -9.94
C ASP A 623 -33.44 59.14 -10.90
N TRP A 624 -32.23 59.37 -10.39
CA TRP A 624 -31.08 59.88 -11.19
C TRP A 624 -30.78 58.90 -12.33
N GLN A 625 -30.42 59.41 -13.51
CA GLN A 625 -30.03 58.59 -14.69
C GLN A 625 -28.62 58.98 -15.15
N THR A 626 -28.09 60.11 -14.66
CA THR A 626 -26.69 60.52 -14.91
C THR A 626 -26.14 61.20 -13.64
N GLU A 627 -24.82 61.28 -13.52
CA GLU A 627 -24.12 61.80 -12.32
C GLU A 627 -24.54 63.27 -12.10
N GLU A 628 -24.74 64.04 -13.18
CA GLU A 628 -25.23 65.46 -13.13
C GLU A 628 -26.50 65.59 -12.25
N ASP A 629 -27.37 64.58 -12.23
CA ASP A 629 -28.59 64.59 -11.37
C ASP A 629 -28.17 64.56 -9.90
N ALA A 630 -27.16 63.76 -9.54
CA ALA A 630 -26.58 63.75 -8.17
C ALA A 630 -26.02 65.13 -7.85
N PHE A 631 -25.25 65.73 -8.77
CA PHE A 631 -24.64 67.08 -8.58
C PHE A 631 -25.74 68.11 -8.26
N MET A 632 -26.83 68.08 -9.02
CA MET A 632 -27.91 69.10 -8.91
C MET A 632 -28.74 68.81 -7.65
N ASP A 633 -29.01 67.55 -7.30
CA ASP A 633 -29.77 67.23 -6.06
C ASP A 633 -28.91 67.48 -4.81
N GLY A 634 -27.58 67.46 -4.95
CA GLY A 634 -26.64 67.56 -3.82
C GLY A 634 -26.00 68.94 -3.72
N TYR A 635 -24.90 69.15 -4.44
CA TYR A 635 -24.05 70.38 -4.35
C TYR A 635 -24.88 71.64 -4.63
N ASN A 636 -25.55 71.68 -5.78
CA ASN A 636 -26.32 72.85 -6.29
C ASN A 636 -27.33 73.33 -5.23
N LYS A 637 -27.98 72.39 -4.53
CA LYS A 637 -29.08 72.70 -3.59
C LYS A 637 -28.58 72.86 -2.15
N ASN A 638 -27.42 72.29 -1.79
CA ASN A 638 -27.01 72.12 -0.36
C ASN A 638 -25.69 72.81 -0.04
N ALA A 639 -24.80 73.00 -1.01
CA ALA A 639 -23.49 73.64 -0.77
C ALA A 639 -23.70 75.14 -0.55
N HIS A 640 -22.87 75.74 0.32
CA HIS A 640 -22.74 77.22 0.43
CA HIS A 640 -22.74 77.22 0.43
C HIS A 640 -22.33 77.75 -0.96
N GLY A 641 -23.21 78.52 -1.60
CA GLY A 641 -22.96 79.12 -2.91
C GLY A 641 -23.29 78.15 -4.04
N GLY A 642 -23.92 77.01 -3.74
CA GLY A 642 -24.26 75.97 -4.74
C GLY A 642 -25.13 76.50 -5.86
N GLU A 643 -26.15 77.30 -5.50
CA GLU A 643 -27.10 77.97 -6.43
C GLU A 643 -26.37 78.49 -7.67
N PHE A 644 -25.12 78.94 -7.56
CA PHE A 644 -24.36 79.61 -8.66
C PHE A 644 -23.64 78.59 -9.56
N VAL A 645 -23.64 77.29 -9.21
CA VAL A 645 -22.75 76.29 -9.87
C VAL A 645 -23.60 75.24 -10.59
N THR A 646 -23.32 75.09 -11.89
CA THR A 646 -23.83 74.05 -12.82
C THR A 646 -22.65 73.51 -13.63
N TYR A 647 -22.81 72.34 -14.25
CA TYR A 647 -21.79 71.72 -15.14
C TYR A 647 -21.42 72.71 -16.25
N GLU A 648 -22.43 73.32 -16.88
CA GLU A 648 -22.25 74.27 -18.02
C GLU A 648 -21.29 75.40 -17.60
N ARG A 649 -21.54 76.03 -16.46
CA ARG A 649 -20.72 77.16 -15.95
C ARG A 649 -19.33 76.65 -15.56
N LEU A 650 -19.24 75.53 -14.84
CA LEU A 650 -17.92 74.95 -14.43
C LEU A 650 -17.09 74.67 -15.68
N SER A 651 -17.72 74.08 -16.70
CA SER A 651 -17.12 73.78 -18.02
C SER A 651 -16.45 75.02 -18.63
N ALA A 652 -17.18 76.14 -18.70
CA ALA A 652 -16.74 77.48 -19.18
C ALA A 652 -15.45 77.93 -18.47
N MET A 653 -15.32 77.67 -17.17
CA MET A 653 -14.17 78.11 -16.33
C MET A 653 -12.92 77.24 -16.60
N GLY A 654 -13.09 76.05 -17.18
CA GLY A 654 -11.97 75.13 -17.49
C GLY A 654 -11.23 74.65 -16.23
N THR A 655 -9.92 74.41 -16.35
CA THR A 655 -9.07 73.78 -15.30
C THR A 655 -8.63 74.81 -14.23
N ASN A 656 -8.98 76.10 -14.42
CA ASN A 656 -8.79 77.15 -13.38
C ASN A 656 -10.07 77.25 -12.52
N GLY A 657 -11.21 76.82 -13.05
CA GLY A 657 -12.47 76.81 -12.28
C GLY A 657 -12.60 78.06 -11.43
N PHE A 658 -12.97 77.89 -10.16
CA PHE A 658 -13.19 79.00 -9.20
C PHE A 658 -12.97 78.47 -7.78
N GLN A 659 -12.63 79.36 -6.85
CA GLN A 659 -12.41 79.02 -5.42
C GLN A 659 -13.76 79.12 -4.68
N GLU A 660 -14.20 78.03 -4.06
CA GLU A 660 -15.44 77.99 -3.23
C GLU A 660 -15.24 78.83 -1.96
N PRO A 661 -16.32 79.36 -1.34
CA PRO A 661 -17.66 79.29 -1.91
C PRO A 661 -17.83 80.30 -3.07
N ALA A 662 -18.71 79.98 -4.02
CA ALA A 662 -19.16 80.88 -5.09
C ALA A 662 -20.01 82.00 -4.46
N THR A 663 -19.69 83.26 -4.82
CA THR A 663 -20.36 84.48 -4.30
C THR A 663 -21.33 85.01 -5.36
N GLY A 664 -21.06 84.75 -6.65
CA GLY A 664 -21.91 85.21 -7.77
C GLY A 664 -21.62 84.50 -9.09
N PHE A 665 -22.46 84.79 -10.08
CA PHE A 665 -22.24 84.47 -11.52
C PHE A 665 -22.56 85.71 -12.36
N THR A 666 -21.61 86.11 -13.21
CA THR A 666 -21.60 87.42 -13.91
C THR A 666 -20.64 87.32 -15.11
N ASP A 667 -21.16 87.54 -16.32
CA ASP A 667 -20.37 87.63 -17.57
C ASP A 667 -19.74 86.26 -17.86
N GLY A 668 -20.43 85.17 -17.50
CA GLY A 668 -19.99 83.80 -17.83
C GLY A 668 -18.88 83.32 -16.89
N LYS A 669 -18.73 83.95 -15.73
CA LYS A 669 -17.74 83.57 -14.69
C LYS A 669 -18.46 83.37 -13.36
N ILE A 670 -18.32 82.17 -12.78
CA ILE A 670 -18.60 81.89 -11.35
C ILE A 670 -17.64 82.76 -10.53
N GLU A 671 -18.15 83.55 -9.59
CA GLU A 671 -17.34 84.44 -8.73
C GLU A 671 -17.04 83.69 -7.43
N GLY A 672 -15.75 83.56 -7.10
CA GLY A 672 -15.26 82.73 -5.98
C GLY A 672 -14.68 83.56 -4.86
N THR A 673 -14.11 82.87 -3.86
CA THR A 673 -13.48 83.42 -2.63
C THR A 673 -12.01 83.04 -2.61
N GLN A 674 -11.10 83.99 -2.84
CA GLN A 674 -9.64 83.69 -2.92
C GLN A 674 -9.13 83.21 -1.56
N ARG A 675 -9.64 83.78 -0.46
CA ARG A 675 -9.24 83.47 0.95
C ARG A 675 -10.46 83.51 1.88
N LEU A 676 -10.47 82.67 2.93
CA LEU A 676 -11.53 82.69 3.96
C LEU A 676 -11.11 83.69 5.05
N TYR A 677 -12.08 84.23 5.79
CA TYR A 677 -11.84 84.98 7.04
C TYR A 677 -11.06 86.26 6.77
N THR A 678 -11.22 86.89 5.59
CA THR A 678 -10.47 88.14 5.31
C THR A 678 -11.06 89.28 6.14
N ASP A 679 -12.34 89.18 6.53
CA ASP A 679 -13.04 90.19 7.38
C ASP A 679 -12.86 89.88 8.87
N GLY A 680 -12.00 88.92 9.23
CA GLY A 680 -11.76 88.52 10.63
C GLY A 680 -12.98 87.98 11.35
N VAL A 681 -14.02 87.54 10.61
CA VAL A 681 -15.24 86.85 11.15
C VAL A 681 -15.09 85.34 10.95
N PHE A 682 -14.98 84.58 12.05
CA PHE A 682 -14.64 83.13 12.08
C PHE A 682 -15.92 82.30 12.23
N SER A 683 -15.82 80.98 12.07
CA SER A 683 -16.96 80.06 11.90
C SER A 683 -17.46 79.60 13.27
N THR A 684 -17.76 80.53 14.17
CA THR A 684 -18.40 80.27 15.48
C THR A 684 -19.69 81.07 15.51
N ASP A 685 -20.54 80.86 16.52
CA ASP A 685 -21.83 81.58 16.69
C ASP A 685 -21.57 83.09 16.74
N ASP A 686 -20.59 83.52 17.53
CA ASP A 686 -20.33 84.95 17.85
C ASP A 686 -19.23 85.50 16.93
N GLY A 687 -18.70 84.70 16.02
CA GLY A 687 -17.78 85.15 14.96
C GLY A 687 -16.34 85.34 15.40
N LYS A 688 -16.01 85.09 16.68
CA LYS A 688 -14.61 85.16 17.19
C LYS A 688 -13.95 83.79 17.08
N ALA A 689 -12.67 83.73 16.74
CA ALA A 689 -11.84 82.51 16.87
C ALA A 689 -11.61 82.25 18.37
N ARG A 690 -11.51 80.99 18.76
CA ARG A 690 -10.96 80.56 20.08
C ARG A 690 -9.50 80.13 19.91
N PHE A 691 -8.65 80.49 20.86
CA PHE A 691 -7.36 79.82 21.12
C PHE A 691 -7.64 78.51 21.83
N MET A 692 -6.62 77.67 21.96
CA MET A 692 -6.75 76.37 22.65
C MET A 692 -5.74 76.34 23.79
N ASP A 693 -6.25 76.15 25.00
CA ASP A 693 -5.46 75.81 26.20
C ASP A 693 -5.16 74.31 26.10
N ALA A 694 -3.95 73.96 25.68
CA ALA A 694 -3.64 72.64 25.10
C ALA A 694 -2.32 72.11 25.60
N PRO A 695 -2.18 71.87 26.93
CA PRO A 695 -0.90 71.43 27.50
C PRO A 695 -0.44 70.05 27.02
N TRP A 696 0.87 69.92 26.85
CA TRP A 696 1.55 68.63 26.56
C TRP A 696 1.23 67.66 27.69
N ARG A 697 0.88 66.41 27.34
CA ARG A 697 0.61 65.30 28.31
C ARG A 697 1.24 64.01 27.76
N GLY A 698 2.41 64.11 27.12
CA GLY A 698 3.13 62.95 26.53
C GLY A 698 2.27 62.20 25.51
N LEU A 699 2.60 60.93 25.26
CA LEU A 699 1.87 60.10 24.27
C LEU A 699 0.46 59.84 24.81
N GLN A 700 -0.60 60.22 24.09
CA GLN A 700 -1.95 60.24 24.70
C GLN A 700 -2.74 58.97 24.40
N ALA A 701 -2.54 58.29 23.26
CA ALA A 701 -3.36 57.09 22.92
C ALA A 701 -2.91 55.89 23.76
N PRO A 702 -3.85 55.01 24.16
CA PRO A 702 -3.55 53.85 24.99
C PRO A 702 -2.55 52.87 24.39
N GLY A 703 -1.62 52.36 25.21
CA GLY A 703 -0.60 51.37 24.84
C GLY A 703 0.62 51.96 24.13
N LYS A 704 0.58 53.24 23.73
CA LYS A 704 1.57 53.82 22.78
C LYS A 704 2.95 53.88 23.46
N GLN A 705 3.01 54.38 24.70
CA GLN A 705 4.27 54.48 25.50
C GLN A 705 4.79 53.06 25.79
N GLN A 706 3.91 52.15 26.19
CA GLN A 706 4.24 50.71 26.39
C GLN A 706 4.87 50.17 25.09
N GLN A 707 4.29 50.46 23.91
CA GLN A 707 4.79 49.91 22.61
C GLN A 707 6.18 50.47 22.29
N LYS A 708 6.39 51.76 22.52
CA LYS A 708 7.70 52.44 22.33
C LYS A 708 8.79 51.78 23.20
N ASP A 709 8.48 51.53 24.46
CA ASP A 709 9.51 51.13 25.46
C ASP A 709 9.84 49.65 25.26
N SER A 710 8.89 48.84 24.75
CA SER A 710 9.05 47.36 24.64
C SER A 710 9.48 46.90 23.24
N HIS A 711 9.67 47.81 22.28
CA HIS A 711 10.12 47.48 20.89
C HIS A 711 11.33 48.33 20.48
N LYS A 712 12.16 47.81 19.59
CA LYS A 712 13.52 48.34 19.27
C LYS A 712 13.45 49.57 18.34
N TYR A 713 12.59 49.57 17.31
CA TYR A 713 12.57 50.63 16.27
C TYR A 713 11.24 51.38 16.21
N LEU A 714 11.34 52.66 15.90
CA LEU A 714 10.19 53.42 15.40
C LEU A 714 9.89 52.90 14.00
N ILE A 715 8.65 52.48 13.77
CA ILE A 715 8.14 52.13 12.42
C ILE A 715 7.32 53.32 11.93
N ASN A 716 8.01 54.40 11.56
CA ASN A 716 7.39 55.56 10.88
C ASN A 716 6.83 55.01 9.56
N ASN A 717 5.79 55.65 9.04
CA ASN A 717 5.04 55.15 7.86
C ASN A 717 4.43 56.34 7.13
N GLY A 718 4.04 56.11 5.88
CA GLY A 718 3.49 57.12 4.96
C GLY A 718 3.79 56.80 3.51
N ARG A 719 3.91 57.84 2.70
CA ARG A 719 3.78 57.78 1.22
C ARG A 719 5.15 57.63 0.56
N ALA A 720 5.15 57.04 -0.63
CA ALA A 720 6.22 57.16 -1.65
C ALA A 720 5.70 58.08 -2.75
N ASN A 721 6.62 58.79 -3.40
CA ASN A 721 6.34 59.59 -4.62
C ASN A 721 5.75 58.69 -5.73
N VAL A 722 6.36 57.54 -6.06
CA VAL A 722 5.97 56.71 -7.24
CA VAL A 722 5.97 56.69 -7.23
C VAL A 722 4.57 56.13 -7.03
N VAL A 723 4.23 55.83 -5.78
CA VAL A 723 3.05 55.00 -5.45
C VAL A 723 1.85 55.92 -5.19
N TRP A 724 0.71 55.63 -5.79
CA TRP A 724 -0.58 56.23 -5.40
C TRP A 724 -1.31 55.28 -4.45
N GLN A 725 -1.40 55.67 -3.18
CA GLN A 725 -2.29 55.09 -2.13
C GLN A 725 -2.01 53.59 -1.98
N SER A 726 -3.04 52.76 -1.89
CA SER A 726 -2.90 51.29 -1.62
C SER A 726 -2.43 50.55 -2.88
N ALA A 727 -1.93 51.28 -3.88
CA ALA A 727 -1.41 50.74 -5.16
C ALA A 727 -2.51 49.94 -5.90
N TYR A 728 -3.76 50.36 -5.79
CA TYR A 728 -4.92 49.64 -6.38
C TYR A 728 -4.82 49.64 -7.92
N LEU A 729 -4.41 50.76 -8.54
CA LEU A 729 -4.06 50.82 -9.99
C LEU A 729 -2.58 50.44 -10.17
N ASP A 730 -1.69 50.89 -9.28
CA ASP A 730 -0.22 50.75 -9.51
C ASP A 730 0.19 49.28 -9.56
N GLN A 731 -0.57 48.37 -8.94
CA GLN A 731 -0.22 46.93 -8.86
C GLN A 731 -0.27 46.29 -10.26
N GLU A 732 -1.01 46.86 -11.21
CA GLU A 732 -1.00 46.36 -12.63
C GLU A 732 -0.31 47.42 -13.51
N ASN A 733 0.75 48.06 -12.99
CA ASN A 733 1.57 49.07 -13.71
C ASN A 733 3.04 48.69 -13.57
N ASP A 734 3.66 48.26 -14.66
CA ASP A 734 5.02 47.67 -14.66
C ASP A 734 6.04 48.72 -14.23
N PHE A 735 5.79 50.00 -14.57
CA PHE A 735 6.70 51.12 -14.23
C PHE A 735 6.87 51.21 -12.69
N VAL A 736 5.76 51.20 -11.96
CA VAL A 736 5.76 51.27 -10.47
C VAL A 736 6.30 49.98 -9.86
N MET A 737 5.72 48.83 -10.20
CA MET A 737 6.03 47.53 -9.54
C MET A 737 7.46 47.10 -9.88
N ASP A 738 8.02 47.57 -11.01
CA ASP A 738 9.46 47.36 -11.37
C ASP A 738 10.34 48.08 -10.35
N ARG A 739 9.88 49.22 -9.81
CA ARG A 739 10.63 50.08 -8.84
C ARG A 739 10.56 49.49 -7.42
N PHE A 740 9.35 49.16 -6.96
CA PHE A 740 9.08 48.61 -5.61
C PHE A 740 8.12 47.43 -5.70
N PRO A 741 8.59 46.21 -6.03
CA PRO A 741 7.73 45.03 -5.98
C PRO A 741 7.31 44.68 -4.54
N TYR A 742 8.15 45.04 -3.56
CA TYR A 742 7.86 45.00 -2.10
C TYR A 742 7.81 46.41 -1.54
N PRO A 743 7.07 46.68 -0.44
CA PRO A 743 7.14 47.99 0.21
C PRO A 743 8.58 48.10 0.72
N PHE A 744 9.19 49.28 0.62
CA PHE A 744 10.51 49.55 1.21
C PHE A 744 10.31 49.78 2.72
N ILE A 745 11.30 49.40 3.52
CA ILE A 745 11.48 49.99 4.88
C ILE A 745 12.84 50.68 4.91
N GLU A 746 12.82 52.01 4.93
CA GLU A 746 14.03 52.86 5.05
C GLU A 746 14.68 52.55 6.40
N MET A 747 15.93 52.13 6.36
CA MET A 747 16.70 51.69 7.56
C MET A 747 18.09 52.29 7.46
N ASN A 748 18.54 52.88 8.56
CA ASN A 748 19.94 53.34 8.75
C ASN A 748 20.90 52.19 8.46
N PRO A 749 21.96 52.38 7.62
CA PRO A 749 22.85 51.28 7.22
C PRO A 749 23.62 50.65 8.38
N GLU A 750 23.98 51.46 9.39
CA GLU A 750 24.59 50.99 10.66
C GLU A 750 23.59 50.08 11.40
N ASP A 751 22.31 50.46 11.41
CA ASP A 751 21.22 49.64 12.03
C ASP A 751 21.12 48.30 11.29
N MET A 752 21.22 48.34 9.96
CA MET A 752 21.23 47.15 9.09
C MET A 752 22.45 46.25 9.41
N ALA A 753 23.65 46.84 9.51
CA ALA A 753 24.91 46.09 9.80
C ALA A 753 24.73 45.31 11.10
N GLU A 754 24.23 45.97 12.14
CA GLU A 754 24.07 45.45 13.52
C GLU A 754 23.09 44.26 13.50
N ALA A 755 22.03 44.34 12.69
CA ALA A 755 20.92 43.35 12.62
C ALA A 755 21.23 42.23 11.61
N GLY A 756 22.35 42.32 10.89
CA GLY A 756 22.80 41.32 9.90
C GLY A 756 22.01 41.39 8.61
N LEU A 757 21.55 42.59 8.20
CA LEU A 757 20.66 42.80 7.03
C LEU A 757 21.45 43.45 5.90
N LYS A 758 21.12 43.09 4.66
CA LYS A 758 21.66 43.76 3.45
C LYS A 758 20.47 44.33 2.67
N GLU A 759 20.76 45.29 1.79
CA GLU A 759 19.75 45.94 0.93
C GLU A 759 18.97 44.83 0.23
N GLY A 760 17.64 44.98 0.16
CA GLY A 760 16.75 44.06 -0.57
C GLY A 760 16.24 42.91 0.28
N ASP A 761 16.82 42.71 1.47
CA ASP A 761 16.45 41.58 2.35
C ASP A 761 14.97 41.70 2.71
N LEU A 762 14.25 40.58 2.66
CA LEU A 762 12.85 40.53 3.13
C LEU A 762 12.90 40.43 4.65
N VAL A 763 12.34 41.42 5.35
CA VAL A 763 12.32 41.45 6.84
C VAL A 763 10.88 41.33 7.32
N GLU A 764 10.69 40.72 8.48
CA GLU A 764 9.43 40.80 9.24
C GLU A 764 9.51 41.95 10.24
N ILE A 765 8.50 42.82 10.23
CA ILE A 765 8.25 43.80 11.31
C ILE A 765 7.18 43.17 12.21
N TYR A 766 7.42 43.06 13.52
CA TYR A 766 6.51 42.42 14.49
C TYR A 766 6.49 43.21 15.80
N ASN A 767 5.33 43.19 16.44
CA ASN A 767 5.07 43.81 17.76
C ASN A 767 3.79 43.18 18.34
N ASP A 768 3.21 43.79 19.37
CA ASP A 768 1.98 43.37 20.08
C ASP A 768 0.77 43.37 19.14
N ALA A 769 0.75 44.23 18.14
CA ALA A 769 -0.43 44.38 17.27
C ALA A 769 -0.46 43.27 16.21
N GLY A 770 0.70 42.81 15.74
CA GLY A 770 0.76 41.85 14.63
C GLY A 770 2.13 41.83 13.96
N ALA A 771 2.17 41.41 12.69
CA ALA A 771 3.44 41.22 11.95
C ALA A 771 3.21 41.53 10.46
N THR A 772 4.28 41.89 9.75
CA THR A 772 4.22 42.15 8.30
C THR A 772 5.63 42.06 7.71
N GLN A 773 5.73 42.29 6.40
CA GLN A 773 7.00 42.17 5.67
C GLN A 773 7.27 43.45 4.89
N ALA A 774 8.54 43.70 4.67
CA ALA A 774 9.07 44.78 3.81
C ALA A 774 10.47 44.41 3.34
N MET A 775 10.92 45.16 2.34
CA MET A 775 12.27 45.04 1.75
C MET A 775 13.13 46.14 2.36
N ALA A 776 14.29 45.76 2.92
CA ALA A 776 15.22 46.70 3.59
C ALA A 776 15.86 47.57 2.52
N TYR A 777 15.76 48.90 2.69
CA TYR A 777 16.32 49.94 1.81
C TYR A 777 17.32 50.77 2.62
N PRO A 778 18.64 50.60 2.41
CA PRO A 778 19.64 51.34 3.18
C PRO A 778 19.43 52.84 2.91
N THR A 779 19.32 53.61 3.98
CA THR A 779 18.94 55.04 3.92
C THR A 779 19.85 55.85 4.85
N PRO A 780 21.02 56.32 4.34
CA PRO A 780 21.99 57.06 5.14
C PRO A 780 21.40 58.21 5.98
N THR A 781 20.33 58.83 5.51
CA THR A 781 19.70 59.99 6.20
C THR A 781 18.80 59.51 7.34
N ALA A 782 18.61 58.21 7.53
CA ALA A 782 17.74 57.68 8.59
C ALA A 782 18.51 57.79 9.92
N ARG A 783 17.85 58.28 10.95
CA ARG A 783 18.44 58.27 12.32
C ARG A 783 18.40 56.85 12.85
N ARG A 784 19.39 56.47 13.65
CA ARG A 784 19.53 55.13 14.23
C ARG A 784 18.31 54.85 15.10
N GLY A 785 17.70 53.68 14.96
CA GLY A 785 16.52 53.24 15.73
C GLY A 785 15.22 53.69 15.09
N GLU A 786 15.31 54.43 13.99
CA GLU A 786 14.12 54.99 13.29
C GLU A 786 14.10 54.49 11.85
N THR A 787 13.01 53.82 11.49
CA THR A 787 12.75 53.24 10.14
C THR A 787 11.51 53.93 9.58
N PHE A 788 11.27 53.83 8.27
CA PHE A 788 10.03 54.34 7.64
C PHE A 788 9.59 53.29 6.61
N MET A 789 8.35 52.83 6.76
CA MET A 789 7.77 51.78 5.90
C MET A 789 6.68 52.40 5.04
N LEU A 790 6.69 52.08 3.75
CA LEU A 790 5.65 52.52 2.79
C LEU A 790 4.32 51.99 3.31
N PHE A 791 3.30 52.82 3.44
CA PHE A 791 1.98 52.41 3.98
C PHE A 791 1.15 51.78 2.85
N GLY A 792 0.12 51.01 3.23
CA GLY A 792 -1.02 50.62 2.40
C GLY A 792 -0.69 49.63 1.29
N PHE A 793 0.49 49.03 1.29
CA PHE A 793 1.04 48.32 0.12
C PHE A 793 0.55 46.87 0.12
N PRO A 794 0.12 46.37 -1.05
CA PRO A 794 -0.41 45.01 -1.16
C PRO A 794 0.56 43.88 -0.78
N THR A 795 1.86 44.01 -1.07
CA THR A 795 2.90 42.96 -0.87
C THR A 795 3.62 43.13 0.48
N GLY A 796 3.03 43.90 1.39
CA GLY A 796 3.48 44.05 2.79
C GLY A 796 2.75 45.22 3.45
N VAL A 797 1.71 44.92 4.23
CA VAL A 797 0.80 45.93 4.84
C VAL A 797 1.42 46.46 6.13
N GLN A 798 1.80 47.73 6.16
CA GLN A 798 2.36 48.38 7.38
C GLN A 798 1.29 48.45 8.47
N GLY A 799 0.03 48.58 8.10
CA GLY A 799 -1.12 48.63 9.04
C GLY A 799 -1.13 47.49 10.05
N ASN A 800 -0.58 46.32 9.69
CA ASN A 800 -0.62 45.07 10.50
C ASN A 800 0.05 45.31 11.86
N VAL A 801 1.00 46.25 11.96
CA VAL A 801 1.77 46.50 13.20
C VAL A 801 1.32 47.79 13.87
N THR A 802 0.32 48.49 13.35
CA THR A 802 -0.31 49.62 14.06
C THR A 802 -1.30 49.05 15.08
N SER A 803 -1.29 49.59 16.30
CA SER A 803 -2.22 49.24 17.40
C SER A 803 -3.62 49.78 17.10
N ALA A 804 -4.62 49.32 17.86
CA ALA A 804 -6.02 49.79 17.81
C ALA A 804 -6.12 51.22 18.37
N GLY A 805 -4.99 51.79 18.81
CA GLY A 805 -4.98 52.99 19.65
C GLY A 805 -5.44 54.21 18.88
N THR A 806 -6.37 54.96 19.46
CA THR A 806 -6.93 56.19 18.91
C THR A 806 -6.95 57.26 19.99
N ASN A 807 -7.13 58.51 19.59
CA ASN A 807 -7.37 59.62 20.55
C ASN A 807 -8.85 59.52 20.94
N GLU A 808 -9.30 60.44 21.79
CA GLU A 808 -10.63 60.40 22.43
C GLU A 808 -11.72 60.47 21.36
N LEU A 809 -11.45 61.10 20.21
CA LEU A 809 -12.42 61.25 19.09
C LEU A 809 -12.25 60.17 18.01
N ILE A 810 -11.44 59.14 18.31
CA ILE A 810 -11.32 57.90 17.49
C ILE A 810 -10.49 58.24 16.25
N ILE A 811 -9.44 59.04 16.46
CA ILE A 811 -8.45 59.38 15.40
C ILE A 811 -7.35 58.33 15.49
N PRO A 812 -7.07 57.62 14.38
CA PRO A 812 -6.06 56.58 14.36
C PRO A 812 -4.65 57.18 14.39
N ASN A 813 -3.87 56.84 15.42
CA ASN A 813 -2.51 57.39 15.63
C ASN A 813 -1.49 56.47 14.93
N TYR A 814 -1.57 56.35 13.60
CA TYR A 814 -0.72 55.44 12.80
C TYR A 814 0.76 55.77 12.92
N LYS A 815 1.11 57.05 13.04
CA LYS A 815 2.52 57.50 12.90
C LYS A 815 3.35 57.07 14.10
N GLN A 816 2.73 56.99 15.28
CA GLN A 816 3.45 56.51 16.50
C GLN A 816 3.27 55.00 16.56
N THR A 817 4.21 54.28 15.98
CA THR A 817 4.22 52.80 15.90
C THR A 817 5.67 52.35 16.14
N TRP A 818 5.85 51.37 17.01
CA TRP A 818 7.19 50.80 17.28
C TRP A 818 7.12 49.28 17.12
N GLY A 819 8.21 48.69 16.62
CA GLY A 819 8.28 47.25 16.40
C GLY A 819 9.70 46.75 16.30
N ASN A 820 9.81 45.43 16.27
CA ASN A 820 11.06 44.66 16.09
C ASN A 820 11.14 44.27 14.62
N ILE A 821 12.36 43.92 14.17
CA ILE A 821 12.68 43.62 12.76
C ILE A 821 13.64 42.45 12.75
N ARG A 822 13.28 41.38 12.03
CA ARG A 822 14.12 40.19 11.83
C ARG A 822 13.98 39.75 10.36
N LYS A 823 15.06 39.21 9.83
CA LYS A 823 15.12 38.70 8.44
C LYS A 823 14.15 37.54 8.28
N ILE A 824 13.40 37.54 7.17
CA ILE A 824 12.61 36.38 6.66
C ILE A 824 13.48 35.60 5.66
N SER A 825 14.16 36.33 4.78
CA SER A 825 14.84 35.78 3.60
C SER A 825 15.91 36.76 3.10
N ASP A 826 17.01 36.24 2.54
CA ASP A 826 17.96 37.04 1.75
C ASP A 826 17.19 37.70 0.60
N ALA A 827 17.68 38.84 0.12
CA ALA A 827 17.12 39.63 -1.00
C ALA A 827 16.59 38.67 -2.06
N PRO A 828 15.27 38.64 -2.29
CA PRO A 828 14.68 37.82 -3.34
C PRO A 828 15.28 38.17 -4.71
N ARG A 829 15.21 37.25 -5.66
CA ARG A 829 15.80 37.44 -7.01
C ARG A 829 15.08 38.61 -7.72
N ASN A 830 13.77 38.81 -7.50
CA ASN A 830 12.91 39.81 -8.19
CA ASN A 830 12.96 39.81 -8.26
C ASN A 830 13.27 41.23 -7.73
N VAL A 831 14.27 41.38 -6.86
CA VAL A 831 14.68 42.69 -6.30
C VAL A 831 16.12 43.02 -6.74
N ALA A 832 16.82 42.11 -7.44
CA ALA A 832 18.23 42.26 -7.87
C ALA A 832 18.39 43.45 -8.83
N HIS A 833 17.37 43.78 -9.62
CA HIS A 833 17.42 44.86 -10.65
C HIS A 833 17.23 46.25 -10.02
N LEU A 834 16.87 46.35 -8.72
CA LEU A 834 16.51 47.63 -8.05
C LEU A 834 17.76 48.49 -7.82
N SER A 835 17.63 49.80 -8.02
CA SER A 835 18.57 50.79 -7.42
C SER A 835 18.24 50.91 -5.93
N PHE A 836 19.27 50.87 -5.09
CA PHE A 836 19.20 51.08 -3.62
C PHE A 836 19.88 52.41 -3.28
N LYS A 837 20.09 53.27 -4.28
CA LYS A 837 20.85 54.53 -4.11
C LYS A 837 19.91 55.54 -3.43
N SER A 838 20.51 56.61 -2.89
CA SER A 838 19.82 57.72 -2.21
C SER A 838 18.79 58.34 -3.15
N LYS A 839 17.59 58.59 -2.64
CA LYS A 839 16.49 59.28 -3.36
C LYS A 839 16.79 60.79 -3.44
N GLU A 840 17.79 61.28 -2.71
CA GLU A 840 18.12 62.73 -2.60
C GLU A 840 18.88 63.21 -3.84
N TYR A 841 18.31 64.18 -4.55
CA TYR A 841 19.00 64.91 -5.66
C TYR A 841 20.36 65.45 -5.19
N GLN A 842 21.36 65.39 -6.07
CA GLN A 842 22.72 65.98 -5.85
C GLN A 842 23.05 66.99 -6.96
N SER A 843 23.59 68.16 -6.59
CA SER A 843 24.31 69.10 -7.49
C SER A 843 25.73 68.59 -7.73
N ALA B 31 6.20 51.67 -42.90
CA ALA B 31 7.18 51.00 -41.94
C ALA B 31 6.58 50.92 -40.53
N ALA B 32 6.39 49.71 -39.99
CA ALA B 32 5.69 49.45 -38.71
C ALA B 32 6.49 50.02 -37.55
N GLY B 33 7.83 49.96 -37.64
CA GLY B 33 8.74 50.44 -36.58
C GLY B 33 9.48 51.69 -37.01
N VAL B 34 9.97 52.46 -36.03
CA VAL B 34 10.96 53.56 -36.23
C VAL B 34 12.25 52.99 -36.82
N GLU B 35 12.81 53.65 -37.82
CA GLU B 35 14.04 53.22 -38.52
C GLU B 35 15.22 53.95 -37.88
N TYR B 36 16.00 53.24 -37.07
CA TYR B 36 17.14 53.82 -36.30
C TYR B 36 18.41 53.76 -37.16
N PRO B 37 19.07 54.90 -37.41
CA PRO B 37 20.37 54.89 -38.09
C PRO B 37 21.42 54.25 -37.17
N ALA B 38 22.46 53.65 -37.76
CA ALA B 38 23.59 53.04 -37.03
C ALA B 38 24.76 54.04 -37.00
N ASN B 39 24.78 54.94 -36.01
CA ASN B 39 25.71 56.10 -35.93
C ASN B 39 26.93 55.77 -35.06
N ARG B 40 28.13 55.97 -35.61
CA ARG B 40 29.41 56.03 -34.84
C ARG B 40 29.30 57.21 -33.87
N LEU B 41 29.69 56.99 -32.61
CA LEU B 41 29.65 58.02 -31.54
C LEU B 41 31.06 58.23 -30.96
N ALA B 42 31.84 57.17 -30.81
CA ALA B 42 33.21 57.25 -30.27
C ALA B 42 33.91 55.89 -30.42
N ASN B 43 35.14 55.82 -29.93
CA ASN B 43 35.95 54.58 -29.81
C ASN B 43 36.12 54.32 -28.32
N ILE B 44 36.07 53.04 -27.92
CA ILE B 44 36.38 52.53 -26.55
C ILE B 44 37.54 53.31 -25.91
N SER B 45 38.58 53.65 -26.69
CA SER B 45 39.85 54.26 -26.22
C SER B 45 39.68 55.75 -25.85
N GLU B 46 38.60 56.39 -26.31
CA GLU B 46 38.28 57.82 -26.03
C GLU B 46 37.75 58.00 -24.59
N LEU B 47 37.35 56.91 -23.91
CA LEU B 47 36.57 56.95 -22.63
C LEU B 47 37.48 56.72 -21.42
N THR B 48 37.40 57.62 -20.43
CA THR B 48 37.98 57.46 -19.06
C THR B 48 36.91 56.88 -18.12
N LEU B 49 37.34 55.96 -17.23
CA LEU B 49 36.54 55.42 -16.11
C LEU B 49 35.79 56.58 -15.42
N ASN B 50 34.46 56.55 -15.48
CA ASN B 50 33.54 57.34 -14.61
C ASN B 50 33.52 58.80 -15.04
N GLU B 51 33.84 59.10 -16.29
CA GLU B 51 33.72 60.47 -16.84
C GLU B 51 32.83 60.39 -18.08
N PRO B 52 31.63 61.00 -18.07
CA PRO B 52 30.73 60.90 -19.22
C PRO B 52 31.34 61.63 -20.42
N LEU B 53 31.16 61.09 -21.62
CA LEU B 53 31.50 61.76 -22.91
C LEU B 53 30.20 62.27 -23.54
N ASP B 54 30.07 63.58 -23.71
CA ASP B 54 28.92 64.22 -24.41
C ASP B 54 28.85 63.64 -25.83
N VAL B 55 27.64 63.44 -26.31
CA VAL B 55 27.32 62.62 -27.50
C VAL B 55 25.90 63.02 -27.88
N ALA B 56 25.40 62.63 -29.04
CA ALA B 56 23.99 62.83 -29.45
C ALA B 56 23.54 61.66 -30.33
N TYR B 57 22.28 61.23 -30.18
CA TYR B 57 21.66 60.08 -30.90
C TYR B 57 20.14 60.13 -30.71
N PRO B 58 19.31 59.89 -31.76
CA PRO B 58 19.78 59.46 -33.09
C PRO B 58 20.22 60.55 -34.08
N ASP B 59 20.06 61.82 -33.70
CA ASP B 59 20.58 63.01 -34.44
C ASP B 59 21.19 64.00 -33.43
N GLU B 60 21.63 65.16 -33.90
CA GLU B 60 22.50 66.11 -33.14
C GLU B 60 21.68 66.88 -32.09
N ASP B 61 20.35 66.95 -32.20
CA ASP B 61 19.49 67.72 -31.26
C ASP B 61 19.01 66.87 -30.06
N ALA B 62 19.34 65.57 -29.98
CA ALA B 62 19.02 64.70 -28.83
C ALA B 62 20.30 64.41 -28.05
N ALA B 63 20.57 65.19 -26.99
CA ALA B 63 21.81 65.11 -26.19
C ALA B 63 21.83 63.84 -25.33
N GLY B 64 23.02 63.31 -25.06
CA GLY B 64 23.25 62.06 -24.34
C GLY B 64 24.71 61.92 -23.98
N VAL B 65 25.09 60.81 -23.34
CA VAL B 65 26.51 60.57 -22.95
C VAL B 65 26.80 59.08 -23.14
N LEU B 66 28.08 58.78 -23.29
CA LEU B 66 28.65 57.42 -23.14
C LEU B 66 29.38 57.44 -21.81
N LEU B 67 29.34 56.33 -21.08
CA LEU B 67 29.83 56.31 -19.69
C LEU B 67 30.41 54.93 -19.39
N LYS B 68 31.68 54.88 -19.01
CA LYS B 68 32.38 53.65 -18.60
C LYS B 68 32.36 53.61 -17.07
N LEU B 69 31.65 52.64 -16.49
CA LEU B 69 31.28 52.61 -15.05
C LEU B 69 32.26 51.74 -14.25
N GLY B 70 33.03 50.87 -14.90
CA GLY B 70 34.08 50.06 -14.27
C GLY B 70 33.56 48.78 -13.62
N THR B 71 32.30 48.41 -13.88
CA THR B 71 31.63 47.21 -13.34
C THR B 71 30.57 46.75 -14.36
N ARG B 72 30.26 45.45 -14.43
CA ARG B 72 29.37 44.89 -15.50
C ARG B 72 27.92 45.27 -15.18
N VAL B 73 27.14 45.75 -16.16
CA VAL B 73 25.78 46.34 -15.94
C VAL B 73 24.87 46.13 -17.16
N GLU B 74 23.58 46.29 -16.92
CA GLU B 74 22.45 46.15 -17.88
C GLU B 74 22.70 47.07 -19.09
N GLY B 75 22.64 46.52 -20.30
CA GLY B 75 22.90 47.24 -21.56
C GLY B 75 24.35 47.66 -21.70
N GLY B 76 25.23 47.14 -20.84
CA GLY B 76 26.66 47.53 -20.78
C GLY B 76 27.49 46.71 -21.73
N VAL B 77 28.05 47.35 -22.76
CA VAL B 77 28.90 46.70 -23.82
C VAL B 77 30.38 46.91 -23.49
N GLY B 78 31.28 46.47 -24.38
CA GLY B 78 32.74 46.51 -24.20
C GLY B 78 33.24 45.28 -23.45
N PRO B 79 34.59 45.11 -23.34
CA PRO B 79 35.17 43.89 -22.75
C PRO B 79 34.93 43.74 -21.24
N ASP B 80 34.66 44.82 -20.51
CA ASP B 80 34.29 44.78 -19.06
C ASP B 80 32.74 44.81 -18.93
N GLY B 81 32.01 44.97 -20.03
CA GLY B 81 30.54 45.05 -20.06
C GLY B 81 30.02 46.29 -19.32
N ASP B 82 30.82 47.35 -19.27
CA ASP B 82 30.63 48.48 -18.33
C ASP B 82 30.44 49.80 -19.07
N ILE B 83 30.35 49.79 -20.41
CA ILE B 83 30.13 51.00 -21.25
C ILE B 83 28.63 51.14 -21.54
N VAL B 84 28.01 52.21 -21.06
CA VAL B 84 26.56 52.45 -21.24
C VAL B 84 26.39 53.79 -21.94
N GLY B 85 25.26 53.96 -22.64
CA GLY B 85 24.87 55.21 -23.30
C GLY B 85 23.43 55.56 -22.98
N PHE B 86 23.17 56.85 -22.69
CA PHE B 86 21.85 57.33 -22.19
C PHE B 86 21.54 58.70 -22.77
N SER B 87 20.26 58.97 -23.05
CA SER B 87 19.67 60.34 -23.12
C SER B 87 19.96 61.05 -21.80
N THR B 88 20.38 62.32 -21.89
CA THR B 88 20.85 63.16 -20.77
C THR B 88 19.88 64.35 -20.62
N ILE B 89 18.75 64.30 -21.33
CA ILE B 89 17.60 65.25 -21.21
C ILE B 89 16.52 64.57 -20.36
N CYS B 90 16.19 65.17 -19.22
CA CYS B 90 15.20 64.62 -18.24
C CYS B 90 13.88 64.29 -18.93
N PRO B 91 13.37 63.05 -18.82
CA PRO B 91 12.07 62.69 -19.38
C PRO B 91 10.84 63.36 -18.75
N HIS B 92 10.98 64.12 -17.68
CA HIS B 92 9.87 64.86 -17.03
C HIS B 92 9.53 66.06 -17.91
N LYS B 93 10.41 67.07 -17.95
CA LYS B 93 10.23 68.37 -18.66
C LYS B 93 11.51 68.83 -19.36
N GLY B 94 12.51 67.96 -19.55
CA GLY B 94 13.59 68.18 -20.51
C GLY B 94 14.75 69.02 -20.00
N PHE B 95 14.89 69.28 -18.70
CA PHE B 95 16.11 69.93 -18.15
C PHE B 95 17.28 68.99 -18.42
N PRO B 96 18.49 69.48 -18.79
CA PRO B 96 19.65 68.60 -18.91
C PRO B 96 20.07 68.12 -17.52
N LEU B 97 20.49 66.86 -17.42
CA LEU B 97 20.87 66.17 -16.15
C LEU B 97 22.37 66.39 -15.91
N SER B 98 22.76 66.64 -14.66
CA SER B 98 24.19 66.61 -14.23
C SER B 98 24.53 65.17 -13.84
N TYR B 99 25.82 64.83 -13.86
CA TYR B 99 26.36 63.53 -13.42
C TYR B 99 27.06 63.73 -12.09
N SER B 100 26.78 62.87 -11.11
CA SER B 100 27.45 62.86 -9.80
C SER B 100 28.48 61.72 -9.80
N ALA B 101 29.76 62.07 -9.94
CA ALA B 101 30.88 61.12 -10.00
C ALA B 101 30.89 60.23 -8.74
N ASP B 102 30.53 60.79 -7.58
CA ASP B 102 30.58 60.10 -6.25
C ASP B 102 29.55 58.97 -6.21
N ASN B 103 28.30 59.24 -6.62
CA ASN B 103 27.11 58.32 -6.53
C ASN B 103 26.91 57.51 -7.82
N LYS B 104 27.53 57.94 -8.93
CA LYS B 104 27.28 57.40 -10.28
C LYS B 104 25.78 57.48 -10.55
N THR B 105 25.22 58.69 -10.46
CA THR B 105 23.78 58.97 -10.74
C THR B 105 23.66 60.21 -11.62
N PHE B 106 22.60 60.27 -12.41
CA PHE B 106 22.18 61.48 -13.14
C PHE B 106 21.13 62.16 -12.26
N ASN B 107 21.20 63.49 -12.25
CA ASN B 107 20.53 64.37 -11.28
C ASN B 107 19.91 65.52 -12.07
N CYS B 108 18.63 65.76 -11.86
CA CYS B 108 17.86 66.77 -12.62
C CYS B 108 17.65 67.99 -11.74
N PRO B 109 18.18 69.18 -12.11
CA PRO B 109 17.99 70.40 -11.32
C PRO B 109 16.58 70.99 -11.52
N GLY B 110 15.83 70.47 -12.48
CA GLY B 110 14.41 70.85 -12.70
C GLY B 110 13.54 70.56 -11.49
N HIS B 111 13.35 69.28 -11.14
CA HIS B 111 12.41 68.86 -10.07
C HIS B 111 12.99 67.69 -9.29
N PHE B 112 14.33 67.60 -9.22
CA PHE B 112 15.13 66.80 -8.27
C PHE B 112 15.08 65.29 -8.60
N SER B 113 14.82 64.91 -9.84
CA SER B 113 14.77 63.49 -10.28
C SER B 113 16.19 62.94 -10.27
N VAL B 114 16.33 61.64 -9.97
CA VAL B 114 17.63 60.92 -9.88
C VAL B 114 17.48 59.62 -10.66
N PHE B 115 18.43 59.34 -11.54
CA PHE B 115 18.45 58.18 -12.47
C PHE B 115 19.76 57.43 -12.26
N ASP B 116 19.70 56.09 -12.28
CA ASP B 116 20.84 55.20 -11.93
C ASP B 116 21.37 54.55 -13.21
N PRO B 117 22.46 55.06 -13.81
CA PRO B 117 23.03 54.46 -15.01
C PRO B 117 23.62 53.05 -14.79
N GLU B 118 23.80 52.59 -13.54
CA GLU B 118 24.26 51.20 -13.24
C GLU B 118 23.09 50.22 -13.19
N LYS B 119 21.85 50.70 -13.30
CA LYS B 119 20.62 49.88 -13.25
C LYS B 119 19.68 50.28 -14.40
N GLY B 120 20.18 50.27 -15.63
CA GLY B 120 19.43 50.58 -16.87
C GLY B 120 18.66 51.90 -16.79
N GLY B 121 19.12 52.86 -15.99
CA GLY B 121 18.53 54.21 -15.91
C GLY B 121 17.27 54.27 -15.04
N GLN B 122 17.14 53.34 -14.10
CA GLN B 122 15.96 53.29 -13.20
C GLN B 122 15.89 54.64 -12.48
N GLN B 123 14.72 55.25 -12.50
CA GLN B 123 14.42 56.42 -11.65
C GLN B 123 14.48 55.96 -10.19
N VAL B 124 15.57 56.32 -9.50
CA VAL B 124 15.76 56.12 -8.04
C VAL B 124 14.63 56.88 -7.36
N TRP B 125 14.46 58.13 -7.76
CA TRP B 125 13.39 59.04 -7.31
C TRP B 125 13.15 60.05 -8.42
N GLY B 126 11.91 60.44 -8.69
CA GLY B 126 11.69 61.59 -9.59
C GLY B 126 10.28 61.66 -10.13
N GLN B 127 10.06 62.66 -11.00
CA GLN B 127 8.72 63.03 -11.50
C GLN B 127 8.49 62.44 -12.91
N ALA B 128 9.51 61.88 -13.54
CA ALA B 128 9.37 61.26 -14.88
C ALA B 128 8.56 59.96 -14.74
N THR B 129 7.67 59.66 -15.69
CA THR B 129 6.95 58.36 -15.83
C THR B 129 7.75 57.37 -16.67
N GLN B 130 9.04 57.63 -16.89
CA GLN B 130 9.93 56.72 -17.64
C GLN B 130 11.28 56.65 -16.93
N ASN B 131 11.91 55.49 -17.03
CA ASN B 131 13.34 55.34 -16.69
C ASN B 131 14.14 55.99 -17.83
N LEU B 132 15.40 56.33 -17.57
CA LEU B 132 16.23 57.14 -18.48
C LEU B 132 16.40 56.37 -19.80
N PRO B 133 15.96 56.96 -20.94
CA PRO B 133 16.14 56.34 -22.25
C PRO B 133 17.61 55.93 -22.48
N GLN B 134 17.81 54.67 -22.85
CA GLN B 134 19.15 54.03 -22.95
C GLN B 134 19.39 53.62 -24.41
N TYR B 135 20.66 53.57 -24.82
CA TYR B 135 21.08 53.32 -26.22
C TYR B 135 21.46 51.84 -26.37
N VAL B 136 21.00 51.19 -27.43
CA VAL B 136 21.53 49.87 -27.89
C VAL B 136 22.89 50.13 -28.55
N LEU B 137 23.96 49.84 -27.81
CA LEU B 137 25.36 50.05 -28.25
C LEU B 137 25.94 48.76 -28.85
N ARG B 138 26.75 48.90 -29.91
CA ARG B 138 27.59 47.83 -30.50
C ARG B 138 29.05 48.32 -30.56
N VAL B 139 29.98 47.57 -29.95
CA VAL B 139 31.46 47.77 -30.14
C VAL B 139 31.89 46.93 -31.35
N ALA B 140 32.57 47.55 -32.32
CA ALA B 140 33.12 46.88 -33.52
C ALA B 140 34.51 46.31 -33.23
N ASP B 141 35.04 45.49 -34.14
CA ASP B 141 36.35 44.79 -34.03
C ASP B 141 37.45 45.86 -33.90
N ASN B 142 37.33 46.93 -34.68
CA ASN B 142 38.26 48.10 -34.69
C ASN B 142 38.15 48.83 -33.35
N GLY B 143 36.95 48.82 -32.74
CA GLY B 143 36.70 49.35 -31.38
C GLY B 143 35.75 50.53 -31.37
N ASP B 144 35.27 50.96 -32.54
CA ASP B 144 34.27 52.05 -32.69
C ASP B 144 32.96 51.64 -32.03
N ILE B 145 32.26 52.60 -31.42
CA ILE B 145 31.00 52.39 -30.66
C ILE B 145 29.86 52.99 -31.49
N PHE B 146 28.98 52.13 -32.02
CA PHE B 146 27.75 52.55 -32.74
C PHE B 146 26.54 52.40 -31.81
N ALA B 147 25.61 53.34 -31.87
CA ALA B 147 24.26 53.25 -31.26
C ALA B 147 23.27 52.89 -32.35
N GLU B 148 22.40 51.89 -32.11
CA GLU B 148 21.42 51.39 -33.13
C GLU B 148 19.98 51.43 -32.61
N GLY B 149 19.72 52.05 -31.45
CA GLY B 149 18.34 52.15 -30.93
C GLY B 149 18.28 52.76 -29.55
N VAL B 150 17.05 53.08 -29.12
CA VAL B 150 16.72 53.73 -27.81
C VAL B 150 15.46 53.04 -27.27
N ASP B 151 15.46 52.70 -25.98
CA ASP B 151 14.44 51.79 -25.34
C ASP B 151 13.26 52.58 -24.76
N GLU B 152 13.20 53.89 -24.94
CA GLU B 152 12.08 54.75 -24.43
C GLU B 152 12.02 56.03 -25.26
N LEU B 153 10.87 56.72 -25.26
CA LEU B 153 10.65 57.98 -26.02
C LEU B 153 11.55 59.08 -25.44
N ILE B 154 12.42 59.65 -26.28
CA ILE B 154 13.33 60.77 -25.91
C ILE B 154 12.48 62.02 -25.64
N TYR B 155 12.89 62.86 -24.69
CA TYR B 155 12.14 64.08 -24.35
C TYR B 155 12.10 65.01 -25.57
N GLY B 156 10.92 65.58 -25.84
CA GLY B 156 10.76 66.68 -26.80
C GLY B 156 10.70 66.21 -28.25
N ARG B 157 10.44 64.92 -28.47
CA ARG B 157 10.10 64.37 -29.82
C ARG B 157 9.05 63.27 -29.68
N LEU B 158 8.02 63.30 -30.53
CA LEU B 158 6.91 62.30 -30.54
C LEU B 158 7.29 61.10 -31.41
N SER B 159 8.51 61.10 -31.95
CA SER B 159 9.19 59.95 -32.57
C SER B 159 10.71 60.08 -32.35
N ASN B 160 11.39 59.00 -31.92
CA ASN B 160 12.84 59.05 -31.60
C ASN B 160 13.65 59.48 -32.83
N VAL B 161 13.20 59.14 -34.05
CA VAL B 161 13.79 59.57 -35.35
C VAL B 161 12.80 60.54 -36.01
N LEU B 162 13.22 61.81 -36.18
CA LEU B 162 12.32 62.91 -36.62
C LEU B 162 12.43 63.11 -38.14
N SER C 4 26.74 87.71 -36.37
CA SER C 4 25.79 87.38 -35.26
C SER C 4 24.45 88.08 -35.50
N ASN C 5 23.35 87.42 -35.16
CA ASN C 5 21.96 87.94 -35.35
C ASN C 5 21.15 87.70 -34.07
N ALA C 6 20.61 88.77 -33.49
CA ALA C 6 19.81 88.78 -32.24
C ALA C 6 18.47 88.06 -32.46
N GLU C 7 17.98 88.04 -33.70
CA GLU C 7 16.75 87.31 -34.16
C GLU C 7 17.00 85.79 -34.03
N LYS C 8 18.16 85.33 -34.51
CA LYS C 8 18.61 83.91 -34.44
C LYS C 8 18.87 83.53 -32.97
N GLY C 9 19.44 84.44 -32.18
CA GLY C 9 19.82 84.22 -30.77
C GLY C 9 18.62 83.88 -29.89
N ALA C 10 17.48 84.53 -30.14
CA ALA C 10 16.18 84.34 -29.41
C ALA C 10 15.69 82.89 -29.52
N VAL C 11 16.13 82.14 -30.55
CA VAL C 11 15.76 80.71 -30.78
C VAL C 11 16.84 79.81 -30.15
N VAL C 12 18.13 80.20 -30.22
CA VAL C 12 19.22 79.50 -29.51
C VAL C 12 18.91 79.54 -28.00
N PHE C 13 18.40 80.67 -27.52
CA PHE C 13 18.11 80.95 -26.08
C PHE C 13 17.05 80.00 -25.52
N LYS C 14 16.24 79.36 -26.37
CA LYS C 14 15.22 78.34 -25.95
C LYS C 14 15.91 77.16 -25.24
N LYS C 15 17.21 76.93 -25.51
CA LYS C 15 18.08 75.93 -24.81
C LYS C 15 18.54 76.44 -23.44
N CYS C 16 18.18 77.68 -23.06
CA CYS C 16 18.54 78.35 -21.78
C CYS C 16 17.31 78.70 -20.94
N ALA C 17 16.20 79.06 -21.58
CA ALA C 17 15.02 79.72 -20.96
C ALA C 17 14.57 78.95 -19.70
N ALA C 18 14.64 77.63 -19.72
CA ALA C 18 14.21 76.77 -18.59
C ALA C 18 14.91 77.22 -17.29
N CYS C 19 16.18 77.62 -17.39
CA CYS C 19 17.04 77.96 -16.23
C CYS C 19 17.28 79.47 -16.10
N HIS C 20 17.18 80.24 -17.19
CA HIS C 20 17.60 81.67 -17.23
C HIS C 20 16.47 82.55 -17.78
N ALA C 21 16.10 83.58 -17.04
CA ALA C 21 15.16 84.65 -17.48
C ALA C 21 15.96 85.86 -17.98
N VAL C 22 15.37 86.61 -18.93
CA VAL C 22 15.87 87.91 -19.47
C VAL C 22 14.69 88.87 -19.60
N GLY C 23 14.97 90.17 -19.76
CA GLY C 23 13.95 91.22 -19.95
C GLY C 23 13.46 91.77 -18.64
N ASP C 24 12.40 92.58 -18.67
CA ASP C 24 11.80 93.26 -17.49
C ASP C 24 11.09 92.20 -16.64
N GLY C 25 11.28 92.28 -15.31
CA GLY C 25 10.72 91.33 -14.33
C GLY C 25 11.51 90.04 -14.23
N ALA C 26 12.71 89.96 -14.81
CA ALA C 26 13.51 88.73 -14.95
C ALA C 26 14.05 88.30 -13.59
N ALA C 27 13.57 87.18 -13.05
CA ALA C 27 13.88 86.67 -11.70
C ALA C 27 14.88 85.50 -11.79
N ASN C 28 15.64 85.25 -10.71
CA ASN C 28 16.53 84.06 -10.58
C ASN C 28 15.65 82.81 -10.56
N LYS C 29 16.09 81.74 -11.24
CA LYS C 29 15.45 80.40 -11.27
C LYS C 29 16.56 79.39 -10.96
N VAL C 30 16.53 78.20 -11.55
CA VAL C 30 17.69 77.24 -11.47
C VAL C 30 18.96 78.03 -11.79
N GLY C 31 18.89 78.89 -12.80
CA GLY C 31 19.97 79.82 -13.20
C GLY C 31 19.66 81.26 -12.84
N PRO C 32 20.70 82.11 -12.65
CA PRO C 32 20.50 83.54 -12.38
C PRO C 32 19.95 84.25 -13.62
N GLU C 33 19.10 85.24 -13.40
CA GLU C 33 18.71 86.29 -14.38
C GLU C 33 19.98 86.72 -15.16
N LEU C 34 19.86 86.99 -16.48
CA LEU C 34 21.02 87.23 -17.39
C LEU C 34 20.95 88.65 -18.02
N ASN C 35 20.14 89.56 -17.48
CA ASN C 35 20.07 90.99 -17.87
C ASN C 35 21.42 91.69 -17.65
N GLY C 36 21.88 92.49 -18.62
CA GLY C 36 23.09 93.34 -18.54
C GLY C 36 24.35 92.53 -18.33
N LEU C 37 24.54 91.47 -19.11
CA LEU C 37 25.48 90.36 -18.80
C LEU C 37 26.90 90.73 -19.25
N ILE C 38 27.07 91.32 -20.44
CA ILE C 38 28.39 91.90 -20.88
C ILE C 38 28.71 93.04 -19.91
N GLY C 39 29.85 92.95 -19.22
CA GLY C 39 30.32 93.94 -18.24
C GLY C 39 29.89 93.63 -16.82
N ARG C 40 29.02 92.63 -16.63
CA ARG C 40 28.52 92.23 -15.28
C ARG C 40 29.58 91.41 -14.55
N LYS C 41 29.67 91.59 -13.23
CA LYS C 41 30.63 90.87 -12.36
C LYS C 41 30.30 89.37 -12.43
N VAL C 42 31.26 88.53 -12.80
CA VAL C 42 31.11 87.04 -12.82
C VAL C 42 30.66 86.62 -11.41
N ALA C 43 29.61 85.82 -11.32
CA ALA C 43 28.99 85.35 -10.06
C ALA C 43 28.55 86.56 -9.23
N GLY C 44 27.93 87.54 -9.91
CA GLY C 44 27.63 88.87 -9.36
C GLY C 44 26.15 89.11 -9.08
N VAL C 45 25.24 88.26 -9.56
CA VAL C 45 23.77 88.49 -9.37
C VAL C 45 23.42 88.25 -7.90
N GLU C 46 22.71 89.19 -7.26
CA GLU C 46 22.36 89.10 -5.83
C GLU C 46 21.22 88.09 -5.64
N GLY C 47 21.30 87.27 -4.59
CA GLY C 47 20.24 86.31 -4.20
C GLY C 47 20.21 85.06 -5.06
N PHE C 48 21.37 84.65 -5.60
CA PHE C 48 21.57 83.38 -6.33
C PHE C 48 22.78 82.64 -5.75
N ASN C 49 22.58 81.41 -5.29
CA ASN C 49 23.66 80.60 -4.64
C ASN C 49 24.54 79.99 -5.75
N TYR C 50 25.57 80.72 -6.18
CA TYR C 50 26.59 80.25 -7.15
C TYR C 50 27.34 79.06 -6.55
N SER C 51 28.12 78.36 -7.37
CA SER C 51 29.04 77.26 -6.96
C SER C 51 30.27 77.85 -6.26
N PRO C 52 31.02 77.04 -5.48
CA PRO C 52 32.36 77.42 -5.01
C PRO C 52 33.30 77.93 -6.12
N ALA C 53 33.30 77.29 -7.28
CA ALA C 53 34.17 77.64 -8.44
C ALA C 53 33.81 79.03 -8.98
N PHE C 54 32.53 79.42 -8.92
CA PHE C 54 31.99 80.71 -9.43
C PHE C 54 32.25 81.81 -8.40
N LYS C 55 32.05 81.53 -7.11
CA LYS C 55 32.30 82.49 -6.00
C LYS C 55 33.80 82.88 -5.97
N ALA C 56 34.68 81.96 -6.37
CA ALA C 56 36.14 82.16 -6.49
C ALA C 56 36.44 83.15 -7.62
N LYS C 57 35.75 83.00 -8.77
CA LYS C 57 35.88 83.90 -9.95
C LYS C 57 35.44 85.32 -9.56
N ALA C 58 34.44 85.45 -8.69
CA ALA C 58 33.92 86.73 -8.13
C ALA C 58 35.00 87.38 -7.27
N GLU C 59 35.69 86.58 -6.45
CA GLU C 59 36.83 86.96 -5.57
C GLU C 59 38.00 87.49 -6.42
N GLU C 60 38.13 87.03 -7.67
CA GLU C 60 39.16 87.49 -8.64
C GLU C 60 38.69 88.76 -9.35
N GLY C 61 37.36 88.92 -9.53
CA GLY C 61 36.72 90.16 -10.01
C GLY C 61 36.52 90.18 -11.52
N TRP C 62 36.53 89.01 -12.17
CA TRP C 62 36.21 88.83 -13.62
C TRP C 62 34.92 89.58 -13.96
N VAL C 63 34.86 90.23 -15.12
CA VAL C 63 33.60 90.65 -15.79
C VAL C 63 33.44 89.82 -17.08
N TRP C 64 32.21 89.72 -17.58
CA TRP C 64 31.90 88.99 -18.84
C TRP C 64 32.16 89.93 -20.03
N ASP C 65 32.94 89.47 -21.01
CA ASP C 65 33.00 90.05 -22.39
C ASP C 65 32.91 88.87 -23.39
N GLU C 66 32.80 89.18 -24.68
CA GLU C 66 32.54 88.22 -25.79
C GLU C 66 33.49 87.01 -25.71
N VAL C 67 34.78 87.25 -25.48
CA VAL C 67 35.88 86.23 -25.50
C VAL C 67 35.64 85.18 -24.40
N HIS C 68 35.48 85.61 -23.13
CA HIS C 68 35.26 84.71 -21.95
C HIS C 68 33.95 83.93 -22.12
N LEU C 69 32.86 84.65 -22.47
CA LEU C 69 31.48 84.11 -22.60
C LEU C 69 31.41 83.10 -23.75
N THR C 70 32.16 83.31 -24.84
CA THR C 70 32.21 82.41 -26.02
C THR C 70 32.67 81.03 -25.58
N GLU C 71 33.83 80.96 -24.93
CA GLU C 71 34.46 79.70 -24.47
C GLU C 71 33.55 78.97 -23.46
N TYR C 72 32.82 79.73 -22.63
CA TYR C 72 31.96 79.22 -21.52
C TYR C 72 30.71 78.51 -22.08
N LEU C 73 29.92 79.20 -22.91
CA LEU C 73 28.69 78.65 -23.54
C LEU C 73 29.02 77.42 -24.39
N ALA C 74 30.25 77.32 -24.89
CA ALA C 74 30.72 76.24 -25.81
C ALA C 74 31.03 74.96 -25.02
N ASN C 75 31.55 75.08 -23.80
CA ASN C 75 31.96 73.94 -22.94
C ASN C 75 32.04 74.40 -21.48
N PRO C 76 30.89 74.57 -20.77
CA PRO C 76 30.89 75.06 -19.41
C PRO C 76 31.72 74.17 -18.46
N LYS C 77 31.65 72.85 -18.66
CA LYS C 77 32.32 71.84 -17.78
C LYS C 77 33.84 72.06 -17.79
N ALA C 78 34.43 72.33 -18.95
CA ALA C 78 35.89 72.44 -19.16
C ALA C 78 36.38 73.85 -18.83
N TYR C 79 35.64 74.89 -19.23
CA TYR C 79 36.11 76.30 -19.20
C TYR C 79 36.18 76.83 -17.76
N ILE C 80 35.29 76.36 -16.88
CA ILE C 80 35.28 76.69 -15.42
C ILE C 80 35.01 75.39 -14.65
N LYS C 81 36.04 74.56 -14.49
CA LYS C 81 36.07 73.35 -13.63
C LYS C 81 35.21 73.59 -12.38
N GLY C 82 34.13 72.82 -12.19
CA GLY C 82 33.34 72.77 -10.95
C GLY C 82 31.98 73.47 -11.02
N THR C 83 31.63 74.08 -12.16
CA THR C 83 30.39 74.91 -12.31
C THR C 83 29.16 74.02 -12.11
N LYS C 84 28.10 74.56 -11.48
CA LYS C 84 26.75 73.95 -11.36
C LYS C 84 26.10 73.75 -12.75
N MET C 85 26.61 74.40 -13.80
CA MET C 85 26.00 74.38 -15.15
C MET C 85 26.65 73.25 -15.97
N ALA C 86 26.27 72.00 -15.70
CA ALA C 86 26.88 70.77 -16.28
C ALA C 86 26.26 70.42 -17.64
N PHE C 87 25.32 71.24 -18.15
CA PHE C 87 25.01 71.46 -19.59
C PHE C 87 26.20 71.01 -20.46
N ALA C 88 25.93 70.43 -21.64
CA ALA C 88 26.98 69.94 -22.58
C ALA C 88 27.65 71.14 -23.26
N GLY C 89 26.85 72.10 -23.73
CA GLY C 89 27.37 73.32 -24.37
C GLY C 89 26.91 73.44 -25.82
N LEU C 90 26.91 74.65 -26.36
CA LEU C 90 26.65 74.91 -27.79
C LEU C 90 27.84 74.41 -28.60
N LYS C 91 27.61 73.43 -29.49
CA LYS C 91 28.64 72.74 -30.31
C LYS C 91 29.04 73.68 -31.47
N LYS C 92 28.06 74.34 -32.09
CA LYS C 92 28.22 75.23 -33.27
C LYS C 92 28.62 76.63 -32.81
N PRO C 93 29.83 77.14 -33.17
CA PRO C 93 30.26 78.46 -32.71
C PRO C 93 29.39 79.64 -33.20
N GLU C 94 28.64 79.46 -34.30
CA GLU C 94 27.72 80.48 -34.88
C GLU C 94 26.46 80.62 -34.00
N ASP C 95 26.07 79.54 -33.31
CA ASP C 95 24.97 79.54 -32.31
C ASP C 95 25.39 80.37 -31.09
N VAL C 96 26.63 80.19 -30.62
CA VAL C 96 27.22 80.95 -29.48
C VAL C 96 27.18 82.43 -29.85
N ALA C 97 27.75 82.80 -31.01
CA ALA C 97 27.76 84.18 -31.55
C ALA C 97 26.34 84.77 -31.48
N ASP C 98 25.35 84.05 -32.05
CA ASP C 98 23.93 84.48 -32.17
C ASP C 98 23.32 84.73 -30.78
N VAL C 99 23.54 83.83 -29.82
CA VAL C 99 22.87 83.90 -28.47
C VAL C 99 23.50 85.08 -27.70
N ILE C 100 24.83 85.24 -27.78
CA ILE C 100 25.56 86.38 -27.15
C ILE C 100 24.97 87.69 -27.70
N ALA C 101 24.70 87.75 -29.00
CA ALA C 101 24.11 88.93 -29.66
C ALA C 101 22.71 89.21 -29.08
N TYR C 102 21.92 88.16 -28.84
CA TYR C 102 20.57 88.24 -28.21
C TYR C 102 20.70 88.77 -26.78
N LEU C 103 21.67 88.24 -26.02
CA LEU C 103 21.93 88.63 -24.61
C LEU C 103 22.23 90.13 -24.54
N LYS C 104 23.05 90.65 -25.47
CA LYS C 104 23.48 92.08 -25.53
C LYS C 104 22.26 93.00 -25.61
N THR C 105 21.19 92.58 -26.29
CA THR C 105 19.87 93.26 -26.44
C THR C 105 19.25 93.62 -25.09
N PHE C 106 19.82 93.16 -23.98
CA PHE C 106 19.34 93.41 -22.58
C PHE C 106 20.44 94.14 -21.81
N SER C 107 20.07 95.22 -21.12
CA SER C 107 20.96 96.08 -20.30
C SER C 107 20.51 96.06 -18.83
N THR C 108 21.26 96.75 -17.96
CA THR C 108 20.97 96.94 -16.51
C THR C 108 20.04 98.14 -16.36
N ALA D 1 -18.44 43.33 -31.07
CA ALA D 1 -17.39 42.36 -31.48
C ALA D 1 -16.01 42.95 -31.16
N PHE D 2 -15.17 42.17 -30.49
CA PHE D 2 -13.81 42.61 -30.08
C PHE D 2 -12.95 42.79 -31.35
N LYS D 3 -12.37 43.98 -31.50
CA LYS D 3 -11.41 44.32 -32.59
C LYS D 3 -10.12 44.86 -31.96
N ARG D 4 -8.98 44.36 -32.43
CA ARG D 4 -7.63 44.72 -31.89
C ARG D 4 -7.22 46.11 -32.37
N HIS D 5 -7.75 46.56 -33.53
CA HIS D 5 -7.32 47.82 -34.21
C HIS D 5 -5.80 47.80 -34.38
N ILE D 6 -5.23 46.66 -34.74
CA ILE D 6 -3.81 46.57 -35.17
C ILE D 6 -3.84 46.49 -36.70
N ASP D 7 -3.47 47.62 -37.31
CA ASP D 7 -3.58 47.97 -38.75
C ASP D 7 -2.36 47.42 -39.48
N ARG D 8 -1.36 46.93 -38.75
CA ARG D 8 0.03 46.82 -39.25
C ARG D 8 0.87 46.03 -38.24
N LEU D 9 1.61 45.01 -38.68
CA LEU D 9 2.55 44.22 -37.83
C LEU D 9 3.98 44.42 -38.33
N PRO D 10 4.98 44.37 -37.43
CA PRO D 10 6.38 44.31 -37.85
C PRO D 10 6.64 43.12 -38.80
N ILE D 11 7.42 43.37 -39.86
CA ILE D 11 7.85 42.35 -40.85
C ILE D 11 9.02 41.55 -40.24
N ILE D 12 8.93 40.22 -40.24
CA ILE D 12 10.04 39.34 -39.78
C ILE D 12 11.21 39.54 -40.74
N PRO D 13 12.38 40.00 -40.26
CA PRO D 13 13.54 40.18 -41.13
C PRO D 13 14.16 38.85 -41.58
N ALA D 14 14.88 38.90 -42.70
CA ALA D 14 15.62 37.77 -43.32
C ALA D 14 16.48 37.03 -42.29
N ASP D 15 17.07 37.75 -41.34
CA ASP D 15 18.03 37.19 -40.34
C ASP D 15 17.38 36.95 -38.97
N ALA D 16 16.05 36.94 -38.86
CA ALA D 16 15.32 36.55 -37.63
C ALA D 16 15.84 35.18 -37.15
N LYS D 17 15.86 34.96 -35.83
CA LYS D 17 16.25 33.65 -35.23
C LYS D 17 15.05 32.72 -35.31
N LYS D 18 15.25 31.51 -35.83
CA LYS D 18 14.19 30.51 -36.06
C LYS D 18 14.23 29.46 -34.93
N HIS D 19 13.06 29.13 -34.38
CA HIS D 19 12.86 28.13 -33.31
C HIS D 19 11.73 27.19 -33.73
N ASN D 20 11.97 25.87 -33.64
CA ASN D 20 10.92 24.84 -33.89
C ASN D 20 9.97 24.85 -32.68
N VAL D 21 8.68 25.05 -32.93
CA VAL D 21 7.64 25.09 -31.86
C VAL D 21 6.52 24.13 -32.25
N THR D 22 6.24 23.14 -31.39
CA THR D 22 4.97 22.38 -31.42
C THR D 22 3.93 23.21 -30.69
N CYS D 23 2.70 23.19 -31.17
CA CYS D 23 1.55 23.82 -30.46
C CYS D 23 1.58 23.39 -28.99
N HIS D 24 1.40 24.38 -28.12
CA HIS D 24 1.22 24.25 -26.64
C HIS D 24 0.02 23.33 -26.30
N PHE D 25 -0.99 23.26 -27.16
CA PHE D 25 -2.35 22.82 -26.76
C PHE D 25 -2.64 21.36 -27.17
N CYS D 26 -3.55 21.11 -28.13
CA CYS D 26 -4.26 19.80 -28.22
C CYS D 26 -3.35 18.72 -28.82
N ILE D 27 -3.81 17.48 -28.73
CA ILE D 27 -3.13 16.22 -29.19
C ILE D 27 -2.49 16.36 -30.58
N VAL D 28 -3.10 17.10 -31.52
CA VAL D 28 -2.72 17.11 -32.96
C VAL D 28 -1.24 17.52 -33.07
N GLY D 29 -0.80 18.46 -32.26
CA GLY D 29 0.63 18.84 -32.20
C GLY D 29 1.09 19.43 -33.52
N CYS D 30 0.33 20.38 -34.05
CA CYS D 30 0.64 21.19 -35.25
C CYS D 30 2.02 21.83 -35.10
N GLY D 31 2.82 21.77 -36.17
CA GLY D 31 4.16 22.38 -36.23
C GLY D 31 4.05 23.87 -36.44
N TYR D 32 4.90 24.64 -35.76
CA TYR D 32 5.02 26.11 -35.85
C TYR D 32 6.50 26.46 -35.86
N HIS D 33 6.84 27.69 -36.25
CA HIS D 33 8.18 28.28 -35.96
C HIS D 33 7.97 29.58 -35.19
N ALA D 34 8.83 29.81 -34.20
CA ALA D 34 8.96 31.12 -33.50
C ALA D 34 10.15 31.85 -34.13
N TYR D 35 9.86 32.99 -34.78
CA TYR D 35 10.90 33.92 -35.30
C TYR D 35 11.01 35.09 -34.32
N THR D 36 12.22 35.33 -33.84
CA THR D 36 12.56 36.41 -32.86
C THR D 36 13.63 37.32 -33.48
N TRP D 37 13.51 38.62 -33.26
CA TRP D 37 14.56 39.58 -33.69
C TRP D 37 14.58 40.77 -32.74
N PRO D 38 15.71 41.52 -32.70
CA PRO D 38 15.84 42.66 -31.79
C PRO D 38 14.72 43.70 -31.96
N ILE D 39 14.31 44.32 -30.84
CA ILE D 39 13.13 45.22 -30.73
C ILE D 39 13.33 46.46 -31.63
N ASN D 40 14.59 46.84 -31.86
CA ASN D 40 14.99 48.06 -32.60
C ASN D 40 15.35 47.73 -34.06
N LYS D 41 15.21 46.46 -34.48
CA LYS D 41 15.34 46.04 -35.90
C LYS D 41 13.95 45.69 -36.46
N GLN D 42 13.83 45.64 -37.78
CA GLN D 42 12.61 45.12 -38.46
C GLN D 42 12.96 44.63 -39.87
N GLY D 43 12.01 43.93 -40.49
CA GLY D 43 12.10 43.41 -41.87
C GLY D 43 11.56 44.42 -42.87
N GLY D 44 12.02 44.29 -44.12
CA GLY D 44 11.59 45.12 -45.26
C GLY D 44 10.59 44.39 -46.14
N THR D 45 9.81 45.18 -46.87
CA THR D 45 8.70 44.74 -47.78
C THR D 45 9.32 44.05 -49.01
N ASP D 46 10.57 44.37 -49.35
CA ASP D 46 11.31 43.73 -50.48
C ASP D 46 11.75 42.32 -50.07
N PRO D 47 11.84 41.41 -51.06
CA PRO D 47 12.27 40.01 -50.84
C PRO D 47 13.55 39.79 -50.02
N GLN D 48 14.58 40.60 -50.24
CA GLN D 48 15.93 40.42 -49.61
C GLN D 48 15.86 40.80 -48.13
N ASN D 49 14.78 41.45 -47.68
CA ASN D 49 14.70 42.10 -46.34
C ASN D 49 13.70 41.41 -45.41
N ASN D 50 12.96 40.39 -45.86
CA ASN D 50 12.05 39.61 -44.97
C ASN D 50 12.35 38.11 -45.06
N ILE D 51 11.75 37.31 -44.17
CA ILE D 51 12.08 35.88 -43.92
C ILE D 51 11.55 35.01 -45.08
N PHE D 52 10.57 35.50 -45.85
CA PHE D 52 9.80 34.71 -46.87
C PHE D 52 10.47 34.77 -48.26
N GLY D 53 11.40 35.71 -48.48
CA GLY D 53 12.00 36.00 -49.80
C GLY D 53 10.96 36.44 -50.83
N VAL D 54 9.87 37.09 -50.36
CA VAL D 54 8.66 37.46 -51.16
C VAL D 54 8.47 38.99 -51.08
N ASP D 55 7.89 39.60 -52.10
CA ASP D 55 7.60 41.06 -52.13
C ASP D 55 6.28 41.30 -51.39
N LEU D 56 6.34 41.88 -50.19
CA LEU D 56 5.19 41.98 -49.24
C LEU D 56 4.42 43.30 -49.49
N SER D 57 4.93 44.16 -50.37
CA SER D 57 4.23 45.37 -50.87
C SER D 57 3.03 44.97 -51.74
N GLU D 58 2.87 43.67 -52.03
CA GLU D 58 1.80 43.11 -52.89
C GLU D 58 0.92 42.16 -52.07
N GLN D 59 -0.41 42.30 -52.21
CA GLN D 59 -1.43 41.39 -51.62
C GLN D 59 -0.99 39.94 -51.83
N GLN D 60 -1.07 39.10 -50.79
CA GLN D 60 -0.85 37.64 -50.89
C GLN D 60 -2.19 36.94 -51.04
N GLN D 61 -2.23 35.79 -51.71
CA GLN D 61 -3.49 35.04 -52.00
C GLN D 61 -3.70 33.96 -50.95
N ALA D 62 -4.89 33.35 -50.94
CA ALA D 62 -5.34 32.29 -49.99
C ALA D 62 -4.20 31.31 -49.70
N GLU D 63 -4.06 30.87 -48.45
CA GLU D 63 -3.09 29.83 -48.00
C GLU D 63 -1.65 30.31 -48.18
N SER D 64 -1.39 31.62 -48.09
CA SER D 64 -0.04 32.21 -48.20
C SER D 64 0.78 31.85 -46.95
N ASP D 65 2.05 31.48 -47.14
CA ASP D 65 3.03 31.33 -46.04
C ASP D 65 3.51 32.72 -45.61
N ALA D 66 3.41 33.74 -46.46
CA ALA D 66 4.02 35.08 -46.25
C ALA D 66 3.02 36.04 -45.61
N TRP D 67 2.27 35.54 -44.62
CA TRP D 67 1.32 36.31 -43.77
C TRP D 67 1.24 35.69 -42.36
N TYR D 68 0.88 36.51 -41.38
CA TYR D 68 0.58 36.14 -39.97
C TYR D 68 -0.44 37.13 -39.39
N SER D 69 -1.40 36.65 -38.61
CA SER D 69 -2.45 37.49 -37.98
C SER D 69 -1.86 38.17 -36.74
N PRO D 70 -2.51 39.23 -36.19
CA PRO D 70 -2.05 39.87 -34.94
C PRO D 70 -1.78 38.92 -33.76
N SER D 71 -2.66 37.94 -33.52
CA SER D 71 -2.53 36.95 -32.42
C SER D 71 -1.23 36.14 -32.56
N MET D 72 -0.58 36.14 -33.72
CA MET D 72 0.69 35.40 -33.96
C MET D 72 1.90 36.28 -33.64
N TYR D 73 1.66 37.54 -33.26
CA TYR D 73 2.72 38.55 -32.97
C TYR D 73 2.69 38.97 -31.49
N ASN D 74 3.87 39.08 -30.89
CA ASN D 74 4.05 39.71 -29.56
C ASN D 74 5.49 40.22 -29.43
N VAL D 75 5.77 40.86 -28.28
CA VAL D 75 7.12 41.29 -27.82
C VAL D 75 7.36 40.56 -26.49
N VAL D 76 8.49 39.87 -26.36
CA VAL D 76 8.75 39.00 -25.19
C VAL D 76 10.21 39.17 -24.79
N LYS D 77 10.54 38.76 -23.58
CA LYS D 77 11.92 38.72 -23.05
C LYS D 77 12.62 37.49 -23.61
N GLN D 78 13.85 37.67 -24.06
CA GLN D 78 14.79 36.61 -24.52
C GLN D 78 16.19 36.96 -24.04
N ASP D 79 16.78 36.11 -23.20
CA ASP D 79 18.11 36.36 -22.59
C ASP D 79 18.09 37.77 -22.00
N GLY D 80 16.97 38.14 -21.36
CA GLY D 80 16.81 39.39 -20.59
C GLY D 80 16.71 40.64 -21.46
N ARG D 81 16.31 40.53 -22.73
CA ARG D 81 16.04 41.66 -23.67
C ARG D 81 14.67 41.49 -24.32
N ASP D 82 13.98 42.58 -24.63
CA ASP D 82 12.74 42.55 -25.44
C ASP D 82 13.09 42.27 -26.89
N VAL D 83 12.40 41.29 -27.47
CA VAL D 83 12.53 40.90 -28.90
C VAL D 83 11.13 40.88 -29.49
N HIS D 84 11.01 41.10 -30.80
CA HIS D 84 9.76 40.81 -31.53
C HIS D 84 9.64 39.29 -31.59
N VAL D 85 8.43 38.76 -31.56
CA VAL D 85 8.23 37.32 -31.80
C VAL D 85 6.99 37.14 -32.69
N VAL D 86 7.13 36.29 -33.70
CA VAL D 86 6.00 35.73 -34.48
C VAL D 86 6.06 34.20 -34.37
N ILE D 87 4.91 33.64 -34.01
CA ILE D 87 4.69 32.19 -33.84
C ILE D 87 3.69 31.80 -34.91
N LYS D 88 4.22 31.19 -35.98
CA LYS D 88 3.56 30.94 -37.30
C LYS D 88 3.48 29.44 -37.57
N PRO D 89 2.34 28.94 -38.11
CA PRO D 89 2.25 27.55 -38.56
C PRO D 89 3.32 27.24 -39.62
N ASP D 90 3.98 26.08 -39.50
CA ASP D 90 4.94 25.52 -40.49
C ASP D 90 4.15 24.90 -41.65
N HIS D 91 4.27 25.48 -42.85
CA HIS D 91 3.66 24.99 -44.11
C HIS D 91 4.20 23.60 -44.43
N GLU D 92 5.45 23.31 -44.04
CA GLU D 92 6.21 22.06 -44.35
C GLU D 92 6.01 20.97 -43.28
N CYS D 93 5.17 21.19 -42.27
CA CYS D 93 4.84 20.16 -41.26
C CYS D 93 3.72 19.27 -41.82
N VAL D 94 3.96 17.95 -41.83
CA VAL D 94 3.05 16.94 -42.48
C VAL D 94 1.74 16.87 -41.70
N VAL D 95 1.75 17.31 -40.44
CA VAL D 95 0.59 17.23 -39.52
C VAL D 95 -0.48 18.23 -39.97
N ASN D 96 -0.11 19.51 -40.07
CA ASN D 96 -1.04 20.65 -40.23
C ASN D 96 -0.94 21.25 -41.64
N SER D 97 0.21 21.07 -42.32
CA SER D 97 0.53 21.68 -43.64
C SER D 97 0.29 23.19 -43.59
N GLY D 98 0.79 23.84 -42.53
CA GLY D 98 0.67 25.28 -42.28
C GLY D 98 -0.71 25.71 -41.80
N LEU D 99 -1.64 24.80 -41.50
CA LEU D 99 -2.87 25.18 -40.78
C LEU D 99 -2.50 25.52 -39.32
N GLY D 100 -3.12 26.56 -38.74
CA GLY D 100 -3.17 26.80 -37.28
C GLY D 100 -4.61 26.95 -36.83
N SER D 101 -5.02 26.29 -35.75
CA SER D 101 -6.38 26.41 -35.17
C SER D 101 -6.57 27.77 -34.48
N VAL D 102 -7.79 28.08 -34.08
CA VAL D 102 -8.15 29.32 -33.34
C VAL D 102 -7.32 29.40 -32.05
N ARG D 103 -6.89 28.24 -31.52
CA ARG D 103 -6.10 28.10 -30.27
C ARG D 103 -4.61 28.31 -30.56
N GLY D 104 -3.97 27.48 -31.38
CA GLY D 104 -2.50 27.54 -31.62
C GLY D 104 -2.08 28.86 -32.25
N ALA D 105 -2.95 29.47 -33.05
CA ALA D 105 -2.66 30.75 -33.75
C ALA D 105 -2.56 31.91 -32.75
N ARG D 106 -2.96 31.72 -31.48
CA ARG D 106 -2.85 32.78 -30.45
C ARG D 106 -1.80 32.41 -29.39
N MET D 107 -0.85 31.53 -29.72
CA MET D 107 0.26 31.22 -28.79
C MET D 107 0.96 32.55 -28.45
N ALA D 108 1.20 33.40 -29.44
CA ALA D 108 2.02 34.63 -29.26
C ALA D 108 1.26 35.61 -28.35
N GLU D 109 -0.02 35.84 -28.58
CA GLU D 109 -0.74 36.89 -27.81
C GLU D 109 -1.19 36.34 -26.44
N THR D 110 -1.12 35.02 -26.22
CA THR D 110 -1.34 34.39 -24.89
C THR D 110 0.03 34.16 -24.22
N SER D 111 1.12 34.64 -24.82
CA SER D 111 2.44 34.75 -24.14
C SER D 111 2.45 35.95 -23.17
N PHE D 112 3.38 35.93 -22.21
CA PHE D 112 3.62 37.03 -21.25
C PHE D 112 4.42 38.15 -21.91
N SER D 113 3.84 39.36 -21.95
CA SER D 113 4.54 40.58 -22.41
C SER D 113 4.33 41.75 -21.46
N GLU D 114 5.42 42.27 -20.90
CA GLU D 114 5.42 43.56 -20.15
C GLU D 114 5.16 44.71 -21.13
N ALA D 115 5.85 44.70 -22.28
CA ALA D 115 5.80 45.72 -23.36
C ALA D 115 4.40 45.83 -24.00
N ARG D 116 3.67 44.74 -24.20
CA ARG D 116 2.35 44.80 -24.88
C ARG D 116 1.22 44.42 -23.93
N ASN D 117 1.56 44.13 -22.67
CA ASN D 117 0.63 43.96 -21.52
C ASN D 117 -0.25 42.71 -21.71
N THR D 118 0.35 41.62 -22.21
CA THR D 118 -0.36 40.32 -22.38
C THR D 118 -0.08 39.41 -21.18
N GLN D 119 -1.15 38.85 -20.62
CA GLN D 119 -1.10 37.77 -19.61
C GLN D 119 -0.31 38.25 -18.39
N GLN D 120 -0.67 39.42 -17.87
CA GLN D 120 -0.11 40.02 -16.63
C GLN D 120 -0.59 39.20 -15.40
N GLN D 121 -1.62 38.33 -15.56
CA GLN D 121 -2.03 37.35 -14.53
C GLN D 121 -0.89 36.36 -14.25
N ARG D 122 0.05 36.16 -15.17
CA ARG D 122 1.09 35.11 -15.03
C ARG D 122 1.84 35.30 -13.71
N LEU D 123 2.06 34.20 -13.00
CA LEU D 123 2.76 34.17 -11.68
C LEU D 123 4.23 34.50 -11.93
N THR D 124 4.80 35.38 -11.12
CA THR D 124 6.20 35.83 -11.24
C THR D 124 6.99 35.40 -10.01
N ASP D 125 6.31 35.26 -8.86
CA ASP D 125 6.96 35.03 -7.54
C ASP D 125 6.27 33.93 -6.75
N PRO D 126 7.01 33.19 -5.91
CA PRO D 126 6.40 32.41 -4.84
C PRO D 126 5.52 33.29 -3.94
N LEU D 127 4.33 32.78 -3.61
CA LEU D 127 3.38 33.42 -2.68
C LEU D 127 3.20 32.51 -1.47
N VAL D 128 3.17 33.08 -0.26
CA VAL D 128 2.83 32.32 0.97
C VAL D 128 1.69 33.04 1.69
N TRP D 129 0.73 32.30 2.23
CA TRP D 129 -0.33 32.84 3.11
C TRP D 129 0.29 33.24 4.46
N ARG D 130 0.42 34.53 4.73
CA ARG D 130 0.88 35.06 6.03
C ARG D 130 0.43 36.52 6.17
N TYR D 131 0.32 36.97 7.40
CA TYR D 131 -0.08 38.37 7.72
C TYR D 131 -1.52 38.62 7.23
N GLY D 132 -2.30 37.58 6.94
CA GLY D 132 -3.76 37.66 6.66
C GLY D 132 -4.11 37.71 5.18
N GLN D 133 -3.13 37.49 4.30
CA GLN D 133 -3.37 37.38 2.83
C GLN D 133 -2.17 36.70 2.16
N MET D 134 -2.23 36.49 0.85
CA MET D 134 -1.11 35.93 0.07
C MET D 134 -0.02 37.01 -0.04
N GLN D 135 1.22 36.62 0.15
CA GLN D 135 2.36 37.57 0.17
C GLN D 135 3.50 36.98 -0.66
N PRO D 136 4.13 37.79 -1.54
CA PRO D 136 5.24 37.29 -2.33
C PRO D 136 6.41 37.01 -1.41
N THR D 137 7.19 35.99 -1.73
CA THR D 137 8.40 35.68 -0.94
C THR D 137 9.46 35.15 -1.89
N SER D 138 10.57 34.70 -1.33
CA SER D 138 11.69 34.04 -2.05
C SER D 138 11.39 32.56 -2.26
N TRP D 139 12.06 31.97 -3.23
CA TRP D 139 12.02 30.52 -3.49
C TRP D 139 12.49 29.77 -2.24
N ASP D 140 13.64 30.17 -1.71
CA ASP D 140 14.29 29.53 -0.54
C ASP D 140 13.26 29.46 0.59
N ASP D 141 12.62 30.59 0.91
CA ASP D 141 11.61 30.69 1.99
C ASP D 141 10.45 29.74 1.66
N ALA D 142 9.83 29.87 0.48
CA ALA D 142 8.62 29.10 0.10
C ALA D 142 8.90 27.59 0.16
N LEU D 143 9.99 27.15 -0.46
CA LEU D 143 10.39 25.71 -0.55
C LEU D 143 10.65 25.17 0.87
N ASP D 144 11.35 25.95 1.70
CA ASP D 144 11.63 25.58 3.10
C ASP D 144 10.28 25.33 3.82
N LEU D 145 9.32 26.25 3.71
CA LEU D 145 8.01 26.04 4.38
C LEU D 145 7.36 24.75 3.86
N VAL D 146 7.32 24.55 2.54
CA VAL D 146 6.60 23.41 1.89
C VAL D 146 7.21 22.10 2.40
N ALA D 147 8.53 22.03 2.40
CA ALA D 147 9.30 20.85 2.79
C ALA D 147 9.14 20.58 4.29
N ARG D 148 9.20 21.61 5.14
CA ARG D 148 9.11 21.42 6.62
C ARG D 148 7.72 20.85 6.96
N VAL D 149 6.65 21.38 6.37
CA VAL D 149 5.28 20.84 6.61
C VAL D 149 5.16 19.45 5.97
N THR D 150 5.67 19.25 4.77
CA THR D 150 5.57 17.92 4.09
C THR D 150 6.38 16.88 4.90
N ALA D 151 7.64 17.15 5.25
CA ALA D 151 8.54 16.19 5.93
C ALA D 151 7.95 15.81 7.29
N LYS D 152 7.52 16.79 8.07
CA LYS D 152 6.90 16.55 9.40
C LYS D 152 5.69 15.61 9.25
N ILE D 153 4.80 15.87 8.30
CA ILE D 153 3.49 15.15 8.20
C ILE D 153 3.72 13.70 7.74
N VAL D 154 4.63 13.46 6.81
CA VAL D 154 4.90 12.10 6.28
C VAL D 154 5.72 11.34 7.33
N LYS D 155 6.67 12.00 7.99
CA LYS D 155 7.41 11.41 9.15
C LYS D 155 6.41 11.00 10.24
N GLU D 156 5.41 11.83 10.54
CA GLU D 156 4.49 11.60 11.68
C GLU D 156 3.33 10.68 11.28
N LYS D 157 2.80 10.74 10.06
CA LYS D 157 1.57 10.00 9.67
C LYS D 157 1.79 9.07 8.47
N GLY D 158 2.99 9.03 7.89
CA GLY D 158 3.32 8.22 6.69
C GLY D 158 3.11 8.98 5.39
N GLU D 159 3.67 8.48 4.29
CA GLU D 159 3.52 9.07 2.93
C GLU D 159 2.04 9.11 2.51
N ASP D 160 1.19 8.23 3.07
CA ASP D 160 -0.27 8.15 2.73
C ASP D 160 -0.96 9.48 3.08
N ALA D 161 -0.36 10.29 3.96
CA ALA D 161 -0.88 11.60 4.41
C ALA D 161 -0.58 12.68 3.37
N LEU D 162 0.39 12.44 2.48
CA LEU D 162 0.67 13.36 1.36
C LEU D 162 -0.28 13.04 0.21
N ILE D 163 -1.10 14.00 -0.20
CA ILE D 163 -2.02 13.84 -1.35
C ILE D 163 -1.40 14.57 -2.53
N VAL D 164 -1.45 14.00 -3.74
CA VAL D 164 -0.90 14.71 -4.94
C VAL D 164 -1.95 14.74 -6.03
N SER D 165 -2.17 15.90 -6.62
CA SER D 165 -2.88 16.06 -7.91
C SER D 165 -1.85 16.56 -8.93
N ALA D 166 -1.69 15.90 -10.06
CA ALA D 166 -0.69 16.33 -11.06
C ALA D 166 -1.10 15.93 -12.47
N PHE D 167 -0.77 16.80 -13.41
CA PHE D 167 -0.71 16.51 -14.85
C PHE D 167 -0.01 15.17 -15.08
N ASP D 168 -0.46 14.42 -16.08
CA ASP D 168 0.28 13.26 -16.64
C ASP D 168 0.42 13.43 -18.16
N HIS D 169 0.09 14.61 -18.70
CA HIS D 169 -0.06 14.84 -20.15
C HIS D 169 1.21 15.48 -20.72
N GLY D 170 1.23 15.64 -22.05
CA GLY D 170 2.32 16.30 -22.80
C GLY D 170 2.01 17.76 -23.06
N GLY D 171 2.82 18.39 -23.91
CA GLY D 171 2.71 19.82 -24.26
C GLY D 171 2.87 20.70 -23.04
N ALA D 172 2.37 21.94 -23.14
CA ALA D 172 2.50 22.95 -22.07
C ALA D 172 1.77 22.50 -20.82
N GLY D 173 2.43 22.58 -19.67
CA GLY D 173 1.87 22.03 -18.42
C GLY D 173 2.04 20.53 -18.35
N GLY D 174 2.89 19.98 -19.20
CA GLY D 174 3.23 18.56 -19.16
C GLY D 174 4.55 18.30 -19.84
N GLY D 175 4.66 17.13 -20.47
CA GLY D 175 5.84 16.78 -21.28
C GLY D 175 6.80 15.90 -20.53
N TYR D 176 7.73 15.33 -21.29
CA TYR D 176 8.60 14.23 -20.84
C TYR D 176 9.47 14.72 -19.68
N GLU D 177 9.90 15.98 -19.74
CA GLU D 177 10.82 16.53 -18.72
C GLU D 177 10.01 16.66 -17.42
N ASN D 178 8.79 17.18 -17.50
CA ASN D 178 7.96 17.54 -16.33
C ASN D 178 7.26 16.31 -15.75
N THR D 179 6.84 15.33 -16.56
CA THR D 179 6.24 14.09 -16.01
C THR D 179 7.34 13.33 -15.27
N TRP D 180 8.57 13.33 -15.79
CA TRP D 180 9.73 12.64 -15.18
C TRP D 180 10.07 13.28 -13.84
N GLY D 181 10.14 14.61 -13.77
CA GLY D 181 10.54 15.32 -12.55
C GLY D 181 9.55 15.09 -11.40
N THR D 182 8.25 15.25 -11.68
CA THR D 182 7.17 14.97 -10.70
C THR D 182 7.11 13.46 -10.39
N GLY D 183 7.16 12.61 -11.41
CA GLY D 183 7.18 11.14 -11.24
C GLY D 183 8.33 10.69 -10.36
N LYS D 184 9.53 11.24 -10.56
CA LYS D 184 10.71 10.80 -9.79
C LYS D 184 10.55 11.22 -8.31
N LEU D 185 10.10 12.43 -8.03
CA LEU D 185 9.88 12.91 -6.65
C LEU D 185 8.86 12.00 -5.92
N TYR D 186 7.72 11.69 -6.53
CA TYR D 186 6.60 11.04 -5.79
C TYR D 186 6.64 9.50 -5.92
N PHE D 187 7.38 8.92 -6.87
CA PHE D 187 7.39 7.46 -7.14
C PHE D 187 8.77 6.83 -6.98
N GLU D 188 9.85 7.60 -7.09
CA GLU D 188 11.23 7.10 -6.87
C GLU D 188 11.69 7.45 -5.46
N ALA D 189 11.78 8.75 -5.15
CA ALA D 189 12.15 9.30 -3.82
C ALA D 189 11.12 8.87 -2.77
N MET D 190 9.85 8.78 -3.17
CA MET D 190 8.74 8.40 -2.27
C MET D 190 7.92 7.30 -2.97
N LYS D 191 6.91 6.78 -2.27
CA LYS D 191 5.91 5.83 -2.82
C LYS D 191 4.52 6.41 -2.54
N VAL D 192 4.22 7.55 -3.16
CA VAL D 192 2.89 8.24 -3.02
C VAL D 192 1.83 7.35 -3.68
N LYS D 193 0.91 6.85 -2.87
CA LYS D 193 -0.31 6.07 -3.25
C LYS D 193 -1.42 7.05 -3.67
N ASN D 194 -1.62 8.08 -2.85
CA ASN D 194 -2.82 8.97 -2.89
C ASN D 194 -2.53 10.14 -3.84
N ILE D 195 -2.33 9.78 -5.10
CA ILE D 195 -2.01 10.68 -6.23
C ILE D 195 -3.14 10.49 -7.24
N ARG D 196 -3.69 11.60 -7.73
CA ARG D 196 -4.62 11.60 -8.88
C ARG D 196 -4.00 12.40 -10.03
N ILE D 197 -4.64 12.29 -11.18
CA ILE D 197 -4.17 12.86 -12.47
C ILE D 197 -5.05 14.09 -12.73
N HIS D 198 -4.70 14.96 -13.69
CA HIS D 198 -5.37 16.25 -13.96
C HIS D 198 -6.84 16.06 -14.31
N ASN D 199 -7.23 14.98 -14.97
CA ASN D 199 -8.61 14.83 -15.52
C ASN D 199 -9.40 13.69 -14.87
N ARG D 200 -8.83 12.97 -13.89
CA ARG D 200 -9.51 11.81 -13.26
C ARG D 200 -8.98 11.61 -11.84
N PRO D 201 -9.88 11.24 -10.90
CA PRO D 201 -9.58 11.33 -9.48
C PRO D 201 -8.83 10.15 -8.85
N ALA D 202 -8.17 9.32 -9.67
CA ALA D 202 -7.28 8.24 -9.21
C ALA D 202 -6.13 8.09 -10.21
N TYR D 203 -5.10 7.31 -9.87
CA TYR D 203 -3.94 7.06 -10.76
C TYR D 203 -4.21 5.80 -11.59
N ASN D 204 -4.94 5.99 -12.69
CA ASN D 204 -5.51 4.95 -13.56
C ASN D 204 -5.21 5.34 -15.03
N SER D 205 -5.46 4.42 -15.96
CA SER D 205 -5.43 4.69 -17.41
C SER D 205 -6.85 5.09 -17.79
N GLU D 206 -6.99 6.03 -18.72
CA GLU D 206 -8.29 6.34 -19.38
C GLU D 206 -8.84 5.07 -20.05
N VAL D 207 -7.95 4.16 -20.48
CA VAL D 207 -8.29 3.08 -21.46
C VAL D 207 -7.62 1.76 -21.05
N HIS D 208 -7.78 1.32 -19.81
CA HIS D 208 -7.35 -0.04 -19.37
C HIS D 208 -7.88 -1.10 -20.35
N GLY D 209 -9.11 -0.91 -20.84
CA GLY D 209 -9.80 -1.85 -21.75
C GLY D 209 -8.94 -2.21 -22.93
N THR D 210 -8.59 -1.24 -23.78
CA THR D 210 -7.82 -1.52 -25.02
C THR D 210 -6.46 -2.09 -24.62
N ARG D 211 -5.89 -1.60 -23.53
CA ARG D 211 -4.51 -1.93 -23.10
C ARG D 211 -4.44 -3.37 -22.59
N ASP D 212 -5.44 -3.80 -21.82
CA ASP D 212 -5.56 -5.19 -21.30
C ASP D 212 -5.67 -6.13 -22.50
N MET D 213 -6.29 -5.68 -23.59
CA MET D 213 -6.48 -6.48 -24.82
C MET D 213 -5.18 -6.54 -25.63
N GLY D 214 -4.17 -5.77 -25.26
CA GLY D 214 -2.86 -5.77 -25.96
C GLY D 214 -2.79 -4.75 -27.08
N VAL D 215 -3.74 -3.80 -27.13
CA VAL D 215 -3.78 -2.75 -28.17
C VAL D 215 -3.55 -1.38 -27.51
N GLY D 216 -2.30 -0.92 -27.52
CA GLY D 216 -1.98 0.48 -27.15
C GLY D 216 -2.84 1.43 -27.97
N GLU D 217 -3.40 2.47 -27.33
CA GLU D 217 -4.50 3.32 -27.89
C GLU D 217 -4.03 4.28 -29.01
N LEU D 218 -2.72 4.44 -29.22
CA LEU D 218 -2.18 5.28 -30.32
C LEU D 218 -1.33 4.41 -31.25
N ASN D 219 -2.00 3.59 -32.07
CA ASN D 219 -1.38 2.45 -32.78
C ASN D 219 -1.28 2.74 -34.30
N ASN D 220 -1.80 3.87 -34.80
CA ASN D 220 -1.84 4.15 -36.26
C ASN D 220 -1.06 5.43 -36.58
N CYS D 221 -1.15 5.92 -37.81
CA CYS D 221 -0.68 7.28 -38.19
C CYS D 221 -1.85 8.09 -38.77
N TYR D 222 -1.62 9.40 -38.96
CA TYR D 222 -2.64 10.39 -39.39
C TYR D 222 -2.99 10.16 -40.88
N GLU D 223 -2.03 9.59 -41.62
CA GLU D 223 -2.23 9.19 -43.03
C GLU D 223 -3.41 8.21 -43.14
N ASP D 224 -3.57 7.30 -42.17
CA ASP D 224 -4.63 6.25 -42.22
C ASP D 224 -6.01 6.89 -42.30
N ALA D 225 -6.17 8.10 -41.77
CA ALA D 225 -7.45 8.85 -41.83
C ALA D 225 -7.69 9.25 -43.30
N GLU D 226 -6.60 9.50 -44.04
CA GLU D 226 -6.63 9.82 -45.50
C GLU D 226 -6.94 8.52 -46.27
N LEU D 227 -6.54 7.34 -45.76
CA LEU D 227 -6.52 6.08 -46.56
C LEU D 227 -7.69 5.16 -46.19
N ALA D 228 -8.48 5.47 -45.17
CA ALA D 228 -9.57 4.56 -44.73
C ALA D 228 -10.68 4.53 -45.80
N ASP D 229 -11.39 3.41 -45.92
CA ASP D 229 -12.66 3.31 -46.67
C ASP D 229 -13.74 3.97 -45.83
N THR D 230 -13.87 3.58 -44.57
CA THR D 230 -14.81 4.21 -43.59
C THR D 230 -14.03 4.74 -42.38
N ILE D 231 -14.40 5.93 -41.88
CA ILE D 231 -13.98 6.43 -40.55
C ILE D 231 -15.15 6.22 -39.60
N VAL D 232 -14.90 5.57 -38.46
CA VAL D 232 -15.89 5.47 -37.34
C VAL D 232 -15.35 6.36 -36.20
N ALA D 233 -15.95 7.54 -36.05
CA ALA D 233 -15.65 8.55 -35.00
C ALA D 233 -16.68 8.40 -33.86
N VAL D 234 -16.22 7.97 -32.67
CA VAL D 234 -17.08 7.72 -31.48
C VAL D 234 -16.75 8.75 -30.39
N GLY D 235 -17.77 9.47 -29.92
CA GLY D 235 -17.66 10.53 -28.90
C GLY D 235 -16.44 11.41 -29.10
N THR D 236 -16.23 11.85 -30.34
CA THR D 236 -15.26 12.89 -30.76
C THR D 236 -16.03 14.00 -31.48
N ASN D 237 -15.64 15.25 -31.26
CA ASN D 237 -16.10 16.46 -31.99
C ASN D 237 -14.89 17.05 -32.73
N ALA D 238 -14.22 16.24 -33.55
CA ALA D 238 -12.83 16.42 -34.03
C ALA D 238 -12.60 17.81 -34.67
N LEU D 239 -13.63 18.41 -35.26
CA LEU D 239 -13.47 19.72 -35.96
C LEU D 239 -13.18 20.82 -34.92
N GLU D 240 -13.88 20.79 -33.78
CA GLU D 240 -13.62 21.63 -32.58
C GLU D 240 -12.43 21.10 -31.76
N THR D 241 -12.25 19.78 -31.62
CA THR D 241 -11.43 19.21 -30.51
C THR D 241 -10.13 18.54 -30.99
N GLN D 242 -10.01 18.23 -32.28
CA GLN D 242 -8.78 17.66 -32.91
C GLN D 242 -8.67 18.32 -34.30
N THR D 243 -8.77 19.64 -34.32
CA THR D 243 -9.17 20.47 -35.49
C THR D 243 -8.34 20.13 -36.74
N ASN D 244 -7.02 20.27 -36.70
CA ASN D 244 -6.18 20.18 -37.93
C ASN D 244 -5.86 18.72 -38.28
N TYR D 245 -6.23 17.74 -37.45
CA TYR D 245 -6.17 16.31 -37.82
C TYR D 245 -7.36 16.06 -38.77
N PHE D 246 -8.53 16.50 -38.33
CA PHE D 246 -9.79 16.52 -39.12
C PHE D 246 -9.55 17.25 -40.46
N LEU D 247 -9.09 18.51 -40.42
CA LEU D 247 -9.00 19.39 -41.61
C LEU D 247 -7.91 18.92 -42.57
N ASN D 248 -6.76 18.44 -42.08
CA ASN D 248 -5.59 18.17 -42.96
C ASN D 248 -5.54 16.69 -43.38
N HIS D 249 -6.39 15.82 -42.82
CA HIS D 249 -6.27 14.35 -43.04
C HIS D 249 -7.62 13.67 -43.24
N TRP D 250 -8.65 13.99 -42.46
CA TRP D 250 -9.99 13.39 -42.65
C TRP D 250 -10.64 13.97 -43.92
N ILE D 251 -10.68 15.32 -44.02
CA ILE D 251 -11.37 16.06 -45.12
C ILE D 251 -10.88 15.53 -46.47
N PRO D 252 -9.55 15.47 -46.74
CA PRO D 252 -9.08 14.98 -48.03
C PRO D 252 -9.70 13.61 -48.36
N ASN D 253 -9.78 12.69 -47.39
CA ASN D 253 -10.39 11.36 -47.59
C ASN D 253 -11.86 11.55 -48.02
N LEU D 254 -12.66 12.36 -47.32
CA LEU D 254 -14.13 12.42 -47.51
C LEU D 254 -14.49 13.07 -48.86
N ARG D 255 -13.55 13.85 -49.41
CA ARG D 255 -13.67 14.72 -50.61
C ARG D 255 -13.10 14.01 -51.83
N GLY D 256 -12.44 12.88 -51.64
CA GLY D 256 -11.80 12.08 -52.71
C GLY D 256 -10.38 12.54 -53.00
N GLU D 257 -9.90 13.65 -52.44
CA GLU D 257 -8.53 14.18 -52.72
C GLU D 257 -7.52 13.04 -52.53
N SER D 258 -7.83 12.13 -51.61
CA SER D 258 -7.03 10.97 -51.13
C SER D 258 -6.94 9.84 -52.18
N LEU D 259 -7.89 9.75 -53.12
CA LEU D 259 -8.07 8.61 -54.06
C LEU D 259 -6.76 8.28 -54.79
N GLY D 260 -6.02 9.29 -55.26
CA GLY D 260 -4.75 9.10 -55.98
C GLY D 260 -3.71 8.36 -55.15
N LYS D 261 -3.56 8.77 -53.87
CA LYS D 261 -2.58 8.20 -52.90
C LYS D 261 -3.00 6.77 -52.53
N LYS D 262 -4.30 6.55 -52.32
CA LYS D 262 -4.89 5.21 -52.07
C LYS D 262 -4.43 4.25 -53.17
N LYS D 263 -4.78 4.56 -54.43
CA LYS D 263 -4.49 3.72 -55.62
C LYS D 263 -2.99 3.46 -55.72
N GLU D 264 -2.15 4.46 -55.42
CA GLU D 264 -0.68 4.30 -55.51
C GLU D 264 -0.20 3.32 -54.44
N LEU D 265 -0.81 3.35 -53.25
CA LEU D 265 -0.31 2.62 -52.05
C LEU D 265 -1.05 1.29 -51.90
N MET D 266 -2.27 1.19 -52.41
CA MET D 266 -3.06 -0.07 -52.37
CA MET D 266 -3.08 -0.07 -52.36
C MET D 266 -3.75 -0.28 -53.72
N PRO D 267 -2.99 -0.63 -54.78
CA PRO D 267 -3.60 -1.15 -56.01
C PRO D 267 -4.15 -2.50 -55.53
N GLU D 268 -4.71 -3.32 -56.42
CA GLU D 268 -5.14 -4.71 -56.06
C GLU D 268 -6.39 -4.66 -55.17
N GLU D 269 -7.07 -3.51 -55.11
CA GLU D 269 -8.43 -3.41 -54.49
C GLU D 269 -9.10 -2.11 -54.92
N PRO D 270 -10.45 -2.05 -54.86
CA PRO D 270 -11.20 -0.82 -55.11
C PRO D 270 -11.16 0.23 -53.98
N HIS D 271 -11.31 1.49 -54.37
CA HIS D 271 -11.27 2.70 -53.51
C HIS D 271 -12.31 3.70 -53.99
N GLU D 272 -13.37 3.95 -53.21
CA GLU D 272 -14.23 5.15 -53.43
C GLU D 272 -13.78 6.22 -52.43
N ALA D 273 -14.35 7.43 -52.46
CA ALA D 273 -14.05 8.47 -51.45
C ALA D 273 -14.48 7.93 -50.07
N GLY D 274 -13.78 8.35 -49.02
CA GLY D 274 -14.06 7.92 -47.64
C GLY D 274 -15.49 8.26 -47.24
N ARG D 275 -16.15 7.36 -46.51
CA ARG D 275 -17.41 7.63 -45.76
C ARG D 275 -17.10 7.72 -44.25
N ILE D 276 -18.06 8.18 -43.45
CA ILE D 276 -17.86 8.44 -42.00
C ILE D 276 -19.15 8.13 -41.22
N ILE D 277 -19.01 7.28 -40.19
CA ILE D 277 -20.02 7.12 -39.11
C ILE D 277 -19.56 7.98 -37.91
N ILE D 278 -20.48 8.76 -37.37
CA ILE D 278 -20.29 9.64 -36.19
C ILE D 278 -21.26 9.19 -35.12
N VAL D 279 -20.72 8.55 -34.08
CA VAL D 279 -21.49 8.10 -32.90
C VAL D 279 -21.35 9.21 -31.84
N ASP D 280 -22.44 9.94 -31.65
CA ASP D 280 -22.56 11.16 -30.81
C ASP D 280 -24.06 11.46 -30.65
N PRO D 281 -24.60 11.48 -29.41
CA PRO D 281 -26.01 11.83 -29.21
C PRO D 281 -26.38 13.23 -29.74
N ARG D 282 -25.37 14.10 -29.96
CA ARG D 282 -25.56 15.53 -30.32
C ARG D 282 -25.08 15.74 -31.76
N ARG D 283 -25.82 16.53 -32.55
CA ARG D 283 -25.38 16.96 -33.89
C ARG D 283 -24.37 18.09 -33.72
N THR D 284 -23.12 17.84 -34.10
CA THR D 284 -22.01 18.81 -33.89
C THR D 284 -21.75 19.57 -35.19
N VAL D 285 -20.88 20.56 -35.15
CA VAL D 285 -20.29 21.22 -36.34
C VAL D 285 -19.42 20.21 -37.10
N THR D 286 -18.97 19.14 -36.44
CA THR D 286 -18.23 18.01 -37.10
C THR D 286 -19.18 17.25 -38.05
N VAL D 287 -20.41 16.96 -37.63
CA VAL D 287 -21.43 16.26 -38.47
C VAL D 287 -21.69 17.11 -39.72
N ASN D 288 -21.97 18.42 -39.50
CA ASN D 288 -22.18 19.44 -40.56
C ASN D 288 -21.01 19.45 -41.55
N ALA D 289 -19.78 19.63 -41.07
CA ALA D 289 -18.60 19.76 -41.96
C ALA D 289 -18.47 18.53 -42.86
N CYS D 290 -18.78 17.34 -42.32
CA CYS D 290 -18.67 16.04 -43.02
C CYS D 290 -19.71 15.96 -44.14
N GLU D 291 -21.00 16.18 -43.82
CA GLU D 291 -22.12 16.31 -44.80
C GLU D 291 -21.70 17.25 -45.93
N GLN D 292 -21.16 18.40 -45.60
CA GLN D 292 -20.90 19.52 -46.55
C GLN D 292 -19.70 19.20 -47.47
N THR D 293 -18.84 18.23 -47.15
CA THR D 293 -17.61 17.93 -47.95
C THR D 293 -17.71 16.58 -48.66
N ALA D 294 -18.59 15.68 -48.21
CA ALA D 294 -18.77 14.32 -48.77
C ALA D 294 -20.25 14.05 -49.10
N GLY D 295 -21.17 14.96 -48.78
CA GLY D 295 -22.62 14.83 -49.02
C GLY D 295 -23.26 13.94 -48.00
N ALA D 296 -24.53 14.18 -47.65
CA ALA D 296 -25.29 13.45 -46.62
C ALA D 296 -25.24 11.94 -46.88
N ASP D 297 -25.21 11.52 -48.16
CA ASP D 297 -25.16 10.10 -48.61
C ASP D 297 -24.04 9.33 -47.89
N ASN D 298 -22.89 9.99 -47.70
CA ASN D 298 -21.60 9.40 -47.25
C ASN D 298 -21.33 9.64 -45.76
N VAL D 299 -22.34 10.05 -45.01
CA VAL D 299 -22.21 10.41 -43.56
C VAL D 299 -23.37 9.74 -42.83
N LEU D 300 -23.07 8.89 -41.83
CA LEU D 300 -24.09 8.24 -40.99
C LEU D 300 -23.95 8.75 -39.55
N HIS D 301 -24.61 9.85 -39.23
CA HIS D 301 -24.68 10.37 -37.84
C HIS D 301 -25.65 9.50 -37.05
N LEU D 302 -25.10 8.57 -36.24
CA LEU D 302 -25.86 7.74 -35.27
C LEU D 302 -26.03 8.54 -33.98
N ALA D 303 -27.15 9.24 -33.89
CA ALA D 303 -27.56 10.05 -32.73
C ALA D 303 -28.09 9.12 -31.64
N ILE D 304 -27.21 8.28 -31.09
CA ILE D 304 -27.55 7.30 -30.00
C ILE D 304 -28.14 8.05 -28.80
N ASN D 305 -28.90 7.38 -27.95
CA ASN D 305 -29.19 7.91 -26.58
C ASN D 305 -27.86 8.02 -25.81
N SER D 306 -27.78 8.97 -24.87
CA SER D 306 -26.63 9.19 -23.97
C SER D 306 -26.20 7.87 -23.31
N GLY D 307 -24.96 7.44 -23.56
CA GLY D 307 -24.30 6.36 -22.80
C GLY D 307 -24.74 4.97 -23.23
N THR D 308 -25.15 4.78 -24.49
CA THR D 308 -25.63 3.47 -25.03
C THR D 308 -24.68 2.95 -26.12
N ASP D 309 -23.51 3.56 -26.30
CA ASP D 309 -22.50 3.15 -27.30
C ASP D 309 -22.24 1.63 -27.25
N LEU D 310 -22.21 1.06 -26.04
CA LEU D 310 -21.83 -0.36 -25.83
C LEU D 310 -22.88 -1.25 -26.49
N ALA D 311 -24.17 -0.96 -26.30
CA ALA D 311 -25.28 -1.65 -27.02
C ALA D 311 -25.04 -1.55 -28.53
N LEU D 312 -24.82 -0.35 -29.07
CA LEU D 312 -24.59 -0.19 -30.53
C LEU D 312 -23.45 -1.10 -30.98
N PHE D 313 -22.34 -1.11 -30.24
CA PHE D 313 -21.10 -1.79 -30.72
C PHE D 313 -21.28 -3.31 -30.65
N ASN D 314 -21.97 -3.80 -29.64
CA ASN D 314 -22.20 -5.25 -29.43
C ASN D 314 -23.07 -5.75 -30.59
N ALA D 315 -24.06 -4.97 -31.00
CA ALA D 315 -24.95 -5.30 -32.15
C ALA D 315 -24.15 -5.28 -33.46
N LEU D 316 -23.31 -4.28 -33.69
CA LEU D 316 -22.44 -4.24 -34.90
C LEU D 316 -21.54 -5.48 -34.92
N PHE D 317 -20.94 -5.82 -33.77
CA PHE D 317 -20.01 -6.96 -33.57
C PHE D 317 -20.76 -8.26 -33.90
N THR D 318 -21.95 -8.42 -33.34
CA THR D 318 -22.83 -9.59 -33.54
C THR D 318 -23.11 -9.75 -35.03
N TYR D 319 -23.53 -8.67 -35.70
CA TYR D 319 -24.01 -8.68 -37.10
C TYR D 319 -22.85 -9.00 -38.04
N ILE D 320 -21.76 -8.29 -37.85
CA ILE D 320 -20.49 -8.50 -38.61
C ILE D 320 -20.01 -9.96 -38.44
N ALA D 321 -20.07 -10.52 -37.23
CA ALA D 321 -19.59 -11.90 -36.93
C ALA D 321 -20.45 -12.92 -37.69
N ASP D 322 -21.77 -12.80 -37.51
CA ASP D 322 -22.82 -13.67 -38.11
C ASP D 322 -22.72 -13.66 -39.64
N LYS D 323 -22.21 -12.60 -40.27
CA LYS D 323 -22.07 -12.50 -41.76
C LYS D 323 -20.71 -13.01 -42.21
N GLY D 324 -19.78 -13.25 -41.29
CA GLY D 324 -18.39 -13.61 -41.61
C GLY D 324 -17.65 -12.46 -42.29
N TRP D 325 -18.03 -11.21 -41.99
CA TRP D 325 -17.36 -9.99 -42.53
C TRP D 325 -16.12 -9.67 -41.65
N VAL D 326 -15.26 -10.67 -41.48
CA VAL D 326 -14.14 -10.66 -40.49
C VAL D 326 -12.88 -11.15 -41.20
N ASP D 327 -11.70 -10.69 -40.74
CA ASP D 327 -10.38 -11.11 -41.23
C ASP D 327 -10.00 -12.41 -40.51
N ARG D 328 -10.39 -13.55 -41.07
CA ARG D 328 -10.25 -14.90 -40.48
C ARG D 328 -8.80 -15.18 -40.14
N ASP D 329 -7.88 -14.85 -41.05
CA ASP D 329 -6.42 -15.11 -40.91
C ASP D 329 -5.87 -14.26 -39.75
N PHE D 330 -6.28 -13.00 -39.66
CA PHE D 330 -5.87 -12.09 -38.55
C PHE D 330 -6.32 -12.72 -37.22
N ILE D 331 -7.60 -13.07 -37.10
CA ILE D 331 -8.15 -13.68 -35.85
C ILE D 331 -7.33 -14.92 -35.48
N ASP D 332 -7.07 -15.82 -36.43
N ASP D 332 -7.08 -15.83 -36.44
CA ASP D 332 -6.41 -17.13 -36.17
CA ASP D 332 -6.38 -17.13 -36.24
C ASP D 332 -4.92 -16.91 -35.82
C ASP D 332 -4.93 -16.87 -35.79
N LYS D 333 -4.25 -15.91 -36.41
CA LYS D 333 -2.77 -15.75 -36.30
C LYS D 333 -2.38 -14.84 -35.12
N SER D 334 -3.22 -13.86 -34.77
CA SER D 334 -2.83 -12.68 -33.97
C SER D 334 -3.71 -12.45 -32.75
N THR D 335 -4.78 -13.25 -32.53
CA THR D 335 -5.70 -13.15 -31.36
C THR D 335 -5.69 -14.47 -30.57
N LEU D 336 -6.14 -14.41 -29.30
CA LEU D 336 -6.16 -15.54 -28.34
C LEU D 336 -7.21 -16.57 -28.76
N ARG D 337 -6.80 -17.80 -29.01
CA ARG D 337 -7.69 -18.89 -29.55
C ARG D 337 -8.22 -19.76 -28.40
N GLU D 338 -7.53 -19.76 -27.26
CA GLU D 338 -7.84 -20.59 -26.06
C GLU D 338 -9.13 -20.07 -25.42
N GLY D 339 -10.14 -20.93 -25.28
CA GLY D 339 -11.34 -20.68 -24.46
C GLY D 339 -10.96 -20.43 -23.01
N THR D 340 -11.72 -19.60 -22.31
CA THR D 340 -11.51 -19.25 -20.88
C THR D 340 -12.89 -19.03 -20.24
N ALA D 341 -13.07 -19.43 -18.99
CA ALA D 341 -14.37 -19.46 -18.29
C ALA D 341 -14.74 -18.03 -17.85
N ARG D 342 -16.01 -17.65 -18.09
CA ARG D 342 -16.62 -16.41 -17.57
C ARG D 342 -16.37 -16.32 -16.06
N PRO D 343 -16.20 -15.10 -15.48
CA PRO D 343 -16.17 -14.94 -14.03
C PRO D 343 -17.51 -15.32 -13.38
N PRO D 344 -17.52 -15.71 -12.08
CA PRO D 344 -18.75 -16.11 -11.41
C PRO D 344 -19.85 -15.01 -11.45
N LEU D 345 -19.46 -13.75 -11.31
CA LEU D 345 -20.41 -12.62 -11.15
C LEU D 345 -20.85 -12.07 -12.52
N TYR D 346 -20.36 -12.67 -13.62
CA TYR D 346 -20.71 -12.26 -15.00
C TYR D 346 -22.16 -12.66 -15.30
N PRO D 347 -22.94 -11.88 -16.10
CA PRO D 347 -22.44 -10.68 -16.77
C PRO D 347 -22.60 -9.34 -16.02
N ALA D 348 -23.18 -9.34 -14.81
CA ALA D 348 -23.50 -8.09 -14.05
C ALA D 348 -22.20 -7.38 -13.67
N ARG D 349 -21.24 -8.11 -13.10
CA ARG D 349 -19.91 -7.61 -12.60
C ARG D 349 -18.79 -8.46 -13.18
N GLY D 350 -17.59 -7.89 -13.30
CA GLY D 350 -16.38 -8.61 -13.69
C GLY D 350 -15.87 -9.51 -12.58
N VAL D 351 -14.75 -10.18 -12.80
CA VAL D 351 -14.09 -11.05 -11.78
C VAL D 351 -13.74 -10.18 -10.55
N SER D 352 -13.46 -8.89 -10.74
CA SER D 352 -13.22 -7.93 -9.64
C SER D 352 -13.43 -6.48 -10.11
N GLU D 353 -13.39 -5.54 -9.16
CA GLU D 353 -13.35 -4.09 -9.44
C GLU D 353 -12.20 -3.82 -10.42
N ALA D 354 -11.10 -4.54 -10.26
CA ALA D 354 -9.85 -4.43 -11.05
C ALA D 354 -10.08 -4.80 -12.52
N ASN D 355 -10.97 -5.77 -12.80
CA ASN D 355 -11.15 -6.41 -14.14
C ASN D 355 -12.65 -6.51 -14.43
N PRO D 356 -13.29 -5.42 -14.90
CA PRO D 356 -14.75 -5.37 -15.03
C PRO D 356 -15.25 -6.08 -16.28
N GLY D 357 -14.34 -6.43 -17.18
CA GLY D 357 -14.61 -7.12 -18.46
C GLY D 357 -13.84 -8.41 -18.56
N HIS D 358 -14.37 -9.38 -19.31
CA HIS D 358 -13.78 -10.73 -19.45
C HIS D 358 -13.05 -10.83 -20.80
N LEU D 359 -11.73 -11.02 -20.79
CA LEU D 359 -10.90 -11.18 -22.01
C LEU D 359 -11.01 -12.63 -22.50
N SER D 360 -11.11 -12.81 -23.81
CA SER D 360 -11.42 -14.12 -24.43
C SER D 360 -11.07 -14.15 -25.91
N SER D 361 -11.40 -15.27 -26.56
CA SER D 361 -11.32 -15.52 -28.01
C SER D 361 -12.40 -14.72 -28.73
N PHE D 362 -12.23 -14.51 -30.04
CA PHE D 362 -13.27 -14.01 -30.98
C PHE D 362 -14.64 -14.62 -30.66
N GLU D 363 -14.72 -15.96 -30.59
CA GLU D 363 -16.00 -16.73 -30.57
C GLU D 363 -16.67 -16.57 -29.20
N ASP D 364 -15.90 -16.61 -28.11
CA ASP D 364 -16.41 -16.43 -26.73
C ASP D 364 -16.95 -15.00 -26.57
N ALA D 365 -16.21 -14.02 -27.08
CA ALA D 365 -16.58 -12.58 -27.05
C ALA D 365 -17.90 -12.39 -27.81
N VAL D 366 -18.00 -12.90 -29.05
CA VAL D 366 -19.23 -12.73 -29.88
C VAL D 366 -20.44 -13.24 -29.06
N GLU D 367 -20.35 -14.43 -28.48
CA GLU D 367 -21.47 -15.07 -27.75
C GLU D 367 -21.76 -14.28 -26.47
N GLY D 368 -20.71 -13.75 -25.85
CA GLY D 368 -20.83 -12.91 -24.66
C GLY D 368 -21.52 -11.59 -24.98
N CYS D 369 -20.99 -10.88 -25.98
CA CYS D 369 -21.48 -9.55 -26.44
C CYS D 369 -22.85 -9.66 -27.11
N ARG D 370 -23.32 -10.88 -27.40
CA ARG D 370 -24.41 -11.15 -28.40
C ARG D 370 -25.62 -10.25 -28.13
N MET D 371 -25.93 -9.38 -29.11
CA MET D 371 -27.11 -8.47 -29.07
C MET D 371 -27.75 -8.42 -30.45
N SER D 372 -29.09 -8.50 -30.49
CA SER D 372 -29.92 -8.41 -31.71
C SER D 372 -29.97 -6.94 -32.18
N ILE D 373 -30.09 -6.72 -33.48
CA ILE D 373 -30.41 -5.40 -34.09
C ILE D 373 -31.65 -4.80 -33.42
N GLU D 374 -32.67 -5.61 -33.13
CA GLU D 374 -33.96 -5.13 -32.55
CA GLU D 374 -33.96 -5.12 -32.56
C GLU D 374 -33.67 -4.49 -31.18
N GLU D 375 -32.85 -5.15 -30.36
CA GLU D 375 -32.62 -4.76 -28.95
C GLU D 375 -31.79 -3.47 -28.89
N ALA D 376 -30.69 -3.39 -29.63
CA ALA D 376 -29.83 -2.18 -29.72
C ALA D 376 -30.68 -0.99 -30.15
N ALA D 377 -31.59 -1.20 -31.10
CA ALA D 377 -32.58 -0.19 -31.57
C ALA D 377 -33.42 0.31 -30.38
N GLU D 378 -33.96 -0.60 -29.56
CA GLU D 378 -34.66 -0.26 -28.30
C GLU D 378 -33.77 0.64 -27.41
N ILE D 379 -32.51 0.24 -27.17
CA ILE D 379 -31.62 0.85 -26.15
C ILE D 379 -31.06 2.17 -26.68
N THR D 380 -30.53 2.14 -27.91
CA THR D 380 -29.87 3.29 -28.58
C THR D 380 -30.92 4.30 -29.04
N GLY D 381 -32.17 3.84 -29.25
CA GLY D 381 -33.22 4.62 -29.94
C GLY D 381 -32.88 4.89 -31.39
N LEU D 382 -31.86 4.24 -31.96
CA LEU D 382 -31.61 4.24 -33.43
C LEU D 382 -32.67 3.36 -34.11
N ASP D 383 -32.85 3.53 -35.42
CA ASP D 383 -33.64 2.61 -36.27
C ASP D 383 -32.76 1.44 -36.74
N ALA D 384 -33.32 0.23 -36.72
CA ALA D 384 -32.68 -1.01 -37.21
C ALA D 384 -31.85 -0.73 -38.48
N ALA D 385 -32.41 -0.02 -39.47
CA ALA D 385 -31.78 0.23 -40.79
C ALA D 385 -30.53 1.10 -40.65
N GLN D 386 -30.44 1.94 -39.61
CA GLN D 386 -29.21 2.73 -39.31
C GLN D 386 -28.12 1.78 -38.83
N ILE D 387 -28.44 0.93 -37.86
CA ILE D 387 -27.45 -0.04 -37.28
C ILE D 387 -26.98 -1.00 -38.38
N ILE D 388 -27.89 -1.56 -39.19
CA ILE D 388 -27.56 -2.53 -40.26
C ILE D 388 -26.61 -1.84 -41.27
N LYS D 389 -26.92 -0.61 -41.67
CA LYS D 389 -26.12 0.18 -42.65
C LYS D 389 -24.73 0.49 -42.07
N ALA D 390 -24.67 0.79 -40.78
CA ALA D 390 -23.40 1.03 -40.04
C ALA D 390 -22.55 -0.24 -40.11
N ALA D 391 -23.16 -1.40 -39.86
CA ALA D 391 -22.53 -2.73 -40.02
C ALA D 391 -21.94 -2.89 -41.43
N GLU D 392 -22.73 -2.57 -42.46
CA GLU D 392 -22.33 -2.71 -43.88
C GLU D 392 -21.15 -1.77 -44.18
N TRP D 393 -21.17 -0.55 -43.63
CA TRP D 393 -20.13 0.49 -43.89
C TRP D 393 -18.81 0.10 -43.22
N ILE D 394 -18.87 -0.69 -42.16
CA ILE D 394 -17.68 -1.22 -41.42
C ILE D 394 -17.26 -2.57 -42.02
N GLY D 395 -18.22 -3.49 -42.21
CA GLY D 395 -17.95 -4.93 -42.39
C GLY D 395 -17.96 -5.38 -43.85
N MET D 396 -19.03 -5.04 -44.58
CA MET D 396 -19.30 -5.66 -45.91
C MET D 396 -18.08 -5.52 -46.80
N PRO D 397 -17.60 -6.61 -47.44
CA PRO D 397 -16.45 -6.52 -48.35
C PRO D 397 -16.66 -5.59 -49.57
N LYS D 398 -15.53 -5.11 -50.14
CA LYS D 398 -15.49 -4.34 -51.41
C LYS D 398 -15.52 -5.34 -52.57
N GLU D 399 -15.54 -4.87 -53.82
CA GLU D 399 -15.96 -5.66 -55.01
C GLU D 399 -15.24 -7.01 -55.08
N GLY D 400 -13.91 -7.05 -55.26
CA GLY D 400 -13.17 -8.30 -55.48
C GLY D 400 -13.09 -9.21 -54.25
N GLY D 401 -14.10 -9.18 -53.37
CA GLY D 401 -14.06 -9.80 -52.03
C GLY D 401 -12.98 -9.22 -51.11
N LYS D 402 -12.55 -7.97 -51.34
CA LYS D 402 -11.44 -7.34 -50.57
C LYS D 402 -11.96 -6.71 -49.26
N ARG D 403 -11.09 -6.75 -48.24
CA ARG D 403 -11.33 -6.27 -46.84
C ARG D 403 -11.60 -4.77 -46.86
N ARG D 404 -12.68 -4.31 -46.23
CA ARG D 404 -12.98 -2.86 -46.09
C ARG D 404 -12.07 -2.29 -44.99
N ARG D 405 -11.37 -1.21 -45.29
CA ARG D 405 -10.41 -0.54 -44.39
C ARG D 405 -11.15 0.50 -43.55
N VAL D 406 -11.09 0.37 -42.22
CA VAL D 406 -11.87 1.19 -41.26
C VAL D 406 -10.92 1.69 -40.18
N MET D 407 -10.75 3.01 -40.10
CA MET D 407 -10.11 3.66 -38.95
C MET D 407 -11.19 3.95 -37.93
N PHE D 408 -11.05 3.36 -36.75
CA PHE D 408 -11.94 3.58 -35.57
C PHE D 408 -11.28 4.59 -34.63
N GLY D 409 -11.92 5.76 -34.47
CA GLY D 409 -11.46 6.85 -33.59
C GLY D 409 -12.45 7.10 -32.47
N TYR D 410 -11.96 7.25 -31.24
CA TYR D 410 -12.82 7.62 -30.09
C TYR D 410 -12.09 8.64 -29.20
N GLU D 411 -12.88 9.36 -28.41
CA GLU D 411 -12.39 10.26 -27.34
C GLU D 411 -13.42 10.27 -26.20
N LYS D 412 -13.76 11.43 -25.65
CA LYS D 412 -14.29 11.48 -24.26
C LYS D 412 -15.80 11.21 -24.24
N GLY D 413 -16.51 11.27 -25.35
CA GLY D 413 -17.87 10.70 -25.41
C GLY D 413 -17.90 9.22 -25.00
N LEU D 414 -16.86 8.46 -25.35
CA LEU D 414 -16.68 7.04 -24.92
C LEU D 414 -16.01 7.05 -23.54
N ILE D 415 -14.84 7.68 -23.42
CA ILE D 415 -13.94 7.54 -22.24
C ILE D 415 -14.63 8.09 -20.99
N TRP D 416 -15.28 9.24 -21.09
CA TRP D 416 -16.07 9.81 -19.96
C TRP D 416 -17.51 9.29 -20.07
N GLY D 417 -17.74 8.32 -20.96
CA GLY D 417 -19.06 7.75 -21.24
C GLY D 417 -19.36 6.52 -20.40
N ASN D 418 -20.54 5.96 -20.59
CA ASN D 418 -21.05 4.83 -19.77
C ASN D 418 -20.14 3.60 -19.93
N ASP D 419 -19.81 2.95 -18.81
CA ASP D 419 -19.13 1.63 -18.76
C ASP D 419 -17.84 1.69 -19.61
N ASN D 420 -16.94 2.64 -19.28
CA ASN D 420 -15.64 2.91 -19.96
C ASN D 420 -14.95 1.59 -20.37
N TYR D 421 -14.81 0.63 -19.45
CA TYR D 421 -13.98 -0.57 -19.68
C TYR D 421 -14.60 -1.43 -20.79
N ARG D 422 -15.92 -1.66 -20.72
CA ARG D 422 -16.68 -2.52 -21.67
C ARG D 422 -16.86 -1.80 -23.01
N THR D 423 -17.32 -0.55 -23.01
CA THR D 423 -17.49 0.23 -24.26
C THR D 423 -16.16 0.25 -25.02
N ASN D 424 -15.06 0.57 -24.36
CA ASN D 424 -13.70 0.62 -24.95
C ASN D 424 -13.43 -0.74 -25.61
N GLY D 425 -13.71 -1.84 -24.88
CA GLY D 425 -13.56 -3.24 -25.33
C GLY D 425 -14.41 -3.56 -26.55
N ALA D 426 -15.70 -3.23 -26.50
CA ALA D 426 -16.67 -3.50 -27.57
C ALA D 426 -16.21 -2.83 -28.87
N LEU D 427 -15.58 -1.66 -28.78
CA LEU D 427 -15.12 -0.94 -30.00
C LEU D 427 -13.88 -1.63 -30.55
N VAL D 428 -12.99 -2.11 -29.68
CA VAL D 428 -11.73 -2.79 -30.08
C VAL D 428 -12.11 -4.11 -30.75
N ASN D 429 -13.17 -4.78 -30.27
CA ASN D 429 -13.68 -6.05 -30.82
C ASN D 429 -13.89 -5.85 -32.33
N LEU D 430 -14.52 -4.74 -32.71
CA LEU D 430 -14.88 -4.44 -34.12
C LEU D 430 -13.61 -4.26 -34.93
N ALA D 431 -12.63 -3.53 -34.43
CA ALA D 431 -11.39 -3.28 -35.19
C ALA D 431 -10.58 -4.57 -35.27
N LEU D 432 -10.56 -5.37 -34.19
CA LEU D 432 -9.85 -6.68 -34.15
C LEU D 432 -10.50 -7.61 -35.17
N ALA D 433 -11.82 -7.80 -35.07
CA ALA D 433 -12.58 -8.74 -35.91
C ALA D 433 -12.32 -8.45 -37.40
N THR D 434 -12.21 -7.17 -37.78
CA THR D 434 -12.06 -6.73 -39.19
C THR D 434 -10.59 -6.49 -39.56
N GLY D 435 -9.64 -6.94 -38.73
CA GLY D 435 -8.19 -6.85 -39.02
C GLY D 435 -7.76 -5.42 -39.33
N ASN D 436 -8.43 -4.44 -38.71
CA ASN D 436 -8.16 -2.98 -38.86
C ASN D 436 -7.28 -2.49 -37.71
N ILE D 437 -6.17 -3.16 -37.46
CA ILE D 437 -5.11 -2.69 -36.51
C ILE D 437 -3.78 -3.08 -37.13
N GLY D 438 -2.88 -2.13 -37.29
CA GLY D 438 -1.53 -2.37 -37.84
C GLY D 438 -1.52 -2.47 -39.35
N ARG D 439 -2.60 -2.09 -40.02
CA ARG D 439 -2.67 -2.03 -41.51
C ARG D 439 -2.92 -0.59 -41.95
N PRO D 440 -2.44 -0.20 -43.18
CA PRO D 440 -2.80 1.08 -43.77
C PRO D 440 -4.33 1.24 -43.82
N GLY D 441 -4.82 2.46 -43.57
CA GLY D 441 -6.26 2.78 -43.59
C GLY D 441 -6.99 2.28 -42.36
N GLY D 442 -6.26 1.83 -41.33
CA GLY D 442 -6.88 1.19 -40.14
C GLY D 442 -6.51 1.87 -38.84
N GLY D 443 -6.92 1.25 -37.72
CA GLY D 443 -6.57 1.68 -36.36
C GLY D 443 -7.79 1.71 -35.48
N VAL D 444 -7.63 1.42 -34.19
CA VAL D 444 -8.66 1.74 -33.17
C VAL D 444 -7.94 2.54 -32.09
N VAL D 445 -8.13 3.86 -32.17
CA VAL D 445 -7.27 4.86 -31.51
C VAL D 445 -8.13 5.83 -30.70
N ARG D 446 -7.58 6.30 -29.58
CA ARG D 446 -7.93 7.62 -29.03
C ARG D 446 -7.62 8.66 -30.10
N LEU D 447 -8.49 9.66 -30.27
CA LEU D 447 -8.16 10.85 -31.09
C LEU D 447 -7.45 11.90 -30.22
N GLY D 448 -7.56 11.76 -28.90
CA GLY D 448 -6.64 12.38 -27.92
C GLY D 448 -7.18 13.68 -27.32
N GLY D 449 -6.44 14.21 -26.34
CA GLY D 449 -6.74 15.47 -25.63
C GLY D 449 -5.55 16.40 -25.70
N HIS D 450 -4.68 16.34 -24.70
CA HIS D 450 -3.33 16.95 -24.75
C HIS D 450 -2.43 16.10 -25.65
N GLN D 451 -1.27 16.63 -26.01
CA GLN D 451 -0.18 15.77 -26.50
C GLN D 451 0.21 14.79 -25.39
N GLU D 452 0.99 13.78 -25.74
CA GLU D 452 1.50 12.78 -24.78
C GLU D 452 2.94 13.14 -24.47
N GLY D 453 3.36 13.01 -23.20
CA GLY D 453 4.74 13.21 -22.77
C GLY D 453 5.01 12.55 -21.44
N TYR D 454 4.67 11.26 -21.33
CA TYR D 454 4.68 10.51 -20.05
C TYR D 454 5.96 9.66 -19.96
N VAL D 455 6.75 9.93 -18.93
CA VAL D 455 7.81 9.00 -18.47
C VAL D 455 7.99 9.21 -16.97
N ARG D 456 7.75 8.15 -16.21
CA ARG D 456 7.76 8.13 -14.73
C ARG D 456 8.28 6.78 -14.28
N PRO D 457 8.85 6.68 -13.07
CA PRO D 457 9.14 5.40 -12.47
C PRO D 457 7.84 4.57 -12.34
N SER D 458 7.99 3.28 -12.03
CA SER D 458 6.86 2.35 -11.81
C SER D 458 5.84 3.00 -10.86
N ASP D 459 4.55 2.80 -11.14
CA ASP D 459 3.40 3.15 -10.27
C ASP D 459 2.77 1.90 -9.66
N ALA D 460 3.51 0.78 -9.57
CA ALA D 460 2.99 -0.51 -9.04
C ALA D 460 2.37 -0.33 -7.65
N HIS D 461 2.97 0.53 -6.82
CA HIS D 461 2.56 0.73 -5.40
C HIS D 461 1.14 1.30 -5.34
N VAL D 462 0.65 1.92 -6.42
CA VAL D 462 -0.59 2.74 -6.40
C VAL D 462 -1.81 1.81 -6.34
N GLY D 463 -1.71 0.63 -6.95
CA GLY D 463 -2.78 -0.39 -6.97
C GLY D 463 -3.75 -0.19 -8.11
N ARG D 464 -4.59 -1.20 -8.33
CA ARG D 464 -5.65 -1.19 -9.35
C ARG D 464 -6.83 -1.96 -8.78
N PRO D 465 -8.00 -1.36 -8.51
CA PRO D 465 -8.20 0.09 -8.64
C PRO D 465 -7.33 0.93 -7.70
N ALA D 466 -7.09 2.19 -8.03
CA ALA D 466 -6.26 3.12 -7.22
C ALA D 466 -7.19 3.94 -6.32
N ALA D 467 -6.62 4.70 -5.39
CA ALA D 467 -7.36 5.51 -4.41
C ALA D 467 -8.22 6.56 -5.13
N TYR D 468 -9.48 6.68 -4.74
CA TYR D 468 -10.41 7.75 -5.19
C TYR D 468 -10.07 9.00 -4.36
N VAL D 469 -9.09 9.76 -4.85
CA VAL D 469 -8.43 10.86 -4.09
C VAL D 469 -9.46 11.90 -3.64
N ASP D 470 -10.39 12.33 -4.53
CA ASP D 470 -11.41 13.37 -4.18
C ASP D 470 -12.24 12.91 -2.97
N GLN D 471 -12.58 11.63 -2.89
CA GLN D 471 -13.39 11.08 -1.77
C GLN D 471 -12.57 11.08 -0.47
N LEU D 472 -11.27 10.77 -0.55
CA LEU D 472 -10.36 10.91 0.61
C LEU D 472 -10.41 12.34 1.12
N LEU D 473 -10.32 13.34 0.22
CA LEU D 473 -10.27 14.78 0.59
C LEU D 473 -11.62 15.20 1.17
N ILE D 474 -12.71 14.86 0.51
CA ILE D 474 -14.08 15.21 0.99
C ILE D 474 -14.36 14.52 2.34
N GLY D 475 -13.80 13.33 2.57
CA GLY D 475 -13.99 12.55 3.81
C GLY D 475 -13.06 12.99 4.93
N GLY D 476 -12.24 14.02 4.72
CA GLY D 476 -11.44 14.63 5.79
C GLY D 476 -10.11 13.93 6.00
N GLN D 477 -9.62 13.19 5.01
CA GLN D 477 -8.34 12.43 5.11
C GLN D 477 -7.22 13.18 4.39
N GLY D 478 -5.96 12.80 4.63
CA GLY D 478 -4.77 13.50 4.12
C GLY D 478 -4.44 14.75 4.93
N GLY D 479 -3.17 15.15 4.94
CA GLY D 479 -2.68 16.33 5.66
C GLY D 479 -2.17 17.41 4.70
N VAL D 480 -1.38 17.03 3.71
CA VAL D 480 -0.70 17.95 2.76
C VAL D 480 -1.15 17.59 1.34
N HIS D 481 -1.43 18.58 0.50
CA HIS D 481 -1.86 18.41 -0.91
C HIS D 481 -0.89 19.20 -1.78
N HIS D 482 -0.20 18.53 -2.68
CA HIS D 482 0.60 19.18 -3.75
C HIS D 482 -0.22 19.10 -5.03
N ILE D 483 -0.51 20.26 -5.63
CA ILE D 483 -1.31 20.39 -6.87
C ILE D 483 -0.39 20.95 -7.95
N TRP D 484 -0.16 20.17 -9.00
CA TRP D 484 0.64 20.59 -10.18
C TRP D 484 -0.22 20.62 -11.44
N GLY D 485 -0.47 21.82 -11.97
CA GLY D 485 -0.97 22.06 -13.33
C GLY D 485 -2.35 21.48 -13.56
N CYS D 486 -3.24 21.58 -12.58
CA CYS D 486 -4.68 21.23 -12.74
C CYS D 486 -5.50 22.06 -11.77
N ASP D 487 -6.81 22.19 -12.00
CA ASP D 487 -7.69 23.08 -11.20
C ASP D 487 -9.02 22.38 -10.96
N HIS D 488 -9.06 21.51 -9.94
CA HIS D 488 -10.23 20.65 -9.62
C HIS D 488 -11.47 21.53 -9.44
N TYR D 489 -11.31 22.78 -8.99
CA TYR D 489 -12.42 23.72 -8.68
C TYR D 489 -13.28 23.90 -9.93
N LYS D 490 -12.66 23.82 -11.12
CA LYS D 490 -13.33 24.00 -12.43
C LYS D 490 -13.55 22.67 -13.18
N THR D 491 -12.78 21.62 -12.89
CA THR D 491 -12.68 20.47 -13.83
C THR D 491 -12.91 19.12 -13.15
N THR D 492 -12.90 19.00 -11.83
CA THR D 492 -13.21 17.67 -11.23
C THR D 492 -14.73 17.38 -11.28
N LEU D 493 -15.08 16.12 -10.95
CA LEU D 493 -16.47 15.65 -10.86
C LEU D 493 -16.93 15.95 -9.44
N ASN D 494 -18.24 16.10 -9.25
CA ASN D 494 -18.81 16.36 -7.90
C ASN D 494 -18.12 17.62 -7.34
N ALA D 495 -17.97 18.65 -8.18
CA ALA D 495 -17.06 19.78 -7.93
C ALA D 495 -17.64 20.68 -6.84
N HIS D 496 -18.97 20.72 -6.70
CA HIS D 496 -19.67 21.60 -5.74
C HIS D 496 -19.28 21.14 -4.33
N GLU D 497 -19.45 19.85 -4.07
CA GLU D 497 -19.12 19.25 -2.76
C GLU D 497 -17.61 19.35 -2.55
N PHE D 498 -16.82 19.12 -3.60
CA PHE D 498 -15.34 19.18 -3.48
C PHE D 498 -14.97 20.57 -2.92
N LYS D 499 -15.50 21.63 -3.52
CA LYS D 499 -15.25 23.04 -3.10
C LYS D 499 -15.78 23.31 -1.68
N ARG D 500 -17.01 22.91 -1.35
CA ARG D 500 -17.59 23.11 0.01
C ARG D 500 -16.52 22.67 1.03
N VAL D 501 -16.09 21.41 0.96
CA VAL D 501 -15.19 20.79 1.97
C VAL D 501 -13.76 21.32 1.81
N TYR D 502 -13.25 21.48 0.59
CA TYR D 502 -11.86 21.94 0.35
C TYR D 502 -11.67 23.30 1.02
N LYS D 503 -12.65 24.19 0.89
CA LYS D 503 -12.60 25.53 1.52
C LYS D 503 -12.56 25.41 3.05
N LYS D 504 -13.45 24.61 3.66
CA LYS D 504 -13.49 24.47 5.14
C LYS D 504 -12.13 23.99 5.64
N ARG D 505 -11.55 22.96 5.03
CA ARG D 505 -10.31 22.28 5.49
C ARG D 505 -9.08 23.20 5.33
N THR D 506 -8.95 23.91 4.21
CA THR D 506 -7.83 24.86 3.97
C THR D 506 -8.04 26.13 4.83
N ASP D 507 -9.29 26.48 5.10
CA ASP D 507 -9.62 27.63 5.98
C ASP D 507 -9.06 27.39 7.39
N MET D 508 -9.13 26.14 7.88
CA MET D 508 -8.65 25.78 9.24
C MET D 508 -7.15 26.04 9.34
N VAL D 509 -6.40 25.72 8.29
CA VAL D 509 -4.92 25.92 8.25
C VAL D 509 -4.62 27.41 8.08
N LYS D 510 -5.45 28.13 7.32
CA LYS D 510 -5.28 29.59 7.05
C LYS D 510 -5.41 30.36 8.36
N ASP D 511 -6.49 30.11 9.11
CA ASP D 511 -6.79 30.74 10.42
C ASP D 511 -5.60 30.50 11.36
N ALA D 512 -5.08 29.27 11.41
CA ALA D 512 -3.92 28.92 12.26
C ALA D 512 -2.69 29.77 11.83
N MET D 513 -2.43 29.88 10.55
CA MET D 513 -1.18 30.55 10.07
C MET D 513 -1.30 32.07 10.24
N SER D 514 -2.52 32.63 10.20
CA SER D 514 -2.79 34.08 10.39
C SER D 514 -2.55 34.47 11.86
N ALA D 515 -2.72 33.50 12.77
CA ALA D 515 -2.70 33.65 14.25
C ALA D 515 -1.32 33.33 14.84
N ALA D 516 -0.37 32.83 14.03
CA ALA D 516 0.93 32.32 14.52
C ALA D 516 2.07 33.19 13.98
N PRO D 517 3.25 33.19 14.66
CA PRO D 517 4.37 34.03 14.24
C PRO D 517 5.07 33.39 13.02
N TYR D 518 5.25 34.12 11.91
CA TYR D 518 5.89 33.56 10.69
C TYR D 518 7.42 33.60 10.83
N GLY D 519 7.99 34.73 11.26
CA GLY D 519 9.43 34.98 11.39
C GLY D 519 10.13 33.96 12.28
N ASP D 520 9.38 33.31 13.18
CA ASP D 520 9.78 32.06 13.88
C ASP D 520 9.15 30.85 13.16
N ARG D 521 9.90 30.21 12.26
CA ARG D 521 9.32 29.26 11.27
C ARG D 521 8.77 28.03 12.01
N GLU D 522 9.51 27.53 13.01
CA GLU D 522 9.15 26.27 13.71
C GLU D 522 7.75 26.41 14.35
N ALA D 523 7.40 27.58 14.85
CA ALA D 523 6.08 27.81 15.48
C ALA D 523 5.00 27.81 14.40
N MET D 524 5.30 28.42 13.25
CA MET D 524 4.41 28.43 12.05
C MET D 524 4.12 26.97 11.65
N VAL D 525 5.16 26.16 11.50
CA VAL D 525 5.06 24.72 11.13
C VAL D 525 4.16 24.00 12.14
N ASN D 526 4.32 24.22 13.44
CA ASN D 526 3.62 23.46 14.51
C ASN D 526 2.13 23.85 14.53
N ALA D 527 1.82 25.13 14.28
CA ALA D 527 0.44 25.65 14.17
C ALA D 527 -0.27 25.02 12.96
N ILE D 528 0.46 24.81 11.86
CA ILE D 528 -0.06 24.15 10.63
C ILE D 528 -0.40 22.70 10.97
N VAL D 529 0.55 21.96 11.54
CA VAL D 529 0.37 20.50 11.84
C VAL D 529 -0.75 20.32 12.87
N ASP D 530 -0.85 21.20 13.87
CA ASP D 530 -1.94 21.13 14.89
C ASP D 530 -3.30 21.31 14.19
N ALA D 531 -3.35 22.16 13.17
CA ALA D 531 -4.59 22.48 12.43
C ALA D 531 -4.97 21.30 11.51
N ILE D 532 -3.99 20.76 10.78
CA ILE D 532 -4.10 19.47 10.05
C ILE D 532 -4.67 18.40 10.99
N ASN D 533 -4.17 18.30 12.23
CA ASN D 533 -4.57 17.24 13.19
C ASN D 533 -6.02 17.43 13.64
N GLN D 534 -6.58 18.64 13.51
CA GLN D 534 -8.03 18.92 13.73
C GLN D 534 -8.86 18.66 12.48
N GLY D 535 -8.22 18.29 11.36
CA GLY D 535 -8.93 17.94 10.10
C GLY D 535 -8.71 18.97 9.01
N GLY D 536 -7.73 19.86 9.21
CA GLY D 536 -7.33 20.86 8.21
C GLY D 536 -6.57 20.21 7.05
N LEU D 537 -6.19 20.99 6.05
CA LEU D 537 -5.34 20.55 4.93
C LEU D 537 -4.41 21.71 4.55
N PHE D 538 -3.12 21.43 4.48
CA PHE D 538 -2.10 22.34 3.90
C PHE D 538 -2.01 22.00 2.40
N ALA D 539 -2.18 23.01 1.56
CA ALA D 539 -2.27 22.91 0.09
C ALA D 539 -1.15 23.72 -0.54
N VAL D 540 -0.42 23.12 -1.47
CA VAL D 540 0.62 23.81 -2.28
C VAL D 540 0.18 23.70 -3.74
N ASN D 541 0.18 24.81 -4.47
CA ASN D 541 -0.23 24.87 -5.89
C ASN D 541 0.99 25.22 -6.74
N VAL D 542 1.33 24.38 -7.72
CA VAL D 542 2.35 24.71 -8.75
C VAL D 542 1.62 25.01 -10.06
N ASP D 543 1.62 26.27 -10.51
CA ASP D 543 0.84 26.73 -11.69
C ASP D 543 1.55 27.89 -12.38
N ILE D 544 0.94 28.42 -13.44
CA ILE D 544 1.45 29.60 -14.20
C ILE D 544 0.57 30.83 -13.97
N ILE D 545 -0.63 30.67 -13.39
CA ILE D 545 -1.62 31.75 -13.13
C ILE D 545 -2.20 31.54 -11.73
N PRO D 546 -2.98 32.50 -11.17
CA PRO D 546 -3.68 32.31 -9.93
C PRO D 546 -4.91 31.46 -10.24
N THR D 547 -4.91 30.20 -9.80
CA THR D 547 -5.97 29.21 -10.10
C THR D 547 -7.17 29.45 -9.17
N LYS D 548 -8.28 28.76 -9.41
CA LYS D 548 -9.49 28.81 -8.54
C LYS D 548 -9.22 28.02 -7.27
N ILE D 549 -8.64 26.82 -7.38
CA ILE D 549 -8.22 26.02 -6.19
C ILE D 549 -7.09 26.74 -5.47
N GLY D 550 -6.29 27.54 -6.18
CA GLY D 550 -5.21 28.37 -5.62
C GLY D 550 -5.71 29.39 -4.60
N GLU D 551 -6.99 29.79 -4.67
CA GLU D 551 -7.64 30.68 -3.67
C GLU D 551 -7.83 29.97 -2.32
N ALA D 552 -7.62 28.66 -2.27
CA ALA D 552 -7.70 27.84 -1.04
C ALA D 552 -6.30 27.44 -0.58
N CYS D 553 -5.26 27.65 -1.38
CA CYS D 553 -3.88 27.16 -1.12
C CYS D 553 -3.07 28.14 -0.25
N HIS D 554 -2.07 27.60 0.46
CA HIS D 554 -1.22 28.28 1.47
C HIS D 554 0.13 28.65 0.84
N VAL D 555 0.53 27.93 -0.21
CA VAL D 555 1.77 28.23 -0.99
C VAL D 555 1.49 28.07 -2.48
N ILE D 556 1.88 29.07 -3.27
CA ILE D 556 1.84 29.06 -4.75
C ILE D 556 3.28 29.11 -5.22
N LEU D 557 3.70 28.19 -6.07
CA LEU D 557 5.04 28.21 -6.73
C LEU D 557 4.84 28.48 -8.22
N PRO D 558 5.52 29.48 -8.81
CA PRO D 558 5.33 29.86 -10.22
C PRO D 558 6.16 29.04 -11.22
N ALA D 559 5.45 28.38 -12.13
CA ALA D 559 6.03 27.49 -13.17
C ALA D 559 6.25 28.29 -14.47
N ALA D 560 7.26 27.88 -15.21
CA ALA D 560 7.53 28.27 -16.62
C ALA D 560 6.93 27.20 -17.53
N THR D 561 6.22 27.60 -18.57
CA THR D 561 5.53 26.68 -19.52
C THR D 561 6.33 26.59 -20.83
N SER D 562 5.89 25.75 -21.76
CA SER D 562 6.55 25.47 -23.06
C SER D 562 6.88 26.79 -23.77
N GLY D 563 8.10 26.91 -24.31
CA GLY D 563 8.56 28.13 -25.01
C GLY D 563 9.42 28.99 -24.10
N GLU D 564 9.10 29.01 -22.81
CA GLU D 564 9.95 29.62 -21.76
C GLU D 564 10.98 28.58 -21.34
N MET D 565 10.75 27.35 -21.78
CA MET D 565 11.61 26.15 -21.59
C MET D 565 11.59 25.31 -22.87
N ASN D 566 12.65 24.53 -23.08
CA ASN D 566 12.66 23.34 -23.97
C ASN D 566 11.64 22.34 -23.42
N LEU D 567 10.84 21.75 -24.30
CA LEU D 567 9.81 20.74 -23.97
C LEU D 567 9.70 19.72 -25.11
N THR D 568 9.70 18.43 -24.77
CA THR D 568 9.47 17.30 -25.69
C THR D 568 8.11 16.67 -25.35
N SER D 569 7.35 16.31 -26.39
CA SER D 569 6.07 15.57 -26.32
C SER D 569 5.82 14.93 -27.68
N MET D 570 4.82 14.04 -27.78
CA MET D 570 4.41 13.39 -29.06
C MET D 570 2.91 13.61 -29.26
N ASN D 571 2.43 13.56 -30.51
CA ASN D 571 1.02 13.83 -30.89
C ASN D 571 0.26 12.50 -30.91
N GLY D 572 -0.99 12.50 -31.41
CA GLY D 572 -1.86 11.29 -31.45
C GLY D 572 -1.41 10.30 -32.51
N GLU D 573 -0.25 10.57 -33.09
CA GLU D 573 0.46 9.78 -34.12
C GLU D 573 1.77 9.25 -33.52
N ARG D 574 2.04 9.58 -32.25
CA ARG D 574 3.34 9.30 -31.56
C ARG D 574 4.46 10.13 -32.19
N ARG D 575 4.14 11.26 -32.81
CA ARG D 575 5.16 12.12 -33.48
C ARG D 575 5.81 12.99 -32.42
N MET D 576 7.04 12.61 -32.00
CA MET D 576 7.85 13.32 -30.99
C MET D 576 8.57 14.51 -31.64
N ARG D 577 8.44 15.69 -31.03
CA ARG D 577 9.09 16.97 -31.42
C ARG D 577 9.70 17.64 -30.19
N LEU D 578 10.74 18.40 -30.40
CA LEU D 578 11.31 19.34 -29.40
C LEU D 578 10.70 20.70 -29.70
N THR D 579 10.00 21.29 -28.72
CA THR D 579 9.71 22.74 -28.67
C THR D 579 10.98 23.40 -28.11
N GLU D 580 11.59 24.28 -28.91
CA GLU D 580 12.88 24.96 -28.58
C GLU D 580 12.56 26.27 -27.87
N ARG D 581 13.12 26.49 -26.69
CA ARG D 581 12.91 27.75 -25.94
C ARG D 581 13.20 28.96 -26.84
N TYR D 582 12.25 29.91 -26.91
CA TYR D 582 12.35 31.18 -27.68
C TYR D 582 12.21 32.40 -26.78
N MET D 583 11.91 32.23 -25.48
CA MET D 583 11.61 33.37 -24.57
C MET D 583 11.98 33.03 -23.12
N ASP D 584 11.91 34.03 -22.24
CA ASP D 584 12.31 33.87 -20.81
C ASP D 584 11.09 33.51 -19.98
N PRO D 585 11.24 32.69 -18.92
CA PRO D 585 10.23 32.60 -17.87
C PRO D 585 9.86 33.98 -17.33
N PRO D 586 8.56 34.25 -17.07
CA PRO D 586 8.14 35.47 -16.37
C PRO D 586 8.72 35.53 -14.94
N GLY D 587 9.17 36.70 -14.51
CA GLY D 587 9.72 36.90 -13.15
C GLY D 587 10.66 35.78 -12.78
N GLN D 588 10.41 35.09 -11.67
CA GLN D 588 11.29 34.01 -11.16
C GLN D 588 10.68 32.63 -11.43
N SER D 589 9.73 32.51 -12.35
CA SER D 589 9.02 31.23 -12.57
C SER D 589 10.04 30.21 -13.07
N MET D 590 9.88 28.92 -12.76
CA MET D 590 10.84 27.88 -13.19
C MET D 590 10.10 26.65 -13.69
N PRO D 591 10.70 25.91 -14.65
CA PRO D 591 10.06 24.73 -15.21
C PRO D 591 9.62 23.78 -14.09
N ASP D 592 8.49 23.11 -14.25
CA ASP D 592 7.97 22.15 -13.24
C ASP D 592 9.05 21.14 -12.84
N CYS D 593 9.78 20.55 -13.81
CA CYS D 593 10.81 19.51 -13.51
C CYS D 593 11.87 20.07 -12.55
N LEU D 594 12.23 21.34 -12.69
CA LEU D 594 13.27 22.00 -11.86
C LEU D 594 12.67 22.41 -10.50
N ILE D 595 11.38 22.75 -10.45
CA ILE D 595 10.65 22.92 -9.16
C ILE D 595 10.68 21.59 -8.40
N ALA D 596 10.38 20.46 -9.05
CA ALA D 596 10.40 19.13 -8.41
C ALA D 596 11.81 18.86 -7.87
N ALA D 597 12.84 19.14 -8.66
CA ALA D 597 14.24 18.89 -8.25
C ALA D 597 14.59 19.78 -7.05
N ARG D 598 14.17 21.05 -7.06
CA ARG D 598 14.43 22.02 -5.97
C ARG D 598 13.72 21.60 -4.68
N LEU D 599 12.46 21.16 -4.77
CA LEU D 599 11.68 20.64 -3.63
C LEU D 599 12.37 19.39 -3.10
N ALA D 600 12.88 18.54 -4.00
CA ALA D 600 13.63 17.32 -3.64
C ALA D 600 14.87 17.70 -2.84
N ASN D 601 15.60 18.72 -3.31
CA ASN D 601 16.86 19.16 -2.65
C ASN D 601 16.54 19.70 -1.25
N THR D 602 15.40 20.38 -1.13
CA THR D 602 14.94 20.98 0.15
C THR D 602 14.48 19.85 1.08
N MET D 603 13.74 18.87 0.55
CA MET D 603 13.35 17.67 1.34
C MET D 603 14.63 17.02 1.90
N GLU D 604 15.68 16.90 1.10
CA GLU D 604 16.95 16.25 1.54
C GLU D 604 17.49 17.03 2.73
N ARG D 605 17.62 18.36 2.63
CA ARG D 605 18.18 19.24 3.69
C ARG D 605 17.34 19.17 4.97
N VAL D 606 16.02 19.35 4.87
CA VAL D 606 15.08 19.39 6.03
C VAL D 606 15.13 18.04 6.78
N LEU D 607 15.15 16.93 6.04
CA LEU D 607 15.17 15.55 6.62
C LEU D 607 16.51 15.28 7.31
N THR D 608 17.62 15.77 6.74
CA THR D 608 18.96 15.68 7.36
C THR D 608 18.94 16.43 8.71
N GLU D 609 18.36 17.65 8.74
CA GLU D 609 18.29 18.50 9.95
C GLU D 609 17.40 17.86 11.03
N MET D 610 16.32 17.19 10.64
CA MET D 610 15.41 16.47 11.57
C MET D 610 16.10 15.19 12.06
N GLY D 611 17.23 14.81 11.46
CA GLY D 611 18.08 13.68 11.91
C GLY D 611 17.65 12.34 11.35
N ASP D 612 17.18 12.31 10.10
CA ASP D 612 16.77 11.09 9.35
C ASP D 612 17.52 11.09 8.03
N VAL D 613 18.78 10.69 8.05
CA VAL D 613 19.69 10.78 6.88
C VAL D 613 19.27 9.72 5.85
N GLY D 614 18.69 8.61 6.30
CA GLY D 614 18.27 7.46 5.47
C GLY D 614 17.13 7.86 4.57
N TYR D 615 16.08 8.44 5.13
CA TYR D 615 14.95 9.02 4.33
C TYR D 615 15.49 10.16 3.45
N ALA D 616 16.36 11.01 3.98
CA ALA D 616 16.91 12.17 3.23
C ALA D 616 17.62 11.71 1.94
N ALA D 617 18.30 10.55 1.99
CA ALA D 617 19.14 10.02 0.87
C ALA D 617 18.25 9.59 -0.31
N GLN D 618 16.99 9.24 -0.05
CA GLN D 618 16.01 8.87 -1.10
C GLN D 618 15.75 10.07 -2.02
N PHE D 619 16.03 11.31 -1.59
CA PHE D 619 15.73 12.56 -2.33
C PHE D 619 16.95 13.06 -3.10
N LYS D 620 17.98 12.23 -3.24
CA LYS D 620 19.13 12.49 -4.14
C LYS D 620 18.72 12.20 -5.59
N GLY D 621 19.59 12.59 -6.53
CA GLY D 621 19.42 12.35 -7.98
C GLY D 621 18.71 13.50 -8.67
N PHE D 622 18.67 14.66 -8.01
CA PHE D 622 17.90 15.85 -8.45
C PHE D 622 18.81 17.07 -8.57
N ASP D 623 19.98 16.92 -9.19
CA ASP D 623 20.99 18.00 -9.37
C ASP D 623 20.78 18.70 -10.72
N TRP D 624 19.62 18.55 -11.34
CA TRP D 624 19.31 19.14 -12.68
C TRP D 624 19.45 20.67 -12.58
N GLN D 625 20.04 21.32 -13.58
CA GLN D 625 20.18 22.79 -13.66
C GLN D 625 19.39 23.31 -14.87
N THR D 626 18.92 22.42 -15.72
CA THR D 626 18.13 22.79 -16.92
C THR D 626 17.22 21.61 -17.27
N GLU D 627 16.11 21.90 -17.95
CA GLU D 627 15.09 20.91 -18.37
C GLU D 627 15.77 19.77 -19.16
N GLU D 628 16.81 20.04 -19.95
CA GLU D 628 17.55 18.99 -20.70
C GLU D 628 18.06 17.92 -19.72
N ASP D 629 18.49 18.29 -18.52
CA ASP D 629 18.98 17.31 -17.53
C ASP D 629 17.88 16.31 -17.20
N ALA D 630 16.62 16.77 -17.19
CA ALA D 630 15.43 15.97 -16.83
C ALA D 630 15.09 15.04 -18.00
N PHE D 631 15.25 15.53 -19.22
CA PHE D 631 15.06 14.75 -20.46
C PHE D 631 16.03 13.57 -20.47
N MET D 632 17.30 13.83 -20.18
CA MET D 632 18.39 12.82 -20.25
C MET D 632 18.23 11.81 -19.11
N ASP D 633 17.92 12.24 -17.88
CA ASP D 633 17.67 11.30 -16.76
C ASP D 633 16.39 10.49 -17.00
N GLY D 634 15.37 11.06 -17.65
CA GLY D 634 14.03 10.47 -17.80
C GLY D 634 13.86 9.76 -19.13
N TYR D 635 13.42 10.46 -20.17
CA TYR D 635 13.14 9.88 -21.50
C TYR D 635 14.36 9.09 -21.99
N ASN D 636 15.53 9.72 -22.05
CA ASN D 636 16.75 9.10 -22.64
C ASN D 636 17.03 7.74 -21.97
N LYS D 637 16.97 7.65 -20.64
CA LYS D 637 17.32 6.42 -19.87
C LYS D 637 16.16 5.43 -19.79
N ASN D 638 14.91 5.84 -19.95
CA ASN D 638 13.75 5.00 -19.53
C ASN D 638 12.72 4.76 -20.63
N ALA D 639 12.54 5.67 -21.60
CA ALA D 639 11.58 5.51 -22.71
C ALA D 639 12.05 4.37 -23.63
N HIS D 640 11.09 3.66 -24.23
CA HIS D 640 11.36 2.63 -25.28
C HIS D 640 12.04 3.35 -26.45
N GLY D 641 13.31 3.02 -26.73
CA GLY D 641 14.10 3.65 -27.82
C GLY D 641 14.65 5.02 -27.43
N GLY D 642 14.61 5.37 -26.14
CA GLY D 642 15.11 6.65 -25.60
C GLY D 642 16.57 6.90 -25.93
N GLU D 643 17.40 5.86 -26.01
CA GLU D 643 18.88 5.99 -26.17
C GLU D 643 19.21 6.62 -27.52
N PHE D 644 18.25 6.70 -28.43
CA PHE D 644 18.44 7.25 -29.79
C PHE D 644 18.09 8.74 -29.83
N VAL D 645 17.49 9.28 -28.76
CA VAL D 645 16.86 10.64 -28.77
C VAL D 645 17.64 11.57 -27.82
N THR D 646 18.14 12.68 -28.38
CA THR D 646 18.73 13.84 -27.67
C THR D 646 18.10 15.12 -28.23
N TYR D 647 18.22 16.23 -27.51
CA TYR D 647 17.76 17.58 -27.96
C TYR D 647 18.36 17.87 -29.33
N GLU D 648 19.67 17.65 -29.50
CA GLU D 648 20.41 18.04 -30.72
C GLU D 648 19.83 17.30 -31.93
N ARG D 649 19.71 15.97 -31.81
CA ARG D 649 19.12 15.11 -32.86
C ARG D 649 17.67 15.53 -33.09
N LEU D 650 16.88 15.76 -32.05
CA LEU D 650 15.45 16.15 -32.21
C LEU D 650 15.36 17.49 -32.95
N SER D 651 16.28 18.40 -32.67
CA SER D 651 16.30 19.77 -33.23
C SER D 651 16.45 19.71 -34.76
N ALA D 652 17.51 19.01 -35.22
CA ALA D 652 17.82 18.69 -36.63
C ALA D 652 16.61 18.13 -37.39
N MET D 653 15.69 17.41 -36.74
CA MET D 653 14.53 16.79 -37.45
C MET D 653 13.32 17.72 -37.53
N GLY D 654 13.38 18.89 -36.89
CA GLY D 654 12.35 19.95 -37.05
C GLY D 654 10.98 19.53 -36.56
N THR D 655 9.93 20.19 -37.06
CA THR D 655 8.54 20.01 -36.60
C THR D 655 7.96 18.69 -37.09
N ASN D 656 8.63 17.95 -37.98
CA ASN D 656 8.18 16.60 -38.41
C ASN D 656 8.71 15.54 -37.43
N GLY D 657 9.73 15.91 -36.65
CA GLY D 657 10.42 15.00 -35.73
C GLY D 657 10.45 13.56 -36.24
N PHE D 658 9.88 12.64 -35.47
CA PHE D 658 9.93 11.18 -35.74
C PHE D 658 8.86 10.49 -34.89
N GLN D 659 8.32 9.38 -35.39
CA GLN D 659 7.27 8.61 -34.70
C GLN D 659 7.93 7.65 -33.71
N GLU D 660 7.45 7.60 -32.46
CA GLU D 660 7.94 6.69 -31.40
C GLU D 660 7.33 5.30 -31.58
N PRO D 661 8.01 4.22 -31.17
CA PRO D 661 9.35 4.30 -30.61
C PRO D 661 10.44 4.38 -31.68
N ALA D 662 11.55 5.05 -31.35
CA ALA D 662 12.75 5.16 -32.20
C ALA D 662 13.45 3.80 -32.26
N THR D 663 13.84 3.38 -33.47
CA THR D 663 14.51 2.07 -33.73
C THR D 663 16.02 2.25 -33.91
N GLY D 664 16.51 3.42 -34.35
CA GLY D 664 17.96 3.66 -34.55
C GLY D 664 18.30 5.12 -34.85
N PHE D 665 19.58 5.39 -35.12
CA PHE D 665 20.09 6.72 -35.56
C PHE D 665 21.06 6.52 -36.73
N THR D 666 20.77 7.13 -37.89
CA THR D 666 21.56 6.99 -39.13
C THR D 666 21.69 8.37 -39.79
N ASP D 667 22.93 8.85 -39.94
CA ASP D 667 23.33 10.15 -40.56
C ASP D 667 22.23 11.19 -40.30
N GLY D 668 22.27 11.78 -39.09
CA GLY D 668 21.46 12.95 -38.68
C GLY D 668 19.95 12.68 -38.71
N LYS D 669 19.53 11.41 -38.63
CA LYS D 669 18.09 11.02 -38.67
C LYS D 669 17.81 9.90 -37.65
N ILE D 670 17.02 10.24 -36.64
CA ILE D 670 16.33 9.28 -35.73
C ILE D 670 15.31 8.51 -36.58
N GLU D 671 15.40 7.18 -36.62
CA GLU D 671 14.43 6.31 -37.34
C GLU D 671 13.31 5.90 -36.39
N GLY D 672 12.06 6.00 -36.85
CA GLY D 672 10.87 5.84 -36.01
C GLY D 672 9.94 4.74 -36.50
N THR D 673 8.72 4.72 -35.95
CA THR D 673 7.70 3.65 -36.16
C THR D 673 6.41 4.31 -36.67
N GLN D 674 6.11 4.11 -37.95
CA GLN D 674 4.95 4.75 -38.63
C GLN D 674 3.64 4.20 -38.05
N ARG D 675 3.63 2.89 -37.77
CA ARG D 675 2.43 2.14 -37.30
C ARG D 675 2.89 1.12 -36.24
N LEU D 676 2.03 0.85 -35.26
CA LEU D 676 2.25 -0.23 -34.27
C LEU D 676 1.56 -1.49 -34.77
N TYR D 677 2.07 -2.66 -34.39
CA TYR D 677 1.41 -3.98 -34.58
C TYR D 677 1.31 -4.34 -36.07
N THR D 678 2.25 -3.88 -36.90
CA THR D 678 2.35 -4.23 -38.35
C THR D 678 2.67 -5.72 -38.50
N ASP D 679 3.42 -6.31 -37.55
CA ASP D 679 3.79 -7.76 -37.55
C ASP D 679 2.71 -8.59 -36.83
N GLY D 680 1.56 -8.01 -36.48
CA GLY D 680 0.43 -8.72 -35.80
C GLY D 680 0.79 -9.26 -34.41
N VAL D 681 1.90 -8.83 -33.81
CA VAL D 681 2.31 -9.18 -32.42
C VAL D 681 1.90 -8.02 -31.50
N PHE D 682 0.97 -8.27 -30.59
CA PHE D 682 0.34 -7.25 -29.71
C PHE D 682 1.07 -7.18 -28.35
N SER D 683 0.73 -6.17 -27.53
CA SER D 683 1.39 -5.82 -26.25
C SER D 683 0.86 -6.73 -25.13
N THR D 684 1.09 -8.03 -25.21
CA THR D 684 0.72 -9.04 -24.19
C THR D 684 1.87 -10.03 -24.11
N ASP D 685 1.89 -10.84 -23.04
CA ASP D 685 3.02 -11.74 -22.71
C ASP D 685 3.25 -12.69 -23.89
N ASP D 686 2.19 -13.23 -24.49
CA ASP D 686 2.29 -14.22 -25.60
C ASP D 686 2.17 -13.54 -26.98
N GLY D 687 1.87 -12.24 -27.06
CA GLY D 687 1.81 -11.51 -28.34
C GLY D 687 0.47 -11.59 -29.06
N LYS D 688 -0.57 -12.18 -28.46
CA LYS D 688 -1.94 -12.22 -29.04
C LYS D 688 -2.82 -11.11 -28.44
N ALA D 689 -3.52 -10.36 -29.30
CA ALA D 689 -4.66 -9.52 -28.89
C ALA D 689 -5.70 -10.44 -28.25
N ARG D 690 -6.42 -9.96 -27.24
CA ARG D 690 -7.63 -10.61 -26.68
C ARG D 690 -8.84 -9.79 -27.13
N PHE D 691 -9.95 -10.46 -27.46
CA PHE D 691 -11.28 -9.84 -27.65
C PHE D 691 -11.85 -9.63 -26.26
N MET D 692 -13.01 -8.98 -26.14
CA MET D 692 -13.62 -8.72 -24.83
C MET D 692 -15.07 -9.19 -24.83
N ASP D 693 -15.34 -10.13 -23.94
CA ASP D 693 -16.71 -10.57 -23.60
C ASP D 693 -17.33 -9.45 -22.76
N ALA D 694 -17.98 -8.48 -23.41
CA ALA D 694 -18.37 -7.15 -22.85
C ALA D 694 -19.88 -6.94 -22.94
N PRO D 695 -20.71 -7.73 -22.22
CA PRO D 695 -22.17 -7.58 -22.32
C PRO D 695 -22.67 -6.24 -21.74
N TRP D 696 -23.62 -5.62 -22.43
CA TRP D 696 -24.46 -4.49 -21.93
C TRP D 696 -25.08 -4.85 -20.57
N ARG D 697 -25.02 -3.90 -19.63
CA ARG D 697 -25.56 -4.01 -18.25
C ARG D 697 -26.16 -2.67 -17.80
N GLY D 698 -26.61 -1.84 -18.74
CA GLY D 698 -27.25 -0.54 -18.45
C GLY D 698 -26.22 0.54 -18.14
N LEU D 699 -26.64 1.53 -17.35
CA LEU D 699 -25.76 2.63 -16.84
C LEU D 699 -25.06 2.09 -15.60
N GLN D 700 -23.74 1.83 -15.64
CA GLN D 700 -23.10 0.98 -14.60
C GLN D 700 -22.65 1.80 -13.40
N ALA D 701 -22.39 3.11 -13.54
CA ALA D 701 -21.90 3.97 -12.42
C ALA D 701 -23.01 4.18 -11.39
N PRO D 702 -22.69 4.15 -10.07
CA PRO D 702 -23.72 4.31 -9.04
C PRO D 702 -24.52 5.61 -9.18
N GLY D 703 -25.85 5.47 -9.11
CA GLY D 703 -26.81 6.60 -8.99
C GLY D 703 -27.15 7.23 -10.32
N LYS D 704 -26.53 6.80 -11.43
CA LYS D 704 -26.74 7.45 -12.75
C LYS D 704 -28.20 7.27 -13.21
N GLN D 705 -28.72 6.04 -13.17
CA GLN D 705 -30.10 5.74 -13.64
C GLN D 705 -31.08 6.61 -12.83
N GLN D 706 -30.91 6.60 -11.51
CA GLN D 706 -31.66 7.49 -10.57
C GLN D 706 -31.59 8.94 -11.05
N GLN D 707 -30.41 9.44 -11.44
CA GLN D 707 -30.22 10.87 -11.81
C GLN D 707 -30.97 11.13 -13.12
N LYS D 708 -30.90 10.22 -14.09
CA LYS D 708 -31.66 10.29 -15.37
C LYS D 708 -33.17 10.34 -15.08
N ASP D 709 -33.63 9.48 -14.17
CA ASP D 709 -35.07 9.25 -13.87
C ASP D 709 -35.67 10.44 -13.10
N SER D 710 -34.87 11.18 -12.32
CA SER D 710 -35.41 12.12 -11.32
C SER D 710 -35.13 13.58 -11.74
N HIS D 711 -34.67 13.81 -12.97
CA HIS D 711 -34.33 15.16 -13.49
C HIS D 711 -34.80 15.25 -14.93
N LYS D 712 -35.11 16.46 -15.40
CA LYS D 712 -35.84 16.71 -16.66
C LYS D 712 -34.88 16.71 -17.86
N TYR D 713 -33.68 17.27 -17.71
CA TYR D 713 -32.74 17.53 -18.84
C TYR D 713 -31.48 16.67 -18.73
N LEU D 714 -30.95 16.27 -19.90
CA LEU D 714 -29.56 15.79 -20.02
C LEU D 714 -28.65 17.02 -20.09
N ILE D 715 -27.65 17.08 -19.20
CA ILE D 715 -26.59 18.13 -19.22
C ILE D 715 -25.34 17.49 -19.83
N ASN D 716 -25.38 17.27 -21.13
CA ASN D 716 -24.22 16.84 -21.94
C ASN D 716 -23.20 17.95 -21.74
N ASN D 717 -21.91 17.69 -21.98
CA ASN D 717 -20.84 18.65 -21.61
C ASN D 717 -19.57 18.30 -22.37
N GLY D 718 -18.71 19.29 -22.54
CA GLY D 718 -17.45 19.18 -23.29
C GLY D 718 -17.06 20.51 -23.88
N ARG D 719 -16.36 20.47 -25.02
CA ARG D 719 -15.48 21.57 -25.49
C ARG D 719 -16.23 22.58 -26.35
N ALA D 720 -15.73 23.81 -26.40
CA ALA D 720 -15.99 24.80 -27.46
C ALA D 720 -14.71 24.94 -28.29
N ASN D 721 -14.84 25.15 -29.60
CA ASN D 721 -13.67 25.35 -30.49
C ASN D 721 -12.87 26.57 -29.97
N VAL D 722 -13.51 27.65 -29.50
CA VAL D 722 -12.80 28.93 -29.15
C VAL D 722 -12.00 28.76 -27.86
N VAL D 723 -12.56 28.03 -26.91
CA VAL D 723 -12.03 27.94 -25.54
C VAL D 723 -10.99 26.82 -25.45
N TRP D 724 -9.81 27.14 -24.92
CA TRP D 724 -8.82 26.09 -24.54
C TRP D 724 -8.99 25.70 -23.08
N GLN D 725 -9.49 24.49 -22.85
CA GLN D 725 -9.55 23.83 -21.52
C GLN D 725 -10.31 24.75 -20.55
N SER D 726 -9.80 25.02 -19.34
CA SER D 726 -10.49 25.75 -18.25
C SER D 726 -10.31 27.26 -18.42
N ALA D 727 -9.93 27.72 -19.61
CA ALA D 727 -9.78 29.15 -19.94
C ALA D 727 -8.77 29.82 -19.00
N TYR D 728 -7.73 29.08 -18.59
CA TYR D 728 -6.67 29.62 -17.71
C TYR D 728 -5.95 30.79 -18.41
N LEU D 729 -5.64 30.66 -19.70
CA LEU D 729 -5.13 31.79 -20.51
C LEU D 729 -6.31 32.60 -21.10
N ASP D 730 -7.34 31.91 -21.56
CA ASP D 730 -8.46 32.54 -22.31
C ASP D 730 -9.12 33.63 -21.48
N GLN D 731 -9.17 33.49 -20.15
CA GLN D 731 -9.91 34.42 -19.24
C GLN D 731 -9.28 35.81 -19.25
N GLU D 732 -8.07 35.96 -19.80
CA GLU D 732 -7.38 37.27 -20.01
C GLU D 732 -7.06 37.40 -21.50
N ASN D 733 -8.00 36.97 -22.35
CA ASN D 733 -7.90 37.10 -23.81
C ASN D 733 -9.26 37.64 -24.26
N ASP D 734 -9.29 38.92 -24.66
CA ASP D 734 -10.54 39.66 -24.97
C ASP D 734 -11.29 38.96 -26.10
N PHE D 735 -10.55 38.47 -27.12
CA PHE D 735 -11.12 37.73 -28.28
C PHE D 735 -12.01 36.59 -27.76
N VAL D 736 -11.54 35.73 -26.85
CA VAL D 736 -12.33 34.56 -26.36
C VAL D 736 -13.46 35.03 -25.45
N MET D 737 -13.14 35.88 -24.46
CA MET D 737 -14.12 36.34 -23.42
CA MET D 737 -14.12 36.32 -23.43
C MET D 737 -15.16 37.26 -24.06
N ASP D 738 -14.80 37.97 -25.15
CA ASP D 738 -15.79 38.73 -25.99
C ASP D 738 -16.83 37.76 -26.58
N ARG D 739 -16.41 36.54 -26.95
CA ARG D 739 -17.31 35.55 -27.59
C ARG D 739 -18.19 34.88 -26.52
N PHE D 740 -17.60 34.38 -25.42
CA PHE D 740 -18.34 33.68 -24.33
C PHE D 740 -17.89 34.19 -22.97
N PRO D 741 -18.43 35.32 -22.49
CA PRO D 741 -18.18 35.76 -21.11
C PRO D 741 -18.79 34.78 -20.10
N TYR D 742 -19.88 34.12 -20.48
CA TYR D 742 -20.49 33.01 -19.71
C TYR D 742 -20.31 31.73 -20.52
N PRO D 743 -20.24 30.55 -19.86
CA PRO D 743 -20.25 29.28 -20.57
C PRO D 743 -21.65 29.16 -21.18
N PHE D 744 -21.72 28.81 -22.46
CA PHE D 744 -23.01 28.53 -23.13
C PHE D 744 -23.57 27.20 -22.61
N ILE D 745 -24.88 27.11 -22.49
CA ILE D 745 -25.60 25.81 -22.43
C ILE D 745 -26.51 25.74 -23.65
N GLU D 746 -26.14 24.93 -24.63
CA GLU D 746 -26.93 24.65 -25.86
C GLU D 746 -28.28 24.05 -25.47
N MET D 747 -29.37 24.74 -25.81
CA MET D 747 -30.77 24.32 -25.51
C MET D 747 -31.61 24.42 -26.79
N ASN D 748 -32.49 23.44 -26.98
CA ASN D 748 -33.52 23.42 -28.06
C ASN D 748 -34.41 24.66 -27.92
N PRO D 749 -34.60 25.47 -29.01
CA PRO D 749 -35.51 26.61 -28.99
C PRO D 749 -36.91 26.33 -28.42
N GLU D 750 -37.50 25.15 -28.70
CA GLU D 750 -38.83 24.74 -28.16
C GLU D 750 -38.72 24.52 -26.65
N ASP D 751 -37.60 23.96 -26.18
CA ASP D 751 -37.34 23.69 -24.73
C ASP D 751 -37.22 25.02 -23.98
N MET D 752 -36.52 25.99 -24.57
CA MET D 752 -36.33 27.36 -24.01
C MET D 752 -37.68 28.07 -23.89
N ALA D 753 -38.49 28.08 -24.94
CA ALA D 753 -39.85 28.69 -25.00
C ALA D 753 -40.77 28.07 -23.92
N GLU D 754 -40.68 26.76 -23.67
CA GLU D 754 -41.51 26.04 -22.67
C GLU D 754 -41.05 26.39 -21.25
N ALA D 755 -39.80 26.86 -21.10
CA ALA D 755 -39.19 27.16 -19.78
C ALA D 755 -39.12 28.67 -19.56
N GLY D 756 -39.73 29.46 -20.46
CA GLY D 756 -39.77 30.94 -20.38
C GLY D 756 -38.40 31.56 -20.58
N LEU D 757 -37.51 30.88 -21.31
CA LEU D 757 -36.08 31.28 -21.50
C LEU D 757 -35.92 31.90 -22.88
N LYS D 758 -35.10 32.95 -22.98
CA LYS D 758 -34.70 33.60 -24.25
C LYS D 758 -33.16 33.55 -24.35
N GLU D 759 -32.63 33.74 -25.56
CA GLU D 759 -31.17 33.79 -25.82
C GLU D 759 -30.49 34.76 -24.84
N GLY D 760 -29.45 34.28 -24.16
CA GLY D 760 -28.57 35.06 -23.28
C GLY D 760 -28.92 34.90 -21.81
N ASP D 761 -30.15 34.49 -21.49
CA ASP D 761 -30.62 34.37 -20.09
C ASP D 761 -29.58 33.58 -19.29
N LEU D 762 -29.37 33.98 -18.03
CA LEU D 762 -28.53 33.24 -17.05
C LEU D 762 -29.43 32.22 -16.34
N VAL D 763 -29.05 30.95 -16.38
CA VAL D 763 -29.86 29.82 -15.86
C VAL D 763 -29.01 29.03 -14.87
N GLU D 764 -29.65 28.59 -13.79
CA GLU D 764 -29.13 27.63 -12.80
C GLU D 764 -29.46 26.20 -13.24
N ILE D 765 -28.43 25.38 -13.49
CA ILE D 765 -28.55 23.90 -13.63
C ILE D 765 -28.30 23.33 -12.23
N TYR D 766 -29.24 22.55 -11.70
CA TYR D 766 -29.19 21.97 -10.33
C TYR D 766 -29.71 20.53 -10.32
N ASN D 767 -29.25 19.75 -9.35
CA ASN D 767 -29.53 18.31 -9.20
C ASN D 767 -29.02 17.90 -7.83
N ASP D 768 -28.88 16.59 -7.60
CA ASP D 768 -28.54 15.95 -6.31
C ASP D 768 -27.10 16.31 -5.89
N ALA D 769 -26.21 16.60 -6.86
CA ALA D 769 -24.75 16.75 -6.69
C ALA D 769 -24.39 18.21 -6.35
N GLY D 770 -25.10 19.16 -6.97
CA GLY D 770 -24.99 20.59 -6.65
C GLY D 770 -25.72 21.44 -7.67
N ALA D 771 -25.19 22.64 -7.93
CA ALA D 771 -25.81 23.67 -8.80
C ALA D 771 -24.71 24.50 -9.46
N THR D 772 -25.00 25.09 -10.62
CA THR D 772 -24.07 25.97 -11.36
C THR D 772 -24.90 26.85 -12.28
N GLN D 773 -24.24 27.67 -13.09
CA GLN D 773 -24.89 28.69 -13.93
C GLN D 773 -24.33 28.60 -15.35
N ALA D 774 -25.14 28.98 -16.34
CA ALA D 774 -24.69 29.17 -17.73
C ALA D 774 -25.63 30.13 -18.45
N MET D 775 -25.21 30.55 -19.62
CA MET D 775 -25.98 31.40 -20.56
C MET D 775 -26.63 30.48 -21.59
N ALA D 776 -27.96 30.53 -21.68
CA ALA D 776 -28.78 29.78 -22.67
C ALA D 776 -28.37 30.20 -24.10
N TYR D 777 -28.01 29.23 -24.92
CA TYR D 777 -27.66 29.47 -26.35
C TYR D 777 -28.60 28.65 -27.23
N PRO D 778 -29.58 29.29 -27.91
CA PRO D 778 -30.58 28.57 -28.70
C PRO D 778 -29.91 27.84 -29.88
N THR D 779 -30.16 26.54 -29.98
CA THR D 779 -29.46 25.57 -30.86
C THR D 779 -30.53 24.74 -31.57
N PRO D 780 -31.01 25.15 -32.77
CA PRO D 780 -31.98 24.38 -33.53
C PRO D 780 -31.63 22.89 -33.66
N THR D 781 -30.35 22.56 -33.85
CA THR D 781 -29.85 21.18 -34.09
C THR D 781 -29.96 20.33 -32.83
N ALA D 782 -30.17 20.92 -31.65
CA ALA D 782 -30.25 20.19 -30.37
C ALA D 782 -31.59 19.46 -30.28
N ARG D 783 -31.55 18.18 -29.92
CA ARG D 783 -32.75 17.36 -29.62
C ARG D 783 -33.40 17.86 -28.34
N ARG D 784 -34.73 17.75 -28.26
CA ARG D 784 -35.53 18.23 -27.10
C ARG D 784 -35.19 17.36 -25.89
N GLY D 785 -35.01 17.98 -24.72
CA GLY D 785 -34.66 17.33 -23.45
C GLY D 785 -33.15 17.19 -23.27
N GLU D 786 -32.37 17.61 -24.27
CA GLU D 786 -30.91 17.35 -24.35
C GLU D 786 -30.14 18.66 -24.55
N THR D 787 -29.46 19.13 -23.50
CA THR D 787 -28.66 20.39 -23.51
C THR D 787 -27.16 20.05 -23.57
N PHE D 788 -26.32 20.99 -24.01
CA PHE D 788 -24.85 20.86 -23.95
C PHE D 788 -24.21 22.09 -23.28
N MET D 789 -23.57 21.89 -22.13
CA MET D 789 -22.87 22.97 -21.36
C MET D 789 -21.35 22.86 -21.55
N LEU D 790 -20.73 23.96 -21.99
CA LEU D 790 -19.27 24.12 -22.01
C LEU D 790 -18.73 23.72 -20.62
N PHE D 791 -17.68 22.91 -20.59
CA PHE D 791 -17.09 22.36 -19.34
C PHE D 791 -15.98 23.31 -18.84
N GLY D 792 -15.58 23.16 -17.56
CA GLY D 792 -14.33 23.67 -16.98
C GLY D 792 -14.24 25.20 -16.97
N PHE D 793 -15.36 25.89 -17.12
CA PHE D 793 -15.37 27.35 -17.42
C PHE D 793 -15.46 28.16 -16.14
N PRO D 794 -14.59 29.18 -15.95
CA PRO D 794 -14.48 29.89 -14.67
C PRO D 794 -15.78 30.59 -14.27
N THR D 795 -16.56 31.07 -15.25
CA THR D 795 -17.76 31.90 -15.01
C THR D 795 -19.03 31.02 -14.97
N GLY D 796 -18.85 29.70 -14.86
CA GLY D 796 -19.93 28.72 -14.64
C GLY D 796 -19.40 27.31 -14.82
N VAL D 797 -19.21 26.58 -13.73
CA VAL D 797 -18.49 25.27 -13.69
C VAL D 797 -19.52 24.15 -13.82
N GLN D 798 -19.46 23.39 -14.93
CA GLN D 798 -20.42 22.29 -15.23
C GLN D 798 -20.21 21.16 -14.23
N GLY D 799 -18.97 20.94 -13.79
CA GLY D 799 -18.59 19.89 -12.84
C GLY D 799 -19.44 19.88 -11.56
N ASN D 800 -20.06 21.01 -11.21
CA ASN D 800 -20.83 21.17 -9.94
C ASN D 800 -22.01 20.21 -9.94
N VAL D 801 -22.56 19.88 -11.11
CA VAL D 801 -23.79 19.03 -11.26
C VAL D 801 -23.45 17.60 -11.71
N THR D 802 -22.17 17.31 -12.01
CA THR D 802 -21.71 15.91 -12.23
C THR D 802 -21.62 15.24 -10.86
N SER D 803 -22.11 14.02 -10.75
CA SER D 803 -22.12 13.23 -9.50
C SER D 803 -20.72 12.67 -9.24
N ALA D 804 -20.51 12.08 -8.07
CA ALA D 804 -19.27 11.38 -7.70
C ALA D 804 -19.17 10.01 -8.42
N GLY D 805 -20.15 9.64 -9.26
CA GLY D 805 -20.24 8.30 -9.86
C GLY D 805 -19.10 8.04 -10.83
N THR D 806 -18.34 6.98 -10.58
CA THR D 806 -17.26 6.46 -11.45
C THR D 806 -17.56 5.00 -11.79
N ASN D 807 -16.85 4.45 -12.76
CA ASN D 807 -16.82 2.98 -13.01
C ASN D 807 -15.93 2.35 -11.92
N GLU D 808 -15.77 1.03 -11.97
CA GLU D 808 -15.04 0.24 -10.97
C GLU D 808 -13.57 0.69 -10.89
N LEU D 809 -12.99 1.19 -11.99
CA LEU D 809 -11.56 1.62 -12.04
C LEU D 809 -11.45 3.13 -11.75
N ILE D 810 -12.50 3.77 -11.24
CA ILE D 810 -12.48 5.19 -10.79
C ILE D 810 -12.30 6.12 -12.00
N ILE D 811 -12.88 5.76 -13.16
CA ILE D 811 -13.00 6.66 -14.33
C ILE D 811 -14.24 7.53 -14.14
N PRO D 812 -14.11 8.89 -14.21
CA PRO D 812 -15.24 9.78 -13.98
C PRO D 812 -16.24 9.78 -15.16
N ASN D 813 -17.51 9.50 -14.87
CA ASN D 813 -18.57 9.33 -15.88
C ASN D 813 -19.24 10.69 -16.10
N TYR D 814 -18.47 11.67 -16.57
CA TYR D 814 -18.89 13.09 -16.66
C TYR D 814 -20.10 13.21 -17.62
N LYS D 815 -20.08 12.50 -18.74
CA LYS D 815 -20.97 12.82 -19.90
C LYS D 815 -22.42 12.43 -19.56
N GLN D 816 -22.63 11.43 -18.70
CA GLN D 816 -23.97 10.97 -18.29
C GLN D 816 -24.36 11.76 -17.03
N THR D 817 -24.89 12.96 -17.26
CA THR D 817 -25.32 13.91 -16.21
C THR D 817 -26.71 14.46 -16.60
N TRP D 818 -27.64 14.43 -15.67
CA TRP D 818 -28.99 15.02 -15.84
C TRP D 818 -29.24 16.00 -14.70
N GLY D 819 -29.89 17.13 -14.99
CA GLY D 819 -30.34 18.10 -13.98
C GLY D 819 -31.53 18.93 -14.45
N ASN D 820 -32.08 19.75 -13.56
CA ASN D 820 -33.17 20.71 -13.87
C ASN D 820 -32.54 22.07 -14.22
N ILE D 821 -33.30 22.90 -14.93
CA ILE D 821 -32.89 24.26 -15.36
C ILE D 821 -33.97 25.25 -14.92
N ARG D 822 -33.61 26.25 -14.11
CA ARG D 822 -34.49 27.41 -13.80
C ARG D 822 -33.71 28.69 -14.13
N LYS D 823 -34.44 29.78 -14.35
CA LYS D 823 -33.88 31.14 -14.60
C LYS D 823 -33.28 31.69 -13.31
N ILE D 824 -32.13 32.36 -13.43
CA ILE D 824 -31.46 33.17 -12.37
C ILE D 824 -31.81 34.65 -12.59
N SER D 825 -31.65 35.11 -13.83
CA SER D 825 -31.86 36.51 -14.26
C SER D 825 -32.01 36.58 -15.79
N ASP D 826 -32.62 37.64 -16.29
CA ASP D 826 -32.68 37.99 -17.73
C ASP D 826 -31.26 38.14 -18.27
N ALA D 827 -31.09 37.97 -19.58
CA ALA D 827 -29.80 38.17 -20.27
C ALA D 827 -29.10 39.36 -19.62
N PRO D 828 -27.92 39.16 -18.99
CA PRO D 828 -27.10 40.28 -18.55
C PRO D 828 -26.76 41.19 -19.73
N ARG D 829 -26.59 42.48 -19.48
CA ARG D 829 -26.30 43.49 -20.54
C ARG D 829 -25.00 43.13 -21.27
N ASN D 830 -24.06 42.40 -20.64
CA ASN D 830 -22.73 42.08 -21.24
C ASN D 830 -22.85 40.96 -22.28
N VAL D 831 -24.03 40.37 -22.48
CA VAL D 831 -24.33 39.34 -23.51
CA VAL D 831 -24.26 39.36 -23.55
C VAL D 831 -25.05 39.98 -24.71
N ALA D 832 -25.64 41.16 -24.52
CA ALA D 832 -26.36 41.92 -25.58
C ALA D 832 -25.55 41.93 -26.89
N HIS D 833 -24.23 42.07 -26.84
CA HIS D 833 -23.35 42.18 -28.03
C HIS D 833 -23.09 40.81 -28.69
N LEU D 834 -23.49 39.70 -28.04
CA LEU D 834 -23.19 38.31 -28.51
C LEU D 834 -24.03 37.96 -29.74
N SER D 835 -23.43 37.26 -30.70
CA SER D 835 -24.14 36.51 -31.77
C SER D 835 -24.76 35.23 -31.17
N PHE D 836 -25.99 34.92 -31.53
CA PHE D 836 -26.73 33.72 -31.03
C PHE D 836 -27.13 32.85 -32.24
N LYS D 837 -26.46 33.06 -33.37
CA LYS D 837 -26.74 32.32 -34.63
C LYS D 837 -26.09 30.93 -34.54
N SER D 838 -26.45 30.04 -35.47
CA SER D 838 -25.95 28.65 -35.54
C SER D 838 -24.44 28.67 -35.77
N LYS D 839 -23.72 27.77 -35.12
CA LYS D 839 -22.26 27.56 -35.36
C LYS D 839 -22.08 26.81 -36.68
N GLU D 840 -23.17 26.27 -37.27
CA GLU D 840 -23.13 25.42 -38.51
C GLU D 840 -22.99 26.28 -39.77
N TYR D 841 -21.82 26.18 -40.41
CA TYR D 841 -21.52 26.69 -41.77
C TYR D 841 -22.62 26.30 -42.76
N GLN D 842 -23.02 27.26 -43.60
CA GLN D 842 -24.08 27.12 -44.63
C GLN D 842 -23.43 27.38 -45.99
N SER D 843 -23.60 26.42 -46.90
CA SER D 843 -23.27 26.51 -48.34
C SER D 843 -24.25 27.49 -49.02
N ALA E 31 3.00 58.68 -39.97
CA ALA E 31 4.10 57.69 -39.96
C ALA E 31 3.92 56.77 -38.74
N ALA E 32 3.36 57.25 -37.61
CA ALA E 32 3.12 56.39 -36.41
C ALA E 32 1.98 55.42 -36.69
N GLY E 33 0.83 55.91 -37.15
CA GLY E 33 -0.30 55.06 -37.58
C GLY E 33 -0.23 54.80 -39.08
N VAL E 34 -1.00 53.82 -39.57
CA VAL E 34 -1.35 53.63 -41.01
C VAL E 34 -2.22 54.81 -41.47
N GLU E 35 -1.89 55.41 -42.62
CA GLU E 35 -2.65 56.56 -43.23
C GLU E 35 -3.67 55.98 -44.20
N TYR E 36 -4.95 56.05 -43.86
CA TYR E 36 -6.06 55.41 -44.62
C TYR E 36 -6.62 56.37 -45.66
N PRO E 37 -6.67 55.98 -46.97
CA PRO E 37 -7.38 56.75 -47.98
C PRO E 37 -8.87 56.83 -47.61
N ALA E 38 -9.50 57.97 -47.92
CA ALA E 38 -10.97 58.13 -47.92
C ALA E 38 -11.47 57.82 -49.33
N ASN E 39 -11.90 56.57 -49.58
CA ASN E 39 -12.27 56.08 -50.93
C ASN E 39 -13.80 56.00 -51.07
N ARG E 40 -14.29 56.44 -52.24
CA ARG E 40 -15.70 56.28 -52.66
C ARG E 40 -15.91 54.81 -53.04
N LEU E 41 -16.95 54.18 -52.52
CA LEU E 41 -17.26 52.75 -52.77
C LEU E 41 -18.51 52.64 -53.65
N ALA E 42 -19.56 53.36 -53.29
CA ALA E 42 -20.90 53.24 -53.91
C ALA E 42 -21.74 54.47 -53.54
N ASN E 43 -23.03 54.42 -53.88
CA ASN E 43 -24.10 55.33 -53.38
C ASN E 43 -25.10 54.50 -52.59
N ILE E 44 -25.79 55.09 -51.60
CA ILE E 44 -26.87 54.44 -50.81
C ILE E 44 -27.94 53.85 -51.77
N SER E 45 -28.17 54.53 -52.90
CA SER E 45 -29.15 54.15 -53.96
C SER E 45 -28.73 52.83 -54.63
N GLU E 46 -27.43 52.55 -54.75
CA GLU E 46 -26.88 51.28 -55.33
C GLU E 46 -27.14 50.04 -54.45
N LEU E 47 -27.67 50.17 -53.22
CA LEU E 47 -27.78 49.01 -52.28
C LEU E 47 -29.20 48.46 -52.23
N THR E 48 -29.36 47.17 -52.58
CA THR E 48 -30.62 46.39 -52.43
C THR E 48 -30.58 45.62 -51.10
N LEU E 49 -31.65 45.74 -50.31
CA LEU E 49 -31.81 45.10 -48.98
C LEU E 49 -31.35 43.64 -49.04
N ASN E 50 -30.27 43.31 -48.31
CA ASN E 50 -29.80 41.92 -48.05
C ASN E 50 -28.97 41.41 -49.22
N GLU E 51 -28.57 42.26 -50.17
CA GLU E 51 -27.74 41.83 -51.33
C GLU E 51 -26.37 42.50 -51.22
N PRO E 52 -25.31 41.72 -50.90
CA PRO E 52 -23.95 42.27 -50.82
C PRO E 52 -23.53 42.97 -52.12
N LEU E 53 -23.06 44.21 -52.05
CA LEU E 53 -22.41 44.89 -53.20
C LEU E 53 -20.90 44.70 -53.09
N ASP E 54 -20.29 44.02 -54.04
CA ASP E 54 -18.84 43.69 -54.03
C ASP E 54 -18.06 45.01 -54.15
N VAL E 55 -17.07 45.18 -53.28
CA VAL E 55 -16.26 46.43 -53.13
C VAL E 55 -14.79 46.03 -52.89
N ALA E 56 -13.84 46.94 -53.12
CA ALA E 56 -12.41 46.81 -52.73
C ALA E 56 -12.02 48.02 -51.89
N TYR E 57 -11.40 47.78 -50.73
CA TYR E 57 -10.88 48.82 -49.79
C TYR E 57 -9.82 48.21 -48.87
N PRO E 58 -8.64 48.85 -48.68
CA PRO E 58 -8.37 50.21 -49.13
C PRO E 58 -7.74 50.35 -50.54
N ASP E 59 -7.46 49.23 -51.21
CA ASP E 59 -7.07 49.20 -52.64
C ASP E 59 -7.84 48.07 -53.35
N GLU E 60 -7.57 47.94 -54.65
CA GLU E 60 -8.15 46.96 -55.62
C GLU E 60 -8.10 45.53 -55.07
N ASP E 61 -7.03 45.15 -54.38
CA ASP E 61 -6.70 43.73 -54.04
C ASP E 61 -7.25 43.35 -52.64
N ALA E 62 -8.10 44.17 -52.05
CA ALA E 62 -8.68 43.96 -50.71
C ALA E 62 -10.19 43.84 -50.85
N ALA E 63 -10.63 42.70 -51.39
CA ALA E 63 -12.05 42.39 -51.69
C ALA E 63 -12.88 42.49 -50.41
N GLY E 64 -14.06 43.12 -50.50
CA GLY E 64 -15.05 43.20 -49.42
C GLY E 64 -16.44 43.43 -49.96
N VAL E 65 -17.41 43.73 -49.11
CA VAL E 65 -18.77 44.11 -49.58
C VAL E 65 -19.31 45.27 -48.75
N LEU E 66 -20.21 46.07 -49.34
CA LEU E 66 -21.23 46.87 -48.61
C LEU E 66 -22.49 46.02 -48.48
N LEU E 67 -23.37 46.32 -47.53
CA LEU E 67 -24.59 45.51 -47.29
C LEU E 67 -25.55 46.29 -46.42
N LYS E 68 -26.78 46.48 -46.91
CA LYS E 68 -27.94 47.01 -46.12
C LYS E 68 -28.62 45.83 -45.43
N LEU E 69 -28.94 45.94 -44.14
CA LEU E 69 -29.41 44.81 -43.29
C LEU E 69 -30.87 44.98 -42.85
N GLY E 70 -31.48 46.14 -43.11
CA GLY E 70 -32.86 46.45 -42.69
C GLY E 70 -33.04 46.38 -41.18
N THR E 71 -32.03 46.81 -40.42
CA THR E 71 -32.05 46.91 -38.93
C THR E 71 -30.81 47.71 -38.45
N ARG E 72 -30.93 48.37 -37.30
CA ARG E 72 -29.86 49.23 -36.69
C ARG E 72 -28.87 48.32 -35.95
N VAL E 73 -27.59 48.39 -36.32
CA VAL E 73 -26.52 47.45 -35.85
C VAL E 73 -25.19 48.20 -35.67
N GLU E 74 -24.25 47.57 -34.97
CA GLU E 74 -22.88 48.08 -34.65
C GLU E 74 -22.14 48.42 -35.94
N GLY E 75 -21.67 49.66 -36.07
CA GLY E 75 -20.85 50.16 -37.21
C GLY E 75 -21.70 50.60 -38.39
N GLY E 76 -23.02 50.46 -38.26
CA GLY E 76 -24.01 50.75 -39.33
C GLY E 76 -24.11 52.23 -39.61
N VAL E 77 -24.22 52.60 -40.89
CA VAL E 77 -24.33 54.01 -41.36
C VAL E 77 -25.63 54.13 -42.19
N GLY E 78 -25.90 55.32 -42.75
CA GLY E 78 -27.13 55.63 -43.50
C GLY E 78 -28.30 55.94 -42.56
N PRO E 79 -29.48 56.36 -43.10
CA PRO E 79 -30.57 56.89 -42.27
C PRO E 79 -31.14 55.86 -41.27
N ASP E 80 -31.14 54.57 -41.63
CA ASP E 80 -31.62 53.45 -40.78
C ASP E 80 -30.49 52.91 -39.90
N GLY E 81 -29.25 53.33 -40.16
CA GLY E 81 -28.02 52.85 -39.49
C GLY E 81 -27.82 51.35 -39.70
N ASP E 82 -28.05 50.86 -40.94
CA ASP E 82 -28.13 49.42 -41.29
C ASP E 82 -27.13 49.06 -42.40
N ILE E 83 -26.32 50.01 -42.85
CA ILE E 83 -25.33 49.77 -43.94
C ILE E 83 -23.96 49.47 -43.30
N VAL E 84 -23.42 48.29 -43.53
CA VAL E 84 -22.10 47.84 -42.98
C VAL E 84 -21.17 47.49 -44.14
N GLY E 85 -19.86 47.56 -43.89
CA GLY E 85 -18.79 47.22 -44.83
C GLY E 85 -17.78 46.30 -44.16
N PHE E 86 -17.43 45.20 -44.83
CA PHE E 86 -16.52 44.14 -44.31
C PHE E 86 -15.59 43.64 -45.42
N SER E 87 -14.30 43.44 -45.09
CA SER E 87 -13.40 42.51 -45.82
C SER E 87 -14.11 41.16 -45.84
N THR E 88 -13.99 40.47 -46.97
CA THR E 88 -14.83 39.30 -47.34
C THR E 88 -13.87 38.17 -47.77
N ILE E 89 -12.60 38.32 -47.37
CA ILE E 89 -11.49 37.33 -47.43
C ILE E 89 -11.28 36.77 -46.02
N CYS E 90 -11.55 35.48 -45.80
CA CYS E 90 -11.45 34.81 -44.47
C CYS E 90 -10.14 35.22 -43.79
N PRO E 91 -10.20 35.75 -42.55
CA PRO E 91 -8.98 36.07 -41.81
C PRO E 91 -8.19 34.84 -41.31
N HIS E 92 -8.74 33.63 -41.46
CA HIS E 92 -8.02 32.36 -41.21
C HIS E 92 -6.99 32.10 -42.31
N LYS E 93 -7.39 31.74 -43.55
CA LYS E 93 -6.45 31.31 -44.63
C LYS E 93 -6.76 31.96 -46.01
N GLY E 94 -7.52 33.06 -46.04
CA GLY E 94 -7.71 33.86 -47.25
C GLY E 94 -8.76 33.29 -48.20
N PHE E 95 -9.54 32.29 -47.79
CA PHE E 95 -10.65 31.75 -48.62
C PHE E 95 -11.66 32.86 -48.77
N PRO E 96 -12.09 33.18 -50.00
CA PRO E 96 -13.22 34.07 -50.22
C PRO E 96 -14.45 33.55 -49.47
N LEU E 97 -15.14 34.43 -48.76
CA LEU E 97 -16.33 34.10 -47.95
C LEU E 97 -17.54 34.15 -48.87
N SER E 98 -18.68 33.63 -48.42
CA SER E 98 -19.95 33.68 -49.18
C SER E 98 -21.07 34.03 -48.21
N TYR E 99 -22.05 34.79 -48.69
CA TYR E 99 -23.17 35.33 -47.87
C TYR E 99 -24.32 34.34 -47.90
N SER E 100 -24.92 34.06 -46.75
CA SER E 100 -26.24 33.38 -46.65
C SER E 100 -27.30 34.43 -46.32
N ALA E 101 -28.26 34.63 -47.23
CA ALA E 101 -29.32 35.66 -47.12
C ALA E 101 -30.30 35.30 -46.01
N ASP E 102 -30.49 34.00 -45.72
CA ASP E 102 -31.51 33.51 -44.77
C ASP E 102 -31.09 33.83 -43.33
N ASN E 103 -29.80 33.62 -43.00
CA ASN E 103 -29.25 33.76 -41.62
C ASN E 103 -28.49 35.08 -41.49
N LYS E 104 -28.22 35.77 -42.60
CA LYS E 104 -27.38 37.00 -42.68
C LYS E 104 -26.02 36.73 -41.99
N THR E 105 -25.25 35.81 -42.58
CA THR E 105 -23.92 35.36 -42.12
C THR E 105 -22.99 35.24 -43.33
N PHE E 106 -21.72 35.62 -43.17
CA PHE E 106 -20.64 35.19 -44.08
C PHE E 106 -20.23 33.78 -43.66
N ASN E 107 -19.95 32.94 -44.65
CA ASN E 107 -19.65 31.50 -44.47
C ASN E 107 -18.38 31.20 -45.26
N CYS E 108 -17.39 30.58 -44.63
CA CYS E 108 -16.12 30.21 -45.30
C CYS E 108 -16.18 28.73 -45.67
N PRO E 109 -16.00 28.41 -46.97
CA PRO E 109 -16.03 27.02 -47.42
C PRO E 109 -14.65 26.38 -47.22
N GLY E 110 -13.65 27.17 -46.80
CA GLY E 110 -12.30 26.69 -46.46
C GLY E 110 -12.29 25.73 -45.27
N HIS E 111 -12.62 26.23 -44.07
CA HIS E 111 -12.67 25.41 -42.83
C HIS E 111 -13.89 25.77 -41.97
N PHE E 112 -14.97 26.25 -42.59
CA PHE E 112 -16.37 26.25 -42.07
C PHE E 112 -16.60 27.37 -41.06
N SER E 113 -15.76 28.41 -41.09
CA SER E 113 -15.94 29.64 -40.26
C SER E 113 -17.24 30.35 -40.65
N VAL E 114 -17.92 30.92 -39.65
CA VAL E 114 -19.18 31.71 -39.78
C VAL E 114 -18.99 33.05 -39.06
N PHE E 115 -19.35 34.17 -39.72
CA PHE E 115 -19.23 35.55 -39.22
C PHE E 115 -20.58 36.26 -39.26
N ASP E 116 -20.89 37.06 -38.23
CA ASP E 116 -22.22 37.70 -38.04
C ASP E 116 -22.08 39.20 -38.27
N PRO E 117 -22.45 39.70 -39.47
CA PRO E 117 -22.33 41.14 -39.79
C PRO E 117 -23.46 41.98 -39.18
N GLU E 118 -24.42 41.34 -38.49
CA GLU E 118 -25.40 42.02 -37.59
C GLU E 118 -24.71 42.39 -36.25
N LYS E 119 -23.68 41.65 -35.81
CA LYS E 119 -22.93 41.91 -34.55
C LYS E 119 -21.44 42.09 -34.88
N GLY E 120 -21.14 43.10 -35.70
CA GLY E 120 -19.78 43.63 -35.86
C GLY E 120 -18.84 42.64 -36.48
N GLY E 121 -19.40 41.62 -37.16
CA GLY E 121 -18.67 40.50 -37.80
C GLY E 121 -18.00 39.56 -36.79
N GLN E 122 -18.67 39.29 -35.66
CA GLN E 122 -18.18 38.34 -34.64
C GLN E 122 -18.10 36.96 -35.31
N GLN E 123 -16.99 36.23 -35.11
CA GLN E 123 -16.88 34.81 -35.53
C GLN E 123 -17.90 34.05 -34.69
N VAL E 124 -18.98 33.53 -35.29
CA VAL E 124 -20.06 32.79 -34.59
C VAL E 124 -19.50 31.41 -34.24
N TRP E 125 -18.61 30.94 -35.11
CA TRP E 125 -17.80 29.71 -34.99
C TRP E 125 -16.69 29.82 -36.03
N GLY E 126 -15.46 29.40 -35.76
CA GLY E 126 -14.43 29.47 -36.81
C GLY E 126 -13.03 29.36 -36.31
N GLN E 127 -12.08 29.32 -37.25
CA GLN E 127 -10.65 29.06 -37.00
C GLN E 127 -9.86 30.38 -37.05
N ALA E 128 -10.51 31.49 -37.43
CA ALA E 128 -9.86 32.83 -37.38
C ALA E 128 -9.63 33.20 -35.91
N THR E 129 -8.53 33.88 -35.63
CA THR E 129 -8.25 34.52 -34.31
C THR E 129 -8.79 35.95 -34.37
N GLN E 130 -9.46 36.33 -35.46
CA GLN E 130 -10.03 37.70 -35.65
C GLN E 130 -11.51 37.64 -35.99
N ASN E 131 -12.28 38.56 -35.44
CA ASN E 131 -13.63 38.92 -35.92
C ASN E 131 -13.45 39.60 -37.30
N LEU E 132 -14.47 39.63 -38.14
CA LEU E 132 -14.34 39.99 -39.59
C LEU E 132 -13.89 41.45 -39.74
N PRO E 133 -12.73 41.77 -40.36
CA PRO E 133 -12.31 43.17 -40.47
C PRO E 133 -13.43 44.01 -41.09
N GLN E 134 -13.79 45.11 -40.42
CA GLN E 134 -14.99 45.94 -40.70
C GLN E 134 -14.55 47.37 -41.07
N TYR E 135 -15.28 47.98 -42.00
CA TYR E 135 -14.96 49.30 -42.60
C TYR E 135 -15.59 50.41 -41.77
N VAL E 136 -14.84 51.48 -41.57
CA VAL E 136 -15.34 52.79 -41.03
C VAL E 136 -16.04 53.53 -42.18
N LEU E 137 -17.37 53.54 -42.18
CA LEU E 137 -18.17 54.12 -43.30
C LEU E 137 -18.62 55.53 -42.91
N ARG E 138 -18.62 56.45 -43.88
CA ARG E 138 -19.26 57.79 -43.77
C ARG E 138 -20.19 58.00 -44.98
N VAL E 139 -21.46 58.38 -44.73
CA VAL E 139 -22.47 58.76 -45.75
C VAL E 139 -22.51 60.29 -45.90
N ALA E 140 -21.92 60.83 -46.98
CA ALA E 140 -22.02 62.24 -47.42
C ALA E 140 -23.48 62.61 -47.74
N ASP E 141 -23.75 63.89 -48.04
CA ASP E 141 -25.12 64.47 -48.22
C ASP E 141 -25.83 63.85 -49.42
N ASN E 142 -25.11 63.59 -50.51
CA ASN E 142 -25.64 62.98 -51.77
C ASN E 142 -25.90 61.48 -51.55
N GLY E 143 -25.44 60.92 -50.42
CA GLY E 143 -25.60 59.49 -50.08
C GLY E 143 -24.44 58.65 -50.57
N ASP E 144 -23.41 59.26 -51.19
CA ASP E 144 -22.14 58.56 -51.53
C ASP E 144 -21.50 58.01 -50.24
N ILE E 145 -21.13 56.72 -50.25
CA ILE E 145 -20.56 55.98 -49.08
C ILE E 145 -19.02 55.91 -49.24
N PHE E 146 -18.32 56.24 -48.15
CA PHE E 146 -16.84 56.32 -48.07
C PHE E 146 -16.31 55.38 -46.98
N ALA E 147 -15.15 54.78 -47.25
CA ALA E 147 -14.35 53.98 -46.30
C ALA E 147 -13.13 54.81 -45.90
N GLU E 148 -12.97 55.04 -44.59
CA GLU E 148 -11.87 55.84 -43.99
C GLU E 148 -10.93 54.94 -43.16
N GLY E 149 -11.33 53.71 -42.83
CA GLY E 149 -10.41 52.75 -42.22
C GLY E 149 -11.02 51.37 -42.00
N VAL E 150 -10.19 50.47 -41.45
CA VAL E 150 -10.52 49.05 -41.14
C VAL E 150 -10.12 48.80 -39.68
N ASP E 151 -10.90 48.00 -38.93
CA ASP E 151 -10.72 47.79 -37.46
C ASP E 151 -9.90 46.51 -37.18
N GLU E 152 -9.53 45.73 -38.20
CA GLU E 152 -8.71 44.49 -38.00
C GLU E 152 -7.73 44.34 -39.16
N LEU E 153 -6.70 43.50 -39.01
CA LEU E 153 -5.70 43.27 -40.08
C LEU E 153 -6.33 42.41 -41.18
N ILE E 154 -6.38 42.95 -42.40
CA ILE E 154 -6.91 42.31 -43.64
C ILE E 154 -6.04 41.10 -43.96
N TYR E 155 -6.66 40.00 -44.40
CA TYR E 155 -5.90 38.78 -44.79
C TYR E 155 -4.89 39.13 -45.90
N GLY E 156 -3.66 38.62 -45.79
CA GLY E 156 -2.67 38.58 -46.88
C GLY E 156 -1.85 39.87 -47.03
N ARG E 157 -1.98 40.80 -46.09
CA ARG E 157 -1.15 42.03 -46.04
C ARG E 157 -0.80 42.29 -44.58
N LEU E 158 0.49 42.54 -44.32
CA LEU E 158 1.05 42.84 -42.99
C LEU E 158 0.90 44.34 -42.69
N SER E 159 0.35 45.09 -43.65
CA SER E 159 -0.05 46.51 -43.49
C SER E 159 -1.36 46.70 -44.24
N ASN E 160 -2.42 47.20 -43.60
CA ASN E 160 -3.73 47.38 -44.27
C ASN E 160 -3.59 48.28 -45.53
N VAL E 161 -2.59 49.18 -45.55
CA VAL E 161 -2.24 50.04 -46.72
C VAL E 161 -0.86 49.61 -47.19
N LEU E 162 -0.72 49.27 -48.47
CA LEU E 162 0.41 48.46 -49.00
C LEU E 162 1.42 49.33 -49.76
N ASN F 5 -1.35 35.67 -73.34
CA ASN F 5 -0.13 35.19 -72.61
C ASN F 5 -0.57 34.34 -71.41
N ALA F 6 0.01 33.13 -71.27
CA ALA F 6 -0.32 32.10 -70.26
C ALA F 6 0.65 32.15 -69.08
N GLU F 7 1.81 32.80 -69.25
CA GLU F 7 2.88 32.96 -68.21
C GLU F 7 2.32 33.75 -67.02
N LYS F 8 1.65 34.88 -67.29
CA LYS F 8 1.00 35.78 -66.30
C LYS F 8 -0.48 35.41 -66.15
N GLY F 9 -0.86 34.20 -66.58
CA GLY F 9 -2.13 33.54 -66.20
C GLY F 9 -1.94 32.66 -64.98
N ALA F 10 -0.72 32.12 -64.79
CA ALA F 10 -0.27 31.32 -63.63
C ALA F 10 -0.31 32.20 -62.36
N VAL F 11 0.11 33.47 -62.50
CA VAL F 11 0.10 34.51 -61.44
C VAL F 11 -1.36 34.82 -61.05
N VAL F 12 -2.27 34.86 -62.02
CA VAL F 12 -3.72 35.17 -61.81
C VAL F 12 -4.42 33.94 -61.23
N PHE F 13 -3.85 32.74 -61.43
CA PHE F 13 -4.46 31.46 -60.98
C PHE F 13 -4.23 31.26 -59.47
N LYS F 14 -3.27 31.98 -58.89
CA LYS F 14 -3.06 32.06 -57.42
C LYS F 14 -4.40 32.33 -56.72
N LYS F 15 -5.37 32.94 -57.40
CA LYS F 15 -6.70 33.36 -56.84
C LYS F 15 -7.74 32.25 -56.96
N CYS F 16 -7.36 31.12 -57.56
CA CYS F 16 -8.22 29.93 -57.85
C CYS F 16 -7.73 28.70 -57.05
N ALA F 17 -6.40 28.51 -56.97
CA ALA F 17 -5.64 27.34 -56.49
C ALA F 17 -6.18 26.83 -55.14
N ALA F 18 -6.65 27.72 -54.28
CA ALA F 18 -7.28 27.39 -52.98
C ALA F 18 -8.43 26.40 -53.19
N CYS F 19 -9.29 26.67 -54.18
CA CYS F 19 -10.50 25.88 -54.50
C CYS F 19 -10.33 24.94 -55.70
N HIS F 20 -9.33 25.15 -56.56
CA HIS F 20 -9.20 24.46 -57.88
C HIS F 20 -7.79 23.91 -58.05
N ALA F 21 -7.69 22.65 -58.46
CA ALA F 21 -6.41 21.97 -58.79
C ALA F 21 -6.33 21.73 -60.31
N VAL F 22 -5.11 21.80 -60.84
CA VAL F 22 -4.79 21.60 -62.30
C VAL F 22 -3.41 20.94 -62.39
N GLY F 23 -3.19 20.11 -63.41
CA GLY F 23 -1.94 19.37 -63.63
C GLY F 23 -2.08 17.91 -63.23
N ASP F 24 -0.93 17.23 -63.06
CA ASP F 24 -0.84 15.77 -62.79
C ASP F 24 -1.31 15.49 -61.35
N GLY F 25 -2.38 14.69 -61.19
CA GLY F 25 -2.98 14.32 -59.90
C GLY F 25 -4.26 15.09 -59.59
N ALA F 26 -4.33 16.37 -60.02
CA ALA F 26 -5.41 17.33 -59.68
C ALA F 26 -6.72 16.61 -59.33
N ALA F 27 -7.16 16.77 -58.08
CA ALA F 27 -8.42 16.17 -57.54
C ALA F 27 -9.41 17.29 -57.22
N ASN F 28 -10.69 16.94 -57.04
CA ASN F 28 -11.77 17.86 -56.63
C ASN F 28 -11.47 18.40 -55.22
N LYS F 29 -11.75 19.69 -54.99
CA LYS F 29 -11.62 20.36 -53.67
C LYS F 29 -12.94 21.10 -53.41
N VAL F 30 -12.90 22.29 -52.83
CA VAL F 30 -14.12 23.16 -52.69
C VAL F 30 -14.70 23.37 -54.08
N GLY F 31 -13.83 23.47 -55.10
CA GLY F 31 -14.18 23.49 -56.53
C GLY F 31 -13.73 22.22 -57.26
N PRO F 32 -14.32 21.89 -58.43
CA PRO F 32 -13.89 20.74 -59.22
C PRO F 32 -12.52 20.97 -59.89
N GLU F 33 -11.73 19.91 -60.05
CA GLU F 33 -10.48 19.90 -60.86
C GLU F 33 -10.74 20.66 -62.16
N LEU F 34 -9.77 21.43 -62.66
CA LEU F 34 -9.94 22.26 -63.88
C LEU F 34 -8.94 21.83 -64.97
N ASN F 35 -8.75 20.51 -65.16
CA ASN F 35 -7.88 19.95 -66.22
C ASN F 35 -8.67 19.95 -67.53
N GLY F 36 -7.97 20.19 -68.66
CA GLY F 36 -8.59 20.37 -69.99
C GLY F 36 -9.39 21.66 -70.03
N LEU F 37 -10.65 21.58 -69.56
CA LEU F 37 -11.65 22.70 -69.46
C LEU F 37 -12.16 23.16 -70.82
N ILE F 38 -11.29 23.70 -71.68
CA ILE F 38 -11.68 24.18 -73.05
C ILE F 38 -12.08 22.94 -73.87
N GLY F 39 -13.38 22.65 -73.94
CA GLY F 39 -13.93 21.46 -74.61
C GLY F 39 -14.65 20.52 -73.64
N ARG F 40 -14.78 20.92 -72.37
CA ARG F 40 -15.51 20.14 -71.34
C ARG F 40 -16.91 20.74 -71.20
N LYS F 41 -17.88 19.93 -70.78
CA LYS F 41 -19.30 20.32 -70.59
C LYS F 41 -19.48 20.91 -69.19
N VAL F 42 -20.51 21.74 -68.99
CA VAL F 42 -20.92 22.32 -67.67
C VAL F 42 -21.48 21.21 -66.80
N ALA F 43 -21.27 21.30 -65.47
CA ALA F 43 -21.62 20.28 -64.46
C ALA F 43 -20.87 18.98 -64.77
N GLY F 44 -19.72 19.11 -65.44
CA GLY F 44 -19.04 18.03 -66.17
C GLY F 44 -18.46 16.97 -65.25
N VAL F 45 -17.63 17.37 -64.28
CA VAL F 45 -16.65 16.49 -63.57
C VAL F 45 -17.41 15.52 -62.67
N GLU F 46 -16.98 14.25 -62.66
CA GLU F 46 -17.54 13.14 -61.84
C GLU F 46 -17.04 13.30 -60.39
N GLY F 47 -17.97 13.22 -59.42
CA GLY F 47 -17.67 13.25 -57.98
C GLY F 47 -18.17 14.54 -57.33
N PHE F 48 -17.91 15.68 -57.98
CA PHE F 48 -18.28 17.04 -57.51
C PHE F 48 -19.80 17.18 -57.37
N ASN F 49 -20.24 17.88 -56.31
CA ASN F 49 -21.67 18.21 -56.04
C ASN F 49 -21.93 19.65 -56.52
N TYR F 50 -22.37 19.79 -57.78
CA TYR F 50 -22.81 21.04 -58.43
C TYR F 50 -24.17 21.49 -57.87
N SER F 51 -24.45 22.80 -57.89
CA SER F 51 -25.68 23.44 -57.33
C SER F 51 -26.88 23.13 -58.22
N PRO F 52 -28.13 23.12 -57.68
CA PRO F 52 -29.33 23.02 -58.51
C PRO F 52 -29.48 24.11 -59.58
N ALA F 53 -28.53 25.05 -59.69
CA ALA F 53 -28.52 26.13 -60.70
C ALA F 53 -27.39 25.91 -61.72
N PHE F 54 -26.42 25.04 -61.42
CA PHE F 54 -25.30 24.64 -62.34
C PHE F 54 -25.68 23.34 -63.04
N LYS F 55 -26.54 22.52 -62.40
CA LYS F 55 -27.17 21.31 -63.00
C LYS F 55 -28.25 21.75 -63.99
N ALA F 56 -29.08 22.74 -63.60
CA ALA F 56 -30.18 23.32 -64.41
C ALA F 56 -29.61 23.95 -65.70
N LYS F 57 -28.37 24.43 -65.69
CA LYS F 57 -27.71 25.11 -66.84
C LYS F 57 -26.76 24.14 -67.56
N ALA F 58 -26.87 22.83 -67.29
CA ALA F 58 -26.32 21.72 -68.11
C ALA F 58 -27.46 21.04 -68.87
N GLU F 59 -28.63 20.93 -68.24
CA GLU F 59 -29.92 20.41 -68.78
C GLU F 59 -30.19 21.00 -70.17
N GLU F 60 -30.04 22.31 -70.35
CA GLU F 60 -30.39 23.05 -71.59
C GLU F 60 -29.33 22.79 -72.68
N GLY F 61 -28.08 22.52 -72.28
CA GLY F 61 -26.98 22.12 -73.19
C GLY F 61 -25.98 23.24 -73.38
N TRP F 62 -24.78 23.10 -72.80
CA TRP F 62 -23.70 24.13 -72.77
C TRP F 62 -22.32 23.47 -72.97
N VAL F 63 -21.29 24.29 -73.19
CA VAL F 63 -19.85 23.90 -73.22
C VAL F 63 -19.04 25.06 -72.65
N TRP F 64 -17.76 24.84 -72.33
CA TRP F 64 -16.83 25.92 -71.87
C TRP F 64 -15.96 26.38 -73.06
N ASP F 65 -16.64 26.95 -74.06
CA ASP F 65 -16.08 27.84 -75.10
C ASP F 65 -15.60 29.13 -74.43
N GLU F 66 -14.69 29.87 -75.07
CA GLU F 66 -13.94 31.01 -74.46
C GLU F 66 -14.81 32.25 -74.25
N VAL F 67 -16.02 32.33 -74.83
CA VAL F 67 -16.94 33.51 -74.70
C VAL F 67 -17.89 33.28 -73.51
N HIS F 68 -18.44 32.07 -73.38
CA HIS F 68 -19.26 31.63 -72.21
C HIS F 68 -18.44 31.76 -70.92
N LEU F 69 -17.12 31.49 -71.01
CA LEU F 69 -16.16 31.41 -69.87
C LEU F 69 -15.74 32.81 -69.41
N THR F 70 -15.61 33.77 -70.35
CA THR F 70 -15.26 35.20 -70.07
C THR F 70 -16.35 35.82 -69.18
N GLU F 71 -17.62 35.48 -69.46
CA GLU F 71 -18.80 36.03 -68.74
C GLU F 71 -18.81 35.55 -67.27
N TYR F 72 -18.20 34.38 -67.00
CA TYR F 72 -18.25 33.69 -65.67
C TYR F 72 -17.17 34.23 -64.72
N LEU F 73 -15.92 34.29 -65.19
CA LEU F 73 -14.75 34.74 -64.38
C LEU F 73 -14.82 36.24 -64.11
N ALA F 74 -15.82 36.95 -64.66
CA ALA F 74 -16.00 38.42 -64.56
C ALA F 74 -17.09 38.75 -63.53
N ASN F 75 -18.24 38.07 -63.60
CA ASN F 75 -19.32 38.10 -62.58
C ASN F 75 -19.96 36.71 -62.51
N PRO F 76 -19.33 35.75 -61.80
CA PRO F 76 -19.95 34.45 -61.58
C PRO F 76 -21.38 34.47 -61.01
N LYS F 77 -21.73 35.46 -60.19
CA LYS F 77 -22.85 35.36 -59.20
C LYS F 77 -24.22 35.49 -59.87
N ALA F 78 -24.53 36.65 -60.47
CA ALA F 78 -25.86 36.97 -61.05
C ALA F 78 -25.95 36.44 -62.50
N TYR F 79 -24.80 36.25 -63.16
CA TYR F 79 -24.64 35.63 -64.50
C TYR F 79 -25.14 34.17 -64.49
N ILE F 80 -24.93 33.45 -63.38
CA ILE F 80 -25.47 32.07 -63.13
C ILE F 80 -26.11 32.04 -61.73
N LYS F 81 -27.05 32.97 -61.48
CA LYS F 81 -27.70 33.19 -60.15
C LYS F 81 -27.98 31.83 -59.46
N GLY F 82 -27.46 31.66 -58.25
CA GLY F 82 -27.60 30.43 -57.43
C GLY F 82 -26.37 29.54 -57.48
N THR F 83 -25.30 29.99 -58.16
CA THR F 83 -23.99 29.26 -58.25
C THR F 83 -23.28 29.28 -56.90
N LYS F 84 -22.65 28.16 -56.53
CA LYS F 84 -21.93 27.99 -55.24
C LYS F 84 -20.58 28.73 -55.31
N MET F 85 -20.20 29.25 -56.48
CA MET F 85 -18.95 30.03 -56.63
C MET F 85 -19.24 31.53 -56.40
N ALA F 86 -19.68 31.89 -55.18
CA ALA F 86 -19.72 33.29 -54.69
C ALA F 86 -18.28 33.74 -54.41
N PHE F 87 -17.93 34.93 -54.90
CA PHE F 87 -16.56 35.39 -55.25
C PHE F 87 -16.72 36.51 -56.28
N ALA F 88 -16.03 37.63 -56.08
CA ALA F 88 -16.13 38.87 -56.89
C ALA F 88 -16.04 38.52 -58.39
N GLY F 89 -15.04 37.70 -58.75
CA GLY F 89 -14.76 37.37 -60.15
C GLY F 89 -13.92 38.44 -60.78
N LEU F 90 -12.87 38.05 -61.51
CA LEU F 90 -11.75 38.91 -62.00
C LEU F 90 -12.34 40.09 -62.79
N LYS F 91 -12.04 41.32 -62.36
CA LYS F 91 -12.72 42.56 -62.85
C LYS F 91 -11.99 43.10 -64.08
N LYS F 92 -10.66 42.95 -64.15
CA LYS F 92 -9.82 43.28 -65.33
C LYS F 92 -10.01 42.21 -66.41
N PRO F 93 -10.61 42.54 -67.58
CA PRO F 93 -10.90 41.52 -68.59
C PRO F 93 -9.66 40.96 -69.30
N GLU F 94 -8.49 41.60 -69.19
CA GLU F 94 -7.21 41.10 -69.78
C GLU F 94 -6.62 40.01 -68.88
N ASP F 95 -7.00 39.99 -67.61
CA ASP F 95 -6.59 38.93 -66.64
C ASP F 95 -7.49 37.71 -66.86
N VAL F 96 -8.79 37.91 -67.09
CA VAL F 96 -9.73 36.83 -67.54
C VAL F 96 -9.09 36.10 -68.73
N ALA F 97 -8.44 36.84 -69.64
CA ALA F 97 -7.82 36.32 -70.87
C ALA F 97 -6.47 35.63 -70.56
N ASP F 98 -5.72 36.12 -69.56
CA ASP F 98 -4.41 35.53 -69.17
C ASP F 98 -4.62 34.15 -68.54
N VAL F 99 -5.55 34.03 -67.58
CA VAL F 99 -5.77 32.82 -66.75
C VAL F 99 -6.33 31.70 -67.64
N ILE F 100 -7.06 32.07 -68.71
CA ILE F 100 -7.63 31.13 -69.71
C ILE F 100 -6.53 30.66 -70.67
N ALA F 101 -5.50 31.46 -70.90
CA ALA F 101 -4.27 31.06 -71.65
C ALA F 101 -3.47 30.02 -70.83
N TYR F 102 -3.48 30.14 -69.49
CA TYR F 102 -2.91 29.15 -68.54
C TYR F 102 -3.71 27.84 -68.62
N LEU F 103 -5.03 27.97 -68.50
CA LEU F 103 -6.03 26.87 -68.64
C LEU F 103 -5.86 26.12 -69.98
N LYS F 104 -5.30 26.79 -71.01
CA LYS F 104 -5.08 26.24 -72.38
C LYS F 104 -4.12 25.04 -72.32
N THR F 105 -3.12 25.08 -71.44
CA THR F 105 -2.27 23.89 -71.11
C THR F 105 -3.15 22.87 -70.36
N PHE F 106 -2.56 21.83 -69.78
CA PHE F 106 -3.25 20.83 -68.91
C PHE F 106 -4.37 20.15 -69.72
N ALA G 1 3.27 -44.13 34.76
CA ALA G 1 4.30 -43.12 34.34
C ALA G 1 5.20 -43.72 33.26
N PHE G 2 5.52 -42.96 32.21
CA PHE G 2 6.40 -43.39 31.10
C PHE G 2 7.83 -43.55 31.63
N LYS G 3 8.42 -44.72 31.38
CA LYS G 3 9.82 -45.07 31.74
C LYS G 3 10.48 -45.65 30.49
N ARG G 4 11.70 -45.18 30.16
CA ARG G 4 12.42 -45.54 28.92
C ARG G 4 13.07 -46.92 29.02
N HIS G 5 13.41 -47.38 30.23
CA HIS G 5 14.16 -48.64 30.51
C HIS G 5 15.49 -48.62 29.76
N ILE G 6 16.13 -47.46 29.69
CA ILE G 6 17.51 -47.28 29.15
C ILE G 6 18.42 -47.06 30.36
N ASP G 7 19.07 -48.12 30.85
CA ASP G 7 19.87 -48.09 32.10
C ASP G 7 21.37 -48.01 31.79
N ARG G 8 21.72 -47.75 30.54
CA ARG G 8 23.13 -47.62 30.09
C ARG G 8 23.12 -46.79 28.80
N LEU G 9 23.96 -45.75 28.75
CA LEU G 9 24.15 -44.87 27.57
C LEU G 9 25.58 -45.02 27.06
N PRO G 10 25.83 -45.04 25.73
CA PRO G 10 27.20 -44.95 25.21
C PRO G 10 27.98 -43.77 25.80
N ILE G 11 29.24 -43.95 26.18
CA ILE G 11 30.11 -42.85 26.73
C ILE G 11 30.66 -42.03 25.56
N ILE G 12 30.56 -40.69 25.62
CA ILE G 12 31.23 -39.79 24.64
C ILE G 12 32.73 -40.05 24.73
N PRO G 13 33.40 -40.51 23.65
CA PRO G 13 34.85 -40.67 23.67
C PRO G 13 35.61 -39.34 23.58
N ALA G 14 36.90 -39.37 23.93
CA ALA G 14 37.79 -38.19 24.00
C ALA G 14 37.87 -37.48 22.64
N ASP G 15 37.75 -38.22 21.54
CA ASP G 15 38.00 -37.69 20.16
C ASP G 15 36.67 -37.47 19.41
N ALA G 16 35.54 -37.38 20.13
CA ALA G 16 34.22 -37.05 19.55
C ALA G 16 34.27 -35.64 18.96
N LYS G 17 33.56 -35.43 17.85
CA LYS G 17 33.47 -34.12 17.15
C LYS G 17 32.57 -33.18 17.95
N LYS G 18 33.06 -32.00 18.27
CA LYS G 18 32.30 -31.02 19.09
C LYS G 18 31.68 -29.96 18.18
N HIS G 19 30.40 -29.66 18.41
CA HIS G 19 29.59 -28.67 17.65
C HIS G 19 28.94 -27.72 18.65
N ASN G 20 29.10 -26.41 18.44
CA ASN G 20 28.38 -25.36 19.22
C ASN G 20 26.90 -25.36 18.83
N VAL G 21 26.00 -25.43 19.80
CA VAL G 21 24.54 -25.59 19.58
C VAL G 21 23.77 -24.67 20.52
N THR G 22 22.98 -23.75 19.97
CA THR G 22 21.99 -22.99 20.77
C THR G 22 20.73 -23.84 20.83
N CYS G 23 20.05 -23.86 21.98
CA CYS G 23 18.76 -24.56 22.16
C CYS G 23 17.83 -24.19 21.00
N HIS G 24 17.13 -25.18 20.45
CA HIS G 24 16.20 -25.01 19.30
C HIS G 24 15.05 -24.07 19.66
N PHE G 25 14.74 -23.92 20.95
CA PHE G 25 13.39 -23.52 21.44
C PHE G 25 13.36 -22.07 21.95
N CYS G 26 13.31 -21.86 23.27
CA CYS G 26 12.78 -20.59 23.84
C CYS G 26 13.84 -19.47 23.77
N ILE G 27 13.38 -18.25 23.96
CA ILE G 27 14.14 -16.95 23.92
C ILE G 27 15.50 -17.05 24.64
N VAL G 28 15.58 -17.82 25.73
CA VAL G 28 16.79 -17.86 26.62
C VAL G 28 18.02 -18.24 25.81
N GLY G 29 17.90 -19.18 24.88
CA GLY G 29 19.02 -19.56 24.00
C GLY G 29 20.17 -20.14 24.81
N CYS G 30 19.83 -21.03 25.75
CA CYS G 30 20.79 -21.84 26.52
C CYS G 30 21.81 -22.46 25.56
N GLY G 31 23.09 -22.44 25.95
CA GLY G 31 24.20 -23.02 25.18
C GLY G 31 24.32 -24.51 25.42
N TYR G 32 24.60 -25.25 24.34
CA TYR G 32 24.81 -26.71 24.31
C TYR G 32 26.00 -27.03 23.42
N HIS G 33 26.52 -28.25 23.53
CA HIS G 33 27.41 -28.85 22.50
C HIS G 33 26.76 -30.15 22.06
N ALA G 34 26.77 -30.40 20.75
CA ALA G 34 26.50 -31.73 20.18
C ALA G 34 27.85 -32.41 19.98
N TYR G 35 28.05 -33.55 20.63
CA TYR G 35 29.19 -34.46 20.39
C TYR G 35 28.72 -35.65 19.54
N THR G 36 29.39 -35.87 18.41
CA THR G 36 29.08 -36.97 17.46
C THR G 36 30.34 -37.81 17.29
N TRP G 37 30.17 -39.13 17.14
CA TRP G 37 31.29 -40.07 16.92
C TRP G 37 30.77 -41.28 16.16
N PRO G 38 31.67 -42.00 15.47
CA PRO G 38 31.26 -43.15 14.67
C PRO G 38 30.41 -44.18 15.43
N ILE G 39 29.30 -44.60 14.82
CA ILE G 39 28.60 -45.85 15.21
C ILE G 39 29.73 -46.89 15.32
N ASN G 40 29.66 -47.87 16.21
CA ASN G 40 30.74 -48.89 16.36
C ASN G 40 32.00 -48.32 17.00
N LYS G 41 31.99 -47.08 17.47
CA LYS G 41 33.01 -46.58 18.44
C LYS G 41 32.28 -46.11 19.68
N GLN G 42 33.01 -45.96 20.79
CA GLN G 42 32.44 -45.52 22.09
C GLN G 42 33.58 -45.12 23.02
N GLY G 43 33.28 -44.23 23.96
CA GLY G 43 34.17 -43.86 25.07
C GLY G 43 34.27 -44.97 26.10
N GLY G 44 35.11 -44.75 27.10
CA GLY G 44 35.32 -45.68 28.21
C GLY G 44 35.26 -44.94 29.53
N THR G 45 35.25 -45.71 30.60
CA THR G 45 35.09 -45.25 32.00
C THR G 45 36.37 -44.52 32.46
N ASP G 46 37.54 -44.87 31.92
CA ASP G 46 38.83 -44.25 32.31
C ASP G 46 38.96 -42.86 31.70
N PRO G 47 39.61 -41.91 32.42
CA PRO G 47 39.67 -40.51 32.03
C PRO G 47 40.20 -40.22 30.62
N GLN G 48 41.20 -40.98 30.14
CA GLN G 48 41.79 -40.82 28.77
C GLN G 48 40.75 -41.24 27.73
N ASN G 49 39.74 -42.01 28.12
CA ASN G 49 38.84 -42.70 27.16
C ASN G 49 37.49 -42.00 27.07
N ASN G 50 37.32 -40.82 27.66
CA ASN G 50 36.04 -40.07 27.58
C ASN G 50 36.30 -38.57 27.54
N ILE G 51 35.34 -37.81 26.99
CA ILE G 51 35.47 -36.35 26.70
C ILE G 51 35.63 -35.57 28.01
N PHE G 52 35.15 -36.10 29.13
CA PHE G 52 35.12 -35.39 30.44
C PHE G 52 36.50 -35.45 31.09
N GLY G 53 37.28 -36.48 30.81
CA GLY G 53 38.60 -36.70 31.47
C GLY G 53 38.42 -36.98 32.95
N VAL G 54 37.33 -37.64 33.30
CA VAL G 54 36.91 -37.98 34.70
C VAL G 54 36.75 -39.50 34.73
N ASP G 55 36.72 -40.12 35.92
CA ASP G 55 36.53 -41.58 36.07
C ASP G 55 35.02 -41.84 36.18
N LEU G 56 34.43 -42.36 35.09
CA LEU G 56 32.96 -42.58 34.98
C LEU G 56 32.53 -43.91 35.63
N SER G 57 33.46 -44.64 36.27
CA SER G 57 33.17 -45.84 37.10
C SER G 57 32.71 -45.40 38.49
N GLU G 58 32.80 -44.11 38.81
CA GLU G 58 32.39 -43.53 40.10
C GLU G 58 31.13 -42.68 39.91
N GLN G 59 30.17 -42.83 40.82
CA GLN G 59 28.99 -41.95 40.96
C GLN G 59 29.45 -40.49 40.91
N GLN G 60 28.82 -39.68 40.05
CA GLN G 60 28.97 -38.20 40.04
C GLN G 60 27.99 -37.58 41.04
N GLN G 61 28.40 -36.47 41.67
CA GLN G 61 27.59 -35.70 42.65
C GLN G 61 26.82 -34.62 41.89
N ALA G 62 25.97 -33.87 42.59
CA ALA G 62 25.02 -32.90 42.02
C ALA G 62 25.78 -31.95 41.10
N GLU G 63 25.14 -31.52 40.01
CA GLU G 63 25.60 -30.45 39.09
C GLU G 63 26.86 -30.91 38.35
N SER G 64 27.03 -32.23 38.15
CA SER G 64 28.13 -32.79 37.34
C SER G 64 27.96 -32.41 35.86
N ASP G 65 29.06 -32.10 35.18
CA ASP G 65 29.16 -31.89 33.71
C ASP G 65 29.38 -33.24 33.04
N ALA G 66 29.81 -34.24 33.80
CA ALA G 66 30.14 -35.61 33.34
C ALA G 66 28.92 -36.54 33.50
N TRP G 67 27.76 -36.07 33.07
CA TRP G 67 26.55 -36.90 32.94
C TRP G 67 25.65 -36.32 31.87
N TYR G 68 24.77 -37.15 31.33
CA TYR G 68 23.67 -36.72 30.43
C TYR G 68 22.53 -37.72 30.59
N SER G 69 21.29 -37.25 30.41
CA SER G 69 20.06 -38.07 30.45
C SER G 69 19.88 -38.78 29.11
N PRO G 70 19.09 -39.89 29.05
CA PRO G 70 18.80 -40.56 27.79
C PRO G 70 18.20 -39.62 26.73
N SER G 71 17.37 -38.66 27.13
CA SER G 71 16.77 -37.65 26.23
C SER G 71 17.85 -36.85 25.51
N MET G 72 19.08 -36.81 26.02
CA MET G 72 20.22 -36.07 25.42
C MET G 72 21.03 -36.97 24.46
N TYR G 73 20.63 -38.22 24.30
CA TYR G 73 21.34 -39.24 23.48
C TYR G 73 20.47 -39.70 22.30
N ASN G 74 21.09 -39.90 21.14
CA ASN G 74 20.42 -40.49 19.95
C ASN G 74 21.50 -40.95 18.95
N VAL G 75 21.05 -41.59 17.86
CA VAL G 75 21.86 -41.95 16.67
C VAL G 75 21.23 -41.21 15.49
N VAL G 76 22.03 -40.49 14.71
CA VAL G 76 21.54 -39.61 13.60
C VAL G 76 22.47 -39.77 12.41
N LYS G 77 21.95 -39.45 11.23
CA LYS G 77 22.73 -39.36 9.97
C LYS G 77 23.59 -38.08 10.03
N GLN G 78 24.88 -38.24 9.75
CA GLN G 78 25.84 -37.13 9.55
C GLN G 78 26.72 -37.46 8.34
N ASP G 79 26.70 -36.62 7.31
CA ASP G 79 27.32 -36.89 5.97
C ASP G 79 27.04 -38.33 5.54
N GLY G 80 25.80 -38.81 5.71
CA GLY G 80 25.33 -40.08 5.12
C GLY G 80 25.61 -41.30 5.99
N ARG G 81 26.36 -41.17 7.09
CA ARG G 81 26.62 -42.28 8.05
C ARG G 81 25.83 -42.07 9.33
N ASP G 82 25.46 -43.15 10.00
CA ASP G 82 24.90 -43.12 11.38
C ASP G 82 26.05 -42.79 12.33
N VAL G 83 25.82 -41.87 13.26
CA VAL G 83 26.79 -41.47 14.32
C VAL G 83 26.03 -41.48 15.64
N HIS G 84 26.73 -41.73 16.75
CA HIS G 84 26.20 -41.42 18.08
C HIS G 84 26.14 -39.89 18.21
N VAL G 85 25.12 -39.38 18.89
CA VAL G 85 25.04 -37.93 19.23
C VAL G 85 24.65 -37.79 20.70
N VAL G 86 25.36 -36.92 21.41
CA VAL G 86 24.92 -36.36 22.71
C VAL G 86 24.86 -34.86 22.56
N ILE G 87 23.73 -34.27 22.92
CA ILE G 87 23.50 -32.79 22.89
C ILE G 87 23.23 -32.39 24.33
N LYS G 88 24.24 -31.83 25.00
CA LYS G 88 24.23 -31.65 26.47
C LYS G 88 24.54 -30.19 26.80
N PRO G 89 23.94 -29.60 27.85
CA PRO G 89 24.15 -28.19 28.15
C PRO G 89 25.62 -27.87 28.48
N ASP G 90 26.05 -26.67 28.08
CA ASP G 90 27.44 -26.17 28.18
C ASP G 90 27.61 -25.48 29.54
N HIS G 91 28.42 -26.08 30.42
CA HIS G 91 28.78 -25.55 31.77
C HIS G 91 29.34 -24.14 31.63
N GLU G 92 30.07 -23.84 30.56
CA GLU G 92 30.83 -22.56 30.39
C GLU G 92 29.96 -21.50 29.71
N CYS G 93 28.72 -21.79 29.32
CA CYS G 93 27.83 -20.77 28.68
C CYS G 93 27.30 -19.85 29.78
N VAL G 94 27.54 -18.54 29.67
CA VAL G 94 27.17 -17.60 30.76
C VAL G 94 25.64 -17.55 30.92
N VAL G 95 24.87 -17.97 29.92
CA VAL G 95 23.38 -17.86 29.93
C VAL G 95 22.81 -18.83 30.97
N ASN G 96 23.17 -20.11 30.85
CA ASN G 96 22.50 -21.25 31.54
C ASN G 96 23.44 -21.88 32.59
N SER G 97 24.75 -21.68 32.47
CA SER G 97 25.76 -22.30 33.36
C SER G 97 25.51 -23.81 33.43
N GLY G 98 25.28 -24.46 32.27
CA GLY G 98 25.11 -25.93 32.15
C GLY G 98 23.72 -26.39 32.56
N LEU G 99 22.78 -25.48 32.83
CA LEU G 99 21.35 -25.83 32.96
C LEU G 99 20.78 -26.16 31.58
N GLY G 100 20.00 -27.24 31.51
CA GLY G 100 19.12 -27.55 30.37
C GLY G 100 17.71 -27.80 30.88
N SER G 101 16.72 -27.14 30.27
CA SER G 101 15.29 -27.26 30.65
C SER G 101 14.75 -28.60 30.16
N VAL G 102 13.53 -28.94 30.60
CA VAL G 102 12.80 -30.17 30.17
C VAL G 102 12.67 -30.19 28.64
N ARG G 103 12.78 -29.03 27.97
CA ARG G 103 12.69 -28.93 26.49
C ARG G 103 14.06 -29.12 25.83
N GLY G 104 15.02 -28.26 26.14
CA GLY G 104 16.35 -28.28 25.50
C GLY G 104 16.98 -29.64 25.70
N ALA G 105 16.81 -30.19 26.89
CA ALA G 105 17.41 -31.48 27.33
C ALA G 105 16.86 -32.63 26.49
N ARG G 106 15.81 -32.43 25.68
CA ARG G 106 15.27 -33.52 24.82
C ARG G 106 15.47 -33.19 23.34
N MET G 107 16.43 -32.34 23.00
CA MET G 107 16.78 -32.00 21.59
C MET G 107 17.21 -33.26 20.85
N ALA G 108 18.01 -34.12 21.49
CA ALA G 108 18.57 -35.35 20.88
C ALA G 108 17.42 -36.31 20.58
N GLU G 109 16.59 -36.52 21.59
CA GLU G 109 15.47 -37.49 21.55
C GLU G 109 14.36 -37.02 20.61
N THR G 110 14.26 -35.71 20.35
CA THR G 110 13.29 -35.15 19.38
C THR G 110 13.98 -34.93 18.03
N SER G 111 15.18 -35.46 17.84
CA SER G 111 15.85 -35.52 16.53
C SER G 111 15.34 -36.71 15.72
N PHE G 112 15.37 -36.62 14.39
CA PHE G 112 15.07 -37.72 13.46
C PHE G 112 16.14 -38.81 13.58
N SER G 113 15.74 -40.05 13.85
CA SER G 113 16.62 -41.24 13.87
C SER G 113 15.91 -42.43 13.23
N GLU G 114 16.46 -42.93 12.11
CA GLU G 114 16.06 -44.21 11.45
CA GLU G 114 15.96 -44.20 11.50
C GLU G 114 16.39 -45.36 12.40
N ALA G 115 17.60 -45.33 12.98
CA ALA G 115 18.15 -46.41 13.83
C ALA G 115 17.39 -46.54 15.16
N ARG G 116 17.08 -45.42 15.83
CA ARG G 116 16.37 -45.47 17.14
C ARG G 116 14.90 -45.08 16.97
N ASN G 117 14.41 -44.91 15.74
CA ASN G 117 12.98 -44.73 15.41
C ASN G 117 12.38 -43.54 16.15
N THR G 118 13.10 -42.44 16.29
CA THR G 118 12.56 -41.17 16.87
C THR G 118 12.11 -40.26 15.72
N GLN G 119 10.95 -39.61 15.93
CA GLN G 119 10.36 -38.56 15.06
C GLN G 119 10.23 -39.08 13.62
N GLN G 120 9.68 -40.29 13.46
CA GLN G 120 9.35 -40.91 12.15
CA GLN G 120 9.39 -40.87 12.13
C GLN G 120 8.31 -40.03 11.44
N GLN G 121 7.56 -39.19 12.19
CA GLN G 121 6.59 -38.21 11.59
C GLN G 121 7.32 -37.18 10.70
N ARG G 122 8.62 -36.93 10.87
CA ARG G 122 9.35 -35.93 10.05
C ARG G 122 9.08 -36.13 8.55
N LEU G 123 8.89 -35.03 7.84
CA LEU G 123 8.75 -35.00 6.35
C LEU G 123 10.08 -35.32 5.68
N THR G 124 10.02 -36.19 4.68
CA THR G 124 11.19 -36.69 3.92
C THR G 124 11.06 -36.27 2.45
N ASP G 125 9.84 -36.02 1.99
CA ASP G 125 9.52 -35.82 0.55
C ASP G 125 8.46 -34.73 0.37
N PRO G 126 8.55 -33.97 -0.76
CA PRO G 126 7.43 -33.17 -1.24
C PRO G 126 6.20 -34.04 -1.51
N LEU G 127 5.04 -33.56 -1.10
CA LEU G 127 3.74 -34.27 -1.21
C LEU G 127 2.80 -33.38 -2.04
N VAL G 128 2.10 -33.96 -3.00
CA VAL G 128 1.07 -33.26 -3.81
C VAL G 128 -0.25 -34.02 -3.65
N TRP G 129 -1.36 -33.27 -3.54
CA TRP G 129 -2.74 -33.81 -3.63
C TRP G 129 -3.06 -34.23 -5.09
N ARG G 130 -3.15 -35.53 -5.35
CA ARG G 130 -3.51 -36.08 -6.69
C ARG G 130 -3.93 -37.54 -6.53
N TYR G 131 -4.80 -37.99 -7.41
CA TYR G 131 -5.28 -39.40 -7.45
C TYR G 131 -6.09 -39.69 -6.18
N GLY G 132 -6.62 -38.66 -5.52
CA GLY G 132 -7.59 -38.76 -4.40
C GLY G 132 -6.98 -38.75 -2.99
N GLN G 133 -5.65 -38.57 -2.86
CA GLN G 133 -4.97 -38.46 -1.53
C GLN G 133 -3.62 -37.77 -1.73
N MET G 134 -2.94 -37.43 -0.64
CA MET G 134 -1.56 -36.87 -0.71
C MET G 134 -0.63 -37.95 -1.26
N GLN G 135 0.31 -37.56 -2.11
CA GLN G 135 1.24 -38.49 -2.77
C GLN G 135 2.64 -37.89 -2.75
N PRO G 136 3.68 -38.71 -2.52
CA PRO G 136 5.06 -38.21 -2.58
C PRO G 136 5.44 -37.94 -4.04
N THR G 137 6.34 -36.99 -4.23
CA THR G 137 6.83 -36.63 -5.57
C THR G 137 8.21 -35.99 -5.41
N SER G 138 8.77 -35.57 -6.52
CA SER G 138 10.09 -34.92 -6.63
C SER G 138 9.90 -33.44 -6.29
N TRP G 139 11.01 -32.79 -5.93
CA TRP G 139 11.08 -31.32 -5.72
C TRP G 139 10.69 -30.61 -7.00
N ASP G 140 11.25 -31.03 -8.13
CA ASP G 140 11.00 -30.39 -9.45
C ASP G 140 9.51 -30.37 -9.73
N ASP G 141 8.83 -31.50 -9.55
CA ASP G 141 7.37 -31.63 -9.81
C ASP G 141 6.58 -30.72 -8.86
N ALA G 142 6.88 -30.72 -7.57
CA ALA G 142 6.10 -29.97 -6.57
C ALA G 142 6.31 -28.46 -6.73
N LEU G 143 7.55 -28.00 -6.94
CA LEU G 143 7.87 -26.55 -7.10
C LEU G 143 7.24 -26.02 -8.39
N ASP G 144 7.23 -26.84 -9.44
CA ASP G 144 6.63 -26.47 -10.75
C ASP G 144 5.15 -26.16 -10.53
N LEU G 145 4.39 -27.12 -9.96
CA LEU G 145 2.94 -26.95 -9.64
C LEU G 145 2.74 -25.67 -8.83
N VAL G 146 3.53 -25.48 -7.78
CA VAL G 146 3.32 -24.33 -6.85
C VAL G 146 3.53 -23.02 -7.61
N ALA G 147 4.64 -22.92 -8.35
CA ALA G 147 5.02 -21.72 -9.14
C ALA G 147 3.97 -21.47 -10.24
N ARG G 148 3.53 -22.50 -10.94
CA ARG G 148 2.56 -22.36 -12.06
C ARG G 148 1.25 -21.82 -11.49
N VAL G 149 0.76 -22.36 -10.38
CA VAL G 149 -0.52 -21.86 -9.82
C VAL G 149 -0.28 -20.46 -9.27
N THR G 150 0.83 -20.25 -8.56
CA THR G 150 1.12 -18.94 -7.91
C THR G 150 1.23 -17.85 -8.98
N ALA G 151 2.07 -18.06 -10.00
CA ALA G 151 2.32 -17.10 -11.09
C ALA G 151 1.02 -16.81 -11.84
N LYS G 152 0.27 -17.84 -12.21
CA LYS G 152 -0.98 -17.65 -12.99
C LYS G 152 -1.91 -16.71 -12.22
N ILE G 153 -2.09 -16.95 -10.92
CA ILE G 153 -3.07 -16.22 -10.06
C ILE G 153 -2.56 -14.79 -9.78
N VAL G 154 -1.26 -14.64 -9.61
CA VAL G 154 -0.65 -13.31 -9.32
C VAL G 154 -0.73 -12.43 -10.58
N LYS G 155 -0.61 -13.03 -11.75
CA LYS G 155 -0.71 -12.31 -13.04
C LYS G 155 -2.16 -11.94 -13.31
N GLU G 156 -3.10 -12.86 -13.11
CA GLU G 156 -4.52 -12.63 -13.45
C GLU G 156 -5.11 -11.64 -12.45
N LYS G 157 -4.76 -11.75 -11.16
CA LYS G 157 -5.48 -11.05 -10.07
C LYS G 157 -4.58 -10.05 -9.31
N GLY G 158 -3.26 -10.04 -9.54
CA GLY G 158 -2.32 -9.22 -8.75
C GLY G 158 -1.80 -9.96 -7.54
N GLU G 159 -0.72 -9.44 -6.94
CA GLU G 159 -0.01 -10.05 -5.78
C GLU G 159 -0.92 -10.10 -4.54
N ASP G 160 -1.92 -9.23 -4.46
CA ASP G 160 -2.90 -9.23 -3.33
C ASP G 160 -3.58 -10.59 -3.24
N ALA G 161 -3.59 -11.38 -4.33
CA ALA G 161 -4.22 -12.71 -4.41
C ALA G 161 -3.33 -13.78 -3.74
N LEU G 162 -2.07 -13.46 -3.43
CA LEU G 162 -1.16 -14.34 -2.69
C LEU G 162 -1.24 -14.00 -1.21
N ILE G 163 -1.69 -14.96 -0.40
CA ILE G 163 -1.71 -14.86 1.07
C ILE G 163 -0.50 -15.60 1.61
N VAL G 164 0.22 -15.00 2.54
CA VAL G 164 1.40 -15.65 3.18
C VAL G 164 1.21 -15.64 4.69
N SER G 165 1.38 -16.82 5.30
CA SER G 165 1.61 -17.02 6.76
C SER G 165 3.05 -17.47 6.92
N ALA G 166 3.84 -16.78 7.73
CA ALA G 166 5.25 -17.17 7.95
C ALA G 166 5.73 -16.72 9.33
N PHE G 167 6.52 -17.60 9.94
CA PHE G 167 7.46 -17.31 11.05
C PHE G 167 8.16 -15.98 10.75
N ASP G 168 8.41 -15.19 11.81
CA ASP G 168 9.31 -14.01 11.79
C ASP G 168 10.34 -14.17 12.92
N HIS G 169 10.38 -15.33 13.59
CA HIS G 169 11.16 -15.53 14.84
C HIS G 169 12.51 -16.17 14.51
N GLY G 170 13.35 -16.34 15.54
CA GLY G 170 14.68 -16.97 15.49
C GLY G 170 14.67 -18.42 15.97
N GLY G 171 15.84 -19.05 16.04
CA GLY G 171 15.99 -20.47 16.42
C GLY G 171 15.34 -21.40 15.42
N ALA G 172 14.99 -22.62 15.85
CA ALA G 172 14.51 -23.68 14.94
C ALA G 172 13.18 -23.23 14.33
N GLY G 173 13.03 -23.36 13.01
CA GLY G 173 11.83 -22.88 12.31
C GLY G 173 11.86 -21.39 12.15
N GLY G 174 13.05 -20.81 12.17
CA GLY G 174 13.26 -19.38 11.99
C GLY G 174 14.73 -19.11 11.76
N GLY G 175 15.21 -17.98 12.28
CA GLY G 175 16.62 -17.57 12.21
C GLY G 175 16.91 -16.61 11.07
N TYR G 176 18.12 -16.05 11.06
CA TYR G 176 18.50 -14.91 10.19
C TYR G 176 18.49 -15.34 8.71
N GLU G 177 18.88 -16.58 8.44
CA GLU G 177 18.96 -17.13 7.06
C GLU G 177 17.53 -17.31 6.51
N ASN G 178 16.66 -17.89 7.34
CA ASN G 178 15.30 -18.33 6.96
C ASN G 178 14.42 -17.07 6.83
N THR G 179 14.52 -16.13 7.77
CA THR G 179 13.71 -14.88 7.70
C THR G 179 14.12 -14.08 6.47
N TRP G 180 15.40 -14.09 6.10
CA TRP G 180 15.92 -13.37 4.92
C TRP G 180 15.40 -14.01 3.63
N GLY G 181 15.52 -15.33 3.50
CA GLY G 181 15.06 -16.07 2.32
C GLY G 181 13.59 -15.82 2.03
N THR G 182 12.73 -16.08 3.02
CA THR G 182 11.28 -15.80 2.90
C THR G 182 11.09 -14.30 2.66
N GLY G 183 11.81 -13.46 3.41
CA GLY G 183 11.73 -11.99 3.35
C GLY G 183 12.04 -11.46 1.97
N LYS G 184 13.11 -11.95 1.35
CA LYS G 184 13.54 -11.51 0.01
C LYS G 184 12.50 -11.97 -1.02
N LEU G 185 11.95 -13.15 -0.87
CA LEU G 185 10.97 -13.67 -1.86
C LEU G 185 9.74 -12.75 -1.87
N TYR G 186 9.17 -12.43 -0.70
CA TYR G 186 7.82 -11.82 -0.61
C TYR G 186 7.92 -10.29 -0.57
N PHE G 187 9.09 -9.73 -0.26
CA PHE G 187 9.27 -8.27 -0.06
C PHE G 187 10.30 -7.64 -1.01
N GLU G 188 11.24 -8.38 -1.62
CA GLU G 188 12.17 -7.84 -2.66
CA GLU G 188 12.17 -7.83 -2.67
C GLU G 188 11.67 -8.26 -4.05
N ALA G 189 11.64 -9.56 -4.33
CA ALA G 189 11.11 -10.14 -5.58
C ALA G 189 9.67 -9.67 -5.78
N MET G 190 8.89 -9.61 -4.71
CA MET G 190 7.46 -9.25 -4.74
C MET G 190 7.21 -8.12 -3.73
N LYS G 191 5.97 -7.64 -3.66
CA LYS G 191 5.48 -6.71 -2.62
C LYS G 191 4.20 -7.28 -2.01
N VAL G 192 4.27 -8.43 -1.34
CA VAL G 192 3.13 -9.14 -0.69
C VAL G 192 2.61 -8.28 0.47
N LYS G 193 1.36 -7.85 0.40
CA LYS G 193 0.66 -7.08 1.47
C LYS G 193 0.00 -8.03 2.45
N ASN G 194 -0.68 -9.06 1.92
CA ASN G 194 -1.52 -9.99 2.71
C ASN G 194 -0.63 -11.10 3.25
N ILE G 195 0.25 -10.71 4.15
CA ILE G 195 1.19 -11.62 4.86
C ILE G 195 0.91 -11.45 6.34
N ARG G 196 0.82 -12.54 7.08
CA ARG G 196 0.75 -12.51 8.55
C ARG G 196 1.95 -13.27 9.14
N ILE G 197 2.07 -13.21 10.45
CA ILE G 197 3.21 -13.80 11.18
C ILE G 197 2.70 -15.06 11.93
N HIS G 198 3.59 -15.88 12.47
CA HIS G 198 3.23 -17.19 13.07
C HIS G 198 2.23 -17.01 14.21
N ASN G 199 2.32 -15.90 14.95
CA ASN G 199 1.62 -15.74 16.26
C ASN G 199 0.58 -14.62 16.23
N ARG G 200 0.41 -13.90 15.11
CA ARG G 200 -0.57 -12.79 15.00
C ARG G 200 -0.95 -12.59 13.53
N PRO G 201 -2.23 -12.22 13.25
CA PRO G 201 -2.83 -12.36 11.93
C PRO G 201 -2.71 -11.14 11.01
N ALA G 202 -1.72 -10.28 11.28
CA ALA G 202 -1.31 -9.15 10.43
C ALA G 202 0.20 -9.03 10.52
N TYR G 203 0.83 -8.29 9.61
CA TYR G 203 2.29 -8.04 9.64
C TYR G 203 2.57 -6.75 10.43
N ASN G 204 2.54 -6.90 11.76
CA ASN G 204 2.66 -5.81 12.77
C ASN G 204 3.81 -6.19 13.73
N SER G 205 4.21 -5.28 14.61
CA SER G 205 5.06 -5.60 15.79
C SER G 205 4.16 -5.95 16.98
N GLU G 206 4.66 -6.84 17.85
CA GLU G 206 4.06 -7.13 19.18
C GLU G 206 4.07 -5.86 20.06
N VAL G 207 5.06 -4.98 19.86
CA VAL G 207 5.40 -3.89 20.83
C VAL G 207 5.63 -2.57 20.08
N HIS G 208 4.64 -2.13 19.28
CA HIS G 208 4.61 -0.80 18.64
C HIS G 208 4.77 0.30 19.69
N GLY G 209 4.16 0.10 20.88
CA GLY G 209 4.20 1.02 22.03
C GLY G 209 5.63 1.38 22.42
N THR G 210 6.40 0.42 22.93
CA THR G 210 7.79 0.69 23.36
C THR G 210 8.55 1.32 22.17
N ARG G 211 8.38 0.78 20.96
CA ARG G 211 9.23 1.17 19.79
C ARG G 211 8.94 2.60 19.35
N ASP G 212 7.67 3.01 19.36
CA ASP G 212 7.22 4.39 19.04
C ASP G 212 7.84 5.31 20.09
N MET G 213 7.99 4.82 21.32
CA MET G 213 8.54 5.62 22.46
C MET G 213 10.06 5.75 22.34
N GLY G 214 10.69 5.02 21.42
CA GLY G 214 12.15 5.07 21.19
C GLY G 214 12.88 4.03 22.01
N VAL G 215 12.17 3.05 22.56
CA VAL G 215 12.77 2.04 23.49
C VAL G 215 12.62 0.65 22.86
N GLY G 216 13.68 0.17 22.20
CA GLY G 216 13.76 -1.20 21.66
C GLY G 216 13.56 -2.18 22.79
N GLU G 217 12.83 -3.28 22.56
CA GLU G 217 12.21 -4.10 23.64
C GLU G 217 13.25 -5.00 24.31
N LEU G 218 14.43 -5.19 23.70
CA LEU G 218 15.52 -6.03 24.27
C LEU G 218 16.72 -5.12 24.49
N ASN G 219 16.64 -4.27 25.51
CA ASN G 219 17.56 -3.12 25.75
C ASN G 219 18.52 -3.38 26.91
N ASN G 220 18.41 -4.52 27.61
CA ASN G 220 19.22 -4.80 28.83
C ASN G 220 20.05 -6.08 28.63
N CYS G 221 20.61 -6.62 29.70
CA CYS G 221 21.28 -7.95 29.68
C CYS G 221 20.77 -8.79 30.83
N TYR G 222 21.00 -10.10 30.78
CA TYR G 222 20.46 -11.09 31.74
C TYR G 222 21.08 -10.80 33.13
N GLU G 223 22.28 -10.24 33.14
CA GLU G 223 23.02 -9.81 34.38
C GLU G 223 22.18 -8.78 35.16
N ASP G 224 21.37 -7.98 34.49
CA ASP G 224 20.61 -6.92 35.20
C ASP G 224 19.56 -7.55 36.12
N ALA G 225 19.08 -8.75 35.78
CA ALA G 225 18.13 -9.52 36.62
C ALA G 225 18.81 -9.93 37.93
N GLU G 226 20.14 -10.10 37.90
CA GLU G 226 20.98 -10.36 39.10
C GLU G 226 21.13 -9.08 39.98
N LEU G 227 21.18 -7.88 39.37
CA LEU G 227 21.64 -6.59 39.96
C LEU G 227 20.48 -5.68 40.37
N ALA G 228 19.25 -5.91 39.91
CA ALA G 228 18.10 -5.04 40.24
C ALA G 228 17.86 -5.10 41.75
N ASP G 229 17.40 -4.00 42.33
CA ASP G 229 16.84 -4.00 43.70
C ASP G 229 15.48 -4.70 43.66
N THR G 230 14.69 -4.39 42.64
CA THR G 230 13.35 -4.98 42.39
C THR G 230 13.27 -5.50 40.96
N ILE G 231 12.77 -6.72 40.79
CA ILE G 231 12.21 -7.21 39.50
C ILE G 231 10.69 -6.99 39.51
N VAL G 232 10.17 -6.32 38.47
CA VAL G 232 8.70 -6.27 38.17
C VAL G 232 8.42 -7.16 36.96
N ALA G 233 7.68 -8.24 37.15
CA ALA G 233 7.41 -9.29 36.15
C ALA G 233 5.91 -9.25 35.85
N VAL G 234 5.57 -8.73 34.66
CA VAL G 234 4.17 -8.54 34.18
C VAL G 234 3.88 -9.57 33.10
N GLY G 235 2.84 -10.37 33.29
CA GLY G 235 2.30 -11.32 32.28
C GLY G 235 3.37 -12.26 31.76
N THR G 236 4.21 -12.77 32.66
CA THR G 236 5.22 -13.84 32.44
C THR G 236 5.04 -14.93 33.52
N ASN G 237 5.21 -16.18 33.10
CA ASN G 237 5.33 -17.37 33.99
C ASN G 237 6.75 -17.95 33.83
N ALA G 238 7.76 -17.11 34.06
CA ALA G 238 9.19 -17.29 33.65
C ALA G 238 9.76 -18.63 34.07
N LEU G 239 9.32 -19.22 35.18
CA LEU G 239 9.85 -20.54 35.64
C LEU G 239 9.53 -21.60 34.59
N GLU G 240 8.36 -21.47 33.96
CA GLU G 240 7.86 -22.39 32.90
C GLU G 240 8.34 -21.92 31.52
N THR G 241 8.46 -20.61 31.27
CA THR G 241 8.48 -20.03 29.88
C THR G 241 9.79 -19.26 29.55
N GLN G 242 10.62 -18.92 30.54
CA GLN G 242 11.97 -18.32 30.33
C GLN G 242 12.91 -18.99 31.33
N THR G 243 12.80 -20.32 31.42
CA THR G 243 13.15 -21.14 32.61
C THR G 243 14.56 -20.79 33.13
N ASN G 244 15.58 -20.93 32.28
CA ASN G 244 17.00 -20.88 32.74
C ASN G 244 17.41 -19.41 32.92
N TYR G 245 16.67 -18.46 32.36
CA TYR G 245 16.85 -17.02 32.67
C TYR G 245 16.46 -16.83 34.14
N PHE G 246 15.24 -17.22 34.48
CA PHE G 246 14.71 -17.23 35.87
C PHE G 246 15.70 -17.94 36.81
N LEU G 247 16.06 -19.19 36.54
CA LEU G 247 16.86 -20.02 37.48
C LEU G 247 18.31 -19.53 37.57
N ASN G 248 18.92 -19.10 36.46
CA ASN G 248 20.38 -18.83 36.44
C ASN G 248 20.66 -17.34 36.69
N HIS G 249 19.65 -16.48 36.79
CA HIS G 249 19.89 -15.02 36.88
C HIS G 249 18.96 -14.33 37.87
N TRP G 250 17.66 -14.66 37.91
CA TRP G 250 16.69 -14.09 38.88
C TRP G 250 16.84 -14.76 40.27
N ILE G 251 16.90 -16.09 40.33
CA ILE G 251 16.99 -16.85 41.62
C ILE G 251 18.17 -16.30 42.42
N PRO G 252 19.38 -16.18 41.84
CA PRO G 252 20.53 -15.67 42.58
C PRO G 252 20.28 -14.27 43.15
N ASN G 253 19.53 -13.42 42.45
CA ASN G 253 19.14 -12.09 42.97
C ASN G 253 18.24 -12.27 44.20
N LEU G 254 17.16 -13.04 44.05
CA LEU G 254 16.08 -13.17 45.07
C LEU G 254 16.62 -13.79 46.37
N ARG G 255 17.72 -14.53 46.26
CA ARG G 255 18.30 -15.37 47.34
C ARG G 255 19.50 -14.66 47.97
N GLY G 256 20.03 -13.64 47.30
CA GLY G 256 21.13 -12.79 47.83
C GLY G 256 22.49 -13.23 47.34
N GLU G 257 22.59 -14.25 46.48
CA GLU G 257 23.89 -14.75 45.93
C GLU G 257 24.63 -13.60 45.22
N SER G 258 23.92 -12.67 44.61
CA SER G 258 24.47 -11.57 43.77
C SER G 258 24.85 -10.31 44.59
N LEU G 259 24.63 -10.30 45.90
CA LEU G 259 25.05 -9.16 46.78
C LEU G 259 26.55 -8.87 46.58
N GLY G 260 27.40 -9.89 46.56
CA GLY G 260 28.83 -9.73 46.27
C GLY G 260 29.03 -8.89 45.03
N LYS G 261 28.47 -9.34 43.91
CA LYS G 261 28.67 -8.74 42.56
C LYS G 261 28.10 -7.31 42.59
N LYS G 262 26.93 -7.14 43.21
CA LYS G 262 26.20 -5.85 43.35
C LYS G 262 27.09 -4.81 44.03
N LYS G 263 27.65 -5.14 45.19
CA LYS G 263 28.45 -4.22 46.02
C LYS G 263 29.78 -3.94 45.32
N GLU G 264 30.25 -4.84 44.46
CA GLU G 264 31.46 -4.63 43.65
C GLU G 264 31.15 -3.60 42.56
N LEU G 265 30.19 -3.90 41.68
CA LEU G 265 29.89 -3.09 40.46
C LEU G 265 29.24 -1.75 40.82
N MET G 266 28.62 -1.63 42.00
CA MET G 266 27.88 -0.41 42.41
C MET G 266 28.15 -0.16 43.89
N PRO G 267 29.41 0.15 44.27
CA PRO G 267 29.80 0.25 45.68
C PRO G 267 29.30 1.45 46.49
N GLU G 268 28.86 2.54 45.83
CA GLU G 268 28.48 3.82 46.48
C GLU G 268 27.01 3.81 46.92
N GLU G 269 26.46 2.63 47.25
CA GLU G 269 24.99 2.40 47.21
C GLU G 269 24.59 1.29 48.16
N PRO G 270 23.47 1.39 48.90
CA PRO G 270 22.93 0.25 49.65
C PRO G 270 22.43 -0.87 48.73
N HIS G 271 22.57 -2.12 49.14
CA HIS G 271 22.17 -3.33 48.39
C HIS G 271 21.57 -4.36 49.37
N GLU G 272 20.32 -4.76 49.16
CA GLU G 272 19.70 -5.90 49.89
CA GLU G 272 19.71 -5.90 49.89
C GLU G 272 19.31 -6.94 48.83
N ALA G 273 18.85 -8.12 49.27
CA ALA G 273 18.40 -9.19 48.35
C ALA G 273 17.27 -8.62 47.47
N GLY G 274 17.21 -9.08 46.22
CA GLY G 274 16.16 -8.68 45.25
C GLY G 274 14.77 -8.95 45.79
N ARG G 275 13.86 -8.01 45.58
CA ARG G 275 12.39 -8.21 45.75
C ARG G 275 11.78 -8.39 44.36
N ILE G 276 10.55 -8.92 44.30
CA ILE G 276 9.84 -9.23 43.02
C ILE G 276 8.35 -8.93 43.18
N ILE G 277 7.82 -8.10 42.28
CA ILE G 277 6.37 -7.92 42.05
C ILE G 277 6.00 -8.80 40.84
N ILE G 278 4.97 -9.64 40.98
CA ILE G 278 4.47 -10.50 39.88
C ILE G 278 3.04 -10.06 39.60
N VAL G 279 2.80 -9.59 38.38
CA VAL G 279 1.48 -9.10 37.91
C VAL G 279 0.92 -10.17 36.98
N ASP G 280 -0.05 -10.92 37.49
CA ASP G 280 -0.60 -12.14 36.87
C ASP G 280 -1.88 -12.46 37.63
N PRO G 281 -3.07 -12.45 37.01
CA PRO G 281 -4.28 -12.86 37.71
C PRO G 281 -4.20 -14.26 38.33
N ARG G 282 -3.29 -15.10 37.82
CA ARG G 282 -3.11 -16.51 38.22
C ARG G 282 -1.89 -16.63 39.15
N ARG G 283 -2.05 -17.35 40.25
CA ARG G 283 -0.90 -17.81 41.08
C ARG G 283 -0.26 -18.99 40.34
N THR G 284 0.98 -18.79 39.87
CA THR G 284 1.78 -19.74 39.05
C THR G 284 2.84 -20.44 39.91
N VAL G 285 3.50 -21.46 39.36
CA VAL G 285 4.71 -22.09 39.95
C VAL G 285 5.84 -21.04 40.08
N THR G 286 5.82 -19.99 39.27
CA THR G 286 6.82 -18.88 39.31
C THR G 286 6.69 -18.13 40.64
N VAL G 287 5.48 -17.68 40.96
CA VAL G 287 5.13 -17.02 42.26
C VAL G 287 5.58 -17.94 43.38
N ASN G 288 5.17 -19.21 43.31
CA ASN G 288 5.49 -20.23 44.35
C ASN G 288 7.01 -20.24 44.58
N ALA G 289 7.78 -20.36 43.49
CA ALA G 289 9.26 -20.52 43.52
C ALA G 289 9.91 -19.26 44.11
N CYS G 290 9.34 -18.09 43.83
CA CYS G 290 9.89 -16.80 44.34
C CYS G 290 9.76 -16.76 45.86
N GLU G 291 8.56 -17.01 46.38
CA GLU G 291 8.27 -17.11 47.84
C GLU G 291 9.22 -18.11 48.51
N GLN G 292 9.42 -19.25 47.89
CA GLN G 292 10.24 -20.36 48.45
C GLN G 292 11.72 -19.97 48.48
N THR G 293 12.15 -19.03 47.64
CA THR G 293 13.59 -18.65 47.51
CA THR G 293 13.59 -18.65 47.51
C THR G 293 13.86 -17.36 48.27
N ALA G 294 12.95 -16.39 48.16
CA ALA G 294 13.14 -14.99 48.62
C ALA G 294 12.49 -14.78 50.00
N GLY G 295 11.48 -15.60 50.31
CA GLY G 295 10.59 -15.41 51.47
C GLY G 295 9.33 -14.67 51.07
N ALA G 296 8.18 -15.11 51.57
CA ALA G 296 6.85 -14.55 51.26
C ALA G 296 6.88 -13.03 51.35
N ASP G 297 7.73 -12.49 52.25
CA ASP G 297 7.81 -11.04 52.56
C ASP G 297 8.41 -10.26 51.39
N ASN G 298 9.28 -10.90 50.57
CA ASN G 298 10.04 -10.25 49.48
C ASN G 298 9.36 -10.52 48.13
N VAL G 299 8.12 -11.01 48.16
CA VAL G 299 7.34 -11.34 46.93
C VAL G 299 5.98 -10.69 47.08
N LEU G 300 5.62 -9.88 46.11
CA LEU G 300 4.32 -9.19 46.06
C LEU G 300 3.58 -9.71 44.82
N HIS G 301 2.58 -10.57 45.00
CA HIS G 301 1.78 -11.12 43.88
C HIS G 301 0.55 -10.24 43.71
N LEU G 302 0.57 -9.34 42.72
CA LEU G 302 -0.62 -8.55 42.31
C LEU G 302 -1.48 -9.40 41.38
N ALA G 303 -2.40 -10.17 41.97
CA ALA G 303 -3.38 -11.03 41.28
C ALA G 303 -4.51 -10.14 40.76
N ILE G 304 -4.19 -9.34 39.74
CA ILE G 304 -5.14 -8.39 39.11
C ILE G 304 -6.28 -9.17 38.46
N ASN G 305 -7.45 -8.55 38.34
CA ASN G 305 -8.51 -8.97 37.39
C ASN G 305 -7.90 -9.01 35.98
N SER G 306 -8.28 -10.04 35.21
CA SER G 306 -7.87 -10.22 33.78
C SER G 306 -7.99 -8.87 33.08
N GLY G 307 -6.90 -8.39 32.47
CA GLY G 307 -6.94 -7.30 31.49
C GLY G 307 -6.95 -5.90 32.11
N THR G 308 -6.53 -5.73 33.38
CA THR G 308 -6.62 -4.45 34.14
C THR G 308 -5.22 -3.91 34.44
N ASP G 309 -4.19 -4.46 33.81
CA ASP G 309 -2.79 -4.03 34.02
C ASP G 309 -2.65 -2.51 33.82
N LEU G 310 -3.27 -1.96 32.78
CA LEU G 310 -3.14 -0.54 32.39
C LEU G 310 -3.56 0.36 33.57
N ALA G 311 -4.69 0.05 34.20
CA ALA G 311 -5.19 0.75 35.41
C ALA G 311 -4.11 0.70 36.49
N LEU G 312 -3.56 -0.49 36.78
CA LEU G 312 -2.48 -0.66 37.78
C LEU G 312 -1.32 0.28 37.44
N PHE G 313 -0.72 0.14 36.27
CA PHE G 313 0.51 0.88 35.89
C PHE G 313 0.24 2.39 35.98
N ASN G 314 -0.94 2.83 35.57
CA ASN G 314 -1.27 4.27 35.55
C ASN G 314 -1.32 4.78 36.99
N ALA G 315 -1.85 3.99 37.93
CA ALA G 315 -1.90 4.35 39.37
C ALA G 315 -0.47 4.36 39.95
N LEU G 316 0.36 3.40 39.58
CA LEU G 316 1.76 3.34 40.07
C LEU G 316 2.50 4.56 39.52
N PHE G 317 2.26 4.92 38.26
CA PHE G 317 2.93 6.04 37.56
C PHE G 317 2.56 7.34 38.28
N THR G 318 1.25 7.54 38.44
CA THR G 318 0.62 8.70 39.11
C THR G 318 1.27 8.87 40.48
N TYR G 319 1.32 7.80 41.27
CA TYR G 319 1.77 7.82 42.69
C TYR G 319 3.27 8.12 42.78
N ILE G 320 4.06 7.49 41.92
CA ILE G 320 5.54 7.62 41.92
C ILE G 320 5.90 9.06 41.54
N ALA G 321 5.20 9.63 40.57
CA ALA G 321 5.43 11.02 40.09
C ALA G 321 5.05 12.02 41.20
N ASP G 322 3.87 11.86 41.81
CA ASP G 322 3.35 12.76 42.88
C ASP G 322 4.34 12.82 44.05
N LYS G 323 4.94 11.70 44.41
CA LYS G 323 5.97 11.56 45.48
C LYS G 323 7.33 12.11 45.01
N GLY G 324 7.52 12.31 43.72
CA GLY G 324 8.80 12.75 43.12
C GLY G 324 9.88 11.68 43.18
N TRP G 325 9.49 10.40 43.18
CA TRP G 325 10.43 9.23 43.19
C TRP G 325 10.86 8.91 41.76
N VAL G 326 11.46 9.89 41.09
CA VAL G 326 11.76 9.85 39.62
C VAL G 326 13.16 10.42 39.39
N ASP G 327 13.89 9.85 38.42
CA ASP G 327 15.26 10.29 38.04
C ASP G 327 15.08 11.57 37.21
N ARG G 328 15.19 12.73 37.86
CA ARG G 328 14.84 14.07 37.29
CA ARG G 328 14.83 14.06 37.27
C ARG G 328 15.83 14.42 36.17
N ASP G 329 17.12 14.16 36.39
CA ASP G 329 18.18 14.39 35.38
C ASP G 329 17.88 13.56 34.12
N PHE G 330 17.57 12.26 34.27
CA PHE G 330 17.28 11.36 33.13
C PHE G 330 16.12 11.93 32.31
N ILE G 331 15.03 12.26 32.98
CA ILE G 331 13.84 12.87 32.32
C ILE G 331 14.28 14.12 31.55
N ASP G 332 15.03 15.03 32.16
CA ASP G 332 15.40 16.34 31.55
C ASP G 332 16.36 16.13 30.37
N LYS G 333 17.31 15.20 30.47
CA LYS G 333 18.42 15.08 29.48
C LYS G 333 17.99 14.19 28.31
N SER G 334 17.09 13.24 28.55
CA SER G 334 16.93 12.04 27.69
C SER G 334 15.48 11.83 27.26
N THR G 335 14.54 12.68 27.69
CA THR G 335 13.13 12.55 27.28
C THR G 335 12.59 13.87 26.70
N LEU G 336 11.51 13.74 25.93
CA LEU G 336 10.85 14.84 25.20
C LEU G 336 10.23 15.82 26.20
N ARG G 337 10.71 17.06 26.19
CA ARG G 337 10.33 18.14 27.13
C ARG G 337 9.22 19.00 26.51
N GLU G 338 9.08 19.00 25.18
CA GLU G 338 8.00 19.73 24.45
C GLU G 338 6.66 19.04 24.69
N GLY G 339 5.68 19.80 25.19
CA GLY G 339 4.26 19.43 25.14
C GLY G 339 3.79 19.23 23.70
N THR G 340 2.63 18.56 23.53
CA THR G 340 1.99 18.28 22.23
C THR G 340 0.49 18.05 22.48
N ALA G 341 -0.36 18.57 21.60
CA ALA G 341 -1.83 18.62 21.78
C ALA G 341 -2.43 17.22 21.68
N ARG G 342 -3.33 16.86 22.59
CA ARG G 342 -4.11 15.60 22.54
C ARG G 342 -4.93 15.56 21.25
N PRO G 343 -5.03 14.39 20.59
CA PRO G 343 -5.81 14.28 19.35
C PRO G 343 -7.30 14.43 19.65
N PRO G 344 -8.12 14.76 18.62
CA PRO G 344 -9.49 15.21 18.83
C PRO G 344 -10.39 14.21 19.58
N LEU G 345 -10.14 12.91 19.42
CA LEU G 345 -11.05 11.83 19.90
C LEU G 345 -10.56 11.27 21.26
N TYR G 346 -9.45 11.77 21.79
CA TYR G 346 -8.92 11.41 23.13
C TYR G 346 -9.94 11.75 24.21
N PRO G 347 -9.99 10.99 25.33
CA PRO G 347 -9.17 9.79 25.53
C PRO G 347 -9.68 8.44 24.98
N ALA G 348 -10.90 8.35 24.43
CA ALA G 348 -11.54 7.08 24.00
C ALA G 348 -10.74 6.42 22.87
N ARG G 349 -10.28 7.21 21.87
CA ARG G 349 -9.55 6.73 20.67
C ARG G 349 -8.33 7.65 20.40
N GLY G 350 -7.27 7.12 19.81
CA GLY G 350 -6.05 7.88 19.45
C GLY G 350 -6.28 8.74 18.22
N VAL G 351 -5.22 9.36 17.69
CA VAL G 351 -5.23 10.17 16.44
C VAL G 351 -5.69 9.28 15.26
N SER G 352 -5.38 7.98 15.27
CA SER G 352 -5.84 7.02 14.23
C SER G 352 -5.69 5.59 14.71
N GLU G 353 -6.22 4.63 13.94
CA GLU G 353 -6.04 3.18 14.19
C GLU G 353 -4.54 2.90 14.30
N ALA G 354 -3.73 3.61 13.51
CA ALA G 354 -2.25 3.49 13.48
C ALA G 354 -1.62 3.89 14.82
N ASN G 355 -2.27 4.78 15.60
CA ASN G 355 -1.65 5.41 16.80
C ASN G 355 -2.67 5.48 17.93
N PRO G 356 -2.86 4.36 18.67
CA PRO G 356 -3.94 4.26 19.66
C PRO G 356 -3.67 5.08 20.92
N GLY G 357 -2.43 5.49 21.13
CA GLY G 357 -1.97 6.21 22.33
C GLY G 357 -1.29 7.50 21.92
N HIS G 358 -1.09 8.43 22.84
CA HIS G 358 -0.54 9.77 22.53
C HIS G 358 0.85 9.93 23.16
N LEU G 359 1.89 10.04 22.34
CA LEU G 359 3.29 10.28 22.82
C LEU G 359 3.43 11.73 23.32
N SER G 360 4.10 11.92 24.45
CA SER G 360 4.19 13.23 25.16
C SER G 360 5.38 13.25 26.13
N SER G 361 5.52 14.42 26.76
CA SER G 361 6.41 14.67 27.92
C SER G 361 5.96 13.85 29.13
N PHE G 362 6.90 13.59 30.03
CA PHE G 362 6.67 13.11 31.41
C PHE G 362 5.42 13.78 32.00
N GLU G 363 5.36 15.11 31.94
CA GLU G 363 4.36 15.92 32.68
C GLU G 363 2.97 15.71 32.09
N ASP G 364 2.84 15.74 30.77
CA ASP G 364 1.53 15.58 30.09
C ASP G 364 1.09 14.11 30.18
N ALA G 365 2.04 13.17 30.19
CA ALA G 365 1.79 11.72 30.37
C ALA G 365 1.15 11.51 31.75
N VAL G 366 1.78 12.06 32.80
CA VAL G 366 1.32 11.89 34.21
C VAL G 366 -0.14 12.36 34.32
N GLU G 367 -0.50 13.52 33.74
CA GLU G 367 -1.88 14.10 33.86
C GLU G 367 -2.85 13.35 32.93
N GLY G 368 -2.38 12.88 31.77
CA GLY G 368 -3.20 12.00 30.91
C GLY G 368 -3.49 10.66 31.60
N CYS G 369 -2.48 10.05 32.23
CA CYS G 369 -2.54 8.70 32.83
C CYS G 369 -3.19 8.73 34.21
N ARG G 370 -3.20 9.92 34.85
CA ARG G 370 -3.66 10.19 36.24
C ARG G 370 -4.80 9.25 36.63
N MET G 371 -4.54 8.37 37.58
CA MET G 371 -5.55 7.48 38.19
C MET G 371 -5.22 7.36 39.69
N SER G 372 -6.22 7.56 40.54
CA SER G 372 -6.10 7.43 42.02
C SER G 372 -5.87 5.96 42.35
N ILE G 373 -5.16 5.70 43.46
CA ILE G 373 -5.01 4.38 44.13
C ILE G 373 -6.40 3.72 44.24
N GLU G 374 -7.41 4.44 44.68
CA GLU G 374 -8.72 3.83 45.04
C GLU G 374 -9.51 3.49 43.76
N GLU G 375 -9.29 4.21 42.66
CA GLU G 375 -9.96 3.89 41.35
C GLU G 375 -9.33 2.62 40.78
N ALA G 376 -7.99 2.54 40.76
CA ALA G 376 -7.21 1.37 40.29
C ALA G 376 -7.56 0.16 41.16
N ALA G 377 -7.66 0.34 42.47
CA ALA G 377 -8.08 -0.71 43.44
C ALA G 377 -9.39 -1.33 42.96
N GLU G 378 -10.37 -0.51 42.59
CA GLU G 378 -11.73 -0.95 42.17
C GLU G 378 -11.64 -1.78 40.88
N ILE G 379 -10.94 -1.26 39.87
CA ILE G 379 -10.77 -1.88 38.53
C ILE G 379 -9.94 -3.18 38.65
N THR G 380 -8.80 -3.14 39.35
CA THR G 380 -7.83 -4.27 39.39
C THR G 380 -8.27 -5.36 40.38
N GLY G 381 -9.14 -5.02 41.35
CA GLY G 381 -9.58 -5.91 42.44
C GLY G 381 -8.53 -6.00 43.53
N LEU G 382 -7.41 -5.29 43.38
CA LEU G 382 -6.34 -5.24 44.40
C LEU G 382 -6.80 -4.35 45.57
N ASP G 383 -6.21 -4.56 46.74
CA ASP G 383 -6.28 -3.66 47.92
C ASP G 383 -5.40 -2.42 47.68
N ALA G 384 -5.90 -1.24 48.06
CA ALA G 384 -5.11 0.02 48.07
C ALA G 384 -3.69 -0.25 48.59
N ALA G 385 -3.56 -0.97 49.70
CA ALA G 385 -2.27 -1.25 50.38
C ALA G 385 -1.31 -1.95 49.41
N GLN G 386 -1.79 -2.89 48.58
CA GLN G 386 -0.93 -3.66 47.64
C GLN G 386 -0.29 -2.69 46.64
N ILE G 387 -1.09 -1.81 46.07
CA ILE G 387 -0.70 -0.87 44.97
C ILE G 387 0.33 0.13 45.54
N ILE G 388 0.08 0.64 46.75
CA ILE G 388 1.00 1.61 47.42
C ILE G 388 2.33 0.88 47.66
N LYS G 389 2.30 -0.34 48.21
CA LYS G 389 3.56 -1.08 48.48
C LYS G 389 4.35 -1.23 47.18
N ALA G 390 3.66 -1.59 46.09
CA ALA G 390 4.26 -1.81 44.75
C ALA G 390 4.99 -0.54 44.34
N ALA G 391 4.32 0.61 44.45
CA ALA G 391 4.89 1.95 44.14
C ALA G 391 6.19 2.13 44.94
N GLU G 392 6.17 1.78 46.23
CA GLU G 392 7.34 1.93 47.14
C GLU G 392 8.46 1.00 46.67
N TRP G 393 8.12 -0.28 46.40
CA TRP G 393 9.06 -1.33 45.94
C TRP G 393 9.72 -0.91 44.61
N ILE G 394 9.03 -0.07 43.83
CA ILE G 394 9.52 0.46 42.52
C ILE G 394 10.23 1.81 42.71
N GLY G 395 9.62 2.72 43.48
CA GLY G 395 9.95 4.17 43.45
C GLY G 395 10.82 4.66 44.59
N MET G 396 10.54 4.22 45.82
CA MET G 396 11.12 4.81 47.06
C MET G 396 12.63 4.72 47.03
N PRO G 397 13.36 5.84 47.25
CA PRO G 397 14.82 5.82 47.21
C PRO G 397 15.36 4.90 48.30
N LYS G 398 16.57 4.40 48.10
CA LYS G 398 17.29 3.59 49.11
C LYS G 398 17.88 4.55 50.14
N GLU G 399 18.54 4.03 51.19
CA GLU G 399 19.30 4.82 52.20
C GLU G 399 20.24 5.77 51.47
N GLY G 400 20.23 7.06 51.82
CA GLY G 400 21.16 8.04 51.21
C GLY G 400 20.53 8.76 50.04
N GLY G 401 19.22 8.55 49.82
CA GLY G 401 18.45 9.05 48.66
C GLY G 401 18.90 8.47 47.32
N LYS G 402 19.57 7.31 47.31
CA LYS G 402 20.05 6.63 46.07
C LYS G 402 18.86 6.00 45.32
N ARG G 403 18.87 6.11 43.99
CA ARG G 403 17.76 5.64 43.10
CA ARG G 403 17.82 5.64 43.04
C ARG G 403 17.67 4.11 43.13
N ARG G 404 16.43 3.63 43.25
CA ARG G 404 16.08 2.18 43.29
C ARG G 404 16.17 1.64 41.87
N ARG G 405 17.02 0.64 41.69
CA ARG G 405 17.24 -0.08 40.41
C ARG G 405 16.14 -1.12 40.23
N VAL G 406 15.37 -0.99 39.15
CA VAL G 406 14.20 -1.86 38.83
C VAL G 406 14.34 -2.38 37.40
N MET G 407 14.37 -3.70 37.23
CA MET G 407 14.20 -4.35 35.90
C MET G 407 12.73 -4.70 35.75
N PHE G 408 12.06 -4.07 34.78
CA PHE G 408 10.67 -4.36 34.36
C PHE G 408 10.72 -5.35 33.20
N GLY G 409 10.20 -6.55 33.39
CA GLY G 409 10.15 -7.61 32.37
C GLY G 409 8.70 -7.93 32.07
N TYR G 410 8.34 -8.03 30.78
CA TYR G 410 6.96 -8.40 30.38
C TYR G 410 6.95 -9.39 29.22
N GLU G 411 5.84 -10.13 29.11
CA GLU G 411 5.61 -11.09 28.01
C GLU G 411 4.10 -11.13 27.71
N LYS G 412 3.56 -12.33 27.44
CA LYS G 412 2.31 -12.45 26.65
C LYS G 412 1.09 -12.14 27.52
N GLY G 413 1.19 -12.13 28.85
CA GLY G 413 0.10 -11.64 29.71
C GLY G 413 -0.20 -10.17 29.43
N LEU G 414 0.81 -9.39 29.04
CA LEU G 414 0.65 -7.97 28.61
C LEU G 414 0.39 -7.95 27.11
N ILE G 415 1.29 -8.55 26.32
CA ILE G 415 1.28 -8.38 24.85
C ILE G 415 -0.05 -8.89 24.27
N TRP G 416 -0.56 -10.04 24.71
CA TRP G 416 -1.86 -10.62 24.26
C TRP G 416 -2.98 -10.18 25.21
N GLY G 417 -2.63 -9.37 26.20
CA GLY G 417 -3.57 -8.78 27.17
C GLY G 417 -4.22 -7.53 26.64
N ASN G 418 -5.07 -6.93 27.48
CA ASN G 418 -6.00 -5.85 27.09
C ASN G 418 -5.21 -4.58 26.73
N ASP G 419 -5.65 -3.94 25.64
CA ASP G 419 -5.14 -2.64 25.13
C ASP G 419 -3.61 -2.69 24.99
N ASN G 420 -3.11 -3.58 24.13
CA ASN G 420 -1.66 -3.82 23.94
C ASN G 420 -0.89 -2.47 23.89
N TYR G 421 -1.33 -1.50 23.09
CA TYR G 421 -0.52 -0.29 22.81
C TYR G 421 -0.35 0.54 24.09
N ARG G 422 -1.45 0.79 24.81
CA ARG G 422 -1.49 1.69 25.98
C ARG G 422 -0.86 1.01 27.19
N THR G 423 -1.12 -0.29 27.40
CA THR G 423 -0.53 -1.08 28.51
C THR G 423 0.99 -1.13 28.32
N ASN G 424 1.45 -1.33 27.08
CA ASN G 424 2.90 -1.43 26.74
C ASN G 424 3.58 -0.11 27.14
N GLY G 425 3.02 1.03 26.77
CA GLY G 425 3.56 2.38 27.04
C GLY G 425 3.45 2.77 28.51
N ALA G 426 2.32 2.44 29.15
CA ALA G 426 2.06 2.68 30.59
C ALA G 426 3.14 1.99 31.43
N LEU G 427 3.58 0.78 31.06
CA LEU G 427 4.69 0.10 31.77
C LEU G 427 6.01 0.81 31.49
N VAL G 428 6.27 1.19 30.24
CA VAL G 428 7.54 1.87 29.82
C VAL G 428 7.64 3.24 30.53
N ASN G 429 6.50 3.90 30.75
CA ASN G 429 6.42 5.17 31.54
C ASN G 429 7.16 4.96 32.86
N LEU G 430 6.84 3.89 33.61
CA LEU G 430 7.44 3.57 34.94
C LEU G 430 8.95 3.46 34.83
N ALA G 431 9.45 2.78 33.80
CA ALA G 431 10.90 2.53 33.63
C ALA G 431 11.61 3.85 33.29
N LEU G 432 11.03 4.64 32.37
CA LEU G 432 11.59 5.94 31.92
C LEU G 432 11.67 6.88 33.13
N ALA G 433 10.55 7.05 33.84
CA ALA G 433 10.43 7.95 35.00
C ALA G 433 11.47 7.62 36.08
N THR G 434 11.80 6.35 36.29
CA THR G 434 12.73 5.90 37.36
C THR G 434 14.15 5.74 36.82
N GLY G 435 14.41 6.24 35.61
CA GLY G 435 15.71 6.15 34.91
C GLY G 435 16.23 4.72 34.84
N ASN G 436 15.34 3.73 34.70
CA ASN G 436 15.65 2.27 34.68
C ASN G 436 15.71 1.77 33.23
N ILE G 437 16.55 2.41 32.40
CA ILE G 437 16.83 2.02 31.00
C ILE G 437 18.25 2.48 30.68
N GLY G 438 19.11 1.55 30.28
CA GLY G 438 20.51 1.82 29.91
C GLY G 438 21.43 1.76 31.10
N ARG G 439 20.90 1.57 32.32
CA ARG G 439 21.67 1.47 33.59
C ARG G 439 21.70 0.02 34.11
N PRO G 440 22.78 -0.39 34.82
CA PRO G 440 22.81 -1.67 35.51
C PRO G 440 21.62 -1.82 36.48
N GLY G 441 21.09 -3.05 36.57
CA GLY G 441 19.92 -3.41 37.38
C GLY G 441 18.61 -2.88 36.82
N GLY G 442 18.64 -2.38 35.59
CA GLY G 442 17.44 -1.79 34.96
C GLY G 442 16.98 -2.57 33.73
N GLY G 443 16.08 -1.96 32.98
CA GLY G 443 15.53 -2.47 31.71
C GLY G 443 14.02 -2.42 31.75
N VAL G 444 13.38 -2.10 30.63
CA VAL G 444 11.96 -2.44 30.42
C VAL G 444 11.86 -3.29 29.16
N VAL G 445 11.70 -4.60 29.35
CA VAL G 445 12.02 -5.61 28.29
C VAL G 445 10.92 -6.64 28.17
N ARG G 446 10.63 -6.99 26.93
CA ARG G 446 10.10 -8.32 26.56
C ARG G 446 11.01 -9.38 27.17
N LEU G 447 10.44 -10.36 27.85
CA LEU G 447 11.20 -11.55 28.31
C LEU G 447 11.24 -12.60 27.19
N GLY G 448 10.33 -12.49 26.22
CA GLY G 448 10.46 -13.11 24.88
C GLY G 448 9.77 -14.46 24.82
N GLY G 449 9.65 -14.99 23.60
CA GLY G 449 9.04 -16.30 23.29
C GLY G 449 10.05 -17.18 22.61
N HIS G 450 10.15 -17.10 21.29
CA HIS G 450 11.25 -17.71 20.49
C HIS G 450 12.51 -16.86 20.64
N GLN G 451 13.65 -17.36 20.16
CA GLN G 451 14.84 -16.51 19.93
C GLN G 451 14.48 -15.51 18.81
N GLU G 452 15.34 -14.52 18.59
CA GLU G 452 15.13 -13.49 17.54
C GLU G 452 16.12 -13.74 16.41
N GLY G 453 15.68 -13.63 15.18
CA GLY G 453 16.55 -13.85 14.01
C GLY G 453 15.92 -13.24 12.79
N TYR G 454 15.57 -11.96 12.88
CA TYR G 454 14.82 -11.18 11.86
C TYR G 454 15.79 -10.28 11.10
N VAL G 455 15.99 -10.59 9.83
CA VAL G 455 16.51 -9.62 8.83
C VAL G 455 15.69 -9.84 7.55
N ARG G 456 14.97 -8.80 7.14
CA ARG G 456 14.14 -8.85 5.91
C ARG G 456 14.28 -7.52 5.18
N PRO G 457 13.98 -7.48 3.88
CA PRO G 457 13.76 -6.21 3.20
C PRO G 457 12.66 -5.39 3.89
N SER G 458 12.58 -4.13 3.49
CA SER G 458 11.56 -3.14 3.95
C SER G 458 10.15 -3.72 3.83
N ASP G 459 9.36 -3.55 4.87
CA ASP G 459 7.92 -3.94 4.85
C ASP G 459 7.05 -2.70 4.70
N ALA G 460 7.56 -1.61 4.09
CA ALA G 460 6.89 -0.28 4.06
C ALA G 460 5.53 -0.38 3.36
N HIS G 461 5.40 -1.24 2.34
CA HIS G 461 4.16 -1.53 1.55
C HIS G 461 3.06 -2.19 2.41
N VAL G 462 3.37 -2.76 3.57
CA VAL G 462 2.40 -3.62 4.32
C VAL G 462 1.31 -2.75 4.97
N GLY G 463 1.63 -1.51 5.31
CA GLY G 463 0.67 -0.59 5.93
C GLY G 463 0.62 -0.77 7.44
N ARG G 464 0.22 0.28 8.13
CA ARG G 464 -0.01 0.30 9.60
C ARG G 464 -1.30 1.05 9.83
N PRO G 465 -2.42 0.41 10.25
CA PRO G 465 -2.47 -1.03 10.51
C PRO G 465 -2.31 -1.87 9.24
N ALA G 466 -1.84 -3.12 9.34
CA ALA G 466 -1.66 -4.05 8.20
C ALA G 466 -2.93 -4.90 8.02
N ALA G 467 -3.03 -5.64 6.93
CA ALA G 467 -4.23 -6.45 6.62
C ALA G 467 -4.41 -7.54 7.69
N TYR G 468 -5.66 -7.72 8.13
CA TYR G 468 -6.12 -8.81 9.03
C TYR G 468 -6.32 -10.05 8.14
N VAL G 469 -5.22 -10.77 7.88
CA VAL G 469 -5.14 -11.93 6.94
C VAL G 469 -6.25 -12.93 7.26
N ASP G 470 -6.41 -13.36 8.51
CA ASP G 470 -7.43 -14.40 8.87
C ASP G 470 -8.82 -13.98 8.38
N GLN G 471 -9.19 -12.71 8.52
CA GLN G 471 -10.53 -12.19 8.15
C GLN G 471 -10.65 -12.19 6.62
N LEU G 472 -9.55 -11.97 5.89
CA LEU G 472 -9.56 -12.08 4.41
C LEU G 472 -9.91 -13.51 3.97
N LEU G 473 -9.25 -14.52 4.57
CA LEU G 473 -9.46 -15.96 4.26
C LEU G 473 -10.86 -16.38 4.70
N ILE G 474 -11.30 -15.98 5.90
CA ILE G 474 -12.66 -16.31 6.39
C ILE G 474 -13.68 -15.65 5.46
N GLY G 475 -13.33 -14.48 4.91
CA GLY G 475 -14.21 -13.65 4.06
C GLY G 475 -14.26 -14.11 2.62
N GLY G 476 -13.44 -15.08 2.20
CA GLY G 476 -13.50 -15.71 0.87
C GLY G 476 -12.56 -15.05 -0.13
N GLN G 477 -11.58 -14.28 0.37
CA GLN G 477 -10.58 -13.56 -0.47
C GLN G 477 -9.25 -14.32 -0.46
N GLY G 478 -8.35 -13.95 -1.38
CA GLY G 478 -7.10 -14.68 -1.66
C GLY G 478 -7.34 -15.90 -2.55
N GLY G 479 -6.37 -16.25 -3.38
CA GLY G 479 -6.39 -17.45 -4.24
C GLY G 479 -5.37 -18.48 -3.82
N VAL G 480 -4.17 -18.05 -3.41
CA VAL G 480 -3.02 -18.91 -3.03
C VAL G 480 -2.53 -18.52 -1.63
N HIS G 481 -2.32 -19.52 -0.79
CA HIS G 481 -1.79 -19.38 0.58
C HIS G 481 -0.48 -20.15 0.66
N HIS G 482 0.62 -19.46 0.89
CA HIS G 482 1.92 -20.11 1.24
C HIS G 482 2.05 -20.02 2.76
N ILE G 483 2.20 -21.17 3.42
CA ILE G 483 2.31 -21.30 4.90
C ILE G 483 3.70 -21.84 5.25
N TRP G 484 4.49 -21.06 5.99
CA TRP G 484 5.86 -21.42 6.44
C TRP G 484 5.90 -21.51 7.96
N GLY G 485 6.01 -22.72 8.53
CA GLY G 485 6.40 -22.93 9.93
C GLY G 485 5.48 -22.29 10.95
N CYS G 486 4.18 -22.43 10.74
CA CYS G 486 3.13 -22.10 11.73
C CYS G 486 1.88 -22.93 11.43
N ASP G 487 1.00 -23.09 12.41
CA ASP G 487 -0.16 -23.99 12.29
C ASP G 487 -1.40 -23.32 12.89
N HIS G 488 -2.04 -22.43 12.10
CA HIS G 488 -3.24 -21.65 12.47
C HIS G 488 -4.31 -22.56 13.08
N TYR G 489 -4.43 -23.80 12.59
CA TYR G 489 -5.45 -24.76 13.08
C TYR G 489 -5.32 -24.94 14.59
N LYS G 490 -4.12 -24.78 15.15
CA LYS G 490 -3.86 -24.94 16.60
C LYS G 490 -3.65 -23.61 17.34
N THR G 491 -3.24 -22.52 16.67
CA THR G 491 -2.63 -21.34 17.38
C THR G 491 -3.29 -20.01 17.00
N THR G 492 -4.13 -19.92 15.99
CA THR G 492 -4.72 -18.61 15.62
C THR G 492 -5.89 -18.30 16.55
N LEU G 493 -6.35 -17.06 16.53
CA LEU G 493 -7.61 -16.68 17.23
C LEU G 493 -8.80 -17.06 16.35
N ASN G 494 -9.96 -17.20 16.97
CA ASN G 494 -11.22 -17.45 16.22
C ASN G 494 -11.02 -18.72 15.40
N ALA G 495 -10.34 -19.72 15.97
CA ALA G 495 -9.74 -20.85 15.23
C ALA G 495 -10.84 -21.81 14.75
N HIS G 496 -11.96 -21.93 15.47
CA HIS G 496 -13.09 -22.82 15.09
C HIS G 496 -13.61 -22.37 13.73
N GLU G 497 -13.96 -21.09 13.61
CA GLU G 497 -14.48 -20.50 12.36
C GLU G 497 -13.39 -20.57 11.28
N PHE G 498 -12.13 -20.28 11.64
CA PHE G 498 -11.00 -20.35 10.67
C PHE G 498 -11.05 -21.71 9.98
N LYS G 499 -11.08 -22.77 10.77
CA LYS G 499 -11.02 -24.16 10.26
C LYS G 499 -12.27 -24.50 9.44
N ARG G 500 -13.47 -24.10 9.88
CA ARG G 500 -14.74 -24.39 9.14
C ARG G 500 -14.58 -23.91 7.69
N VAL G 501 -14.10 -22.68 7.51
CA VAL G 501 -14.00 -22.00 6.20
C VAL G 501 -12.76 -22.50 5.45
N TYR G 502 -11.61 -22.60 6.11
CA TYR G 502 -10.36 -23.06 5.45
C TYR G 502 -10.61 -24.43 4.80
N LYS G 503 -11.25 -25.33 5.53
CA LYS G 503 -11.64 -26.67 5.03
C LYS G 503 -12.47 -26.55 3.74
N LYS G 504 -13.52 -25.74 3.75
CA LYS G 504 -14.47 -25.67 2.59
C LYS G 504 -13.75 -25.13 1.37
N ARG G 505 -12.92 -24.12 1.56
CA ARG G 505 -12.20 -23.40 0.46
C ARG G 505 -11.11 -24.30 -0.14
N THR G 506 -10.34 -25.00 0.68
CA THR G 506 -9.32 -25.98 0.21
C THR G 506 -10.01 -27.22 -0.38
N ASP G 507 -11.17 -27.63 0.15
CA ASP G 507 -11.94 -28.79 -0.34
C ASP G 507 -12.33 -28.57 -1.81
N MET G 508 -12.72 -27.34 -2.18
CA MET G 508 -13.16 -26.98 -3.55
C MET G 508 -12.03 -27.25 -4.56
N VAL G 509 -10.80 -26.92 -4.18
CA VAL G 509 -9.58 -27.11 -5.02
C VAL G 509 -9.17 -28.59 -5.00
N LYS G 510 -9.35 -29.30 -3.89
CA LYS G 510 -9.07 -30.76 -3.82
C LYS G 510 -10.02 -31.52 -4.77
N ASP G 511 -11.32 -31.25 -4.68
CA ASP G 511 -12.35 -31.89 -5.54
C ASP G 511 -11.99 -31.62 -7.01
N ALA G 512 -11.55 -30.42 -7.35
CA ALA G 512 -11.14 -30.09 -8.75
C ALA G 512 -9.88 -30.88 -9.15
N MET G 513 -8.87 -30.97 -8.29
CA MET G 513 -7.59 -31.63 -8.64
C MET G 513 -7.79 -33.17 -8.75
N SER G 514 -8.66 -33.75 -7.92
CA SER G 514 -8.98 -35.20 -7.91
C SER G 514 -9.64 -35.63 -9.23
N ALA G 515 -10.32 -34.68 -9.89
CA ALA G 515 -11.17 -34.90 -11.09
C ALA G 515 -10.44 -34.50 -12.38
N ALA G 516 -9.33 -33.76 -12.30
CA ALA G 516 -8.55 -33.32 -13.49
C ALA G 516 -7.37 -34.26 -13.73
N PRO G 517 -6.82 -34.28 -14.99
CA PRO G 517 -5.64 -35.08 -15.30
C PRO G 517 -4.36 -34.43 -14.74
N TYR G 518 -3.48 -35.18 -14.07
CA TYR G 518 -2.25 -34.65 -13.43
C TYR G 518 -1.09 -34.63 -14.46
N GLY G 519 -0.88 -35.75 -15.14
CA GLY G 519 0.19 -35.94 -16.14
C GLY G 519 0.10 -34.92 -17.27
N ASP G 520 -1.06 -34.30 -17.49
CA ASP G 520 -1.23 -33.10 -18.35
C ASP G 520 -1.28 -31.86 -17.43
N ARG G 521 -0.14 -31.22 -17.17
CA ARG G 521 0.03 -30.29 -16.03
C ARG G 521 -0.77 -29.01 -16.27
N GLU G 522 -0.84 -28.53 -17.51
CA GLU G 522 -1.58 -27.30 -17.90
C GLU G 522 -3.07 -27.47 -17.53
N ALA G 523 -3.65 -28.66 -17.71
CA ALA G 523 -5.07 -28.96 -17.40
C ALA G 523 -5.26 -28.99 -15.88
N MET G 524 -4.27 -29.54 -15.15
CA MET G 524 -4.28 -29.58 -13.68
C MET G 524 -4.31 -28.15 -13.18
N VAL G 525 -3.39 -27.31 -13.69
CA VAL G 525 -3.28 -25.87 -13.30
C VAL G 525 -4.59 -25.14 -13.61
N ASN G 526 -5.21 -25.38 -14.77
CA ASN G 526 -6.44 -24.68 -15.21
C ASN G 526 -7.60 -25.08 -14.29
N ALA G 527 -7.66 -26.36 -13.94
CA ALA G 527 -8.69 -26.89 -13.03
C ALA G 527 -8.57 -26.20 -11.66
N ILE G 528 -7.35 -26.00 -11.16
CA ILE G 528 -7.08 -25.37 -9.84
C ILE G 528 -7.56 -23.92 -9.89
N VAL G 529 -7.18 -23.21 -10.93
CA VAL G 529 -7.46 -21.75 -11.08
C VAL G 529 -8.98 -21.51 -11.27
N ASP G 530 -9.70 -22.34 -12.06
CA ASP G 530 -11.19 -22.28 -12.15
C ASP G 530 -11.79 -22.42 -10.74
N ALA G 531 -11.36 -23.42 -9.96
CA ALA G 531 -11.81 -23.66 -8.57
C ALA G 531 -11.52 -22.44 -7.67
N ILE G 532 -10.30 -21.88 -7.75
CA ILE G 532 -9.95 -20.63 -7.00
C ILE G 532 -10.92 -19.52 -7.43
N ASN G 533 -11.18 -19.41 -8.74
CA ASN G 533 -12.05 -18.33 -9.28
C ASN G 533 -13.48 -18.49 -8.74
N GLN G 534 -13.89 -19.69 -8.30
CA GLN G 534 -15.26 -19.91 -7.74
CA GLN G 534 -15.24 -19.95 -7.73
C GLN G 534 -15.23 -19.75 -6.21
N GLY G 535 -14.11 -19.34 -5.63
CA GLY G 535 -13.98 -19.07 -4.17
C GLY G 535 -13.10 -20.07 -3.43
N GLY G 536 -12.48 -21.02 -4.14
CA GLY G 536 -11.53 -21.98 -3.56
C GLY G 536 -10.24 -21.33 -3.08
N LEU G 537 -9.39 -22.09 -2.40
CA LEU G 537 -8.03 -21.65 -1.99
C LEU G 537 -7.07 -22.82 -2.23
N PHE G 538 -6.00 -22.56 -2.97
CA PHE G 538 -4.83 -23.44 -3.17
C PHE G 538 -3.81 -23.08 -2.09
N ALA G 539 -3.42 -24.07 -1.29
CA ALA G 539 -2.64 -23.92 -0.04
C ALA G 539 -1.35 -24.74 -0.13
N VAL G 540 -0.21 -24.10 0.14
CA VAL G 540 1.13 -24.73 0.12
C VAL G 540 1.67 -24.63 1.54
N ASN G 541 2.04 -25.77 2.15
CA ASN G 541 2.62 -25.84 3.50
C ASN G 541 4.11 -26.19 3.42
N VAL G 542 4.94 -25.39 4.07
CA VAL G 542 6.40 -25.66 4.26
C VAL G 542 6.60 -25.97 5.75
N ASP G 543 6.90 -27.23 6.10
CA ASP G 543 6.97 -27.65 7.53
C ASP G 543 7.96 -28.79 7.67
N ILE G 544 8.08 -29.34 8.88
CA ILE G 544 8.99 -30.48 9.22
C ILE G 544 8.17 -31.74 9.53
N ILE G 545 6.87 -31.57 9.76
CA ILE G 545 5.91 -32.65 10.13
C ILE G 545 4.58 -32.43 9.39
N PRO G 546 3.68 -33.44 9.37
CA PRO G 546 2.33 -33.29 8.84
C PRO G 546 1.55 -32.47 9.87
N THR G 547 1.21 -31.23 9.51
CA THR G 547 0.59 -30.22 10.41
C THR G 547 -0.93 -30.41 10.40
N LYS G 548 -1.64 -29.69 11.25
CA LYS G 548 -3.12 -29.73 11.23
C LYS G 548 -3.64 -28.93 10.03
N ILE G 549 -3.11 -27.72 9.80
CA ILE G 549 -3.49 -26.91 8.60
C ILE G 549 -3.05 -27.69 7.35
N GLY G 550 -1.93 -28.43 7.41
CA GLY G 550 -1.41 -29.30 6.33
C GLY G 550 -2.41 -30.34 5.83
N GLU G 551 -3.30 -30.83 6.68
CA GLU G 551 -4.43 -31.74 6.30
C GLU G 551 -5.38 -31.05 5.31
N ALA G 552 -5.33 -29.73 5.17
CA ALA G 552 -6.16 -28.96 4.23
C ALA G 552 -5.34 -28.53 3.01
N CYS G 553 -4.01 -28.75 3.04
CA CYS G 553 -3.08 -28.25 2.00
C CYS G 553 -2.96 -29.20 0.80
N HIS G 554 -2.64 -28.62 -0.35
CA HIS G 554 -2.55 -29.27 -1.69
C HIS G 554 -1.10 -29.64 -1.98
N VAL G 555 -0.14 -28.89 -1.43
CA VAL G 555 1.31 -29.22 -1.57
C VAL G 555 1.97 -29.04 -0.20
N ILE G 556 2.87 -29.97 0.12
CA ILE G 556 3.72 -29.96 1.34
C ILE G 556 5.17 -30.02 0.84
N LEU G 557 6.02 -29.10 1.28
CA LEU G 557 7.47 -29.11 1.00
C LEU G 557 8.21 -29.38 2.31
N PRO G 558 9.07 -30.42 2.38
CA PRO G 558 9.77 -30.77 3.62
C PRO G 558 10.96 -29.87 3.93
N ALA G 559 10.95 -29.28 5.12
CA ALA G 559 11.99 -28.36 5.61
C ALA G 559 12.99 -29.13 6.51
N ALA G 560 14.22 -28.62 6.56
CA ALA G 560 15.29 -29.00 7.49
C ALA G 560 15.36 -27.91 8.55
N THR G 561 15.55 -28.28 9.81
CA THR G 561 15.54 -27.34 10.95
C THR G 561 16.94 -27.27 11.56
N SER G 562 17.12 -26.38 12.52
CA SER G 562 18.41 -26.14 13.24
C SER G 562 19.07 -27.47 13.60
N GLY G 563 20.35 -27.59 13.27
CA GLY G 563 21.17 -28.77 13.58
C GLY G 563 21.32 -29.65 12.36
N GLU G 564 20.32 -29.64 11.47
CA GLU G 564 20.41 -30.23 10.11
C GLU G 564 20.93 -29.17 9.13
N MET G 565 20.99 -27.94 9.63
CA MET G 565 21.52 -26.75 8.94
C MET G 565 22.26 -25.90 9.98
N ASN G 566 23.21 -25.09 9.51
CA ASN G 566 23.77 -23.95 10.28
C ASN G 566 22.64 -22.94 10.46
N LEU G 567 22.52 -22.33 11.64
CA LEU G 567 21.44 -21.37 11.93
C LEU G 567 21.94 -20.32 12.91
N THR G 568 21.64 -19.06 12.65
CA THR G 568 21.98 -17.93 13.53
C THR G 568 20.70 -17.34 14.13
N SER G 569 20.79 -16.94 15.39
CA SER G 569 19.74 -16.18 16.11
C SER G 569 20.40 -15.56 17.33
N MET G 570 19.70 -14.66 18.00
CA MET G 570 20.14 -14.01 19.26
C MET G 570 19.04 -14.23 20.31
N ASN G 571 19.37 -14.09 21.60
CA ASN G 571 18.47 -14.42 22.74
C ASN G 571 17.81 -13.15 23.29
N GLY G 572 17.20 -13.24 24.48
CA GLY G 572 16.48 -12.12 25.13
C GLY G 572 17.43 -11.00 25.60
N GLU G 573 18.70 -11.10 25.22
CA GLU G 573 19.86 -10.32 25.66
C GLU G 573 20.67 -9.85 24.44
N ARG G 574 20.16 -10.15 23.23
CA ARG G 574 20.81 -9.84 21.94
C ARG G 574 22.06 -10.71 21.77
N ARG G 575 22.18 -11.81 22.51
CA ARG G 575 23.34 -12.73 22.39
C ARG G 575 23.18 -13.59 21.14
N MET G 576 23.93 -13.26 20.09
CA MET G 576 23.90 -13.94 18.78
C MET G 576 24.90 -15.11 18.82
N ARG G 577 24.44 -16.32 18.49
CA ARG G 577 25.28 -17.52 18.31
C ARG G 577 25.02 -18.14 16.96
N LEU G 578 26.01 -18.85 16.44
CA LEU G 578 25.87 -19.82 15.34
C LEU G 578 25.64 -21.21 15.95
N THR G 579 24.49 -21.84 15.67
CA THR G 579 24.27 -23.28 15.85
C THR G 579 24.92 -23.99 14.67
N GLU G 580 25.91 -24.84 14.92
CA GLU G 580 26.71 -25.48 13.86
C GLU G 580 26.04 -26.80 13.49
N ARG G 581 25.89 -27.06 12.21
CA ARG G 581 25.22 -28.28 11.72
C ARG G 581 25.96 -29.52 12.24
N TYR G 582 25.23 -30.47 12.86
CA TYR G 582 25.76 -31.73 13.41
C TYR G 582 25.10 -32.96 12.76
N MET G 583 24.12 -32.79 11.88
CA MET G 583 23.37 -33.94 11.30
C MET G 583 22.74 -33.58 9.96
N ASP G 584 22.17 -34.57 9.28
CA ASP G 584 21.62 -34.43 7.92
C ASP G 584 20.12 -34.14 8.00
N PRO G 585 19.58 -33.35 7.03
CA PRO G 585 18.13 -33.26 6.86
C PRO G 585 17.56 -34.65 6.63
N PRO G 586 16.42 -34.99 7.27
CA PRO G 586 15.67 -36.19 6.92
C PRO G 586 15.25 -36.24 5.44
N GLY G 587 15.49 -37.39 4.78
CA GLY G 587 15.16 -37.59 3.37
C GLY G 587 15.65 -36.41 2.55
N GLN G 588 14.76 -35.77 1.78
CA GLN G 588 15.14 -34.71 0.81
C GLN G 588 14.71 -33.34 1.35
N SER G 589 14.52 -33.23 2.66
CA SER G 589 14.08 -31.97 3.28
C SER G 589 15.21 -30.96 3.12
N MET G 590 14.89 -29.67 2.99
CA MET G 590 15.93 -28.62 2.78
C MET G 590 15.61 -27.39 3.61
N PRO G 591 16.65 -26.61 3.99
CA PRO G 591 16.49 -25.37 4.73
C PRO G 591 15.47 -24.40 4.11
N ASP G 592 14.68 -23.68 4.93
CA ASP G 592 13.60 -22.81 4.44
C ASP G 592 14.17 -21.75 3.47
N CYS G 593 15.33 -21.19 3.79
CA CYS G 593 15.98 -20.17 2.92
C CYS G 593 16.24 -20.77 1.53
N LEU G 594 16.63 -22.04 1.44
CA LEU G 594 16.94 -22.71 0.16
C LEU G 594 15.63 -23.12 -0.54
N ILE G 595 14.59 -23.48 0.19
CA ILE G 595 13.22 -23.70 -0.41
C ILE G 595 12.74 -22.38 -1.05
N ALA G 596 12.90 -21.26 -0.36
CA ALA G 596 12.49 -19.92 -0.86
C ALA G 596 13.28 -19.59 -2.14
N ALA G 597 14.58 -19.85 -2.14
CA ALA G 597 15.45 -19.66 -3.33
C ALA G 597 15.01 -20.55 -4.50
N ARG G 598 14.74 -21.83 -4.27
CA ARG G 598 14.28 -22.75 -5.33
C ARG G 598 12.93 -22.30 -5.90
N LEU G 599 12.05 -21.84 -5.02
CA LEU G 599 10.71 -21.36 -5.43
C LEU G 599 10.88 -20.08 -6.25
N ALA G 600 11.76 -19.16 -5.85
CA ALA G 600 12.11 -17.96 -6.66
C ALA G 600 12.66 -18.39 -8.03
N ASN G 601 13.54 -19.39 -8.06
CA ASN G 601 14.11 -19.91 -9.34
C ASN G 601 12.96 -20.41 -10.22
N THR G 602 11.93 -21.04 -9.64
CA THR G 602 10.84 -21.68 -10.39
C THR G 602 9.88 -20.60 -10.89
N MET G 603 9.60 -19.59 -10.07
CA MET G 603 8.77 -18.43 -10.46
C MET G 603 9.41 -17.76 -11.68
N GLU G 604 10.74 -17.61 -11.64
CA GLU G 604 11.51 -16.98 -12.73
C GLU G 604 11.25 -17.77 -14.02
N ARG G 605 11.36 -19.10 -13.94
CA ARG G 605 11.19 -20.02 -15.09
C ARG G 605 9.77 -19.90 -15.64
N VAL G 606 8.76 -19.99 -14.78
CA VAL G 606 7.33 -20.05 -15.20
C VAL G 606 6.95 -18.70 -15.84
N LEU G 607 7.35 -17.58 -15.24
CA LEU G 607 7.11 -16.20 -15.77
C LEU G 607 7.85 -15.99 -17.10
N THR G 608 9.08 -16.47 -17.26
CA THR G 608 9.78 -16.43 -18.57
C THR G 608 8.97 -17.22 -19.61
N GLU G 609 8.60 -18.46 -19.30
CA GLU G 609 7.74 -19.31 -20.17
C GLU G 609 6.46 -18.58 -20.57
N MET G 610 5.79 -17.96 -19.60
CA MET G 610 4.52 -17.18 -19.80
C MET G 610 4.81 -15.94 -20.66
N GLY G 611 6.06 -15.47 -20.70
CA GLY G 611 6.51 -14.37 -21.56
C GLY G 611 6.49 -13.03 -20.85
N ASP G 612 6.48 -13.02 -19.50
CA ASP G 612 6.57 -11.77 -18.69
C ASP G 612 7.99 -11.66 -18.14
N VAL G 613 8.90 -11.18 -18.98
CA VAL G 613 10.38 -11.24 -18.74
C VAL G 613 10.74 -10.20 -17.68
N GLY G 614 10.07 -9.06 -17.67
CA GLY G 614 10.27 -7.99 -16.66
C GLY G 614 9.96 -8.48 -15.24
N TYR G 615 8.82 -9.15 -15.07
CA TYR G 615 8.39 -9.71 -13.76
C TYR G 615 9.33 -10.86 -13.37
N ALA G 616 9.72 -11.70 -14.33
CA ALA G 616 10.63 -12.86 -14.12
C ALA G 616 11.92 -12.36 -13.45
N ALA G 617 12.40 -11.19 -13.90
CA ALA G 617 13.71 -10.59 -13.53
C ALA G 617 13.72 -10.17 -12.06
N GLN G 618 12.55 -9.94 -11.47
CA GLN G 618 12.45 -9.62 -10.03
C GLN G 618 12.77 -10.85 -9.17
N PHE G 619 12.66 -12.07 -9.70
CA PHE G 619 12.91 -13.33 -8.93
C PHE G 619 14.39 -13.75 -9.05
N LYS G 620 15.23 -12.91 -9.66
CA LYS G 620 16.71 -13.06 -9.66
C LYS G 620 17.28 -12.75 -8.28
N GLY G 621 18.50 -13.18 -8.02
CA GLY G 621 19.24 -12.92 -6.76
C GLY G 621 19.07 -14.03 -5.75
N PHE G 622 18.87 -15.27 -6.20
CA PHE G 622 18.50 -16.43 -5.34
C PHE G 622 19.30 -17.67 -5.76
N ASP G 623 20.59 -17.52 -6.00
CA ASP G 623 21.47 -18.62 -6.49
C ASP G 623 22.15 -19.30 -5.31
N TRP G 624 21.57 -19.20 -4.11
CA TRP G 624 22.13 -19.76 -2.85
C TRP G 624 22.26 -21.29 -3.00
N GLN G 625 23.42 -21.84 -2.63
CA GLN G 625 23.71 -23.30 -2.64
C GLN G 625 23.66 -23.81 -1.19
N THR G 626 23.90 -22.95 -0.20
CA THR G 626 23.93 -23.34 1.22
C THR G 626 23.35 -22.20 2.07
N GLU G 627 23.04 -22.46 3.34
CA GLU G 627 22.29 -21.50 4.19
C GLU G 627 23.23 -20.34 4.56
N GLU G 628 24.55 -20.57 4.54
CA GLU G 628 25.55 -19.49 4.74
C GLU G 628 25.41 -18.41 3.66
N ASP G 629 25.10 -18.79 2.42
CA ASP G 629 24.90 -17.82 1.33
C ASP G 629 23.79 -16.87 1.72
N ALA G 630 22.74 -17.34 2.41
CA ALA G 630 21.58 -16.52 2.81
C ALA G 630 21.95 -15.64 4.01
N PHE G 631 22.77 -16.15 4.92
CA PHE G 631 23.34 -15.37 6.04
C PHE G 631 24.13 -14.19 5.45
N MET G 632 25.00 -14.46 4.47
CA MET G 632 25.90 -13.42 3.89
C MET G 632 25.08 -12.41 3.08
N ASP G 633 24.06 -12.87 2.36
CA ASP G 633 23.19 -11.97 1.57
C ASP G 633 22.32 -11.11 2.49
N GLY G 634 21.87 -11.66 3.60
CA GLY G 634 20.89 -11.01 4.50
C GLY G 634 21.59 -10.30 5.64
N TYR G 635 21.92 -11.04 6.71
CA TYR G 635 22.46 -10.45 7.97
C TYR G 635 23.73 -9.63 7.68
N ASN G 636 24.73 -10.26 7.05
CA ASN G 636 26.09 -9.66 6.85
C ASN G 636 25.93 -8.32 6.15
N LYS G 637 25.05 -8.20 5.14
CA LYS G 637 24.89 -7.01 4.26
C LYS G 637 23.85 -6.02 4.81
N ASN G 638 22.94 -6.42 5.71
CA ASN G 638 21.74 -5.60 6.03
C ASN G 638 21.57 -5.33 7.53
N ALA G 639 22.11 -6.16 8.42
CA ALA G 639 21.93 -5.97 9.89
C ALA G 639 22.84 -4.84 10.38
N HIS G 640 22.41 -4.11 11.41
CA HIS G 640 23.27 -3.11 12.09
CA HIS G 640 23.26 -3.11 12.13
C HIS G 640 24.49 -3.85 12.65
N GLY G 641 25.68 -3.53 12.14
CA GLY G 641 26.97 -4.15 12.52
C GLY G 641 27.23 -5.46 11.82
N GLY G 642 26.33 -5.87 10.91
CA GLY G 642 26.41 -7.16 10.21
C GLY G 642 27.78 -7.44 9.61
N GLU G 643 28.44 -6.42 9.03
CA GLU G 643 29.72 -6.53 8.28
C GLU G 643 30.83 -7.12 9.17
N PHE G 644 30.70 -7.04 10.50
CA PHE G 644 31.68 -7.60 11.47
C PHE G 644 31.47 -9.11 11.70
N VAL G 645 30.36 -9.67 11.21
CA VAL G 645 29.90 -11.05 11.60
C VAL G 645 29.99 -12.00 10.40
N THR G 646 30.68 -13.13 10.58
CA THR G 646 30.70 -14.27 9.62
C THR G 646 30.59 -15.56 10.44
N TYR G 647 30.33 -16.67 9.76
CA TYR G 647 30.18 -18.01 10.36
C TYR G 647 31.46 -18.34 11.14
N GLU G 648 32.60 -18.26 10.44
CA GLU G 648 33.96 -18.51 10.97
C GLU G 648 34.14 -17.78 12.31
N ARG G 649 33.91 -16.47 12.33
CA ARG G 649 34.13 -15.61 13.52
C ARG G 649 33.15 -15.97 14.65
N LEU G 650 31.89 -16.28 14.32
CA LEU G 650 30.85 -16.65 15.31
C LEU G 650 31.21 -18.01 15.92
N SER G 651 31.71 -18.92 15.09
CA SER G 651 32.14 -20.28 15.52
C SER G 651 33.20 -20.16 16.63
N ALA G 652 34.27 -19.42 16.37
CA ALA G 652 35.42 -19.19 17.29
C ALA G 652 34.93 -18.61 18.63
N MET G 653 33.79 -17.93 18.66
CA MET G 653 33.25 -17.28 19.88
C MET G 653 32.38 -18.25 20.73
N GLY G 654 32.01 -19.41 20.18
CA GLY G 654 31.30 -20.48 20.90
C GLY G 654 29.89 -20.07 21.30
N THR G 655 29.36 -20.71 22.34
CA THR G 655 27.95 -20.57 22.80
C THR G 655 27.78 -19.24 23.52
N ASN G 656 28.87 -18.55 23.85
CA ASN G 656 28.79 -17.21 24.53
C ASN G 656 28.56 -16.15 23.46
N GLY G 657 29.01 -16.41 22.23
CA GLY G 657 28.81 -15.52 21.08
C GLY G 657 29.18 -14.09 21.44
N PHE G 658 28.35 -13.12 21.02
CA PHE G 658 28.45 -11.68 21.41
C PHE G 658 27.04 -11.08 21.44
N GLN G 659 26.90 -9.89 22.06
CA GLN G 659 25.60 -9.18 22.14
C GLN G 659 25.50 -8.19 20.97
N GLU G 660 24.41 -8.25 20.22
CA GLU G 660 24.19 -7.34 19.06
C GLU G 660 23.85 -5.97 19.62
N PRO G 661 24.11 -4.87 18.86
CA PRO G 661 24.85 -4.93 17.60
C PRO G 661 26.37 -5.03 17.79
N ALA G 662 27.05 -5.72 16.87
CA ALA G 662 28.52 -5.74 16.74
C ALA G 662 29.01 -4.32 16.48
N THR G 663 30.08 -3.91 17.17
CA THR G 663 30.70 -2.57 17.00
C THR G 663 32.05 -2.71 16.29
N GLY G 664 32.63 -3.91 16.25
CA GLY G 664 33.95 -4.14 15.63
C GLY G 664 34.43 -5.58 15.72
N PHE G 665 35.59 -5.83 15.11
CA PHE G 665 36.33 -7.11 15.20
C PHE G 665 37.81 -6.80 15.42
N THR G 666 38.37 -7.22 16.55
CA THR G 666 39.84 -7.20 16.81
C THR G 666 40.22 -8.40 17.68
N ASP G 667 41.36 -9.04 17.37
CA ASP G 667 41.98 -10.12 18.18
C ASP G 667 41.03 -11.32 18.22
N GLY G 668 40.52 -11.74 17.05
CA GLY G 668 39.66 -12.92 16.89
C GLY G 668 38.38 -12.85 17.71
N LYS G 669 37.88 -11.64 18.01
CA LYS G 669 36.67 -11.44 18.83
C LYS G 669 35.77 -10.37 18.20
N ILE G 670 34.52 -10.73 17.90
CA ILE G 670 33.44 -9.76 17.56
C ILE G 670 33.19 -8.96 18.84
N GLU G 671 33.40 -7.65 18.80
CA GLU G 671 33.12 -6.71 19.91
C GLU G 671 31.62 -6.36 19.89
N GLY G 672 30.95 -6.43 21.04
CA GLY G 672 29.48 -6.37 21.15
C GLY G 672 28.97 -5.22 22.00
N THR G 673 27.68 -5.24 22.33
CA THR G 673 26.93 -4.18 23.05
C THR G 673 26.18 -4.83 24.22
N GLN G 674 26.67 -4.63 25.44
CA GLN G 674 26.13 -5.33 26.64
C GLN G 674 24.74 -4.80 26.96
N ARG G 675 24.54 -3.48 26.85
CA ARG G 675 23.25 -2.79 27.11
CA ARG G 675 23.25 -2.79 27.11
C ARG G 675 23.00 -1.75 26.02
N LEU G 676 21.74 -1.50 25.71
CA LEU G 676 21.36 -0.40 24.77
C LEU G 676 21.13 0.84 25.62
N TYR G 677 21.26 2.03 25.02
CA TYR G 677 20.79 3.32 25.56
C TYR G 677 21.57 3.70 26.82
N THR G 678 22.81 3.23 27.01
CA THR G 678 23.69 3.61 28.15
C THR G 678 24.12 5.09 28.04
N ASP G 679 24.03 5.71 26.86
CA ASP G 679 24.34 7.16 26.70
C ASP G 679 23.05 7.97 26.73
N GLY G 680 21.90 7.36 27.03
CA GLY G 680 20.59 8.02 27.16
C GLY G 680 20.06 8.54 25.83
N VAL G 681 20.65 8.11 24.71
CA VAL G 681 20.21 8.46 23.33
C VAL G 681 19.29 7.35 22.81
N PHE G 682 18.01 7.67 22.64
CA PHE G 682 16.94 6.70 22.33
C PHE G 682 16.75 6.62 20.82
N SER G 683 15.92 5.67 20.39
CA SER G 683 15.76 5.26 18.97
C SER G 683 14.72 6.15 18.29
N THR G 684 14.89 7.47 18.39
CA THR G 684 14.09 8.48 17.67
C THR G 684 15.06 9.38 16.88
N ASP G 685 14.50 10.29 16.10
CA ASP G 685 15.26 11.18 15.18
C ASP G 685 16.06 12.18 16.01
N ASP G 686 15.47 12.68 17.11
CA ASP G 686 16.08 13.69 18.02
C ASP G 686 16.75 13.01 19.24
N GLY G 687 16.63 11.70 19.41
CA GLY G 687 17.36 10.94 20.45
C GLY G 687 16.71 10.95 21.83
N LYS G 688 15.50 11.53 21.98
CA LYS G 688 14.73 11.52 23.24
C LYS G 688 13.64 10.43 23.23
N ALA G 689 13.60 9.62 24.28
CA ALA G 689 12.47 8.73 24.62
C ALA G 689 11.20 9.57 24.76
N ARG G 690 10.03 9.01 24.45
CA ARG G 690 8.71 9.65 24.67
C ARG G 690 7.98 8.88 25.76
N PHE G 691 7.31 9.58 26.67
CA PHE G 691 6.31 9.01 27.61
C PHE G 691 5.03 8.78 26.80
N MET G 692 4.03 8.12 27.37
CA MET G 692 2.76 7.88 26.66
CA MET G 692 2.75 7.87 26.66
C MET G 692 1.61 8.31 27.56
N ASP G 693 0.78 9.20 27.02
CA ASP G 693 -0.51 9.60 27.59
C ASP G 693 -1.51 8.50 27.20
N ALA G 694 -1.71 7.52 28.08
CA ALA G 694 -2.31 6.20 27.81
C ALA G 694 -3.43 5.94 28.80
N PRO G 695 -4.53 6.74 28.82
CA PRO G 695 -5.57 6.53 29.82
C PRO G 695 -6.26 5.17 29.68
N TRP G 696 -6.55 4.55 30.82
CA TRP G 696 -7.51 3.43 30.95
C TRP G 696 -8.80 3.78 30.22
N ARG G 697 -9.38 2.81 29.48
CA ARG G 697 -10.64 2.96 28.71
C ARG G 697 -11.37 1.61 28.66
N GLY G 698 -11.17 0.75 29.65
CA GLY G 698 -11.82 -0.57 29.76
C GLY G 698 -11.16 -1.64 28.90
N LEU G 699 -11.91 -2.69 28.61
CA LEU G 699 -11.58 -3.73 27.61
C LEU G 699 -11.75 -3.14 26.21
N GLN G 700 -10.67 -2.90 25.47
CA GLN G 700 -10.76 -2.10 24.21
C GLN G 700 -11.08 -2.96 22.98
N ALA G 701 -10.87 -4.28 22.99
CA ALA G 701 -11.13 -5.14 21.81
C ALA G 701 -12.63 -5.39 21.66
N PRO G 702 -13.20 -5.31 20.43
CA PRO G 702 -14.64 -5.50 20.25
C PRO G 702 -15.11 -6.88 20.73
N GLY G 703 -16.25 -6.88 21.45
CA GLY G 703 -16.99 -8.06 21.88
C GLY G 703 -16.53 -8.56 23.23
N LYS G 704 -15.39 -8.07 23.74
CA LYS G 704 -14.71 -8.68 24.91
C LYS G 704 -15.58 -8.49 26.17
N GLN G 705 -16.00 -7.26 26.46
CA GLN G 705 -16.86 -6.95 27.63
C GLN G 705 -18.14 -7.79 27.51
N GLN G 706 -18.74 -7.87 26.33
CA GLN G 706 -19.99 -8.63 26.12
C GLN G 706 -19.72 -10.12 26.38
N GLN G 707 -18.58 -10.67 25.93
CA GLN G 707 -18.22 -12.10 26.13
C GLN G 707 -18.09 -12.38 27.64
N LYS G 708 -17.40 -11.51 28.36
CA LYS G 708 -17.22 -11.55 29.83
C LYS G 708 -18.59 -11.58 30.53
N ASP G 709 -19.47 -10.65 30.16
CA ASP G 709 -20.78 -10.41 30.82
C ASP G 709 -21.68 -11.63 30.60
N SER G 710 -21.51 -12.39 29.52
CA SER G 710 -22.53 -13.41 29.11
C SER G 710 -21.99 -14.85 29.26
N HIS G 711 -20.81 -15.03 29.88
CA HIS G 711 -20.19 -16.37 30.08
C HIS G 711 -19.73 -16.51 31.53
N LYS G 712 -19.68 -17.74 32.04
CA LYS G 712 -19.47 -18.02 33.47
C LYS G 712 -17.99 -17.86 33.85
N TYR G 713 -17.05 -18.21 32.96
CA TYR G 713 -15.62 -18.37 33.35
C TYR G 713 -14.65 -17.57 32.47
N LEU G 714 -13.62 -17.06 33.12
CA LEU G 714 -12.32 -16.71 32.48
C LEU G 714 -11.71 -18.02 31.96
N ILE G 715 -11.49 -18.11 30.65
CA ILE G 715 -10.63 -19.15 30.02
C ILE G 715 -9.26 -18.52 29.77
N ASN G 716 -8.53 -18.26 30.85
CA ASN G 716 -7.11 -17.83 30.78
C ASN G 716 -6.38 -18.94 29.99
N ASN G 717 -5.23 -18.63 29.40
CA ASN G 717 -4.59 -19.59 28.47
C ASN G 717 -3.12 -19.23 28.35
N GLY G 718 -2.30 -20.24 28.09
CA GLY G 718 -0.85 -20.08 28.02
C GLY G 718 -0.15 -21.42 28.08
N ARG G 719 1.09 -21.40 28.55
CA ARG G 719 2.11 -22.46 28.36
C ARG G 719 2.03 -23.43 29.52
N ALA G 720 2.46 -24.68 29.30
CA ALA G 720 2.93 -25.64 30.32
C ALA G 720 4.45 -25.78 30.17
N ASN G 721 5.15 -25.96 31.29
CA ASN G 721 6.61 -26.21 31.32
C ASN G 721 6.99 -27.37 30.37
N VAL G 722 6.28 -28.51 30.38
CA VAL G 722 6.68 -29.75 29.63
C VAL G 722 6.51 -29.53 28.13
N VAL G 723 5.48 -28.81 27.72
CA VAL G 723 5.06 -28.75 26.30
C VAL G 723 5.85 -27.64 25.61
N TRP G 724 6.44 -27.93 24.45
CA TRP G 724 6.97 -26.88 23.55
C TRP G 724 5.91 -26.50 22.50
N GLN G 725 5.34 -25.30 22.63
CA GLN G 725 4.48 -24.67 21.60
C GLN G 725 3.31 -25.61 21.27
N SER G 726 3.03 -25.87 19.99
CA SER G 726 1.82 -26.59 19.53
C SER G 726 2.03 -28.10 19.59
N ALA G 727 3.04 -28.58 20.34
CA ALA G 727 3.36 -30.01 20.55
C ALA G 727 3.67 -30.67 19.21
N TYR G 728 4.26 -29.92 18.26
CA TYR G 728 4.58 -30.42 16.90
C TYR G 728 5.57 -31.59 17.00
N LEU G 729 6.58 -31.51 17.87
CA LEU G 729 7.51 -32.65 18.14
C LEU G 729 6.98 -33.47 19.31
N ASP G 730 6.38 -32.82 20.30
CA ASP G 730 5.98 -33.44 21.58
C ASP G 730 4.92 -34.51 21.32
N GLN G 731 4.10 -34.33 20.29
CA GLN G 731 3.02 -35.32 19.97
C GLN G 731 3.60 -36.70 19.62
N GLU G 732 4.90 -36.82 19.31
N GLU G 732 4.90 -36.79 19.34
CA GLU G 732 5.60 -38.12 19.13
CA GLU G 732 5.60 -38.10 19.13
C GLU G 732 6.73 -38.25 20.16
C GLU G 732 6.75 -38.18 20.14
N ASN G 733 6.49 -37.75 21.38
CA ASN G 733 7.43 -37.89 22.53
C ASN G 733 6.63 -38.51 23.67
N ASP G 734 6.90 -39.77 24.00
CA ASP G 734 6.06 -40.53 24.98
C ASP G 734 6.13 -39.83 26.33
N PHE G 735 7.29 -39.29 26.70
CA PHE G 735 7.48 -38.56 27.98
C PHE G 735 6.49 -37.40 28.10
N VAL G 736 6.34 -36.57 27.07
CA VAL G 736 5.39 -35.42 27.14
C VAL G 736 3.93 -35.93 27.07
N MET G 737 3.60 -36.86 26.17
CA MET G 737 2.19 -37.23 25.90
C MET G 737 1.65 -38.14 27.00
N ASP G 738 2.55 -38.75 27.79
CA ASP G 738 2.18 -39.61 28.95
C ASP G 738 1.77 -38.70 30.11
N ARG G 739 2.34 -37.49 30.14
CA ARG G 739 2.02 -36.46 31.17
C ARG G 739 0.65 -35.81 30.85
N PHE G 740 0.44 -35.35 29.61
CA PHE G 740 -0.80 -34.68 29.12
C PHE G 740 -1.22 -35.19 27.74
N PRO G 741 -1.99 -36.29 27.67
CA PRO G 741 -2.56 -36.73 26.40
C PRO G 741 -3.66 -35.77 25.95
N TYR G 742 -4.29 -35.12 26.92
CA TYR G 742 -5.28 -34.03 26.73
C TYR G 742 -4.67 -32.72 27.21
N PRO G 743 -5.02 -31.57 26.62
CA PRO G 743 -4.58 -30.30 27.20
C PRO G 743 -5.28 -30.21 28.57
N PHE G 744 -4.59 -29.75 29.60
CA PHE G 744 -5.24 -29.53 30.92
C PHE G 744 -6.04 -28.23 30.85
N ILE G 745 -7.17 -28.18 31.56
CA ILE G 745 -7.78 -26.89 32.01
C ILE G 745 -7.72 -26.85 33.55
N GLU G 746 -6.93 -25.93 34.08
CA GLU G 746 -6.80 -25.74 35.54
C GLU G 746 -8.14 -25.20 36.04
N MET G 747 -8.77 -25.88 37.00
CA MET G 747 -10.06 -25.45 37.58
C MET G 747 -10.03 -25.54 39.11
N ASN G 748 -10.57 -24.52 39.77
CA ASN G 748 -10.79 -24.51 41.24
C ASN G 748 -11.60 -25.77 41.59
N PRO G 749 -11.20 -26.56 42.62
CA PRO G 749 -11.95 -27.74 43.03
C PRO G 749 -13.41 -27.46 43.40
N GLU G 750 -13.70 -26.29 43.97
CA GLU G 750 -15.08 -25.89 44.35
C GLU G 750 -15.88 -25.65 43.08
N ASP G 751 -15.31 -24.97 42.08
CA ASP G 751 -15.93 -24.81 40.74
C ASP G 751 -16.25 -26.20 40.15
N MET G 752 -15.33 -27.16 40.28
CA MET G 752 -15.51 -28.53 39.72
C MET G 752 -16.70 -29.21 40.40
N ALA G 753 -16.71 -29.25 41.74
CA ALA G 753 -17.76 -29.90 42.56
C ALA G 753 -19.12 -29.29 42.21
N GLU G 754 -19.19 -27.96 42.14
CA GLU G 754 -20.40 -27.18 41.78
C GLU G 754 -20.89 -27.59 40.37
N ALA G 755 -19.97 -27.87 39.44
CA ALA G 755 -20.31 -28.17 38.03
C ALA G 755 -20.51 -29.70 37.82
N GLY G 756 -20.19 -30.51 38.84
CA GLY G 756 -20.31 -31.97 38.83
C GLY G 756 -19.14 -32.63 38.12
N LEU G 757 -17.97 -31.99 38.14
CA LEU G 757 -16.76 -32.44 37.41
C LEU G 757 -15.76 -33.06 38.40
N LYS G 758 -15.05 -34.09 37.95
CA LYS G 758 -13.98 -34.78 38.71
C LYS G 758 -12.68 -34.70 37.91
N GLU G 759 -11.56 -34.92 38.57
CA GLU G 759 -10.24 -34.86 37.89
C GLU G 759 -10.30 -35.81 36.69
N GLY G 760 -9.75 -35.37 35.54
CA GLY G 760 -9.60 -36.19 34.33
C GLY G 760 -10.77 -36.02 33.38
N ASP G 761 -11.92 -35.56 33.90
CA ASP G 761 -13.17 -35.44 33.10
C ASP G 761 -12.88 -34.60 31.85
N LEU G 762 -13.39 -35.06 30.72
CA LEU G 762 -13.29 -34.36 29.42
C LEU G 762 -14.45 -33.35 29.35
N VAL G 763 -14.11 -32.07 29.20
CA VAL G 763 -15.09 -30.95 29.28
C VAL G 763 -15.08 -30.22 27.94
N GLU G 764 -16.24 -29.76 27.52
CA GLU G 764 -16.41 -28.79 26.42
C GLU G 764 -16.28 -27.38 26.99
N ILE G 765 -15.49 -26.53 26.37
CA ILE G 765 -15.45 -25.05 26.56
C ILE G 765 -16.18 -24.49 25.36
N TYR G 766 -17.21 -23.68 25.55
CA TYR G 766 -18.01 -23.13 24.41
C TYR G 766 -18.44 -21.70 24.73
N ASN G 767 -18.60 -20.91 23.67
CA ASN G 767 -19.05 -19.50 23.73
C ASN G 767 -19.48 -19.11 22.32
N ASP G 768 -19.48 -17.81 22.03
CA ASP G 768 -19.90 -17.19 20.75
C ASP G 768 -18.94 -17.58 19.60
N ALA G 769 -17.64 -17.69 19.89
CA ALA G 769 -16.56 -17.95 18.92
C ALA G 769 -16.56 -19.41 18.46
N GLY G 770 -16.76 -20.35 19.39
CA GLY G 770 -16.80 -21.79 19.07
C GLY G 770 -16.71 -22.64 20.33
N ALA G 771 -16.13 -23.83 20.19
CA ALA G 771 -16.09 -24.88 21.22
C ALA G 771 -14.80 -25.68 21.04
N THR G 772 -14.30 -26.22 22.14
CA THR G 772 -13.12 -27.12 22.18
C THR G 772 -13.23 -28.04 23.41
N GLN G 773 -12.19 -28.83 23.65
CA GLN G 773 -12.19 -29.84 24.73
C GLN G 773 -10.87 -29.73 25.50
N ALA G 774 -10.94 -30.05 26.78
CA ALA G 774 -9.78 -30.13 27.67
C ALA G 774 -10.11 -31.14 28.77
N MET G 775 -9.08 -31.57 29.48
CA MET G 775 -9.17 -32.47 30.66
C MET G 775 -9.13 -31.62 31.94
N ALA G 776 -10.18 -31.69 32.77
CA ALA G 776 -10.28 -30.95 34.05
C ALA G 776 -9.10 -31.34 34.96
N TYR G 777 -8.34 -30.34 35.44
CA TYR G 777 -7.19 -30.51 36.35
C TYR G 777 -7.46 -29.75 37.65
N PRO G 778 -7.81 -30.41 38.76
CA PRO G 778 -8.04 -29.71 40.02
C PRO G 778 -6.82 -28.90 40.48
N THR G 779 -7.01 -27.59 40.62
CA THR G 779 -5.97 -26.59 40.91
C THR G 779 -6.40 -25.74 42.11
N PRO G 780 -6.08 -26.14 43.35
CA PRO G 780 -6.49 -25.39 44.53
C PRO G 780 -6.07 -23.92 44.49
N THR G 781 -4.95 -23.57 43.84
CA THR G 781 -4.51 -22.16 43.73
C THR G 781 -5.31 -21.38 42.67
N ALA G 782 -6.25 -21.98 41.94
CA ALA G 782 -7.09 -21.26 40.98
C ALA G 782 -8.19 -20.48 41.73
N ARG G 783 -8.42 -19.22 41.35
CA ARG G 783 -9.53 -18.40 41.89
C ARG G 783 -10.83 -18.94 41.31
N ARG G 784 -11.92 -18.85 42.06
CA ARG G 784 -13.26 -19.30 41.60
C ARG G 784 -13.65 -18.51 40.36
N GLY G 785 -14.25 -19.17 39.37
CA GLY G 785 -14.69 -18.55 38.12
C GLY G 785 -13.54 -18.29 37.15
N GLU G 786 -12.31 -18.67 37.50
CA GLU G 786 -11.11 -18.46 36.65
C GLU G 786 -10.36 -19.77 36.37
N THR G 787 -10.33 -20.17 35.09
CA THR G 787 -9.69 -21.41 34.60
C THR G 787 -8.51 -21.01 33.72
N PHE G 788 -7.57 -21.95 33.56
CA PHE G 788 -6.41 -21.81 32.66
C PHE G 788 -6.23 -23.08 31.84
N MET G 789 -6.31 -22.93 30.52
CA MET G 789 -6.24 -24.03 29.54
C MET G 789 -4.95 -23.88 28.71
N LEU G 790 -4.18 -24.97 28.66
CA LEU G 790 -2.99 -25.10 27.81
C LEU G 790 -3.36 -24.73 26.36
N PHE G 791 -2.60 -23.81 25.76
CA PHE G 791 -2.85 -23.27 24.40
C PHE G 791 -2.23 -24.22 23.36
N GLY G 792 -2.73 -24.13 22.13
CA GLY G 792 -2.09 -24.63 20.89
C GLY G 792 -1.94 -26.14 20.84
N PHE G 793 -2.71 -26.87 21.65
CA PHE G 793 -2.54 -28.33 21.88
C PHE G 793 -3.37 -29.12 20.87
N PRO G 794 -2.78 -30.10 20.15
CA PRO G 794 -3.49 -30.87 19.13
C PRO G 794 -4.78 -31.54 19.61
N THR G 795 -4.84 -31.97 20.88
CA THR G 795 -5.95 -32.82 21.38
C THR G 795 -7.01 -31.96 22.09
N GLY G 796 -6.91 -30.64 21.95
CA GLY G 796 -7.91 -29.66 22.38
C GLY G 796 -7.36 -28.26 22.22
N VAL G 797 -7.84 -27.56 21.20
CA VAL G 797 -7.27 -26.26 20.74
C VAL G 797 -8.04 -25.15 21.46
N GLN G 798 -7.38 -24.40 22.34
CA GLN G 798 -8.01 -23.32 23.16
C GLN G 798 -8.47 -22.20 22.23
N GLY G 799 -7.70 -21.91 21.19
CA GLY G 799 -7.98 -20.84 20.19
C GLY G 799 -9.39 -20.88 19.62
N ASN G 800 -10.05 -22.03 19.67
CA ASN G 800 -11.43 -22.22 19.14
C ASN G 800 -12.42 -21.29 19.86
N VAL G 801 -12.16 -20.97 21.14
CA VAL G 801 -13.08 -20.14 22.00
C VAL G 801 -12.49 -18.73 22.14
N THR G 802 -11.40 -18.38 21.46
CA THR G 802 -10.91 -16.98 21.37
C THR G 802 -11.72 -16.30 20.27
N SER G 803 -12.18 -15.08 20.50
CA SER G 803 -12.92 -14.27 19.50
C SER G 803 -11.94 -13.74 18.46
N ALA G 804 -12.49 -13.19 17.38
CA ALA G 804 -11.73 -12.50 16.31
C ALA G 804 -11.17 -11.16 16.81
N GLY G 805 -11.42 -10.78 18.07
CA GLY G 805 -11.15 -9.43 18.61
C GLY G 805 -9.67 -9.13 18.71
N THR G 806 -9.28 -7.99 18.14
CA THR G 806 -7.88 -7.47 18.18
C THR G 806 -7.95 -6.01 18.60
N ASN G 807 -6.80 -5.42 18.87
CA ASN G 807 -6.67 -3.96 19.07
C ASN G 807 -6.60 -3.32 17.68
N GLU G 808 -6.37 -2.02 17.64
CA GLU G 808 -6.40 -1.19 16.41
C GLU G 808 -5.29 -1.63 15.45
N LEU G 809 -4.18 -2.17 15.96
CA LEU G 809 -2.99 -2.59 15.18
C LEU G 809 -3.04 -4.11 14.89
N ILE G 810 -4.19 -4.74 15.14
CA ILE G 810 -4.48 -6.17 14.78
C ILE G 810 -3.60 -7.09 15.64
N ILE G 811 -3.36 -6.69 16.89
CA ILE G 811 -2.73 -7.55 17.93
C ILE G 811 -3.84 -8.41 18.54
N PRO G 812 -3.70 -9.76 18.50
CA PRO G 812 -4.74 -10.66 19.01
C PRO G 812 -4.77 -10.69 20.55
N ASN G 813 -5.97 -10.47 21.10
CA ASN G 813 -6.21 -10.37 22.56
C ASN G 813 -6.61 -11.78 23.09
N TYR G 814 -5.71 -12.76 22.96
CA TYR G 814 -5.98 -14.18 23.31
C TYR G 814 -6.33 -14.27 24.79
N LYS G 815 -5.65 -13.48 25.63
CA LYS G 815 -5.64 -13.73 27.09
C LYS G 815 -7.01 -13.36 27.67
N GLN G 816 -7.69 -12.37 27.10
CA GLN G 816 -9.06 -12.01 27.56
C GLN G 816 -10.06 -12.84 26.76
N THR G 817 -10.45 -13.97 27.34
CA THR G 817 -11.41 -14.95 26.79
C THR G 817 -12.28 -15.48 27.93
N TRP G 818 -13.59 -15.49 27.72
CA TRP G 818 -14.58 -16.04 28.68
C TRP G 818 -15.49 -17.04 27.96
N GLY G 819 -15.90 -18.09 28.66
CA GLY G 819 -16.69 -19.17 28.07
C GLY G 819 -17.43 -19.99 29.11
N ASN G 820 -18.29 -20.91 28.66
CA ASN G 820 -18.98 -21.87 29.56
C ASN G 820 -18.26 -23.21 29.45
N ILE G 821 -18.55 -24.10 30.40
CA ILE G 821 -17.91 -25.43 30.56
C ILE G 821 -19.02 -26.42 30.88
N ARG G 822 -19.06 -27.53 30.14
CA ARG G 822 -20.02 -28.64 30.40
C ARG G 822 -19.30 -29.94 30.05
N LYS G 823 -19.65 -31.03 30.74
CA LYS G 823 -19.02 -32.35 30.59
C LYS G 823 -19.32 -32.93 29.20
N ILE G 824 -18.30 -33.52 28.58
CA ILE G 824 -18.43 -34.42 27.40
C ILE G 824 -18.45 -35.86 27.90
N SER G 825 -17.51 -36.20 28.78
CA SER G 825 -17.22 -37.60 29.19
C SER G 825 -16.66 -37.63 30.61
N ASP G 826 -17.05 -38.66 31.36
CA ASP G 826 -16.26 -39.21 32.50
C ASP G 826 -14.80 -39.34 32.04
N ALA G 827 -13.85 -39.07 32.94
CA ALA G 827 -12.39 -39.13 32.70
C ALA G 827 -12.12 -40.37 31.86
N PRO G 828 -11.56 -40.21 30.64
CA PRO G 828 -11.15 -41.36 29.83
C PRO G 828 -10.16 -42.26 30.55
N ARG G 829 -10.13 -43.54 30.17
CA ARG G 829 -9.19 -44.57 30.69
C ARG G 829 -7.73 -44.13 30.45
N ASN G 830 -7.42 -43.41 29.37
CA ASN G 830 -6.03 -43.04 29.01
C ASN G 830 -5.48 -41.98 29.98
N VAL G 831 -6.27 -41.59 30.98
CA VAL G 831 -5.91 -40.50 31.93
C VAL G 831 -5.89 -41.02 33.38
N ALA G 832 -6.27 -42.28 33.59
CA ALA G 832 -6.30 -43.00 34.89
C ALA G 832 -4.92 -42.97 35.57
N HIS G 833 -3.82 -42.91 34.81
CA HIS G 833 -2.42 -43.08 35.25
C HIS G 833 -1.79 -41.75 35.67
N LEU G 834 -2.44 -40.63 35.34
CA LEU G 834 -1.94 -39.25 35.50
C LEU G 834 -1.90 -38.87 36.97
N SER G 835 -0.88 -38.12 37.39
CA SER G 835 -0.92 -37.38 38.67
C SER G 835 -1.75 -36.12 38.47
N PHE G 836 -2.62 -35.84 39.41
CA PHE G 836 -3.47 -34.63 39.46
C PHE G 836 -3.05 -33.74 40.64
N LYS G 837 -1.90 -34.03 41.24
CA LYS G 837 -1.39 -33.30 42.42
C LYS G 837 -0.91 -31.91 41.98
N SER G 838 -0.81 -31.00 42.94
CA SER G 838 -0.36 -29.61 42.74
C SER G 838 1.00 -29.58 42.02
N LYS G 839 1.20 -28.63 41.11
CA LYS G 839 2.50 -28.44 40.40
C LYS G 839 3.48 -27.66 41.27
N GLU G 840 3.05 -27.20 42.44
CA GLU G 840 3.85 -26.31 43.33
C GLU G 840 4.76 -27.12 44.25
N TYR G 841 6.08 -27.02 44.04
CA TYR G 841 7.12 -27.49 44.98
C TYR G 841 6.76 -27.13 46.43
N GLN G 842 6.94 -28.09 47.35
CA GLN G 842 6.70 -27.91 48.81
C GLN G 842 8.01 -28.16 49.55
N SER G 843 8.39 -27.21 50.40
CA SER G 843 9.46 -27.36 51.43
C SER G 843 9.06 -28.39 52.49
N ALA H 31 27.61 -58.79 27.88
CA ALA H 31 26.11 -59.00 27.92
C ALA H 31 25.40 -57.80 27.29
N ALA H 32 24.29 -58.05 26.59
CA ALA H 32 23.51 -57.02 25.84
C ALA H 32 22.89 -56.03 26.82
N GLY H 33 22.52 -56.50 28.01
CA GLY H 33 21.85 -55.69 29.03
C GLY H 33 22.69 -55.53 30.28
N VAL H 34 22.43 -54.46 31.02
CA VAL H 34 22.95 -54.28 32.40
C VAL H 34 22.60 -55.53 33.24
N GLU H 35 23.56 -56.03 34.02
CA GLU H 35 23.37 -57.15 34.98
C GLU H 35 23.08 -56.53 36.36
N TYR H 36 21.83 -56.55 36.80
CA TYR H 36 21.41 -55.99 38.11
C TYR H 36 21.66 -57.03 39.20
N PRO H 37 22.17 -56.61 40.38
CA PRO H 37 22.19 -57.49 41.53
C PRO H 37 20.77 -57.55 42.15
N ALA H 38 20.44 -58.70 42.73
CA ALA H 38 19.24 -58.93 43.56
C ALA H 38 19.63 -58.70 45.02
N ASN H 39 19.48 -57.45 45.49
CA ASN H 39 19.92 -56.96 46.83
C ASN H 39 18.73 -56.86 47.80
N ARG H 40 18.86 -57.49 48.96
CA ARG H 40 17.94 -57.29 50.12
C ARG H 40 18.02 -55.81 50.52
N LEU H 41 16.89 -55.15 50.77
CA LEU H 41 16.86 -53.73 51.19
C LEU H 41 16.29 -53.63 52.61
N ALA H 42 15.28 -54.42 52.93
CA ALA H 42 14.53 -54.33 54.20
C ALA H 42 13.48 -55.43 54.28
N ASN H 43 12.80 -55.50 55.41
CA ASN H 43 11.60 -56.35 55.61
C ASN H 43 10.38 -55.42 55.62
N ILE H 44 9.28 -55.92 55.08
CA ILE H 44 7.90 -55.34 55.17
C ILE H 44 7.69 -54.73 56.56
N SER H 45 8.19 -55.41 57.60
CA SER H 45 7.96 -55.13 59.04
C SER H 45 8.72 -53.87 59.50
N GLU H 46 9.78 -53.47 58.77
CA GLU H 46 10.63 -52.30 59.11
C GLU H 46 9.96 -51.00 58.67
N LEU H 47 8.89 -51.06 57.87
CA LEU H 47 8.32 -49.87 57.20
C LEU H 47 7.15 -49.32 58.01
N THR H 48 7.11 -48.00 58.16
CA THR H 48 5.96 -47.26 58.74
C THR H 48 5.24 -46.54 57.61
N LEU H 49 3.91 -46.54 57.69
CA LEU H 49 2.99 -45.83 56.77
C LEU H 49 3.47 -44.40 56.54
N ASN H 50 3.83 -44.08 55.29
CA ASN H 50 4.07 -42.70 54.80
C ASN H 50 5.37 -42.13 55.38
N GLU H 51 6.32 -42.99 55.79
CA GLU H 51 7.65 -42.56 56.30
C GLU H 51 8.74 -43.25 55.49
N PRO H 52 9.47 -42.51 54.62
CA PRO H 52 10.56 -43.10 53.84
C PRO H 52 11.61 -43.79 54.71
N LEU H 53 12.01 -45.02 54.35
CA LEU H 53 13.26 -45.66 54.82
C LEU H 53 14.34 -45.40 53.77
N ASP H 54 15.38 -44.64 54.12
CA ASP H 54 16.52 -44.39 53.21
C ASP H 54 17.20 -45.74 52.96
N VAL H 55 17.68 -45.94 51.72
CA VAL H 55 18.17 -47.23 51.17
C VAL H 55 19.14 -46.84 50.06
N ALA H 56 19.87 -47.77 49.45
CA ALA H 56 20.73 -47.50 48.28
C ALA H 56 20.71 -48.72 47.36
N TYR H 57 20.40 -48.52 46.07
CA TYR H 57 20.33 -49.59 45.04
C TYR H 57 20.66 -48.99 43.67
N PRO H 58 21.48 -49.66 42.82
CA PRO H 58 22.05 -50.98 43.11
C PRO H 58 23.42 -51.03 43.82
N ASP H 59 23.89 -49.90 44.37
CA ASP H 59 25.13 -49.86 45.21
C ASP H 59 25.00 -48.73 46.24
N GLU H 60 26.03 -48.58 47.07
CA GLU H 60 26.10 -47.63 48.22
C GLU H 60 25.78 -46.20 47.79
N ASP H 61 26.20 -45.80 46.58
CA ASP H 61 26.32 -44.39 46.13
C ASP H 61 25.05 -43.95 45.39
N ALA H 62 24.06 -44.84 45.26
CA ALA H 62 22.79 -44.64 44.54
C ALA H 62 21.66 -44.54 45.57
N ALA H 63 21.56 -43.37 46.20
CA ALA H 63 20.57 -43.04 47.26
C ALA H 63 19.14 -43.25 46.74
N GLY H 64 18.32 -43.95 47.53
CA GLY H 64 16.89 -44.13 47.27
C GLY H 64 16.13 -44.28 48.57
N VAL H 65 14.85 -44.66 48.48
CA VAL H 65 13.97 -44.90 49.67
C VAL H 65 13.02 -46.05 49.34
N LEU H 66 12.67 -46.83 50.36
CA LEU H 66 11.43 -47.63 50.33
C LEU H 66 10.37 -46.80 51.05
N LEU H 67 9.12 -46.96 50.64
CA LEU H 67 8.02 -46.08 51.10
C LEU H 67 6.71 -46.87 50.97
N LYS H 68 5.98 -46.94 52.07
CA LYS H 68 4.65 -47.59 52.19
C LYS H 68 3.59 -46.49 52.17
N LEU H 69 2.67 -46.53 51.20
CA LEU H 69 1.83 -45.36 50.84
C LEU H 69 0.38 -45.52 51.34
N GLY H 70 -0.03 -46.74 51.73
CA GLY H 70 -1.37 -47.02 52.28
C GLY H 70 -2.47 -47.17 51.23
N THR H 71 -2.13 -47.39 49.96
CA THR H 71 -3.10 -47.73 48.89
C THR H 71 -2.34 -48.38 47.72
N ARG H 72 -3.00 -49.25 46.95
CA ARG H 72 -2.41 -49.91 45.76
C ARG H 72 -1.87 -48.82 44.83
N VAL H 73 -0.61 -48.94 44.39
CA VAL H 73 0.05 -48.00 43.45
C VAL H 73 0.85 -48.79 42.39
N GLU H 74 1.19 -48.13 41.29
CA GLU H 74 2.05 -48.64 40.19
C GLU H 74 3.42 -49.03 40.75
N GLY H 75 3.83 -50.28 40.48
CA GLY H 75 5.12 -50.83 40.94
C GLY H 75 5.09 -51.25 42.40
N GLY H 76 3.94 -51.14 43.06
CA GLY H 76 3.77 -51.33 44.53
C GLY H 76 3.69 -52.80 44.91
N VAL H 77 4.40 -53.18 45.98
CA VAL H 77 4.55 -54.60 46.43
C VAL H 77 4.19 -54.71 47.91
N GLY H 78 4.39 -55.90 48.48
CA GLY H 78 3.91 -56.25 49.83
C GLY H 78 2.41 -56.58 49.84
N PRO H 79 1.87 -57.06 50.99
CA PRO H 79 0.48 -57.49 51.10
C PRO H 79 -0.54 -56.53 50.47
N ASP H 80 -0.31 -55.22 50.63
CA ASP H 80 -1.26 -54.14 50.25
C ASP H 80 -0.86 -53.49 48.92
N GLY H 81 0.16 -54.02 48.23
CA GLY H 81 0.67 -53.48 46.95
C GLY H 81 0.91 -51.99 47.05
N ASP H 82 1.41 -51.52 48.20
CA ASP H 82 1.61 -50.08 48.48
C ASP H 82 3.06 -49.77 48.89
N ILE H 83 3.99 -50.71 48.76
CA ILE H 83 5.44 -50.44 49.00
C ILE H 83 6.12 -50.18 47.65
N VAL H 84 6.79 -49.05 47.53
CA VAL H 84 7.58 -48.68 46.32
C VAL H 84 9.00 -48.35 46.74
N GLY H 85 9.96 -48.61 45.84
CA GLY H 85 11.34 -48.10 45.91
C GLY H 85 11.55 -47.10 44.79
N PHE H 86 12.19 -45.97 45.09
CA PHE H 86 12.60 -44.94 44.09
C PHE H 86 14.00 -44.43 44.39
N SER H 87 14.74 -44.13 43.31
CA SER H 87 15.91 -43.23 43.39
C SER H 87 15.40 -41.91 43.92
N THR H 88 16.14 -41.27 44.80
CA THR H 88 15.72 -40.04 45.50
C THR H 88 16.76 -38.94 45.24
N ILE H 89 17.63 -39.13 44.23
CA ILE H 89 18.49 -38.08 43.60
C ILE H 89 17.77 -37.56 42.35
N CYS H 90 17.56 -36.23 42.27
CA CYS H 90 16.73 -35.59 41.22
C CYS H 90 17.35 -35.85 39.86
N PRO H 91 16.60 -36.44 38.89
CA PRO H 91 17.15 -36.72 37.57
C PRO H 91 17.58 -35.51 36.71
N HIS H 92 17.23 -34.29 37.12
CA HIS H 92 17.67 -33.04 36.43
C HIS H 92 19.15 -32.80 36.72
N LYS H 93 19.49 -32.32 37.93
CA LYS H 93 20.87 -31.87 38.27
C LYS H 93 21.40 -32.57 39.54
N GLY H 94 20.63 -33.47 40.14
CA GLY H 94 21.14 -34.41 41.15
C GLY H 94 21.07 -33.89 42.58
N PHE H 95 20.33 -32.83 42.84
CA PHE H 95 19.94 -32.43 44.21
C PHE H 95 19.16 -33.59 44.84
N PRO H 96 19.40 -33.96 46.12
CA PRO H 96 18.55 -34.93 46.78
C PRO H 96 17.13 -34.37 46.94
N LEU H 97 16.13 -35.25 46.89
CA LEU H 97 14.70 -34.87 46.99
C LEU H 97 14.24 -34.99 48.43
N SER H 98 13.37 -34.10 48.87
CA SER H 98 12.72 -34.13 50.19
C SER H 98 11.32 -34.72 50.02
N TYR H 99 10.77 -35.37 51.04
CA TYR H 99 9.45 -36.03 50.96
C TYR H 99 8.42 -35.18 51.71
N SER H 100 7.31 -34.82 51.07
CA SER H 100 6.17 -34.12 51.71
C SER H 100 5.09 -35.13 52.09
N ALA H 101 5.00 -35.49 53.38
CA ALA H 101 4.08 -36.52 53.90
C ALA H 101 2.63 -36.12 53.60
N ASP H 102 2.31 -34.82 53.67
CA ASP H 102 0.94 -34.26 53.48
C ASP H 102 0.46 -34.43 52.02
N ASN H 103 1.34 -34.20 51.03
CA ASN H 103 1.02 -34.26 49.58
C ASN H 103 1.38 -35.68 49.06
N LYS H 104 2.20 -36.40 49.81
CA LYS H 104 2.85 -37.66 49.35
C LYS H 104 3.55 -37.38 48.00
N THR H 105 4.58 -36.56 48.02
CA THR H 105 5.35 -36.15 46.81
C THR H 105 6.81 -36.02 47.19
N PHE H 106 7.71 -36.34 46.25
CA PHE H 106 9.13 -35.95 46.31
C PHE H 106 9.23 -34.57 45.69
N ASN H 107 10.07 -33.74 46.29
CA ASN H 107 10.19 -32.29 46.00
C ASN H 107 11.68 -31.97 45.87
N CYS H 108 12.07 -31.24 44.82
CA CYS H 108 13.48 -30.87 44.59
C CYS H 108 13.72 -29.39 44.93
N PRO H 109 14.62 -29.10 45.88
CA PRO H 109 14.95 -27.72 46.24
C PRO H 109 15.90 -27.08 45.21
N GLY H 110 16.51 -27.88 44.32
CA GLY H 110 17.31 -27.33 43.20
C GLY H 110 16.53 -26.37 42.33
N HIS H 111 15.53 -26.86 41.57
CA HIS H 111 14.71 -26.06 40.61
C HIS H 111 13.22 -26.49 40.65
N PHE H 112 12.74 -26.98 41.81
CA PHE H 112 11.32 -27.00 42.24
C PHE H 112 10.51 -28.08 41.51
N SER H 113 11.17 -29.15 41.09
CA SER H 113 10.51 -30.38 40.55
C SER H 113 9.65 -31.01 41.64
N VAL H 114 8.54 -31.64 41.24
CA VAL H 114 7.66 -32.51 42.06
C VAL H 114 7.48 -33.85 41.35
N PHE H 115 7.71 -34.95 42.06
CA PHE H 115 7.52 -36.35 41.58
C PHE H 115 6.44 -37.03 42.42
N ASP H 116 5.55 -37.76 41.76
CA ASP H 116 4.43 -38.46 42.43
C ASP H 116 4.75 -39.94 42.57
N PRO H 117 5.17 -40.43 43.76
CA PRO H 117 5.40 -41.86 43.98
C PRO H 117 4.14 -42.74 44.01
N GLU H 118 2.94 -42.14 44.07
CA GLU H 118 1.66 -42.89 43.94
C GLU H 118 1.33 -43.14 42.46
N LYS H 119 2.03 -42.47 41.52
CA LYS H 119 1.86 -42.67 40.05
C LYS H 119 3.21 -42.92 39.37
N GLY H 120 3.94 -43.94 39.84
CA GLY H 120 5.14 -44.49 39.19
C GLY H 120 6.30 -43.51 39.18
N GLY H 121 6.20 -42.44 39.97
CA GLY H 121 7.25 -41.40 40.08
C GLY H 121 7.07 -40.31 39.03
N GLN H 122 5.84 -40.12 38.54
CA GLN H 122 5.57 -39.21 37.41
C GLN H 122 5.92 -37.78 37.85
N GLN H 123 6.77 -37.12 37.07
CA GLN H 123 7.08 -35.69 37.28
C GLN H 123 5.76 -34.94 37.12
N VAL H 124 5.18 -34.49 38.24
CA VAL H 124 3.93 -33.67 38.33
C VAL H 124 4.20 -32.32 37.66
N TRP H 125 5.36 -31.74 37.98
CA TRP H 125 5.93 -30.52 37.36
C TRP H 125 7.45 -30.62 37.53
N GLY H 126 8.26 -30.15 36.58
CA GLY H 126 9.72 -30.18 36.82
C GLY H 126 10.56 -30.10 35.56
N GLN H 127 11.89 -30.08 35.75
CA GLN H 127 12.89 -29.78 34.70
C GLN H 127 13.59 -31.06 34.26
N ALA H 128 13.41 -32.17 34.97
CA ALA H 128 13.93 -33.50 34.57
C ALA H 128 13.20 -33.92 33.28
N THR H 129 13.86 -34.63 32.38
CA THR H 129 13.23 -35.26 31.18
C THR H 129 12.92 -36.73 31.49
N GLN H 130 12.90 -37.12 32.75
CA GLN H 130 12.67 -38.52 33.18
C GLN H 130 11.70 -38.48 34.35
N ASN H 131 10.76 -39.41 34.38
CA ASN H 131 10.01 -39.71 35.63
C ASN H 131 11.02 -40.39 36.59
N LEU H 132 10.67 -40.51 37.87
CA LEU H 132 11.62 -40.88 38.95
C LEU H 132 12.03 -42.34 38.78
N PRO H 133 13.33 -42.65 38.65
CA PRO H 133 13.76 -44.05 38.53
C PRO H 133 13.19 -44.93 39.67
N GLN H 134 12.41 -45.94 39.28
CA GLN H 134 11.65 -46.81 40.19
C GLN H 134 12.28 -48.21 40.22
N TYR H 135 12.37 -48.79 41.41
CA TYR H 135 12.99 -50.11 41.64
C TYR H 135 11.98 -51.21 41.33
N VAL H 136 12.45 -52.29 40.69
CA VAL H 136 11.68 -53.56 40.52
C VAL H 136 11.84 -54.36 41.82
N LEU H 137 10.76 -54.43 42.61
CA LEU H 137 10.73 -55.05 43.95
C LEU H 137 10.05 -56.42 43.90
N ARG H 138 10.43 -57.24 44.87
CA ARG H 138 10.04 -58.66 45.06
C ARG H 138 9.97 -58.85 46.58
N VAL H 139 8.89 -59.46 47.09
CA VAL H 139 8.73 -59.75 48.54
C VAL H 139 8.77 -61.27 48.74
N ALA H 140 9.82 -61.76 49.40
CA ALA H 140 9.96 -63.19 49.78
C ALA H 140 8.88 -63.58 50.81
N ASP H 141 8.73 -64.89 51.08
CA ASP H 141 7.72 -65.47 52.00
C ASP H 141 7.95 -64.95 53.42
N ASN H 142 9.20 -64.58 53.77
CA ASN H 142 9.56 -64.04 55.11
C ASN H 142 9.35 -62.52 55.20
N GLY H 143 8.90 -61.85 54.14
CA GLY H 143 8.66 -60.40 54.12
C GLY H 143 9.87 -59.59 53.67
N ASP H 144 10.98 -60.24 53.32
CA ASP H 144 12.20 -59.53 52.83
C ASP H 144 11.94 -58.90 51.45
N ILE H 145 12.25 -57.61 51.33
CA ILE H 145 12.10 -56.78 50.10
C ILE H 145 13.44 -56.78 49.35
N PHE H 146 13.45 -57.33 48.15
CA PHE H 146 14.61 -57.38 47.22
C PHE H 146 14.35 -56.37 46.08
N ALA H 147 15.38 -55.65 45.66
CA ALA H 147 15.40 -54.85 44.41
C ALA H 147 16.21 -55.57 43.35
N GLU H 148 15.66 -55.70 42.14
CA GLU H 148 16.24 -56.51 41.04
C GLU H 148 16.29 -55.73 39.74
N GLY H 149 16.00 -54.44 39.77
CA GLY H 149 16.20 -53.57 38.60
C GLY H 149 15.70 -52.16 38.84
N VAL H 150 15.99 -51.29 37.87
CA VAL H 150 15.62 -49.85 37.85
C VAL H 150 15.17 -49.49 36.42
N ASP H 151 14.09 -48.71 36.29
CA ASP H 151 13.36 -48.49 35.01
C ASP H 151 13.82 -47.21 34.30
N GLU H 152 14.74 -46.46 34.89
CA GLU H 152 15.28 -45.22 34.27
C GLU H 152 16.75 -45.11 34.67
N LEU H 153 17.51 -44.29 33.95
CA LEU H 153 18.95 -44.05 34.21
C LEU H 153 19.08 -43.14 35.43
N ILE H 154 19.73 -43.66 36.47
CA ILE H 154 20.00 -42.98 37.77
C ILE H 154 20.92 -41.78 37.52
N TYR H 155 20.63 -40.66 38.18
CA TYR H 155 21.47 -39.43 38.11
C TYR H 155 22.95 -39.75 38.36
N GLY H 156 23.81 -39.18 37.53
CA GLY H 156 25.27 -39.13 37.75
C GLY H 156 25.93 -40.47 37.52
N ARG H 157 25.28 -41.40 36.80
CA ARG H 157 25.90 -42.65 36.31
C ARG H 157 25.39 -42.94 34.89
N LEU H 158 26.29 -43.24 33.96
CA LEU H 158 25.96 -43.52 32.54
C LEU H 158 25.70 -45.02 32.38
N SER H 159 25.91 -45.78 33.44
CA SER H 159 25.35 -47.14 33.58
C SER H 159 24.75 -47.28 34.99
N ASN H 160 23.56 -47.86 35.11
CA ASN H 160 22.91 -48.04 36.44
C ASN H 160 23.78 -48.95 37.31
N VAL H 161 24.50 -49.91 36.73
CA VAL H 161 25.49 -50.76 37.45
C VAL H 161 26.88 -50.26 37.05
N LEU H 162 27.67 -49.77 37.99
CA LEU H 162 29.03 -49.23 37.73
C LEU H 162 30.10 -50.32 37.95
N SER I 4 41.36 -37.62 61.23
CA SER I 4 40.47 -37.06 60.16
C SER I 4 41.27 -36.16 59.21
N ASN I 5 41.12 -36.36 57.89
CA ASN I 5 41.93 -35.72 56.81
C ASN I 5 41.08 -34.71 56.02
N ALA I 6 41.51 -33.45 56.00
CA ALA I 6 40.79 -32.30 55.38
C ALA I 6 40.71 -32.46 53.86
N GLU I 7 41.65 -33.18 53.22
CA GLU I 7 41.73 -33.29 51.74
C GLU I 7 40.72 -34.33 51.25
N LYS I 8 40.58 -35.47 51.96
CA LYS I 8 39.51 -36.47 51.71
C LYS I 8 38.17 -35.80 52.00
N GLY I 9 38.13 -34.87 52.96
CA GLY I 9 36.93 -34.12 53.40
C GLY I 9 36.36 -33.23 52.31
N ALA I 10 37.21 -32.71 51.42
CA ALA I 10 36.82 -31.83 50.29
C ALA I 10 36.07 -32.66 49.24
N VAL I 11 36.47 -33.93 49.08
CA VAL I 11 35.83 -34.91 48.15
C VAL I 11 34.43 -35.23 48.72
N VAL I 12 34.36 -35.52 50.03
CA VAL I 12 33.07 -35.72 50.75
C VAL I 12 32.20 -34.45 50.59
N PHE I 13 32.80 -33.26 50.49
CA PHE I 13 32.03 -31.98 50.47
C PHE I 13 31.28 -31.80 49.14
N LYS I 14 31.65 -32.54 48.11
CA LYS I 14 30.98 -32.57 46.78
C LYS I 14 29.51 -32.99 46.97
N LYS I 15 29.24 -33.75 48.03
CA LYS I 15 27.87 -34.15 48.43
C LYS I 15 27.11 -32.96 49.05
N CYS I 16 27.80 -31.83 49.30
CA CYS I 16 27.26 -30.64 50.03
C CYS I 16 27.28 -29.38 49.15
N ALA I 17 28.24 -29.28 48.22
CA ALA I 17 28.58 -28.07 47.44
C ALA I 17 27.35 -27.54 46.70
N ALA I 18 26.40 -28.40 46.32
CA ALA I 18 25.18 -28.01 45.58
C ALA I 18 24.38 -27.00 46.41
N CYS I 19 24.30 -27.21 47.74
CA CYS I 19 23.46 -26.40 48.67
C CYS I 19 24.30 -25.43 49.53
N HIS I 20 25.59 -25.73 49.76
CA HIS I 20 26.48 -25.01 50.70
C HIS I 20 27.72 -24.51 49.96
N ALA I 21 28.12 -23.25 50.18
CA ALA I 21 29.40 -22.67 49.71
C ALA I 21 30.32 -22.36 50.91
N VAL I 22 31.63 -22.35 50.66
CA VAL I 22 32.71 -22.05 51.64
C VAL I 22 33.82 -21.30 50.91
N GLY I 23 34.65 -20.57 51.66
CA GLY I 23 35.76 -19.78 51.09
C GLY I 23 35.33 -18.37 50.79
N ASP I 24 36.19 -17.60 50.12
CA ASP I 24 36.00 -16.14 49.90
C ASP I 24 34.80 -15.95 48.96
N GLY I 25 33.81 -15.17 49.40
CA GLY I 25 32.65 -14.72 48.60
C GLY I 25 31.43 -15.58 48.85
N ALA I 26 31.58 -16.70 49.55
CA ALA I 26 30.54 -17.74 49.74
C ALA I 26 29.22 -17.11 50.19
N ALA I 27 28.11 -17.52 49.57
CA ALA I 27 26.75 -16.97 49.85
C ALA I 27 25.80 -18.11 50.24
N ASN I 28 24.75 -17.75 51.01
CA ASN I 28 23.54 -18.59 51.27
C ASN I 28 22.94 -19.05 49.94
N LYS I 29 22.62 -20.34 49.81
CA LYS I 29 21.89 -20.92 48.65
C LYS I 29 20.69 -21.68 49.21
N VAL I 30 20.47 -22.94 48.83
CA VAL I 30 19.40 -23.77 49.44
C VAL I 30 19.74 -23.94 50.93
N GLY I 31 21.03 -24.13 51.23
CA GLY I 31 21.57 -24.14 52.60
C GLY I 31 22.43 -22.90 52.87
N PRO I 32 22.65 -22.53 54.15
CA PRO I 32 23.52 -21.40 54.48
C PRO I 32 25.01 -21.69 54.24
N GLU I 33 25.75 -20.62 53.88
CA GLU I 33 27.24 -20.58 53.80
C GLU I 33 27.78 -21.23 55.08
N LEU I 34 28.84 -22.03 54.95
CA LEU I 34 29.40 -22.82 56.09
C LEU I 34 30.81 -22.31 56.46
N ASN I 35 31.07 -21.00 56.28
CA ASN I 35 32.32 -20.31 56.73
C ASN I 35 32.24 -20.10 58.25
N GLY I 36 33.31 -20.47 58.97
CA GLY I 36 33.41 -20.32 60.44
C GLY I 36 32.32 -21.09 61.15
N LEU I 37 32.00 -22.28 60.63
CA LEU I 37 30.91 -23.16 61.14
C LEU I 37 31.26 -23.62 62.57
N ILE I 38 32.50 -24.07 62.79
CA ILE I 38 32.95 -24.81 64.01
C ILE I 38 32.85 -23.87 65.21
N GLY I 39 31.84 -24.08 66.08
CA GLY I 39 31.58 -23.29 67.29
C GLY I 39 30.42 -22.32 67.14
N ARG I 40 30.18 -21.76 65.93
CA ARG I 40 29.15 -20.71 65.71
C ARG I 40 27.75 -21.27 65.98
N LYS I 41 26.80 -20.38 66.29
CA LYS I 41 25.46 -20.72 66.85
C LYS I 41 24.58 -21.36 65.76
N VAL I 42 23.79 -22.36 66.14
CA VAL I 42 22.70 -22.97 65.31
C VAL I 42 21.72 -21.85 64.91
N ALA I 43 21.16 -21.93 63.69
CA ALA I 43 20.27 -20.92 63.07
C ALA I 43 20.96 -19.55 63.07
N GLY I 44 22.29 -19.54 62.87
CA GLY I 44 23.17 -18.38 63.16
C GLY I 44 23.30 -17.43 62.00
N VAL I 45 23.54 -17.92 60.78
CA VAL I 45 23.92 -17.10 59.60
C VAL I 45 22.80 -16.08 59.30
N GLU I 46 23.18 -14.86 58.90
CA GLU I 46 22.27 -13.71 58.62
C GLU I 46 21.58 -13.90 57.26
N GLY I 47 20.27 -13.68 57.20
CA GLY I 47 19.48 -13.57 55.97
C GLY I 47 19.17 -14.92 55.33
N PHE I 48 19.08 -15.99 56.13
CA PHE I 48 18.70 -17.37 55.71
C PHE I 48 17.51 -17.85 56.55
N ASN I 49 16.45 -18.30 55.86
CA ASN I 49 15.19 -18.77 56.50
C ASN I 49 15.39 -20.18 57.04
N TYR I 50 15.80 -20.32 58.31
CA TYR I 50 15.95 -21.63 58.99
C TYR I 50 14.55 -22.17 59.33
N SER I 51 14.45 -23.49 59.55
CA SER I 51 13.21 -24.22 59.87
C SER I 51 12.81 -23.93 61.32
N PRO I 52 11.51 -24.10 61.69
CA PRO I 52 11.07 -23.98 63.07
C PRO I 52 11.84 -24.90 64.04
N ALA I 53 12.14 -26.13 63.59
CA ALA I 53 12.90 -27.16 64.33
C ALA I 53 14.33 -26.67 64.64
N PHE I 54 14.94 -25.89 63.74
CA PHE I 54 16.30 -25.31 63.90
C PHE I 54 16.26 -24.11 64.87
N LYS I 55 15.21 -23.27 64.77
CA LYS I 55 15.01 -22.07 65.62
C LYS I 55 15.02 -22.49 67.09
N ALA I 56 14.10 -23.39 67.49
CA ALA I 56 13.89 -23.86 68.88
C ALA I 56 15.18 -24.49 69.44
N LYS I 57 16.02 -25.08 68.57
CA LYS I 57 17.33 -25.68 68.95
C LYS I 57 18.36 -24.58 69.23
N ALA I 58 18.16 -23.36 68.70
CA ALA I 58 18.99 -22.16 68.97
C ALA I 58 18.65 -21.57 70.35
N GLU I 59 17.40 -21.71 70.79
CA GLU I 59 16.88 -21.20 72.10
C GLU I 59 17.51 -22.00 73.25
N GLU I 60 17.68 -23.32 73.06
CA GLU I 60 18.32 -24.25 74.02
C GLU I 60 19.85 -24.02 74.04
N GLY I 61 20.35 -23.09 73.22
CA GLY I 61 21.75 -22.61 73.23
C GLY I 61 22.71 -23.64 72.67
N TRP I 62 22.36 -24.25 71.54
CA TRP I 62 23.23 -25.20 70.80
C TRP I 62 24.32 -24.40 70.05
N VAL I 63 25.48 -25.03 69.85
CA VAL I 63 26.62 -24.51 69.01
C VAL I 63 27.22 -25.69 68.25
N TRP I 64 27.66 -25.48 67.01
CA TRP I 64 28.18 -26.55 66.11
C TRP I 64 29.62 -26.89 66.51
N ASP I 65 29.77 -27.85 67.42
CA ASP I 65 31.06 -28.41 67.89
C ASP I 65 31.22 -29.82 67.29
N GLU I 66 32.39 -30.43 67.38
CA GLU I 66 32.68 -31.81 66.89
C GLU I 66 31.52 -32.75 67.23
N VAL I 67 31.03 -32.72 68.47
CA VAL I 67 29.96 -33.65 68.96
C VAL I 67 28.68 -33.42 68.15
N HIS I 68 28.11 -32.21 68.19
CA HIS I 68 26.79 -31.84 67.57
C HIS I 68 26.83 -32.14 66.06
N LEU I 69 27.89 -31.68 65.39
CA LEU I 69 28.12 -31.84 63.93
C LEU I 69 28.10 -33.34 63.57
N THR I 70 29.02 -34.13 64.16
CA THR I 70 29.15 -35.60 63.97
C THR I 70 27.76 -36.25 63.97
N GLU I 71 26.82 -35.79 64.80
CA GLU I 71 25.48 -36.41 64.96
C GLU I 71 24.50 -35.91 63.87
N TYR I 72 24.58 -34.63 63.48
CA TYR I 72 23.74 -34.00 62.42
C TYR I 72 24.05 -34.63 61.05
N LEU I 73 25.32 -34.64 60.65
CA LEU I 73 25.78 -35.13 59.32
C LEU I 73 25.55 -36.64 59.20
N ALA I 74 25.48 -37.38 60.31
CA ALA I 74 25.23 -38.85 60.35
C ALA I 74 23.76 -39.15 60.03
N ASN I 75 22.84 -38.30 60.48
CA ASN I 75 21.37 -38.51 60.34
C ASN I 75 20.67 -37.20 60.67
N PRO I 76 20.67 -36.23 59.75
CA PRO I 76 20.02 -34.94 60.00
C PRO I 76 18.55 -35.02 60.44
N LYS I 77 17.76 -35.92 59.85
CA LYS I 77 16.28 -35.91 59.99
C LYS I 77 15.87 -36.36 61.41
N ALA I 78 16.46 -37.42 61.93
CA ALA I 78 16.19 -37.95 63.29
C ALA I 78 16.80 -36.99 64.33
N TYR I 79 18.09 -36.70 64.19
CA TYR I 79 18.91 -35.91 65.16
C TYR I 79 18.28 -34.54 65.42
N ILE I 80 17.65 -33.93 64.42
CA ILE I 80 16.87 -32.66 64.52
C ILE I 80 15.56 -32.82 63.75
N LYS I 81 14.60 -33.57 64.32
CA LYS I 81 13.21 -33.70 63.81
C LYS I 81 12.79 -32.37 63.18
N GLY I 82 12.28 -32.42 61.94
CA GLY I 82 11.63 -31.27 61.26
C GLY I 82 12.59 -30.31 60.58
N THR I 83 13.87 -30.67 60.42
CA THR I 83 14.88 -29.86 59.68
C THR I 83 14.49 -29.73 58.20
N LYS I 84 14.92 -28.65 57.53
CA LYS I 84 14.78 -28.43 56.06
C LYS I 84 15.76 -29.34 55.30
N MET I 85 16.79 -29.86 55.97
CA MET I 85 17.89 -30.65 55.33
C MET I 85 17.52 -32.13 55.36
N ALA I 86 16.48 -32.53 54.63
CA ALA I 86 16.17 -33.94 54.30
C ALA I 86 17.17 -34.42 53.23
N PHE I 87 17.73 -35.60 53.50
CA PHE I 87 18.98 -36.16 52.92
C PHE I 87 19.38 -37.25 53.91
N ALA I 88 19.65 -38.46 53.40
CA ALA I 88 20.04 -39.63 54.21
C ALA I 88 21.08 -39.20 55.25
N GLY I 89 22.05 -38.38 54.84
CA GLY I 89 23.22 -38.04 55.67
C GLY I 89 24.33 -39.03 55.39
N LEU I 90 25.54 -38.78 55.90
CA LEU I 90 26.75 -39.63 55.69
C LEU I 90 26.63 -40.89 56.56
N LYS I 91 26.83 -42.07 55.97
CA LYS I 91 26.63 -43.38 56.65
C LYS I 91 27.95 -43.85 57.27
N LYS I 92 29.10 -43.54 56.64
CA LYS I 92 30.45 -43.83 57.17
C LYS I 92 30.91 -42.71 58.11
N PRO I 93 31.12 -42.98 59.43
CA PRO I 93 31.59 -41.93 60.35
C PRO I 93 32.98 -41.32 60.06
N GLU I 94 33.78 -41.95 59.19
CA GLU I 94 35.12 -41.43 58.76
C GLU I 94 34.94 -40.33 57.69
N ASP I 95 33.83 -40.34 56.94
CA ASP I 95 33.43 -39.27 55.99
C ASP I 95 32.84 -38.09 56.79
N VAL I 96 32.08 -38.37 57.85
CA VAL I 96 31.54 -37.36 58.80
C VAL I 96 32.73 -36.64 59.46
N ALA I 97 33.82 -37.36 59.73
CA ALA I 97 35.06 -36.82 60.35
C ALA I 97 35.87 -36.06 59.29
N ASP I 98 36.12 -36.69 58.14
CA ASP I 98 36.87 -36.11 57.00
C ASP I 98 36.29 -34.73 56.62
N VAL I 99 34.96 -34.60 56.54
CA VAL I 99 34.29 -33.36 56.01
C VAL I 99 34.36 -32.26 57.06
N ILE I 100 34.18 -32.60 58.34
CA ILE I 100 34.35 -31.67 59.50
C ILE I 100 35.79 -31.12 59.49
N ALA I 101 36.76 -31.98 59.19
CA ALA I 101 38.20 -31.64 59.08
C ALA I 101 38.40 -30.61 57.95
N TYR I 102 37.76 -30.86 56.80
CA TYR I 102 37.70 -29.92 55.64
C TYR I 102 37.04 -28.61 56.07
N LEU I 103 35.89 -28.70 56.73
CA LEU I 103 35.04 -27.55 57.13
C LEU I 103 35.79 -26.67 58.14
N LYS I 104 36.77 -27.23 58.85
CA LYS I 104 37.56 -26.54 59.92
C LYS I 104 38.58 -25.56 59.30
N THR I 105 38.47 -25.24 58.02
CA THR I 105 39.36 -24.27 57.31
C THR I 105 38.59 -22.94 57.18
N PHE I 106 39.03 -22.06 56.28
CA PHE I 106 38.33 -20.82 55.86
C PHE I 106 38.12 -19.91 57.08
N ALA J 1 21.33 -48.50 1.54
CA ALA J 1 20.56 -49.64 2.08
C ALA J 1 20.30 -49.38 3.56
N PHE J 2 19.07 -49.63 4.02
CA PHE J 2 18.72 -49.46 5.46
C PHE J 2 19.45 -50.55 6.26
N LYS J 3 20.13 -50.12 7.31
CA LYS J 3 20.91 -50.95 8.25
C LYS J 3 20.47 -50.56 9.67
N ARG J 4 20.14 -51.54 10.52
CA ARG J 4 19.62 -51.28 11.89
C ARG J 4 20.75 -50.88 12.86
N HIS J 5 21.99 -51.30 12.58
CA HIS J 5 23.18 -51.12 13.46
C HIS J 5 22.93 -51.77 14.82
N ILE J 6 22.08 -52.80 14.89
CA ILE J 6 21.87 -53.58 16.14
C ILE J 6 22.91 -54.71 16.14
N ASP J 7 23.98 -54.48 16.91
CA ASP J 7 25.25 -55.24 16.99
C ASP J 7 25.07 -56.56 17.76
N ARG J 8 24.11 -56.59 18.68
CA ARG J 8 23.81 -57.78 19.53
C ARG J 8 22.39 -57.68 20.10
N LEU J 9 21.83 -58.85 20.43
CA LEU J 9 20.46 -58.97 20.96
C LEU J 9 20.53 -59.59 22.34
N PRO J 10 19.59 -59.18 23.24
CA PRO J 10 19.33 -59.91 24.47
C PRO J 10 19.14 -61.40 24.20
N ILE J 11 19.73 -62.25 25.03
CA ILE J 11 19.62 -63.74 24.93
C ILE J 11 18.36 -64.17 25.67
N ILE J 12 17.53 -65.00 25.04
CA ILE J 12 16.32 -65.60 25.68
C ILE J 12 16.81 -66.47 26.84
N PRO J 13 16.44 -66.16 28.10
CA PRO J 13 16.79 -67.04 29.23
C PRO J 13 16.03 -68.38 29.23
N ALA J 14 16.57 -69.37 29.94
CA ALA J 14 16.02 -70.74 30.03
C ALA J 14 14.61 -70.72 30.62
N ASP J 15 14.26 -69.70 31.42
CA ASP J 15 12.93 -69.62 32.10
C ASP J 15 12.01 -68.59 31.41
N ALA J 16 12.25 -68.24 30.16
CA ALA J 16 11.38 -67.34 29.36
C ALA J 16 9.96 -67.91 29.25
N LYS J 17 8.94 -67.06 29.16
CA LYS J 17 7.53 -67.52 29.00
C LYS J 17 7.28 -67.74 27.50
N LYS J 18 6.79 -68.93 27.14
CA LYS J 18 6.67 -69.41 25.74
C LYS J 18 5.20 -69.31 25.34
N HIS J 19 4.94 -68.78 24.13
CA HIS J 19 3.58 -68.68 23.54
C HIS J 19 3.59 -69.33 22.15
N ASN J 20 2.55 -70.11 21.85
CA ASN J 20 2.33 -70.58 20.46
C ASN J 20 1.81 -69.37 19.69
N VAL J 21 2.46 -69.08 18.56
CA VAL J 21 2.02 -68.01 17.63
C VAL J 21 1.97 -68.54 16.20
N THR J 22 0.79 -68.43 15.57
CA THR J 22 0.68 -68.55 14.11
C THR J 22 1.06 -67.21 13.50
N CYS J 23 1.82 -67.24 12.41
CA CYS J 23 2.13 -66.00 11.66
C CYS J 23 0.86 -65.15 11.50
N HIS J 24 1.01 -63.84 11.67
CA HIS J 24 -0.07 -62.83 11.53
C HIS J 24 -0.64 -62.83 10.11
N PHE J 25 0.19 -63.17 9.13
CA PHE J 25 0.01 -62.73 7.72
C PHE J 25 -0.59 -63.85 6.88
N CYS J 26 0.17 -64.45 5.97
CA CYS J 26 -0.43 -65.15 4.80
C CYS J 26 -0.99 -66.54 5.19
N ILE J 27 -1.80 -67.08 4.28
CA ILE J 27 -2.52 -68.39 4.32
C ILE J 27 -1.64 -69.50 4.92
N VAL J 28 -0.34 -69.52 4.64
CA VAL J 28 0.53 -70.68 4.99
C VAL J 28 0.41 -70.98 6.50
N GLY J 29 0.36 -69.94 7.33
CA GLY J 29 0.22 -70.09 8.80
C GLY J 29 1.41 -70.79 9.42
N CYS J 30 2.63 -70.38 9.05
CA CYS J 30 3.90 -70.87 9.59
C CYS J 30 3.83 -70.76 11.13
N GLY J 31 4.34 -71.77 11.84
CA GLY J 31 4.39 -71.80 13.31
C GLY J 31 5.58 -71.04 13.83
N TYR J 32 5.33 -70.23 14.86
CA TYR J 32 6.33 -69.41 15.59
C TYR J 32 6.14 -69.69 17.09
N HIS J 33 7.12 -69.33 17.91
CA HIS J 33 6.94 -69.15 19.36
C HIS J 33 7.36 -67.72 19.71
N ALA J 34 6.59 -67.08 20.59
CA ALA J 34 6.93 -65.83 21.30
C ALA J 34 7.48 -66.18 22.69
N TYR J 35 8.75 -65.83 22.93
CA TYR J 35 9.43 -65.93 24.24
C TYR J 35 9.50 -64.53 24.88
N THR J 36 8.92 -64.37 26.07
CA THR J 36 8.93 -63.08 26.81
C THR J 36 9.60 -63.28 28.19
N TRP J 37 10.33 -62.28 28.65
CA TRP J 37 10.97 -62.29 29.97
C TRP J 37 11.15 -60.87 30.49
N PRO J 38 11.33 -60.72 31.80
CA PRO J 38 11.41 -59.38 32.40
C PRO J 38 12.52 -58.50 31.82
N ILE J 39 12.24 -57.19 31.75
CA ILE J 39 13.07 -56.16 31.04
C ILE J 39 14.45 -56.07 31.69
N ASN J 40 14.54 -56.34 32.99
CA ASN J 40 15.79 -56.24 33.80
C ASN J 40 16.49 -57.61 33.92
N LYS J 41 15.95 -58.64 33.25
CA LYS J 41 16.55 -60.01 33.18
C LYS J 41 17.05 -60.29 31.75
N GLN J 42 18.02 -61.19 31.63
CA GLN J 42 18.56 -61.66 30.32
C GLN J 42 19.10 -63.08 30.48
N GLY J 43 19.29 -63.77 29.35
CA GLY J 43 20.01 -65.04 29.27
C GLY J 43 21.50 -64.79 29.10
N GLY J 44 22.28 -65.87 29.13
CA GLY J 44 23.73 -65.84 28.88
C GLY J 44 24.11 -66.88 27.86
N THR J 45 25.38 -66.93 27.52
CA THR J 45 25.91 -67.80 26.43
CA THR J 45 25.93 -67.79 26.43
C THR J 45 26.01 -69.26 26.90
N ASP J 46 26.17 -69.50 28.20
CA ASP J 46 26.29 -70.89 28.72
C ASP J 46 24.96 -71.61 28.54
N PRO J 47 24.98 -72.92 28.22
CA PRO J 47 23.75 -73.67 27.91
C PRO J 47 22.61 -73.59 28.94
N GLN J 48 22.94 -73.48 30.23
CA GLN J 48 21.95 -73.46 31.34
C GLN J 48 21.23 -72.11 31.38
N ASN J 49 21.81 -71.08 30.78
CA ASN J 49 21.38 -69.66 30.92
C ASN J 49 20.66 -69.19 29.65
N ASN J 50 20.24 -70.08 28.75
CA ASN J 50 19.49 -69.69 27.54
C ASN J 50 18.51 -70.79 27.15
N ILE J 51 17.49 -70.42 26.38
CA ILE J 51 16.32 -71.29 26.04
C ILE J 51 16.76 -72.49 25.20
N PHE J 52 17.90 -72.42 24.52
CA PHE J 52 18.33 -73.38 23.47
C PHE J 52 19.09 -74.57 24.06
N GLY J 53 19.70 -74.41 25.25
CA GLY J 53 20.53 -75.45 25.88
C GLY J 53 21.80 -75.67 25.08
N VAL J 54 22.32 -74.60 24.47
CA VAL J 54 23.42 -74.59 23.46
C VAL J 54 24.41 -73.51 23.87
N ASP J 55 25.68 -73.61 23.48
CA ASP J 55 26.73 -72.61 23.83
C ASP J 55 26.76 -71.49 22.79
N LEU J 56 26.24 -70.30 23.11
CA LEU J 56 26.00 -69.21 22.12
C LEU J 56 27.24 -68.34 21.93
N SER J 57 28.37 -68.67 22.57
CA SER J 57 29.70 -68.01 22.34
C SER J 57 30.39 -68.63 21.12
N GLU J 58 29.75 -69.63 20.50
CA GLU J 58 30.22 -70.34 19.28
C GLU J 58 29.30 -69.98 18.10
N GLN J 59 29.90 -69.62 16.96
CA GLN J 59 29.20 -69.43 15.67
C GLN J 59 28.30 -70.65 15.44
N GLN J 60 27.03 -70.42 15.14
CA GLN J 60 26.05 -71.49 14.80
C GLN J 60 26.18 -71.81 13.31
N GLN J 61 25.92 -73.07 12.96
CA GLN J 61 25.92 -73.53 11.55
CA GLN J 61 25.87 -73.60 11.57
C GLN J 61 24.58 -73.10 10.89
N ALA J 62 24.50 -73.17 9.57
CA ALA J 62 23.28 -72.82 8.79
C ALA J 62 22.06 -73.54 9.40
N GLU J 63 20.89 -72.90 9.32
CA GLU J 63 19.57 -73.46 9.70
C GLU J 63 19.53 -73.76 11.21
N SER J 64 20.40 -73.13 12.00
CA SER J 64 20.42 -73.25 13.48
C SER J 64 19.09 -72.75 14.05
N ASP J 65 18.51 -73.53 14.98
CA ASP J 65 17.36 -73.05 15.79
C ASP J 65 17.89 -72.05 16.81
N ALA J 66 19.20 -71.94 17.00
CA ALA J 66 19.78 -71.20 18.14
C ALA J 66 20.14 -69.77 17.70
N TRP J 67 19.29 -69.15 16.89
CA TRP J 67 19.53 -67.77 16.40
C TRP J 67 18.19 -67.09 16.12
N TYR J 68 18.20 -65.77 16.13
CA TYR J 68 17.08 -64.92 15.69
C TYR J 68 17.66 -63.60 15.20
N SER J 69 17.00 -63.02 14.19
CA SER J 69 17.38 -61.72 13.60
C SER J 69 16.79 -60.59 14.44
N PRO J 70 17.36 -59.37 14.32
CA PRO J 70 16.83 -58.20 15.01
C PRO J 70 15.33 -57.97 14.82
N SER J 71 14.80 -58.24 13.62
CA SER J 71 13.36 -58.06 13.29
C SER J 71 12.51 -58.97 14.17
N MET J 72 13.11 -60.01 14.78
CA MET J 72 12.42 -61.02 15.61
C MET J 72 12.46 -60.58 17.08
N TYR J 73 13.04 -59.42 17.37
CA TYR J 73 13.25 -58.94 18.75
C TYR J 73 12.50 -57.61 19.00
N ASN J 74 11.92 -57.48 20.19
CA ASN J 74 11.35 -56.18 20.63
C ASN J 74 11.15 -56.18 22.15
N VAL J 75 10.71 -55.03 22.66
CA VAL J 75 10.21 -54.76 24.03
C VAL J 75 8.73 -54.35 23.93
N VAL J 76 7.84 -55.11 24.56
CA VAL J 76 6.38 -54.88 24.50
C VAL J 76 5.82 -54.86 25.93
N LYS J 77 4.66 -54.25 26.10
CA LYS J 77 3.90 -54.31 27.37
C LYS J 77 3.25 -55.70 27.44
N GLN J 78 3.37 -56.34 28.60
CA GLN J 78 2.64 -57.58 28.95
C GLN J 78 2.14 -57.44 30.39
N ASP J 79 0.82 -57.48 30.60
CA ASP J 79 0.20 -57.36 31.94
C ASP J 79 0.73 -56.11 32.63
N GLY J 80 0.87 -55.02 31.86
CA GLY J 80 1.20 -53.68 32.37
C GLY J 80 2.70 -53.47 32.53
N ARG J 81 3.53 -54.44 32.14
CA ARG J 81 5.00 -54.41 32.39
C ARG J 81 5.76 -54.57 31.08
N ASP J 82 6.85 -53.83 30.91
CA ASP J 82 7.75 -53.95 29.74
C ASP J 82 8.43 -55.32 29.81
N VAL J 83 8.38 -56.10 28.73
CA VAL J 83 9.09 -57.41 28.64
C VAL J 83 9.88 -57.41 27.33
N HIS J 84 11.03 -58.10 27.32
CA HIS J 84 11.69 -58.58 26.09
C HIS J 84 10.77 -59.57 25.39
N VAL J 85 10.75 -59.57 24.06
CA VAL J 85 10.01 -60.57 23.26
C VAL J 85 10.88 -60.93 22.04
N VAL J 86 11.02 -62.23 21.81
CA VAL J 86 11.51 -62.79 20.53
C VAL J 86 10.39 -63.65 19.93
N ILE J 87 10.01 -63.32 18.69
CA ILE J 87 9.01 -64.08 17.88
C ILE J 87 9.80 -64.76 16.74
N LYS J 88 9.93 -66.07 16.87
CA LYS J 88 10.95 -66.96 16.26
C LYS J 88 10.22 -68.10 15.56
N PRO J 89 10.54 -68.45 14.28
CA PRO J 89 9.87 -69.59 13.64
C PRO J 89 10.14 -70.90 14.40
N ASP J 90 9.12 -71.77 14.48
CA ASP J 90 9.16 -73.07 15.21
C ASP J 90 9.75 -74.17 14.31
N HIS J 91 10.94 -74.67 14.66
CA HIS J 91 11.65 -75.75 13.93
C HIS J 91 10.75 -76.99 13.82
N GLU J 92 9.85 -77.21 14.79
CA GLU J 92 9.05 -78.46 14.94
C GLU J 92 7.69 -78.36 14.23
N CYS J 93 7.28 -77.19 13.74
CA CYS J 93 6.00 -77.02 13.02
C CYS J 93 6.15 -77.69 11.65
N VAL J 94 5.19 -78.51 11.23
CA VAL J 94 5.29 -79.30 9.97
C VAL J 94 5.02 -78.39 8.76
N VAL J 95 4.44 -77.23 8.96
CA VAL J 95 4.15 -76.26 7.87
C VAL J 95 5.47 -75.72 7.33
N ASN J 96 6.28 -75.13 8.20
CA ASN J 96 7.44 -74.27 7.81
C ASN J 96 8.77 -74.93 8.16
N SER J 97 8.80 -75.93 9.05
CA SER J 97 10.04 -76.60 9.54
C SER J 97 11.12 -75.56 9.84
N GLY J 98 10.77 -74.52 10.61
CA GLY J 98 11.70 -73.52 11.13
C GLY J 98 11.84 -72.32 10.20
N LEU J 99 11.22 -72.33 9.01
CA LEU J 99 11.35 -71.20 8.03
C LEU J 99 10.46 -70.04 8.47
N GLY J 100 10.97 -68.83 8.28
CA GLY J 100 10.20 -67.58 8.41
C GLY J 100 10.39 -66.71 7.18
N SER J 101 9.30 -66.30 6.52
CA SER J 101 9.35 -65.34 5.40
C SER J 101 9.90 -64.00 5.90
N VAL J 102 10.18 -63.09 4.98
CA VAL J 102 10.53 -61.66 5.22
C VAL J 102 9.38 -60.98 5.99
N ARG J 103 8.14 -61.47 5.88
CA ARG J 103 6.97 -60.87 6.58
C ARG J 103 6.83 -61.43 8.00
N GLY J 104 6.74 -62.75 8.14
CA GLY J 104 6.58 -63.41 9.46
C GLY J 104 7.72 -63.02 10.41
N ALA J 105 8.94 -62.97 9.88
CA ALA J 105 10.18 -62.77 10.66
C ALA J 105 10.27 -61.33 11.16
N ARG J 106 9.38 -60.44 10.71
CA ARG J 106 9.33 -59.06 11.25
C ARG J 106 8.07 -58.86 12.09
N MET J 107 7.42 -59.91 12.60
CA MET J 107 6.24 -59.72 13.50
C MET J 107 6.65 -58.92 14.75
N ALA J 108 7.82 -59.19 15.32
CA ALA J 108 8.31 -58.53 16.55
C ALA J 108 8.46 -57.03 16.31
N GLU J 109 9.28 -56.68 15.31
CA GLU J 109 9.60 -55.29 14.85
C GLU J 109 8.35 -54.49 14.46
N THR J 110 7.30 -55.15 13.97
CA THR J 110 6.02 -54.53 13.55
C THR J 110 5.04 -54.53 14.74
N SER J 111 5.46 -55.02 15.90
CA SER J 111 4.67 -54.90 17.14
C SER J 111 4.83 -53.47 17.69
N PHE J 112 3.82 -52.99 18.41
CA PHE J 112 3.81 -51.68 19.11
C PHE J 112 4.80 -51.73 20.28
N SER J 113 5.78 -50.82 20.29
CA SER J 113 6.77 -50.64 21.39
C SER J 113 6.98 -49.15 21.72
N GLU J 114 6.59 -48.72 22.92
CA GLU J 114 6.93 -47.37 23.44
C GLU J 114 8.44 -47.31 23.77
N ALA J 115 9.00 -48.39 24.31
CA ALA J 115 10.42 -48.49 24.68
C ALA J 115 11.31 -48.37 23.45
N ARG J 116 11.02 -49.06 22.35
CA ARG J 116 11.95 -49.10 21.18
C ARG J 116 11.37 -48.29 20.02
N ASN J 117 10.20 -47.71 20.19
CA ASN J 117 9.57 -46.69 19.29
C ASN J 117 9.17 -47.31 17.96
N THR J 118 8.60 -48.51 17.99
CA THR J 118 8.09 -49.24 16.81
C THR J 118 6.57 -49.06 16.73
N GLN J 119 6.08 -48.71 15.55
CA GLN J 119 4.65 -48.64 15.16
C GLN J 119 3.91 -47.66 16.09
N GLN J 120 4.47 -46.46 16.26
CA GLN J 120 3.83 -45.35 17.03
CA GLN J 120 3.83 -45.35 17.03
C GLN J 120 2.55 -44.88 16.29
N GLN J 121 2.42 -45.18 15.00
CA GLN J 121 1.17 -44.88 14.24
C GLN J 121 -0.01 -45.66 14.87
N ARG J 122 0.24 -46.72 15.67
CA ARG J 122 -0.84 -47.57 16.24
C ARG J 122 -1.85 -46.71 16.99
N LEU J 123 -3.13 -46.93 16.69
CA LEU J 123 -4.27 -46.25 17.36
C LEU J 123 -4.34 -46.70 18.82
N THR J 124 -4.46 -45.72 19.70
CA THR J 124 -4.51 -45.90 21.18
C THR J 124 -5.90 -45.50 21.70
N ASP J 125 -6.58 -44.56 21.02
CA ASP J 125 -7.79 -43.90 21.57
C ASP J 125 -8.87 -43.79 20.49
N PRO J 126 -10.16 -43.91 20.87
CA PRO J 126 -11.25 -43.49 19.99
C PRO J 126 -11.05 -42.03 19.55
N LEU J 127 -11.31 -41.75 18.29
CA LEU J 127 -11.24 -40.39 17.72
C LEU J 127 -12.63 -40.01 17.20
N VAL J 128 -13.02 -38.75 17.41
CA VAL J 128 -14.25 -38.16 16.85
C VAL J 128 -13.85 -36.88 16.11
N TRP J 129 -14.37 -36.71 14.90
CA TRP J 129 -14.32 -35.44 14.14
C TRP J 129 -15.17 -34.40 14.89
N ARG J 130 -14.55 -33.45 15.56
CA ARG J 130 -15.28 -32.33 16.21
C ARG J 130 -14.35 -31.17 16.45
N TYR J 131 -14.87 -29.95 16.43
CA TYR J 131 -14.12 -28.71 16.73
C TYR J 131 -13.07 -28.49 15.63
N GLY J 132 -13.31 -29.02 14.42
CA GLY J 132 -12.57 -28.70 13.18
C GLY J 132 -11.54 -29.75 12.78
N GLN J 133 -11.38 -30.83 13.57
CA GLN J 133 -10.35 -31.87 13.33
C GLN J 133 -10.70 -33.13 14.13
N MET J 134 -9.97 -34.23 13.91
CA MET J 134 -10.10 -35.46 14.73
C MET J 134 -9.57 -35.17 16.14
N GLN J 135 -10.31 -35.62 17.14
CA GLN J 135 -10.03 -35.33 18.57
C GLN J 135 -10.20 -36.65 19.31
N PRO J 136 -9.28 -37.03 20.22
CA PRO J 136 -9.43 -38.25 21.00
C PRO J 136 -10.54 -38.09 22.04
N THR J 137 -11.10 -39.21 22.49
CA THR J 137 -12.23 -39.21 23.44
C THR J 137 -12.32 -40.59 24.08
N SER J 138 -13.34 -40.79 24.91
CA SER J 138 -13.59 -42.04 25.65
C SER J 138 -14.34 -42.98 24.73
N TRP J 139 -14.26 -44.28 25.02
CA TRP J 139 -15.08 -45.34 24.40
C TRP J 139 -16.59 -45.03 24.57
N ASP J 140 -17.02 -44.60 25.76
CA ASP J 140 -18.46 -44.34 26.06
C ASP J 140 -19.00 -43.26 25.12
N ASP J 141 -18.28 -42.14 25.00
CA ASP J 141 -18.65 -41.01 24.13
C ASP J 141 -18.73 -41.51 22.69
N ALA J 142 -17.67 -42.15 22.18
CA ALA J 142 -17.57 -42.59 20.76
C ALA J 142 -18.60 -43.68 20.42
N LEU J 143 -18.80 -44.68 21.28
CA LEU J 143 -19.85 -45.72 21.01
C LEU J 143 -21.24 -45.09 21.06
N ASP J 144 -21.49 -44.15 21.98
CA ASP J 144 -22.78 -43.41 22.05
C ASP J 144 -23.06 -42.69 20.72
N LEU J 145 -22.07 -41.97 20.16
CA LEU J 145 -22.30 -41.17 18.93
C LEU J 145 -22.61 -42.15 17.80
N VAL J 146 -21.80 -43.20 17.69
CA VAL J 146 -21.94 -44.20 16.59
C VAL J 146 -23.33 -44.84 16.70
N ALA J 147 -23.67 -45.28 17.91
CA ALA J 147 -24.95 -45.95 18.25
C ALA J 147 -26.12 -45.03 17.89
N ARG J 148 -26.09 -43.76 18.29
CA ARG J 148 -27.24 -42.83 18.10
C ARG J 148 -27.44 -42.54 16.62
N VAL J 149 -26.38 -42.32 15.85
CA VAL J 149 -26.50 -42.00 14.40
C VAL J 149 -27.03 -43.24 13.70
N THR J 150 -26.46 -44.41 13.99
CA THR J 150 -26.81 -45.70 13.33
C THR J 150 -28.28 -46.01 13.61
N ALA J 151 -28.67 -45.97 14.88
CA ALA J 151 -30.04 -46.30 15.34
C ALA J 151 -31.04 -45.38 14.65
N LYS J 152 -30.76 -44.09 14.64
CA LYS J 152 -31.68 -43.08 14.07
C LYS J 152 -31.85 -43.33 12.56
N ILE J 153 -30.76 -43.53 11.83
CA ILE J 153 -30.74 -43.67 10.34
C ILE J 153 -31.44 -44.98 9.94
N VAL J 154 -31.16 -46.05 10.66
CA VAL J 154 -31.70 -47.42 10.42
C VAL J 154 -33.21 -47.41 10.75
N LYS J 155 -33.63 -46.60 11.73
CA LYS J 155 -35.05 -46.48 12.11
C LYS J 155 -35.83 -45.67 11.05
N GLU J 156 -35.22 -44.65 10.44
CA GLU J 156 -35.93 -43.75 9.49
C GLU J 156 -36.02 -44.35 8.08
N LYS J 157 -35.00 -45.09 7.62
CA LYS J 157 -34.89 -45.56 6.22
C LYS J 157 -34.57 -47.06 6.19
N GLY J 158 -34.60 -47.75 7.34
CA GLY J 158 -34.38 -49.21 7.43
C GLY J 158 -32.91 -49.56 7.39
N GLU J 159 -32.61 -50.84 7.58
CA GLU J 159 -31.23 -51.40 7.66
C GLU J 159 -30.49 -51.28 6.32
N ASP J 160 -31.20 -51.08 5.21
CA ASP J 160 -30.57 -50.92 3.85
C ASP J 160 -29.71 -49.65 3.81
N ALA J 161 -29.98 -48.67 4.68
CA ALA J 161 -29.21 -47.41 4.84
C ALA J 161 -27.89 -47.65 5.60
N LEU J 162 -27.73 -48.78 6.27
CA LEU J 162 -26.43 -49.13 6.89
C LEU J 162 -25.60 -49.93 5.87
N ILE J 163 -24.45 -49.37 5.50
CA ILE J 163 -23.45 -50.02 4.62
C ILE J 163 -22.36 -50.54 5.53
N VAL J 164 -21.87 -51.75 5.27
CA VAL J 164 -20.76 -52.39 6.04
C VAL J 164 -19.72 -52.89 5.04
N SER J 165 -18.46 -52.53 5.29
CA SER J 165 -17.25 -53.17 4.72
C SER J 165 -16.53 -53.90 5.84
N ALA J 166 -16.21 -55.20 5.68
CA ALA J 166 -15.53 -55.97 6.75
C ALA J 166 -14.71 -57.13 6.20
N PHE J 167 -13.53 -57.31 6.79
CA PHE J 167 -12.77 -58.57 6.73
C PHE J 167 -13.74 -59.76 6.82
N ASP J 168 -13.48 -60.82 6.07
CA ASP J 168 -14.08 -62.16 6.31
C ASP J 168 -12.99 -63.23 6.46
N HIS J 169 -11.73 -62.80 6.60
CA HIS J 169 -10.52 -63.67 6.57
C HIS J 169 -10.07 -64.01 7.99
N GLY J 170 -9.04 -64.86 8.08
CA GLY J 170 -8.41 -65.29 9.33
C GLY J 170 -7.17 -64.48 9.61
N GLY J 171 -6.40 -64.92 10.60
CA GLY J 171 -5.17 -64.29 11.08
C GLY J 171 -5.41 -62.89 11.61
N ALA J 172 -4.37 -62.07 11.61
CA ALA J 172 -4.44 -60.69 12.15
C ALA J 172 -5.48 -59.92 11.33
N GLY J 173 -6.44 -59.27 11.99
CA GLY J 173 -7.52 -58.50 11.35
C GLY J 173 -8.65 -59.39 10.87
N GLY J 174 -8.75 -60.60 11.43
CA GLY J 174 -9.90 -61.51 11.28
C GLY J 174 -9.76 -62.64 12.28
N GLY J 175 -10.09 -63.87 11.88
CA GLY J 175 -10.09 -65.05 12.75
C GLY J 175 -11.50 -65.32 13.24
N TYR J 176 -11.68 -66.45 13.93
CA TYR J 176 -13.03 -66.99 14.25
C TYR J 176 -13.72 -66.09 15.28
N GLU J 177 -12.94 -65.53 16.22
CA GLU J 177 -13.50 -64.66 17.28
C GLU J 177 -14.10 -63.42 16.61
N ASN J 178 -13.35 -62.81 15.69
CA ASN J 178 -13.68 -61.48 15.10
C ASN J 178 -14.72 -61.62 13.98
N THR J 179 -14.68 -62.67 13.15
CA THR J 179 -15.69 -62.84 12.08
C THR J 179 -17.02 -63.14 12.75
N TRP J 180 -17.01 -63.95 13.83
CA TRP J 180 -18.25 -64.25 14.62
C TRP J 180 -18.82 -62.97 15.20
N GLY J 181 -17.98 -62.16 15.86
CA GLY J 181 -18.42 -60.92 16.51
C GLY J 181 -19.09 -59.97 15.52
N THR J 182 -18.40 -59.70 14.40
CA THR J 182 -18.91 -58.81 13.34
C THR J 182 -20.14 -59.45 12.71
N GLY J 183 -20.06 -60.73 12.37
CA GLY J 183 -21.14 -61.49 11.71
C GLY J 183 -22.40 -61.51 12.56
N LYS J 184 -22.27 -61.76 13.85
CA LYS J 184 -23.44 -61.79 14.77
C LYS J 184 -24.07 -60.41 14.84
N LEU J 185 -23.27 -59.35 14.89
CA LEU J 185 -23.79 -57.98 14.96
C LEU J 185 -24.64 -57.66 13.75
N TYR J 186 -24.18 -58.02 12.56
CA TYR J 186 -24.80 -57.58 11.29
C TYR J 186 -25.77 -58.63 10.71
N PHE J 187 -25.68 -59.91 11.07
CA PHE J 187 -26.53 -60.98 10.50
C PHE J 187 -27.46 -61.62 11.55
N GLU J 188 -27.16 -61.50 12.86
CA GLU J 188 -28.06 -62.04 13.92
C GLU J 188 -28.90 -60.89 14.50
N ALA J 189 -28.26 -59.91 15.13
CA ALA J 189 -28.93 -58.72 15.74
C ALA J 189 -29.58 -57.88 14.64
N MET J 190 -29.01 -57.90 13.43
CA MET J 190 -29.52 -57.17 12.23
C MET J 190 -29.57 -58.14 11.05
N LYS J 191 -30.08 -57.66 9.91
CA LYS J 191 -30.12 -58.39 8.61
C LYS J 191 -29.56 -57.44 7.56
N VAL J 192 -28.29 -57.04 7.70
CA VAL J 192 -27.60 -56.11 6.77
C VAL J 192 -27.38 -56.83 5.43
N LYS J 193 -28.07 -56.38 4.37
CA LYS J 193 -27.92 -56.87 2.96
C LYS J 193 -26.74 -56.15 2.30
N ASN J 194 -26.55 -54.86 2.60
CA ASN J 194 -25.60 -53.98 1.85
C ASN J 194 -24.23 -54.06 2.52
N ILE J 195 -23.66 -55.26 2.58
CA ILE J 195 -22.36 -55.56 3.24
C ILE J 195 -21.42 -56.05 2.14
N ARG J 196 -20.17 -55.62 2.19
CA ARG J 196 -19.10 -56.15 1.30
C ARG J 196 -17.96 -56.70 2.15
N ILE J 197 -17.01 -57.30 1.47
CA ILE J 197 -15.87 -58.04 2.08
C ILE J 197 -14.61 -57.23 1.79
N HIS J 198 -13.52 -57.50 2.47
CA HIS J 198 -12.29 -56.67 2.44
C HIS J 198 -11.74 -56.56 1.01
N ASN J 199 -11.91 -57.59 0.19
CA ASN J 199 -11.21 -57.72 -1.13
C ASN J 199 -12.21 -57.70 -2.30
N ARG J 200 -13.51 -57.56 -2.07
CA ARG J 200 -14.52 -57.64 -3.16
C ARG J 200 -15.76 -56.84 -2.78
N PRO J 201 -16.41 -56.15 -3.73
CA PRO J 201 -17.40 -55.14 -3.41
C PRO J 201 -18.82 -55.66 -3.16
N ALA J 202 -18.96 -56.96 -2.90
CA ALA J 202 -20.25 -57.61 -2.56
C ALA J 202 -20.01 -58.78 -1.60
N TYR J 203 -21.09 -59.29 -0.99
CA TYR J 203 -21.03 -60.45 -0.06
C TYR J 203 -21.20 -61.74 -0.86
N ASN J 204 -20.13 -62.14 -1.52
CA ASN J 204 -20.06 -63.30 -2.43
C ASN J 204 -18.90 -64.18 -1.95
N SER J 205 -18.77 -65.35 -2.58
CA SER J 205 -17.59 -66.24 -2.52
C SER J 205 -16.68 -65.88 -3.68
N GLU J 206 -15.36 -65.95 -3.48
CA GLU J 206 -14.32 -65.89 -4.55
C GLU J 206 -14.52 -67.01 -5.56
N VAL J 207 -15.09 -68.14 -5.12
CA VAL J 207 -15.02 -69.44 -5.85
C VAL J 207 -16.37 -70.18 -5.79
N HIS J 208 -17.48 -69.50 -6.13
CA HIS J 208 -18.84 -70.10 -6.27
C HIS J 208 -18.80 -71.25 -7.28
N GLY J 209 -17.88 -71.20 -8.25
CA GLY J 209 -17.73 -72.26 -9.27
C GLY J 209 -17.46 -73.62 -8.64
N THR J 210 -16.34 -73.74 -7.92
CA THR J 210 -15.89 -75.01 -7.29
C THR J 210 -16.92 -75.43 -6.24
N ARG J 211 -17.46 -74.49 -5.48
CA ARG J 211 -18.44 -74.80 -4.40
C ARG J 211 -19.71 -75.40 -4.99
N ASP J 212 -20.22 -74.76 -6.06
CA ASP J 212 -21.45 -75.19 -6.82
C ASP J 212 -21.27 -76.62 -7.33
N MET J 213 -20.04 -76.97 -7.73
CA MET J 213 -19.66 -78.28 -8.28
C MET J 213 -19.52 -79.33 -7.16
N GLY J 214 -19.51 -78.90 -5.89
CA GLY J 214 -19.46 -79.76 -4.69
C GLY J 214 -18.05 -79.94 -4.12
N VAL J 215 -17.10 -79.09 -4.52
CA VAL J 215 -15.66 -79.21 -4.15
C VAL J 215 -15.26 -77.93 -3.40
N GLY J 216 -15.31 -77.98 -2.07
CA GLY J 216 -14.68 -76.98 -1.20
C GLY J 216 -13.24 -76.78 -1.63
N GLU J 217 -12.77 -75.53 -1.68
CA GLU J 217 -11.52 -75.11 -2.36
C GLU J 217 -10.28 -75.46 -1.52
N LEU J 218 -10.45 -75.93 -0.30
CA LEU J 218 -9.33 -76.34 0.57
C LEU J 218 -9.52 -77.82 0.93
N ASN J 219 -9.30 -78.71 -0.03
CA ASN J 219 -9.73 -80.13 0.02
C ASN J 219 -8.52 -81.04 0.23
N ASN J 220 -7.28 -80.53 0.24
CA ASN J 220 -6.07 -81.38 0.25
C ASN J 220 -5.23 -81.05 1.49
N CYS J 221 -4.01 -81.56 1.53
CA CYS J 221 -3.05 -81.25 2.63
C CYS J 221 -1.75 -80.84 1.95
N TYR J 222 -0.93 -80.09 2.67
CA TYR J 222 0.35 -79.53 2.16
C TYR J 222 1.29 -80.68 1.75
N GLU J 223 1.09 -81.86 2.33
CA GLU J 223 1.93 -83.03 1.98
C GLU J 223 1.68 -83.44 0.52
N ASP J 224 0.47 -83.19 0.01
CA ASP J 224 0.08 -83.53 -1.37
C ASP J 224 1.00 -82.80 -2.34
N ALA J 225 1.50 -81.62 -2.01
CA ALA J 225 2.45 -80.89 -2.88
C ALA J 225 3.79 -81.64 -2.91
N GLU J 226 4.09 -82.41 -1.86
CA GLU J 226 5.31 -83.27 -1.80
C GLU J 226 5.15 -84.56 -2.61
N LEU J 227 3.93 -85.09 -2.78
CA LEU J 227 3.62 -86.46 -3.30
C LEU J 227 3.19 -86.45 -4.78
N ALA J 228 2.73 -85.31 -5.33
CA ALA J 228 2.21 -85.23 -6.72
C ALA J 228 3.32 -85.60 -7.71
N ASP J 229 2.94 -86.16 -8.86
CA ASP J 229 3.82 -86.35 -10.06
C ASP J 229 4.00 -84.98 -10.72
N THR J 230 2.91 -84.23 -10.86
CA THR J 230 2.91 -82.87 -11.47
C THR J 230 2.17 -81.88 -10.57
N ILE J 231 2.73 -80.69 -10.37
CA ILE J 231 2.00 -79.52 -9.82
C ILE J 231 1.58 -78.62 -10.98
N VAL J 232 0.30 -78.28 -11.04
CA VAL J 232 -0.27 -77.27 -11.96
C VAL J 232 -0.55 -76.04 -11.12
N ALA J 233 0.27 -75.00 -11.28
CA ALA J 233 0.21 -73.74 -10.50
C ALA J 233 -0.36 -72.61 -11.36
N VAL J 234 -1.64 -72.30 -11.16
CA VAL J 234 -2.43 -71.37 -12.01
C VAL J 234 -2.58 -70.03 -11.29
N GLY J 235 -2.03 -68.94 -11.84
CA GLY J 235 -2.27 -67.59 -11.31
C GLY J 235 -1.83 -67.49 -9.86
N THR J 236 -0.64 -68.02 -9.58
CA THR J 236 0.01 -68.01 -8.25
C THR J 236 1.47 -67.63 -8.45
N ASN J 237 1.97 -66.77 -7.58
CA ASN J 237 3.41 -66.39 -7.51
C ASN J 237 3.94 -66.92 -6.19
N ALA J 238 3.74 -68.24 -5.98
CA ALA J 238 3.81 -68.94 -4.69
C ALA J 238 5.11 -68.64 -3.92
N LEU J 239 6.25 -68.47 -4.59
CA LEU J 239 7.51 -68.18 -3.88
C LEU J 239 7.41 -66.83 -3.14
N GLU J 240 6.68 -65.87 -3.72
CA GLU J 240 6.44 -64.51 -3.17
C GLU J 240 5.20 -64.49 -2.27
N THR J 241 4.16 -65.29 -2.56
CA THR J 241 2.79 -65.13 -2.01
C THR J 241 2.32 -66.32 -1.13
N GLN J 242 2.95 -67.50 -1.25
CA GLN J 242 2.70 -68.69 -0.40
C GLN J 242 4.06 -69.27 -0.03
N THR J 243 5.00 -68.38 0.32
CA THR J 243 6.46 -68.59 0.35
C THR J 243 6.81 -69.96 0.96
N ASN J 244 6.51 -70.18 2.22
CA ASN J 244 7.00 -71.36 2.98
C ASN J 244 6.22 -72.62 2.58
N TYR J 245 5.01 -72.51 2.02
CA TYR J 245 4.34 -73.68 1.42
C TYR J 245 5.22 -74.14 0.25
N PHE J 246 5.56 -73.20 -0.62
CA PHE J 246 6.46 -73.40 -1.77
C PHE J 246 7.80 -74.01 -1.33
N LEU J 247 8.46 -73.38 -0.36
CA LEU J 247 9.85 -73.73 0.01
C LEU J 247 9.88 -75.07 0.78
N ASN J 248 8.87 -75.36 1.59
CA ASN J 248 8.91 -76.48 2.57
C ASN J 248 8.16 -77.70 2.03
N HIS J 249 7.42 -77.56 0.92
CA HIS J 249 6.61 -78.69 0.38
C HIS J 249 6.78 -78.84 -1.14
N TRP J 250 6.73 -77.76 -1.92
CA TRP J 250 6.83 -77.84 -3.41
C TRP J 250 8.27 -78.17 -3.78
N ILE J 251 9.23 -77.45 -3.24
CA ILE J 251 10.68 -77.56 -3.63
C ILE J 251 11.16 -78.98 -3.35
N PRO J 252 10.92 -79.57 -2.16
CA PRO J 252 11.38 -80.93 -1.89
C PRO J 252 10.84 -81.91 -2.94
N ASN J 253 9.63 -81.69 -3.49
CA ASN J 253 9.08 -82.50 -4.63
C ASN J 253 9.93 -82.32 -5.90
N LEU J 254 10.20 -81.08 -6.29
CA LEU J 254 10.94 -80.73 -7.52
C LEU J 254 12.37 -81.28 -7.44
N ARG J 255 12.96 -81.28 -6.24
CA ARG J 255 14.37 -81.68 -5.98
C ARG J 255 14.51 -83.21 -5.88
N GLY J 256 13.40 -83.93 -5.70
CA GLY J 256 13.39 -85.40 -5.62
C GLY J 256 13.66 -85.89 -4.21
N GLU J 257 13.75 -84.97 -3.25
CA GLU J 257 13.93 -85.27 -1.80
C GLU J 257 12.70 -86.00 -1.27
N SER J 258 11.56 -85.85 -1.93
CA SER J 258 10.25 -86.44 -1.56
CA SER J 258 10.29 -86.47 -1.48
C SER J 258 10.15 -87.89 -2.07
N LEU J 259 11.09 -88.33 -2.91
CA LEU J 259 10.98 -89.64 -3.64
C LEU J 259 10.79 -90.80 -2.65
N GLY J 260 11.61 -90.86 -1.61
CA GLY J 260 11.52 -91.88 -0.53
C GLY J 260 10.12 -91.94 0.05
N LYS J 261 9.56 -90.79 0.43
CA LYS J 261 8.17 -90.73 0.99
C LYS J 261 7.16 -91.26 -0.04
N LYS J 262 7.25 -90.85 -1.32
CA LYS J 262 6.28 -91.24 -2.38
C LYS J 262 6.22 -92.77 -2.48
N LYS J 263 7.38 -93.41 -2.62
CA LYS J 263 7.56 -94.88 -2.77
C LYS J 263 7.02 -95.61 -1.55
N GLU J 264 7.22 -95.05 -0.35
CA GLU J 264 6.73 -95.64 0.92
C GLU J 264 5.19 -95.59 0.95
N LEU J 265 4.57 -94.42 0.72
CA LEU J 265 3.09 -94.22 0.84
C LEU J 265 2.35 -94.83 -0.34
N MET J 266 3.02 -94.99 -1.50
CA MET J 266 2.39 -95.36 -2.79
C MET J 266 3.33 -96.31 -3.52
N PRO J 267 3.48 -97.55 -3.00
CA PRO J 267 4.28 -98.57 -3.66
C PRO J 267 3.31 -99.12 -4.72
N GLU J 268 3.82 -99.87 -5.70
CA GLU J 268 3.04 -100.44 -6.82
C GLU J 268 2.74 -99.36 -7.87
N GLU J 269 3.44 -98.23 -7.85
CA GLU J 269 3.44 -97.28 -9.00
C GLU J 269 4.77 -96.56 -9.10
N PRO J 270 5.18 -96.13 -10.32
CA PRO J 270 6.42 -95.37 -10.51
C PRO J 270 6.35 -93.93 -9.95
N HIS J 271 7.51 -93.40 -9.61
CA HIS J 271 7.72 -92.06 -8.99
C HIS J 271 9.02 -91.47 -9.52
N GLU J 272 8.96 -90.31 -10.18
CA GLU J 272 10.12 -89.43 -10.49
C GLU J 272 9.95 -88.14 -9.69
N ALA J 273 11.00 -87.31 -9.71
CA ALA J 273 10.97 -85.91 -9.21
C ALA J 273 9.76 -85.25 -9.83
N GLY J 274 9.01 -84.46 -9.05
CA GLY J 274 7.84 -83.72 -9.53
C GLY J 274 8.19 -82.80 -10.68
N ARG J 275 7.23 -82.57 -11.56
CA ARG J 275 7.26 -81.52 -12.60
C ARG J 275 6.23 -80.45 -12.23
N ILE J 276 6.37 -79.26 -12.80
CA ILE J 276 5.44 -78.14 -12.49
C ILE J 276 5.04 -77.41 -13.78
N ILE J 277 3.73 -77.24 -13.95
CA ILE J 277 3.16 -76.29 -14.93
C ILE J 277 2.82 -75.00 -14.17
N ILE J 278 3.29 -73.87 -14.68
CA ILE J 278 3.01 -72.51 -14.12
C ILE J 278 2.24 -71.76 -15.21
N VAL J 279 0.95 -71.54 -14.96
CA VAL J 279 0.09 -70.76 -15.88
C VAL J 279 0.09 -69.33 -15.38
N ASP J 280 0.83 -68.46 -16.04
CA ASP J 280 1.04 -67.07 -15.61
C ASP J 280 1.55 -66.29 -16.81
N PRO J 281 0.82 -65.23 -17.24
CA PRO J 281 1.28 -64.35 -18.32
C PRO J 281 2.70 -63.83 -18.06
N ARG J 282 3.03 -63.64 -16.78
CA ARG J 282 4.31 -63.05 -16.32
C ARG J 282 5.27 -64.14 -15.87
N ARG J 283 6.54 -64.00 -16.28
CA ARG J 283 7.67 -64.78 -15.76
C ARG J 283 8.03 -64.20 -14.40
N THR J 284 7.79 -64.99 -13.35
CA THR J 284 7.96 -64.62 -11.93
C THR J 284 9.19 -65.29 -11.33
N VAL J 285 9.63 -64.83 -10.17
CA VAL J 285 10.75 -65.44 -9.40
C VAL J 285 10.37 -66.89 -9.07
N THR J 286 9.07 -67.21 -8.95
CA THR J 286 8.55 -68.60 -8.79
C THR J 286 9.03 -69.44 -9.97
N VAL J 287 8.79 -69.01 -11.22
CA VAL J 287 9.23 -69.72 -12.45
C VAL J 287 10.75 -69.93 -12.37
N ASN J 288 11.50 -68.85 -12.12
CA ASN J 288 12.98 -68.89 -12.02
C ASN J 288 13.43 -70.00 -11.04
N ALA J 289 12.90 -69.96 -9.83
CA ALA J 289 13.28 -70.85 -8.72
C ALA J 289 12.94 -72.29 -9.12
N CYS J 290 11.81 -72.49 -9.79
CA CYS J 290 11.43 -73.84 -10.30
C CYS J 290 12.49 -74.32 -11.30
N GLU J 291 12.87 -73.48 -12.27
CA GLU J 291 13.86 -73.89 -13.30
C GLU J 291 15.17 -74.24 -12.59
N GLN J 292 15.45 -73.52 -11.52
CA GLN J 292 16.76 -73.56 -10.84
C GLN J 292 16.92 -74.84 -9.98
N THR J 293 15.83 -75.41 -9.50
CA THR J 293 15.82 -76.59 -8.60
C THR J 293 15.38 -77.86 -9.34
N ALA J 294 14.45 -77.80 -10.30
CA ALA J 294 13.93 -78.97 -11.03
C ALA J 294 14.72 -79.19 -12.33
N GLY J 295 15.40 -78.17 -12.85
CA GLY J 295 15.90 -78.12 -14.24
C GLY J 295 14.82 -77.63 -15.20
N ALA J 296 15.24 -76.98 -16.29
CA ALA J 296 14.37 -76.39 -17.33
C ALA J 296 13.41 -77.43 -17.91
N ASP J 297 13.80 -78.71 -18.00
CA ASP J 297 13.00 -79.76 -18.69
C ASP J 297 11.83 -80.20 -17.81
N ASN J 298 11.83 -79.86 -16.51
CA ASN J 298 10.76 -80.28 -15.55
C ASN J 298 9.84 -79.10 -15.21
N VAL J 299 9.95 -78.02 -15.97
CA VAL J 299 9.15 -76.78 -15.77
C VAL J 299 8.54 -76.41 -17.12
N LEU J 300 7.22 -76.27 -17.17
CA LEU J 300 6.47 -75.78 -18.34
C LEU J 300 5.83 -74.45 -17.91
N HIS J 301 6.50 -73.34 -18.22
CA HIS J 301 5.89 -71.99 -18.06
C HIS J 301 5.00 -71.72 -19.26
N LEU J 302 3.69 -71.86 -19.07
CA LEU J 302 2.65 -71.52 -20.08
C LEU J 302 2.38 -70.02 -19.90
N ALA J 303 3.28 -69.17 -20.40
CA ALA J 303 3.16 -67.69 -20.42
C ALA J 303 1.99 -67.25 -21.30
N ILE J 304 0.76 -67.57 -20.91
CA ILE J 304 -0.46 -67.30 -21.71
C ILE J 304 -0.71 -65.82 -21.85
N ASN J 305 -1.55 -65.44 -22.82
CA ASN J 305 -2.09 -64.07 -22.87
C ASN J 305 -3.00 -63.86 -21.64
N SER J 306 -2.94 -62.65 -21.06
CA SER J 306 -3.78 -62.21 -19.92
C SER J 306 -5.25 -62.57 -20.17
N GLY J 307 -5.89 -63.24 -19.21
CA GLY J 307 -7.33 -63.55 -19.22
C GLY J 307 -7.73 -64.69 -20.15
N THR J 308 -6.82 -65.59 -20.57
CA THR J 308 -7.11 -66.69 -21.55
C THR J 308 -7.01 -68.08 -20.91
N ASP J 309 -6.93 -68.16 -19.59
CA ASP J 309 -6.90 -69.44 -18.81
C ASP J 309 -7.99 -70.37 -19.31
N LEU J 310 -9.22 -69.88 -19.45
CA LEU J 310 -10.41 -70.73 -19.73
C LEU J 310 -10.20 -71.49 -21.06
N ALA J 311 -9.67 -70.83 -22.09
CA ALA J 311 -9.32 -71.47 -23.38
C ALA J 311 -8.31 -72.60 -23.13
N LEU J 312 -7.24 -72.35 -22.37
CA LEU J 312 -6.21 -73.37 -22.05
C LEU J 312 -6.86 -74.57 -21.34
N PHE J 313 -7.67 -74.34 -20.31
CA PHE J 313 -8.27 -75.44 -19.50
C PHE J 313 -9.23 -76.26 -20.37
N ASN J 314 -10.08 -75.58 -21.16
CA ASN J 314 -11.10 -76.28 -21.98
C ASN J 314 -10.40 -77.23 -22.96
N ALA J 315 -9.27 -76.80 -23.52
CA ALA J 315 -8.54 -77.57 -24.54
C ALA J 315 -7.80 -78.72 -23.86
N LEU J 316 -7.22 -78.51 -22.67
CA LEU J 316 -6.57 -79.61 -21.91
C LEU J 316 -7.63 -80.65 -21.57
N PHE J 317 -8.80 -80.19 -21.10
CA PHE J 317 -9.97 -81.05 -20.77
C PHE J 317 -10.33 -81.89 -22.00
N THR J 318 -10.54 -81.22 -23.13
CA THR J 318 -10.86 -81.82 -24.46
C THR J 318 -9.82 -82.88 -24.83
N TYR J 319 -8.53 -82.54 -24.77
CA TYR J 319 -7.42 -83.44 -25.20
C TYR J 319 -7.41 -84.68 -24.29
N ILE J 320 -7.44 -84.44 -22.98
CA ILE J 320 -7.41 -85.52 -21.96
C ILE J 320 -8.64 -86.46 -22.14
N ALA J 321 -9.85 -85.92 -22.33
CA ALA J 321 -11.10 -86.70 -22.46
C ALA J 321 -11.07 -87.54 -23.75
N ASP J 322 -10.64 -86.97 -24.87
CA ASP J 322 -10.57 -87.66 -26.18
C ASP J 322 -9.52 -88.79 -26.13
N LYS J 323 -8.40 -88.59 -25.43
CA LYS J 323 -7.35 -89.62 -25.21
C LYS J 323 -7.84 -90.72 -24.24
N GLY J 324 -8.89 -90.48 -23.47
CA GLY J 324 -9.36 -91.39 -22.41
C GLY J 324 -8.42 -91.40 -21.21
N TRP J 325 -7.68 -90.32 -20.94
CA TRP J 325 -6.70 -90.21 -19.82
C TRP J 325 -7.42 -89.72 -18.56
N VAL J 326 -8.49 -90.43 -18.19
CA VAL J 326 -9.46 -90.04 -17.14
C VAL J 326 -9.69 -91.22 -16.21
N ASP J 327 -10.12 -90.97 -14.98
CA ASP J 327 -10.43 -92.02 -13.97
C ASP J 327 -11.93 -92.33 -14.11
N ARG J 328 -12.26 -93.28 -14.99
CA ARG J 328 -13.64 -93.72 -15.33
CA ARG J 328 -13.66 -93.62 -15.32
C ARG J 328 -14.40 -94.07 -14.04
N ASP J 329 -13.73 -94.81 -13.16
CA ASP J 329 -14.38 -95.35 -11.95
C ASP J 329 -14.74 -94.16 -11.04
N PHE J 330 -13.80 -93.25 -10.81
CA PHE J 330 -14.07 -92.00 -10.04
C PHE J 330 -15.29 -91.32 -10.66
N ILE J 331 -15.24 -91.09 -11.98
CA ILE J 331 -16.33 -90.39 -12.71
C ILE J 331 -17.65 -91.16 -12.50
N ASP J 332 -17.66 -92.49 -12.63
CA ASP J 332 -18.94 -93.26 -12.58
C ASP J 332 -19.49 -93.28 -11.14
N LYS J 333 -18.62 -93.28 -10.13
CA LYS J 333 -19.00 -93.46 -8.70
CA LYS J 333 -19.06 -93.46 -8.71
C LYS J 333 -19.37 -92.11 -8.05
N SER J 334 -18.68 -91.02 -8.44
CA SER J 334 -18.62 -89.78 -7.63
C SER J 334 -19.22 -88.54 -8.32
N THR J 335 -19.59 -88.61 -9.61
CA THR J 335 -20.01 -87.40 -10.38
C THR J 335 -21.40 -87.61 -11.00
N LEU J 336 -22.16 -86.53 -11.18
CA LEU J 336 -23.50 -86.53 -11.81
C LEU J 336 -23.43 -87.26 -13.15
N ARG J 337 -24.30 -88.24 -13.38
CA ARG J 337 -24.36 -89.06 -14.62
C ARG J 337 -25.60 -88.64 -15.43
N GLU J 338 -26.66 -88.18 -14.76
CA GLU J 338 -27.89 -87.65 -15.39
C GLU J 338 -27.55 -86.37 -16.16
N GLY J 339 -27.54 -86.41 -17.49
CA GLY J 339 -27.34 -85.23 -18.36
C GLY J 339 -28.48 -84.24 -18.19
N THR J 340 -28.20 -82.93 -18.25
CA THR J 340 -29.18 -81.85 -18.02
C THR J 340 -29.11 -80.87 -19.20
N ALA J 341 -30.22 -80.18 -19.47
CA ALA J 341 -30.44 -79.33 -20.67
C ALA J 341 -29.71 -77.99 -20.51
N ARG J 342 -28.98 -77.58 -21.55
CA ARG J 342 -28.33 -76.24 -21.61
C ARG J 342 -29.41 -75.18 -21.46
N PRO J 343 -29.15 -74.08 -20.71
CA PRO J 343 -30.09 -72.95 -20.67
C PRO J 343 -30.16 -72.17 -21.98
N PRO J 344 -31.28 -71.46 -22.23
CA PRO J 344 -31.58 -70.95 -23.57
C PRO J 344 -30.55 -69.98 -24.17
N LEU J 345 -29.89 -69.15 -23.34
CA LEU J 345 -28.93 -68.11 -23.79
C LEU J 345 -27.49 -68.66 -23.89
N TYR J 346 -27.29 -69.95 -23.64
CA TYR J 346 -25.93 -70.59 -23.67
C TYR J 346 -25.46 -70.67 -25.12
N PRO J 347 -24.17 -70.48 -25.45
CA PRO J 347 -23.09 -70.35 -24.47
C PRO J 347 -22.76 -68.94 -23.94
N ALA J 348 -23.35 -67.89 -24.51
CA ALA J 348 -22.97 -66.48 -24.25
C ALA J 348 -23.22 -66.16 -22.76
N ARG J 349 -24.34 -66.63 -22.24
CA ARG J 349 -24.87 -66.24 -20.90
C ARG J 349 -25.48 -67.48 -20.25
N GLY J 350 -25.23 -67.68 -18.94
CA GLY J 350 -25.83 -68.76 -18.14
C GLY J 350 -27.35 -68.61 -18.03
N VAL J 351 -27.98 -69.45 -17.22
CA VAL J 351 -29.46 -69.47 -17.05
C VAL J 351 -29.88 -68.15 -16.37
N SER J 352 -29.02 -67.57 -15.53
CA SER J 352 -29.26 -66.24 -14.89
C SER J 352 -27.92 -65.66 -14.42
N GLU J 353 -27.94 -64.44 -13.87
CA GLU J 353 -26.74 -63.78 -13.31
C GLU J 353 -26.21 -64.63 -12.15
N ALA J 354 -27.11 -65.28 -11.41
CA ALA J 354 -26.75 -66.09 -10.22
C ALA J 354 -25.92 -67.32 -10.66
N ASN J 355 -26.07 -67.78 -11.92
CA ASN J 355 -25.45 -69.05 -12.41
C ASN J 355 -24.82 -68.84 -13.78
N PRO J 356 -23.58 -68.30 -13.87
CA PRO J 356 -22.91 -68.06 -15.17
C PRO J 356 -22.51 -69.29 -15.98
N GLY J 357 -22.49 -70.46 -15.35
CA GLY J 357 -22.05 -71.72 -15.97
C GLY J 357 -23.13 -72.80 -15.83
N HIS J 358 -23.05 -73.81 -16.68
CA HIS J 358 -24.00 -74.96 -16.70
C HIS J 358 -23.35 -76.18 -16.02
N LEU J 359 -23.93 -76.60 -14.89
CA LEU J 359 -23.46 -77.78 -14.13
C LEU J 359 -24.04 -79.02 -14.80
N SER J 360 -23.17 -79.97 -15.17
CA SER J 360 -23.55 -81.15 -15.98
C SER J 360 -22.67 -82.36 -15.64
N SER J 361 -22.90 -83.43 -16.40
CA SER J 361 -22.09 -84.67 -16.44
C SER J 361 -20.76 -84.43 -17.13
N PHE J 362 -19.86 -85.40 -17.01
CA PHE J 362 -18.52 -85.42 -17.66
C PHE J 362 -18.67 -85.20 -19.18
N GLU J 363 -19.49 -86.06 -19.82
CA GLU J 363 -19.66 -86.16 -21.30
C GLU J 363 -20.22 -84.83 -21.82
N ASP J 364 -21.26 -84.29 -21.17
CA ASP J 364 -21.92 -83.02 -21.55
C ASP J 364 -20.90 -81.87 -21.40
N ALA J 365 -20.10 -81.88 -20.34
CA ALA J 365 -19.10 -80.83 -20.07
C ALA J 365 -18.03 -80.87 -21.16
N VAL J 366 -17.56 -82.06 -21.53
CA VAL J 366 -16.51 -82.21 -22.59
C VAL J 366 -17.05 -81.62 -23.90
N GLU J 367 -18.30 -81.94 -24.26
CA GLU J 367 -18.90 -81.48 -25.53
C GLU J 367 -19.12 -79.96 -25.46
N GLY J 368 -19.51 -79.43 -24.30
CA GLY J 368 -19.75 -77.99 -24.12
C GLY J 368 -18.46 -77.19 -24.09
N CYS J 369 -17.43 -77.68 -23.40
CA CYS J 369 -16.11 -77.02 -23.27
C CYS J 369 -15.26 -77.23 -24.52
N ARG J 370 -15.67 -78.15 -25.41
CA ARG J 370 -14.81 -78.66 -26.52
C ARG J 370 -14.04 -77.52 -27.20
N MET J 371 -12.73 -77.58 -27.17
CA MET J 371 -11.83 -76.63 -27.88
C MET J 371 -10.62 -77.38 -28.40
N SER J 372 -10.30 -77.20 -29.66
CA SER J 372 -9.11 -77.81 -30.31
C SER J 372 -7.84 -77.18 -29.71
N ILE J 373 -6.71 -77.88 -29.83
CA ILE J 373 -5.34 -77.36 -29.56
C ILE J 373 -5.08 -76.11 -30.41
N GLU J 374 -5.45 -76.14 -31.70
CA GLU J 374 -5.24 -75.02 -32.67
C GLU J 374 -5.95 -73.75 -32.16
N GLU J 375 -7.22 -73.86 -31.77
CA GLU J 375 -8.02 -72.69 -31.31
C GLU J 375 -7.45 -72.15 -30.00
N ALA J 376 -7.19 -73.00 -29.02
CA ALA J 376 -6.58 -72.61 -27.73
C ALA J 376 -5.22 -71.95 -27.97
N ALA J 377 -4.41 -72.45 -28.89
CA ALA J 377 -3.06 -71.92 -29.18
C ALA J 377 -3.21 -70.48 -29.66
N GLU J 378 -4.22 -70.23 -30.49
CA GLU J 378 -4.44 -68.91 -31.11
C GLU J 378 -4.88 -67.91 -30.04
N ILE J 379 -5.81 -68.31 -29.17
CA ILE J 379 -6.39 -67.43 -28.12
C ILE J 379 -5.31 -67.11 -27.06
N THR J 380 -4.58 -68.12 -26.60
CA THR J 380 -3.62 -68.05 -25.45
C THR J 380 -2.24 -67.58 -25.92
N GLY J 381 -1.92 -67.74 -27.19
CA GLY J 381 -0.62 -67.33 -27.77
C GLY J 381 0.46 -68.36 -27.50
N LEU J 382 0.10 -69.53 -26.97
CA LEU J 382 1.03 -70.67 -26.76
C LEU J 382 1.19 -71.48 -28.05
N ASP J 383 2.35 -72.08 -28.27
CA ASP J 383 2.54 -73.16 -29.28
C ASP J 383 1.60 -74.31 -28.94
N ALA J 384 1.01 -74.93 -29.97
CA ALA J 384 0.26 -76.20 -29.88
C ALA J 384 1.07 -77.22 -29.05
N ALA J 385 2.39 -77.28 -29.29
CA ALA J 385 3.32 -78.25 -28.66
C ALA J 385 3.35 -78.07 -27.13
N GLN J 386 3.29 -76.82 -26.65
CA GLN J 386 3.25 -76.49 -25.20
C GLN J 386 1.92 -77.02 -24.61
N ILE J 387 0.81 -76.91 -25.34
CA ILE J 387 -0.52 -77.30 -24.77
C ILE J 387 -0.60 -78.83 -24.74
N ILE J 388 -0.11 -79.49 -25.79
CA ILE J 388 -0.07 -80.98 -25.91
C ILE J 388 0.75 -81.49 -24.73
N LYS J 389 1.97 -80.97 -24.55
CA LYS J 389 2.88 -81.37 -23.44
C LYS J 389 2.17 -81.19 -22.08
N ALA J 390 1.52 -80.06 -21.82
CA ALA J 390 0.78 -79.83 -20.57
C ALA J 390 -0.23 -80.97 -20.36
N ALA J 391 -0.96 -81.33 -21.42
CA ALA J 391 -1.97 -82.42 -21.41
C ALA J 391 -1.31 -83.74 -20.99
N GLU J 392 -0.08 -84.00 -21.46
CA GLU J 392 0.67 -85.26 -21.19
C GLU J 392 1.10 -85.25 -19.72
N TRP J 393 1.64 -84.12 -19.26
CA TRP J 393 2.14 -83.92 -17.86
C TRP J 393 0.99 -84.00 -16.85
N ILE J 394 -0.25 -83.76 -17.29
CA ILE J 394 -1.47 -83.81 -16.44
C ILE J 394 -2.14 -85.19 -16.50
N GLY J 395 -2.27 -85.77 -17.71
CA GLY J 395 -3.19 -86.89 -17.96
C GLY J 395 -2.52 -88.19 -18.34
N MET J 396 -1.38 -88.17 -19.01
CA MET J 396 -0.82 -89.40 -19.60
C MET J 396 -0.47 -90.36 -18.48
N PRO J 397 -0.92 -91.63 -18.56
CA PRO J 397 -0.58 -92.64 -17.55
C PRO J 397 0.92 -92.87 -17.37
N LYS J 398 1.29 -93.26 -16.15
CA LYS J 398 2.66 -93.72 -15.80
C LYS J 398 2.79 -95.17 -16.29
N GLU J 399 4.02 -95.63 -16.53
CA GLU J 399 4.39 -97.05 -16.76
C GLU J 399 3.48 -97.98 -15.94
N GLY J 400 2.91 -99.01 -16.58
CA GLY J 400 1.94 -99.94 -15.96
C GLY J 400 0.54 -99.38 -15.94
N GLY J 401 0.34 -98.21 -16.59
CA GLY J 401 -0.95 -97.51 -16.72
C GLY J 401 -1.51 -97.06 -15.37
N LYS J 402 -0.70 -96.51 -14.48
CA LYS J 402 -1.18 -95.90 -13.20
C LYS J 402 -1.63 -94.46 -13.47
N ARG J 403 -2.75 -94.00 -12.86
CA ARG J 403 -3.21 -92.60 -13.06
C ARG J 403 -2.11 -91.66 -12.57
N ARG J 404 -1.84 -90.60 -13.34
CA ARG J 404 -0.91 -89.52 -12.90
C ARG J 404 -1.54 -88.74 -11.75
N ARG J 405 -0.80 -88.57 -10.65
CA ARG J 405 -1.24 -87.77 -9.48
C ARG J 405 -0.83 -86.30 -9.71
N VAL J 406 -1.81 -85.41 -9.71
CA VAL J 406 -1.61 -83.97 -10.07
C VAL J 406 -2.22 -83.13 -8.97
N MET J 407 -1.45 -82.18 -8.44
CA MET J 407 -2.03 -81.12 -7.57
C MET J 407 -2.26 -79.84 -8.40
N PHE J 408 -3.54 -79.44 -8.47
CA PHE J 408 -4.02 -78.21 -9.15
C PHE J 408 -4.18 -77.14 -8.06
N GLY J 409 -3.36 -76.08 -8.14
CA GLY J 409 -3.36 -74.96 -7.19
C GLY J 409 -3.55 -73.65 -7.92
N TYR J 410 -4.57 -72.88 -7.55
CA TYR J 410 -4.86 -71.57 -8.18
C TYR J 410 -4.99 -70.51 -7.10
N GLU J 411 -4.77 -69.26 -7.49
CA GLU J 411 -5.04 -68.10 -6.59
C GLU J 411 -5.54 -66.95 -7.48
N LYS J 412 -5.04 -65.74 -7.31
CA LYS J 412 -5.78 -64.51 -7.72
C LYS J 412 -5.57 -64.19 -9.21
N GLY J 413 -4.51 -64.70 -9.85
CA GLY J 413 -4.39 -64.77 -11.32
C GLY J 413 -5.63 -65.40 -11.96
N LEU J 414 -6.20 -66.42 -11.33
CA LEU J 414 -7.46 -67.03 -11.83
C LEU J 414 -8.63 -66.26 -11.24
N ILE J 415 -8.66 -66.12 -9.91
CA ILE J 415 -9.85 -65.62 -9.15
C ILE J 415 -10.16 -64.17 -9.54
N TRP J 416 -9.16 -63.29 -9.62
CA TRP J 416 -9.33 -61.89 -10.09
C TRP J 416 -9.17 -61.82 -11.63
N GLY J 417 -8.95 -62.98 -12.25
CA GLY J 417 -8.84 -63.13 -13.71
C GLY J 417 -10.17 -63.24 -14.42
N ASN J 418 -10.09 -63.37 -15.74
CA ASN J 418 -11.24 -63.35 -16.68
C ASN J 418 -12.24 -64.47 -16.35
N ASP J 419 -13.55 -64.15 -16.32
CA ASP J 419 -14.63 -65.16 -16.27
C ASP J 419 -14.37 -66.09 -15.08
N ASN J 420 -14.26 -65.50 -13.89
CA ASN J 420 -14.01 -66.21 -12.60
C ASN J 420 -14.74 -67.56 -12.55
N TYR J 421 -16.07 -67.57 -12.71
CA TYR J 421 -16.93 -68.75 -12.47
C TYR J 421 -16.59 -69.87 -13.45
N ARG J 422 -16.59 -69.57 -14.74
CA ARG J 422 -16.30 -70.56 -15.81
C ARG J 422 -14.85 -71.04 -15.72
N THR J 423 -13.89 -70.16 -15.45
CA THR J 423 -12.46 -70.52 -15.39
C THR J 423 -12.24 -71.43 -14.17
N ASN J 424 -12.91 -71.13 -13.05
CA ASN J 424 -12.81 -71.93 -11.81
C ASN J 424 -13.32 -73.35 -12.13
N GLY J 425 -14.52 -73.43 -12.74
CA GLY J 425 -15.14 -74.70 -13.16
C GLY J 425 -14.26 -75.48 -14.12
N ALA J 426 -13.63 -74.80 -15.07
CA ALA J 426 -12.84 -75.45 -16.15
C ALA J 426 -11.63 -76.13 -15.53
N LEU J 427 -11.06 -75.54 -14.48
CA LEU J 427 -9.84 -76.10 -13.83
C LEU J 427 -10.25 -77.31 -12.98
N VAL J 428 -11.37 -77.21 -12.27
CA VAL J 428 -11.94 -78.31 -11.46
C VAL J 428 -12.27 -79.49 -12.41
N ASN J 429 -12.78 -79.21 -13.61
CA ASN J 429 -13.07 -80.23 -14.66
C ASN J 429 -11.86 -81.16 -14.77
N LEU J 430 -10.65 -80.60 -14.84
CA LEU J 430 -9.40 -81.39 -15.03
C LEU J 430 -9.14 -82.22 -13.78
N ALA J 431 -9.38 -81.68 -12.59
CA ALA J 431 -9.17 -82.39 -11.29
C ALA J 431 -10.16 -83.56 -11.17
N LEU J 432 -11.43 -83.32 -11.45
CA LEU J 432 -12.47 -84.37 -11.40
C LEU J 432 -12.16 -85.46 -12.43
N ALA J 433 -11.90 -85.09 -13.70
CA ALA J 433 -11.73 -86.06 -14.81
C ALA J 433 -10.52 -86.97 -14.53
N THR J 434 -9.47 -86.49 -13.82
CA THR J 434 -8.23 -87.27 -13.55
C THR J 434 -8.26 -87.88 -12.14
N GLY J 435 -9.40 -87.82 -11.45
CA GLY J 435 -9.60 -88.40 -10.11
C GLY J 435 -8.55 -87.90 -9.12
N ASN J 436 -8.21 -86.61 -9.20
CA ASN J 436 -7.16 -85.96 -8.37
C ASN J 436 -7.87 -85.11 -7.31
N ILE J 437 -8.98 -85.61 -6.77
CA ILE J 437 -9.60 -84.98 -5.58
C ILE J 437 -9.83 -86.07 -4.51
N GLY J 438 -9.33 -85.80 -3.30
CA GLY J 438 -9.51 -86.67 -2.13
C GLY J 438 -8.51 -87.81 -2.14
N ARG J 439 -7.49 -87.75 -3.00
CA ARG J 439 -6.47 -88.83 -3.13
C ARG J 439 -5.08 -88.27 -2.83
N PRO J 440 -4.15 -89.08 -2.28
CA PRO J 440 -2.78 -88.63 -2.11
C PRO J 440 -2.16 -88.03 -3.39
N GLY J 441 -1.51 -86.88 -3.26
CA GLY J 441 -0.74 -86.18 -4.34
C GLY J 441 -1.65 -85.41 -5.28
N GLY J 442 -2.89 -85.15 -4.86
CA GLY J 442 -3.89 -84.45 -5.67
C GLY J 442 -4.47 -83.24 -4.97
N GLY J 443 -5.71 -82.91 -5.29
CA GLY J 443 -6.42 -81.70 -4.84
C GLY J 443 -6.63 -80.71 -5.99
N VAL J 444 -7.73 -79.97 -5.93
CA VAL J 444 -7.86 -78.74 -6.75
C VAL J 444 -8.17 -77.59 -5.79
N VAL J 445 -7.15 -76.80 -5.47
CA VAL J 445 -7.16 -75.94 -4.25
C VAL J 445 -6.83 -74.48 -4.55
N ARG J 446 -7.54 -73.58 -3.88
CA ARG J 446 -7.05 -72.21 -3.59
C ARG J 446 -5.70 -72.37 -2.87
N LEU J 447 -4.68 -71.65 -3.31
CA LEU J 447 -3.38 -71.60 -2.59
C LEU J 447 -3.50 -70.51 -1.52
N GLY J 448 -4.44 -69.61 -1.70
CA GLY J 448 -5.02 -68.80 -0.61
C GLY J 448 -4.28 -67.49 -0.43
N GLY J 449 -4.86 -66.59 0.35
CA GLY J 449 -4.33 -65.23 0.58
C GLY J 449 -4.03 -65.03 2.04
N HIS J 450 -5.04 -64.66 2.80
CA HIS J 450 -5.05 -64.70 4.28
C HIS J 450 -5.27 -66.14 4.73
N GLN J 451 -5.05 -66.39 6.02
CA GLN J 451 -5.57 -67.61 6.70
C GLN J 451 -7.09 -67.50 6.72
N GLU J 452 -7.78 -68.57 7.09
CA GLU J 452 -9.26 -68.65 7.12
C GLU J 452 -9.71 -68.66 8.58
N GLY J 453 -10.76 -67.92 8.90
CA GLY J 453 -11.33 -67.88 10.26
C GLY J 453 -12.76 -67.38 10.20
N TYR J 454 -13.55 -68.00 9.31
CA TYR J 454 -14.93 -67.61 9.01
C TYR J 454 -15.89 -68.48 9.80
N VAL J 455 -16.59 -67.88 10.77
CA VAL J 455 -17.86 -68.42 11.30
C VAL J 455 -18.77 -67.23 11.54
N ARG J 456 -19.90 -67.19 10.83
CA ARG J 456 -20.90 -66.12 10.93
C ARG J 456 -22.27 -66.79 10.88
N PRO J 457 -23.34 -66.10 11.33
CA PRO J 457 -24.70 -66.56 11.12
C PRO J 457 -24.97 -66.59 9.60
N SER J 458 -26.15 -67.09 9.22
CA SER J 458 -26.61 -67.21 7.81
C SER J 458 -26.55 -65.85 7.12
N ASP J 459 -26.13 -65.86 5.85
CA ASP J 459 -26.09 -64.66 4.96
C ASP J 459 -27.14 -64.77 3.86
N ALA J 460 -28.11 -65.68 3.98
CA ALA J 460 -29.16 -65.96 2.96
C ALA J 460 -29.90 -64.68 2.55
N HIS J 461 -30.05 -63.71 3.45
CA HIS J 461 -30.75 -62.41 3.22
C HIS J 461 -30.00 -61.51 2.23
N VAL J 462 -28.70 -61.78 2.04
CA VAL J 462 -27.73 -60.96 1.24
C VAL J 462 -28.05 -61.10 -0.27
N GLY J 463 -28.61 -62.25 -0.66
CA GLY J 463 -29.01 -62.58 -2.03
C GLY J 463 -27.83 -63.07 -2.85
N ARG J 464 -28.12 -63.49 -4.08
CA ARG J 464 -27.11 -63.95 -5.08
C ARG J 464 -27.69 -63.69 -6.47
N PRO J 465 -27.12 -62.78 -7.30
CA PRO J 465 -25.98 -61.92 -6.94
C PRO J 465 -26.27 -60.98 -5.76
N ALA J 466 -25.24 -60.60 -4.99
CA ALA J 466 -25.36 -59.67 -3.84
C ALA J 466 -25.15 -58.25 -4.35
N ALA J 467 -25.50 -57.25 -3.53
CA ALA J 467 -25.41 -55.80 -3.86
C ALA J 467 -23.94 -55.41 -4.11
N TYR J 468 -23.68 -54.68 -5.18
CA TYR J 468 -22.38 -54.06 -5.53
C TYR J 468 -22.23 -52.81 -4.66
N VAL J 469 -21.66 -52.97 -3.46
CA VAL J 469 -21.70 -51.93 -2.40
C VAL J 469 -21.01 -50.63 -2.88
N ASP J 470 -19.86 -50.73 -3.56
CA ASP J 470 -19.11 -49.56 -4.09
C ASP J 470 -20.02 -48.72 -5.00
N GLN J 471 -20.78 -49.36 -5.89
CA GLN J 471 -21.74 -48.69 -6.82
C GLN J 471 -22.87 -48.04 -6.01
N LEU J 472 -23.31 -48.63 -4.89
CA LEU J 472 -24.29 -47.95 -4.01
C LEU J 472 -23.69 -46.63 -3.51
N LEU J 473 -22.48 -46.67 -2.93
CA LEU J 473 -21.83 -45.50 -2.31
C LEU J 473 -21.52 -44.46 -3.40
N ILE J 474 -20.94 -44.89 -4.52
CA ILE J 474 -20.63 -43.99 -5.66
C ILE J 474 -21.93 -43.38 -6.18
N GLY J 475 -23.04 -44.14 -6.17
CA GLY J 475 -24.34 -43.71 -6.69
C GLY J 475 -25.11 -42.80 -5.74
N GLY J 476 -24.61 -42.56 -4.52
CA GLY J 476 -25.22 -41.62 -3.56
C GLY J 476 -26.14 -42.30 -2.54
N GLN J 477 -26.10 -43.62 -2.41
CA GLN J 477 -27.01 -44.41 -1.51
C GLN J 477 -26.30 -44.77 -0.19
N GLY J 478 -27.09 -45.16 0.81
CA GLY J 478 -26.56 -45.49 2.15
C GLY J 478 -26.42 -44.24 2.98
N GLY J 479 -26.46 -44.37 4.30
CA GLY J 479 -26.42 -43.20 5.22
C GLY J 479 -25.26 -43.29 6.19
N VAL J 480 -24.98 -44.51 6.65
CA VAL J 480 -23.89 -44.84 7.61
C VAL J 480 -23.11 -46.02 7.05
N HIS J 481 -21.78 -45.91 7.11
CA HIS J 481 -20.78 -46.91 6.67
C HIS J 481 -19.96 -47.32 7.90
N HIS J 482 -20.03 -48.60 8.30
CA HIS J 482 -19.11 -49.22 9.29
C HIS J 482 -18.05 -49.97 8.50
N ILE J 483 -16.78 -49.58 8.67
CA ILE J 483 -15.58 -50.15 7.99
C ILE J 483 -14.72 -50.85 9.05
N TRP J 484 -14.51 -52.15 8.88
CA TRP J 484 -13.73 -53.01 9.81
C TRP J 484 -12.55 -53.61 9.09
N GLY J 485 -11.34 -53.09 9.34
CA GLY J 485 -10.08 -53.71 8.92
C GLY J 485 -10.02 -53.98 7.43
N CYS J 486 -10.36 -52.98 6.61
CA CYS J 486 -10.05 -52.91 5.16
C CYS J 486 -9.91 -51.43 4.76
N ASP J 487 -9.14 -51.15 3.72
CA ASP J 487 -8.85 -49.76 3.28
C ASP J 487 -9.13 -49.59 1.78
N HIS J 488 -10.39 -49.36 1.41
CA HIS J 488 -10.86 -49.27 0.00
C HIS J 488 -10.06 -48.22 -0.77
N TYR J 489 -9.64 -47.14 -0.12
CA TYR J 489 -8.83 -46.06 -0.75
C TYR J 489 -7.58 -46.65 -1.41
N LYS J 490 -7.07 -47.77 -0.91
CA LYS J 490 -5.83 -48.40 -1.44
C LYS J 490 -6.11 -49.68 -2.22
N THR J 491 -7.25 -50.35 -2.02
CA THR J 491 -7.42 -51.77 -2.43
C THR J 491 -8.70 -52.07 -3.23
N THR J 492 -9.67 -51.16 -3.34
CA THR J 492 -10.92 -51.46 -4.10
C THR J 492 -10.69 -51.27 -5.60
N LEU J 493 -11.63 -51.77 -6.41
CA LEU J 493 -11.63 -51.57 -7.88
C LEU J 493 -12.16 -50.15 -8.14
N ASN J 494 -11.79 -49.52 -9.27
CA ASN J 494 -12.37 -48.21 -9.66
C ASN J 494 -12.11 -47.22 -8.52
N ALA J 495 -10.90 -47.23 -7.99
CA ALA J 495 -10.58 -46.62 -6.66
C ALA J 495 -10.56 -45.09 -6.78
N HIS J 496 -10.21 -44.58 -7.96
CA HIS J 496 -10.12 -43.12 -8.19
C HIS J 496 -11.51 -42.50 -8.04
N GLU J 497 -12.49 -43.02 -8.79
CA GLU J 497 -13.89 -42.57 -8.71
C GLU J 497 -14.42 -42.80 -7.29
N PHE J 498 -14.11 -43.93 -6.66
CA PHE J 498 -14.59 -44.25 -5.29
C PHE J 498 -14.17 -43.14 -4.33
N LYS J 499 -12.89 -42.78 -4.38
CA LYS J 499 -12.29 -41.75 -3.52
C LYS J 499 -12.93 -40.38 -3.82
N ARG J 500 -13.11 -40.02 -5.09
CA ARG J 500 -13.71 -38.70 -5.45
C ARG J 500 -15.03 -38.54 -4.71
N VAL J 501 -15.95 -39.51 -4.85
CA VAL J 501 -17.33 -39.41 -4.30
C VAL J 501 -17.27 -39.59 -2.78
N TYR J 502 -16.41 -40.48 -2.28
CA TYR J 502 -16.38 -40.83 -0.83
C TYR J 502 -15.98 -39.56 -0.06
N LYS J 503 -15.01 -38.83 -0.61
CA LYS J 503 -14.58 -37.55 -0.02
C LYS J 503 -15.76 -36.58 0.02
N LYS J 504 -16.45 -36.35 -1.10
CA LYS J 504 -17.54 -35.33 -1.15
C LYS J 504 -18.64 -35.69 -0.15
N ARG J 505 -19.03 -36.96 -0.09
CA ARG J 505 -20.15 -37.41 0.78
C ARG J 505 -19.73 -37.27 2.25
N THR J 506 -18.51 -37.67 2.62
CA THR J 506 -18.02 -37.57 4.02
C THR J 506 -17.78 -36.11 4.40
N ASP J 507 -17.32 -35.27 3.47
CA ASP J 507 -17.14 -33.80 3.74
C ASP J 507 -18.48 -33.15 4.11
N MET J 508 -19.59 -33.54 3.47
CA MET J 508 -20.92 -32.97 3.78
C MET J 508 -21.22 -33.15 5.28
N VAL J 509 -20.99 -34.36 5.80
CA VAL J 509 -21.19 -34.69 7.25
C VAL J 509 -20.12 -33.99 8.10
N LYS J 510 -18.85 -33.96 7.72
CA LYS J 510 -17.81 -33.19 8.44
C LYS J 510 -18.18 -31.70 8.60
N ASP J 511 -18.65 -31.04 7.55
CA ASP J 511 -19.00 -29.60 7.56
C ASP J 511 -20.17 -29.37 8.53
N ALA J 512 -21.21 -30.22 8.52
CA ALA J 512 -22.31 -30.17 9.50
C ALA J 512 -21.78 -30.38 10.93
N MET J 513 -20.87 -31.32 11.17
CA MET J 513 -20.41 -31.65 12.55
C MET J 513 -19.54 -30.52 13.10
N SER J 514 -18.75 -29.87 12.25
CA SER J 514 -17.85 -28.75 12.60
C SER J 514 -18.68 -27.52 12.97
N ALA J 515 -19.90 -27.39 12.43
CA ALA J 515 -20.76 -26.19 12.57
C ALA J 515 -21.77 -26.37 13.73
N ALA J 516 -21.95 -27.59 14.22
CA ALA J 516 -22.97 -27.94 15.25
C ALA J 516 -22.28 -28.02 16.62
N PRO J 517 -23.05 -27.79 17.72
CA PRO J 517 -22.55 -27.97 19.08
C PRO J 517 -22.39 -29.47 19.37
N TYR J 518 -21.28 -29.87 20.00
CA TYR J 518 -21.01 -31.29 20.36
C TYR J 518 -21.57 -31.59 21.76
N GLY J 519 -21.33 -30.68 22.70
CA GLY J 519 -21.76 -30.83 24.11
C GLY J 519 -23.25 -31.07 24.23
N ASP J 520 -24.04 -30.65 23.24
CA ASP J 520 -25.46 -31.01 23.08
C ASP J 520 -25.57 -32.14 22.05
N ARG J 521 -25.49 -33.40 22.49
CA ARG J 521 -25.30 -34.58 21.62
C ARG J 521 -26.52 -34.73 20.69
N GLU J 522 -27.71 -34.33 21.15
CA GLU J 522 -28.95 -34.45 20.34
C GLU J 522 -28.80 -33.54 19.12
N ALA J 523 -28.34 -32.30 19.30
CA ALA J 523 -28.14 -31.32 18.19
C ALA J 523 -27.08 -31.83 17.21
N MET J 524 -26.02 -32.48 17.72
CA MET J 524 -24.94 -33.08 16.89
C MET J 524 -25.53 -34.18 16.01
N VAL J 525 -26.27 -35.12 16.61
CA VAL J 525 -26.89 -36.28 15.89
C VAL J 525 -27.81 -35.72 14.80
N ASN J 526 -28.65 -34.74 15.15
CA ASN J 526 -29.65 -34.15 14.22
C ASN J 526 -28.90 -33.52 13.03
N ALA J 527 -27.85 -32.77 13.29
CA ALA J 527 -27.04 -32.12 12.23
C ALA J 527 -26.42 -33.19 11.33
N ILE J 528 -25.98 -34.32 11.87
CA ILE J 528 -25.37 -35.44 11.08
C ILE J 528 -26.45 -36.05 10.17
N VAL J 529 -27.59 -36.42 10.74
CA VAL J 529 -28.75 -37.02 10.01
C VAL J 529 -29.25 -36.05 8.93
N ASP J 530 -29.36 -34.75 9.23
CA ASP J 530 -29.72 -33.70 8.24
C ASP J 530 -28.78 -33.77 7.04
N ALA J 531 -27.47 -33.89 7.28
CA ALA J 531 -26.43 -33.94 6.21
C ALA J 531 -26.51 -35.27 5.46
N ILE J 532 -26.77 -36.37 6.15
CA ILE J 532 -26.97 -37.68 5.46
C ILE J 532 -28.16 -37.55 4.50
N ASN J 533 -29.24 -36.89 4.95
CA ASN J 533 -30.49 -36.77 4.15
C ASN J 533 -30.26 -35.87 2.93
N GLN J 534 -29.23 -35.02 2.94
CA GLN J 534 -28.83 -34.22 1.74
C GLN J 534 -27.90 -35.03 0.81
N GLY J 535 -27.54 -36.27 1.18
CA GLY J 535 -26.69 -37.19 0.37
C GLY J 535 -25.30 -37.44 0.97
N GLY J 536 -25.05 -36.95 2.18
CA GLY J 536 -23.82 -37.20 2.95
C GLY J 536 -23.73 -38.64 3.43
N LEU J 537 -22.57 -39.04 3.93
CA LEU J 537 -22.29 -40.38 4.50
C LEU J 537 -21.56 -40.16 5.84
N PHE J 538 -22.08 -40.74 6.92
CA PHE J 538 -21.40 -40.86 8.23
C PHE J 538 -20.61 -42.18 8.24
N ALA J 539 -19.31 -42.12 8.49
CA ALA J 539 -18.38 -43.24 8.30
C ALA J 539 -17.59 -43.51 9.60
N VAL J 540 -17.61 -44.76 10.01
CA VAL J 540 -16.94 -45.27 11.25
C VAL J 540 -15.88 -46.26 10.80
N ASN J 541 -14.66 -46.09 11.26
CA ASN J 541 -13.50 -46.96 10.90
C ASN J 541 -13.05 -47.71 12.14
N VAL J 542 -13.04 -49.04 12.10
CA VAL J 542 -12.42 -49.92 13.13
C VAL J 542 -11.12 -50.50 12.54
N ASP J 543 -9.97 -50.03 13.05
CA ASP J 543 -8.64 -50.35 12.48
C ASP J 543 -7.58 -50.26 13.58
N ILE J 544 -6.33 -50.56 13.23
CA ILE J 544 -5.15 -50.53 14.16
C ILE J 544 -4.28 -49.31 13.84
N ILE J 545 -4.52 -48.61 12.73
CA ILE J 545 -3.69 -47.45 12.27
C ILE J 545 -4.61 -46.37 11.70
N PRO J 546 -4.11 -45.12 11.52
CA PRO J 546 -4.78 -44.13 10.70
C PRO J 546 -4.74 -44.65 9.25
N THR J 547 -5.91 -44.99 8.71
CA THR J 547 -6.08 -45.55 7.34
C THR J 547 -6.25 -44.41 6.33
N LYS J 548 -6.19 -44.75 5.03
CA LYS J 548 -6.47 -43.79 3.94
C LYS J 548 -7.98 -43.50 3.95
N ILE J 549 -8.86 -44.50 3.98
CA ILE J 549 -10.31 -44.24 4.07
C ILE J 549 -10.63 -43.53 5.40
N GLY J 550 -9.78 -43.72 6.43
CA GLY J 550 -9.92 -43.11 7.77
C GLY J 550 -9.82 -41.59 7.73
N GLU J 551 -9.09 -41.04 6.77
CA GLU J 551 -9.00 -39.57 6.54
C GLU J 551 -10.39 -39.04 6.13
N ALA J 552 -11.30 -39.89 5.67
CA ALA J 552 -12.68 -39.49 5.32
C ALA J 552 -13.65 -39.76 6.47
N CYS J 553 -13.26 -40.48 7.53
CA CYS J 553 -14.22 -40.96 8.56
C CYS J 553 -14.45 -39.92 9.67
N HIS J 554 -15.56 -40.10 10.37
CA HIS J 554 -16.07 -39.22 11.45
C HIS J 554 -15.77 -39.84 12.81
N VAL J 555 -15.61 -41.16 12.87
CA VAL J 555 -15.25 -41.88 14.12
C VAL J 555 -14.25 -42.99 13.81
N ILE J 556 -13.22 -43.11 14.63
CA ILE J 556 -12.17 -44.15 14.54
C ILE J 556 -12.24 -44.91 15.86
N LEU J 557 -12.34 -46.23 15.81
CA LEU J 557 -12.34 -47.10 17.02
C LEU J 557 -11.06 -47.93 16.96
N PRO J 558 -10.18 -47.85 17.98
CA PRO J 558 -8.91 -48.58 17.96
C PRO J 558 -9.03 -50.06 18.34
N ALA J 559 -8.63 -50.92 17.40
CA ALA J 559 -8.67 -52.40 17.53
C ALA J 559 -7.30 -52.91 18.03
N ALA J 560 -7.32 -54.01 18.79
CA ALA J 560 -6.14 -54.84 19.14
C ALA J 560 -6.05 -56.04 18.19
N THR J 561 -4.85 -56.42 17.72
CA THR J 561 -4.73 -57.48 16.67
C THR J 561 -4.15 -58.75 17.31
N SER J 562 -4.01 -59.80 16.51
CA SER J 562 -3.43 -61.10 16.93
C SER J 562 -2.15 -60.87 17.74
N GLY J 563 -1.99 -61.60 18.84
CA GLY J 563 -0.82 -61.52 19.72
C GLY J 563 -1.06 -60.59 20.89
N GLU J 564 -1.89 -59.56 20.70
CA GLU J 564 -2.44 -58.70 21.78
C GLU J 564 -3.75 -59.31 22.28
N MET J 565 -4.22 -60.33 21.58
CA MET J 565 -5.45 -61.09 21.88
C MET J 565 -5.13 -62.55 21.58
N ASN J 566 -5.84 -63.48 22.20
CA ASN J 566 -5.92 -64.88 21.70
C ASN J 566 -6.63 -64.81 20.35
N LEU J 567 -6.26 -65.66 19.41
CA LEU J 567 -6.87 -65.66 18.06
C LEU J 567 -6.75 -67.04 17.42
N THR J 568 -7.86 -67.56 16.91
CA THR J 568 -7.89 -68.84 16.15
C THR J 568 -8.10 -68.59 14.66
N SER J 569 -7.57 -69.49 13.83
CA SER J 569 -7.63 -69.48 12.35
C SER J 569 -7.04 -70.78 11.82
N MET J 570 -7.38 -71.17 10.59
CA MET J 570 -6.75 -72.34 9.89
C MET J 570 -5.96 -71.86 8.66
N ASN J 571 -4.99 -72.65 8.21
CA ASN J 571 -4.14 -72.32 7.04
C ASN J 571 -4.72 -72.99 5.77
N GLY J 572 -3.91 -73.07 4.71
CA GLY J 572 -4.30 -73.58 3.39
C GLY J 572 -4.53 -75.08 3.35
N GLU J 573 -4.19 -75.82 4.41
CA GLU J 573 -4.51 -77.27 4.54
C GLU J 573 -5.42 -77.48 5.76
N ARG J 574 -6.19 -76.44 6.14
CA ARG J 574 -7.25 -76.45 7.20
C ARG J 574 -6.61 -76.71 8.58
N ARG J 575 -5.32 -76.43 8.74
CA ARG J 575 -4.58 -76.57 10.02
C ARG J 575 -4.99 -75.45 10.97
N MET J 576 -5.90 -75.72 11.91
CA MET J 576 -6.39 -74.74 12.90
C MET J 576 -5.40 -74.63 14.07
N ARG J 577 -4.97 -73.42 14.40
CA ARG J 577 -4.09 -73.16 15.56
C ARG J 577 -4.67 -72.04 16.40
N LEU J 578 -4.31 -72.05 17.68
CA LEU J 578 -4.51 -70.91 18.61
C LEU J 578 -3.20 -70.11 18.71
N THR J 579 -3.29 -68.80 18.47
CA THR J 579 -2.24 -67.82 18.80
C THR J 579 -2.54 -67.37 20.23
N GLU J 580 -1.58 -67.63 21.09
CA GLU J 580 -1.67 -67.31 22.54
C GLU J 580 -1.15 -65.89 22.71
N ARG J 581 -1.96 -65.08 23.37
CA ARG J 581 -1.64 -63.68 23.67
C ARG J 581 -0.31 -63.58 24.43
N TYR J 582 0.57 -62.72 23.97
CA TYR J 582 1.92 -62.53 24.58
C TYR J 582 2.13 -61.05 24.94
N MET J 583 1.24 -60.14 24.54
CA MET J 583 1.41 -58.69 24.82
C MET J 583 0.06 -58.03 25.03
N ASP J 584 0.11 -56.78 25.45
CA ASP J 584 -1.08 -55.93 25.75
C ASP J 584 -1.49 -55.17 24.50
N PRO J 585 -2.82 -54.97 24.29
CA PRO J 585 -3.30 -54.01 23.31
C PRO J 585 -2.67 -52.63 23.54
N PRO J 586 -2.24 -51.91 22.50
CA PRO J 586 -1.79 -50.52 22.69
C PRO J 586 -2.90 -49.60 23.23
N GLY J 587 -2.57 -48.76 24.21
CA GLY J 587 -3.49 -47.77 24.82
C GLY J 587 -4.79 -48.43 25.25
N GLN J 588 -5.94 -47.91 24.79
CA GLN J 588 -7.30 -48.43 25.12
C GLN J 588 -7.87 -49.23 23.93
N SER J 589 -7.03 -49.75 23.06
CA SER J 589 -7.45 -50.54 21.87
C SER J 589 -8.11 -51.85 22.34
N MET J 590 -9.09 -52.38 21.63
CA MET J 590 -9.73 -53.65 22.04
C MET J 590 -9.99 -54.57 20.84
N PRO J 591 -9.95 -55.90 21.06
CA PRO J 591 -10.29 -56.84 20.00
C PRO J 591 -11.59 -56.47 19.27
N ASP J 592 -11.62 -56.73 17.97
CA ASP J 592 -12.78 -56.47 17.07
C ASP J 592 -14.05 -57.15 17.64
N CYS J 593 -13.96 -58.40 18.08
CA CYS J 593 -15.13 -59.14 18.59
C CYS J 593 -15.71 -58.36 19.79
N LEU J 594 -14.85 -57.71 20.56
CA LEU J 594 -15.28 -57.00 21.79
C LEU J 594 -15.79 -55.61 21.42
N ILE J 595 -15.21 -54.96 20.42
CA ILE J 595 -15.75 -53.69 19.84
C ILE J 595 -17.17 -53.95 19.29
N ALA J 596 -17.37 -55.09 18.61
CA ALA J 596 -18.70 -55.52 18.13
C ALA J 596 -19.65 -55.69 19.31
N ALA J 597 -19.19 -56.38 20.34
CA ALA J 597 -19.97 -56.61 21.57
C ALA J 597 -20.32 -55.26 22.21
N ARG J 598 -19.37 -54.35 22.39
CA ARG J 598 -19.67 -53.05 23.05
C ARG J 598 -20.62 -52.22 22.21
N LEU J 599 -20.51 -52.32 20.89
CA LEU J 599 -21.41 -51.58 19.96
C LEU J 599 -22.83 -52.14 20.12
N ALA J 600 -22.95 -53.47 20.15
CA ALA J 600 -24.23 -54.20 20.37
C ALA J 600 -24.85 -53.70 21.68
N ASN J 601 -24.05 -53.63 22.74
CA ASN J 601 -24.52 -53.19 24.09
C ASN J 601 -25.00 -51.74 24.02
N THR J 602 -24.32 -50.89 23.25
CA THR J 602 -24.63 -49.44 23.15
C THR J 602 -25.91 -49.24 22.32
N MET J 603 -26.10 -50.09 21.29
CA MET J 603 -27.31 -50.10 20.43
C MET J 603 -28.51 -50.51 21.28
N GLU J 604 -28.35 -51.49 22.18
CA GLU J 604 -29.42 -51.97 23.09
C GLU J 604 -29.83 -50.82 24.00
N ARG J 605 -28.87 -50.18 24.67
CA ARG J 605 -29.11 -49.02 25.57
C ARG J 605 -29.80 -47.91 24.76
N VAL J 606 -29.25 -47.55 23.60
CA VAL J 606 -29.71 -46.36 22.83
C VAL J 606 -31.11 -46.65 22.28
N LEU J 607 -31.32 -47.82 21.69
CA LEU J 607 -32.66 -48.19 21.16
C LEU J 607 -33.68 -48.23 22.32
N THR J 608 -33.29 -48.66 23.51
CA THR J 608 -34.19 -48.74 24.70
C THR J 608 -34.64 -47.33 25.10
N GLU J 609 -33.72 -46.36 25.16
CA GLU J 609 -34.01 -44.93 25.46
C GLU J 609 -34.94 -44.32 24.39
N MET J 610 -34.78 -44.69 23.11
CA MET J 610 -35.66 -44.23 22.00
C MET J 610 -37.04 -44.91 22.06
N GLY J 611 -37.23 -45.95 22.90
CA GLY J 611 -38.49 -46.72 23.04
C GLY J 611 -38.54 -47.96 22.14
N ASP J 612 -37.60 -48.13 21.20
CA ASP J 612 -37.60 -49.31 20.28
C ASP J 612 -37.07 -50.54 21.01
N VAL J 613 -37.82 -51.04 21.99
CA VAL J 613 -37.35 -52.12 22.91
C VAL J 613 -37.35 -53.46 22.18
N GLY J 614 -38.21 -53.63 21.17
CA GLY J 614 -38.18 -54.77 20.23
C GLY J 614 -36.82 -54.84 19.53
N TYR J 615 -36.41 -53.75 18.91
CA TYR J 615 -35.13 -53.62 18.16
C TYR J 615 -33.97 -53.85 19.14
N ALA J 616 -34.05 -53.21 20.30
CA ALA J 616 -33.04 -53.27 21.38
C ALA J 616 -32.76 -54.73 21.75
N ALA J 617 -33.81 -55.55 21.89
CA ALA J 617 -33.67 -56.96 22.35
C ALA J 617 -32.88 -57.76 21.33
N GLN J 618 -32.87 -57.34 20.06
CA GLN J 618 -32.09 -58.02 18.99
C GLN J 618 -30.60 -57.93 19.33
N PHE J 619 -30.17 -56.95 20.14
CA PHE J 619 -28.72 -56.68 20.34
C PHE J 619 -28.19 -57.43 21.56
N LYS J 620 -29.03 -58.26 22.19
CA LYS J 620 -28.64 -59.15 23.32
C LYS J 620 -27.76 -60.29 22.82
N GLY J 621 -27.13 -61.04 23.72
CA GLY J 621 -26.22 -62.14 23.39
C GLY J 621 -24.78 -61.66 23.19
N PHE J 622 -24.44 -60.46 23.68
CA PHE J 622 -23.10 -59.84 23.51
C PHE J 622 -22.53 -59.40 24.86
N ASP J 623 -22.53 -60.28 25.87
CA ASP J 623 -21.99 -59.97 27.22
C ASP J 623 -20.53 -60.42 27.30
N TRP J 624 -19.89 -60.65 26.16
CA TRP J 624 -18.49 -61.16 26.09
C TRP J 624 -17.56 -60.25 26.89
N GLN J 625 -16.70 -60.80 27.74
CA GLN J 625 -15.66 -60.02 28.46
C GLN J 625 -14.27 -60.30 27.88
N THR J 626 -14.09 -61.40 27.16
CA THR J 626 -12.78 -61.80 26.56
C THR J 626 -13.06 -62.48 25.20
N GLU J 627 -12.04 -62.52 24.34
CA GLU J 627 -12.17 -63.00 22.93
C GLU J 627 -12.57 -64.48 22.97
N GLU J 628 -12.18 -65.22 23.99
CA GLU J 628 -12.56 -66.65 24.15
C GLU J 628 -14.10 -66.77 24.21
N ASP J 629 -14.80 -65.81 24.83
CA ASP J 629 -16.28 -65.86 24.90
C ASP J 629 -16.86 -65.89 23.48
N ALA J 630 -16.29 -65.10 22.57
CA ALA J 630 -16.69 -64.99 21.15
C ALA J 630 -16.34 -66.30 20.44
N PHE J 631 -15.23 -66.92 20.81
CA PHE J 631 -14.82 -68.22 20.24
C PHE J 631 -15.87 -69.30 20.60
N MET J 632 -16.35 -69.29 21.85
CA MET J 632 -17.24 -70.34 22.38
C MET J 632 -18.65 -70.12 21.83
N ASP J 633 -19.11 -68.87 21.71
CA ASP J 633 -20.43 -68.52 21.10
C ASP J 633 -20.41 -68.82 19.61
N GLY J 634 -19.26 -68.63 18.95
CA GLY J 634 -19.13 -68.80 17.49
C GLY J 634 -18.71 -70.21 17.11
N TYR J 635 -17.40 -70.42 17.03
CA TYR J 635 -16.82 -71.64 16.43
C TYR J 635 -17.36 -72.90 17.13
N ASN J 636 -17.23 -72.93 18.45
CA ASN J 636 -17.50 -74.11 19.31
C ASN J 636 -18.95 -74.59 19.12
N LYS J 637 -19.89 -73.66 18.92
CA LYS J 637 -21.35 -73.97 18.79
C LYS J 637 -21.77 -74.09 17.32
N ASN J 638 -21.08 -73.47 16.36
CA ASN J 638 -21.61 -73.27 14.99
C ASN J 638 -20.78 -73.96 13.91
N ALA J 639 -19.51 -74.31 14.16
CA ALA J 639 -18.60 -74.87 13.14
C ALA J 639 -18.74 -76.39 13.14
N HIS J 640 -18.55 -77.03 11.98
CA HIS J 640 -18.52 -78.51 11.84
C HIS J 640 -17.34 -79.01 12.69
N GLY J 641 -17.64 -79.81 13.71
CA GLY J 641 -16.65 -80.37 14.65
C GLY J 641 -16.29 -79.42 15.77
N GLY J 642 -16.96 -78.26 15.81
CA GLY J 642 -16.78 -77.18 16.80
C GLY J 642 -16.84 -77.67 18.24
N GLU J 643 -17.67 -78.67 18.53
CA GLU J 643 -17.93 -79.17 19.92
C GLU J 643 -16.63 -79.69 20.53
N PHE J 644 -15.70 -80.17 19.71
CA PHE J 644 -14.44 -80.82 20.15
C PHE J 644 -13.33 -79.81 20.38
N VAL J 645 -13.57 -78.51 20.19
CA VAL J 645 -12.45 -77.52 20.16
C VAL J 645 -12.68 -76.47 21.25
N THR J 646 -11.68 -76.35 22.11
CA THR J 646 -11.52 -75.28 23.11
C THR J 646 -10.08 -74.73 23.03
N TYR J 647 -9.86 -73.56 23.62
CA TYR J 647 -8.52 -72.92 23.76
C TYR J 647 -7.52 -73.86 24.44
N GLU J 648 -7.92 -74.45 25.57
CA GLU J 648 -7.08 -75.39 26.35
C GLU J 648 -6.62 -76.55 25.45
N ARG J 649 -7.55 -77.18 24.73
CA ARG J 649 -7.25 -78.33 23.82
C ARG J 649 -6.37 -77.89 22.64
N LEU J 650 -6.65 -76.72 22.02
CA LEU J 650 -5.82 -76.20 20.90
C LEU J 650 -4.40 -75.91 21.39
N SER J 651 -4.29 -75.26 22.55
CA SER J 651 -3.03 -74.87 23.22
C SER J 651 -2.12 -76.09 23.41
N ALA J 652 -2.71 -77.22 23.80
CA ALA J 652 -2.01 -78.50 24.06
C ALA J 652 -1.37 -79.05 22.78
N MET J 653 -1.97 -78.74 21.63
CA MET J 653 -1.53 -79.27 20.32
C MET J 653 -0.48 -78.38 19.64
N GLY J 654 -0.25 -77.17 20.16
CA GLY J 654 0.83 -76.28 19.72
C GLY J 654 0.65 -75.78 18.29
N THR J 655 1.75 -75.42 17.63
CA THR J 655 1.77 -74.81 16.28
C THR J 655 1.29 -75.81 15.20
N ASN J 656 1.29 -77.12 15.49
CA ASN J 656 0.80 -78.17 14.54
C ASN J 656 -0.72 -78.32 14.61
N GLY J 657 -1.35 -77.89 15.69
CA GLY J 657 -2.82 -77.93 15.87
C GLY J 657 -3.40 -79.21 15.30
N PHE J 658 -4.49 -79.09 14.55
CA PHE J 658 -5.26 -80.20 13.95
C PHE J 658 -5.86 -79.70 12.65
N GLN J 659 -6.13 -80.58 11.69
CA GLN J 659 -6.76 -80.23 10.41
C GLN J 659 -8.28 -80.33 10.55
N GLU J 660 -8.99 -79.24 10.26
CA GLU J 660 -10.48 -79.18 10.29
C GLU J 660 -11.08 -80.01 9.16
N PRO J 661 -12.32 -80.53 9.31
CA PRO J 661 -13.07 -80.48 10.56
C PRO J 661 -12.59 -81.48 11.62
N ALA J 662 -12.76 -81.14 12.89
CA ALA J 662 -12.53 -82.06 14.03
C ALA J 662 -13.63 -83.14 14.00
N THR J 663 -13.24 -84.39 14.24
CA THR J 663 -14.14 -85.59 14.28
C THR J 663 -14.21 -86.17 15.71
N GLY J 664 -13.38 -85.70 16.63
CA GLY J 664 -13.39 -86.21 18.00
C GLY J 664 -12.25 -85.68 18.85
N PHE J 665 -12.28 -86.03 20.13
CA PHE J 665 -11.22 -85.74 21.11
C PHE J 665 -10.95 -87.02 21.91
N THR J 666 -9.69 -87.48 21.91
CA THR J 666 -9.18 -88.63 22.70
C THR J 666 -7.71 -88.41 23.05
N ASP J 667 -7.30 -88.78 24.26
CA ASP J 667 -5.88 -88.80 24.71
C ASP J 667 -5.29 -87.39 24.60
N GLY J 668 -6.05 -86.37 24.99
CA GLY J 668 -5.63 -84.95 24.94
C GLY J 668 -5.36 -84.47 23.52
N LYS J 669 -6.00 -85.07 22.52
CA LYS J 669 -5.77 -84.74 21.09
C LYS J 669 -7.11 -84.56 20.38
N ILE J 670 -7.28 -83.40 19.75
CA ILE J 670 -8.37 -83.16 18.75
C ILE J 670 -7.99 -83.97 17.51
N GLU J 671 -8.90 -84.86 17.10
CA GLU J 671 -8.75 -85.71 15.89
C GLU J 671 -9.29 -84.91 14.69
N GLY J 672 -8.54 -84.89 13.60
CA GLY J 672 -8.85 -84.06 12.44
C GLY J 672 -8.95 -84.84 11.14
N THR J 673 -9.15 -84.10 10.05
CA THR J 673 -9.37 -84.61 8.69
C THR J 673 -8.18 -84.20 7.82
N GLN J 674 -7.37 -85.15 7.38
CA GLN J 674 -6.12 -84.86 6.63
C GLN J 674 -6.45 -84.35 5.23
N ARG J 675 -7.39 -84.99 4.53
CA ARG J 675 -7.89 -84.56 3.20
C ARG J 675 -9.41 -84.64 3.20
N LEU J 676 -10.09 -83.79 2.42
CA LEU J 676 -11.56 -83.89 2.25
C LEU J 676 -11.84 -84.87 1.10
N TYR J 677 -13.06 -85.40 1.05
CA TYR J 677 -13.63 -86.17 -0.09
C TYR J 677 -12.89 -87.48 -0.35
N THR J 678 -12.15 -88.03 0.61
CA THR J 678 -11.47 -89.35 0.45
C THR J 678 -12.49 -90.49 0.31
N ASP J 679 -13.73 -90.36 0.81
CA ASP J 679 -14.81 -91.37 0.64
C ASP J 679 -15.48 -91.18 -0.73
N GLY J 680 -15.10 -90.12 -1.48
CA GLY J 680 -15.60 -89.82 -2.83
C GLY J 680 -16.99 -89.19 -2.80
N VAL J 681 -17.43 -88.65 -1.66
CA VAL J 681 -18.80 -88.07 -1.43
C VAL J 681 -18.68 -86.55 -1.32
N PHE J 682 -19.28 -85.80 -2.23
CA PHE J 682 -19.00 -84.35 -2.44
C PHE J 682 -20.10 -83.50 -1.75
N SER J 683 -19.88 -82.19 -1.70
CA SER J 683 -20.70 -81.21 -0.92
C SER J 683 -21.91 -80.78 -1.74
N THR J 684 -22.76 -81.72 -2.14
CA THR J 684 -24.07 -81.50 -2.82
C THR J 684 -25.13 -82.37 -2.11
N ASP J 685 -26.42 -82.10 -2.32
CA ASP J 685 -27.54 -82.85 -1.70
C ASP J 685 -27.41 -84.35 -2.00
N ASP J 686 -27.02 -84.73 -3.22
CA ASP J 686 -26.97 -86.14 -3.67
C ASP J 686 -25.53 -86.69 -3.55
N GLY J 687 -24.55 -85.86 -3.20
CA GLY J 687 -23.18 -86.31 -2.88
C GLY J 687 -22.31 -86.50 -4.10
N LYS J 688 -22.80 -86.20 -5.30
CA LYS J 688 -22.01 -86.24 -6.56
C LYS J 688 -21.44 -84.86 -6.87
N ALA J 689 -20.15 -84.81 -7.22
CA ALA J 689 -19.54 -83.63 -7.85
C ALA J 689 -20.24 -83.38 -9.20
N ARG J 690 -20.43 -82.12 -9.57
CA ARG J 690 -20.78 -81.74 -10.96
C ARG J 690 -19.51 -81.32 -11.71
N PHE J 691 -19.44 -81.64 -13.01
CA PHE J 691 -18.52 -81.02 -13.99
C PHE J 691 -19.16 -79.72 -14.44
N MET J 692 -18.39 -78.83 -15.07
CA MET J 692 -18.97 -77.57 -15.61
C MET J 692 -18.79 -77.51 -17.12
N ASP J 693 -19.93 -77.35 -17.79
CA ASP J 693 -20.04 -76.97 -19.22
C ASP J 693 -19.82 -75.44 -19.26
N ALA J 694 -18.59 -75.04 -19.60
CA ALA J 694 -18.03 -73.69 -19.34
C ALA J 694 -17.27 -73.21 -20.57
N PRO J 695 -17.99 -72.98 -21.69
CA PRO J 695 -17.34 -72.59 -22.95
C PRO J 695 -16.70 -71.21 -22.86
N TRP J 696 -15.55 -71.09 -23.51
CA TRP J 696 -14.80 -69.82 -23.65
C TRP J 696 -15.66 -68.78 -24.39
N ARG J 697 -15.69 -67.53 -23.91
CA ARG J 697 -16.52 -66.44 -24.47
C ARG J 697 -15.77 -65.11 -24.38
N GLY J 698 -14.45 -65.14 -24.53
CA GLY J 698 -13.62 -63.92 -24.53
C GLY J 698 -13.65 -63.23 -23.18
N LEU J 699 -13.38 -61.93 -23.16
CA LEU J 699 -13.28 -61.13 -21.92
C LEU J 699 -14.71 -60.86 -21.45
N GLN J 700 -15.10 -61.41 -20.30
CA GLN J 700 -16.52 -61.49 -19.90
C GLN J 700 -17.00 -60.17 -19.28
N ALA J 701 -16.14 -59.43 -18.58
CA ALA J 701 -16.59 -58.28 -17.76
C ALA J 701 -16.79 -57.06 -18.65
N PRO J 702 -17.84 -56.25 -18.38
CA PRO J 702 -18.16 -55.08 -19.20
C PRO J 702 -16.97 -54.11 -19.36
N GLY J 703 -16.68 -53.68 -20.58
CA GLY J 703 -15.70 -52.62 -20.89
C GLY J 703 -14.31 -53.16 -21.06
N LYS J 704 -14.04 -54.40 -20.66
CA LYS J 704 -12.66 -54.95 -20.58
C LYS J 704 -11.98 -54.98 -21.96
N GLN J 705 -12.63 -55.59 -22.97
CA GLN J 705 -12.14 -55.61 -24.38
C GLN J 705 -11.88 -54.18 -24.87
N GLN J 706 -12.81 -53.25 -24.57
CA GLN J 706 -12.72 -51.83 -25.01
CA GLN J 706 -12.76 -51.83 -24.98
C GLN J 706 -11.55 -51.14 -24.31
N GLN J 707 -11.23 -51.53 -23.07
CA GLN J 707 -10.06 -50.95 -22.35
C GLN J 707 -8.75 -51.49 -22.93
N LYS J 708 -8.71 -52.78 -23.30
CA LYS J 708 -7.52 -53.46 -23.88
C LYS J 708 -7.11 -52.79 -25.22
N ASP J 709 -8.05 -52.67 -26.15
CA ASP J 709 -7.83 -52.15 -27.54
C ASP J 709 -7.55 -50.66 -27.53
N SER J 710 -8.01 -49.91 -26.52
CA SER J 710 -7.90 -48.42 -26.53
C SER J 710 -6.71 -47.96 -25.69
N HIS J 711 -5.89 -48.86 -25.14
CA HIS J 711 -4.74 -48.47 -24.28
C HIS J 711 -3.49 -49.25 -24.68
N LYS J 712 -2.31 -48.74 -24.35
CA LYS J 712 -1.03 -49.24 -24.91
C LYS J 712 -0.53 -50.47 -24.14
N TYR J 713 -0.64 -50.52 -22.81
CA TYR J 713 -0.01 -51.58 -21.97
C TYR J 713 -1.04 -52.31 -21.13
N LEU J 714 -0.78 -53.59 -20.92
CA LEU J 714 -1.32 -54.39 -19.80
C LEU J 714 -0.67 -53.85 -18.53
N ILE J 715 -1.52 -53.43 -17.60
CA ILE J 715 -1.14 -53.09 -16.21
C ILE J 715 -1.51 -54.30 -15.36
N ASN J 716 -0.76 -55.39 -15.53
CA ASN J 716 -0.80 -56.54 -14.61
C ASN J 716 -0.49 -55.97 -13.23
N ASN J 717 -0.93 -56.62 -12.17
CA ASN J 717 -0.89 -56.06 -10.80
C ASN J 717 -0.90 -57.23 -9.81
N GLY J 718 -0.41 -56.98 -8.60
CA GLY J 718 -0.37 -58.01 -7.53
C GLY J 718 0.72 -57.76 -6.51
N ARG J 719 1.28 -58.86 -5.96
CA ARG J 719 2.10 -58.83 -4.72
C ARG J 719 3.59 -58.61 -5.03
N ALA J 720 4.28 -58.01 -4.07
CA ALA J 720 5.74 -58.11 -3.85
C ALA J 720 5.98 -58.95 -2.60
N ASN J 721 7.06 -59.70 -2.62
CA ASN J 721 7.53 -60.53 -1.47
C ASN J 721 7.72 -59.64 -0.22
N VAL J 722 8.46 -58.52 -0.29
N VAL J 722 8.45 -58.52 -0.31
CA VAL J 722 8.80 -57.68 0.90
CA VAL J 722 8.83 -57.67 0.86
C VAL J 722 7.53 -57.14 1.55
C VAL J 722 7.59 -57.03 1.51
N VAL J 723 6.54 -56.78 0.73
CA VAL J 723 5.39 -55.94 1.15
C VAL J 723 4.27 -56.86 1.61
N TRP J 724 3.74 -56.61 2.81
CA TRP J 724 2.48 -57.25 3.24
C TRP J 724 1.31 -56.30 2.92
N GLN J 725 0.48 -56.70 1.95
CA GLN J 725 -0.86 -56.13 1.68
C GLN J 725 -0.72 -54.62 1.43
N SER J 726 -1.60 -53.79 1.99
CA SER J 726 -1.63 -52.33 1.69
C SER J 726 -0.52 -51.60 2.48
N ALA J 727 0.46 -52.33 3.00
CA ALA J 727 1.65 -51.78 3.69
C ALA J 727 1.18 -51.00 4.93
N TYR J 728 0.09 -51.42 5.55
CA TYR J 728 -0.51 -50.73 6.73
C TYR J 728 0.51 -50.72 7.89
N LEU J 729 1.24 -51.82 8.10
CA LEU J 729 2.39 -51.86 9.06
C LEU J 729 3.68 -51.40 8.35
N ASP J 730 3.84 -51.78 7.09
CA ASP J 730 5.13 -51.67 6.36
C ASP J 730 5.50 -50.19 6.17
N GLN J 731 4.55 -49.25 6.18
CA GLN J 731 4.79 -47.80 5.92
C GLN J 731 5.53 -47.16 7.12
N GLU J 732 5.56 -47.79 8.27
CA GLU J 732 6.42 -47.36 9.41
C GLU J 732 7.50 -48.43 9.65
N ASN J 733 7.98 -49.07 8.58
CA ASN J 733 9.05 -50.09 8.65
C ASN J 733 10.16 -49.71 7.66
N ASP J 734 11.29 -49.25 8.19
CA ASP J 734 12.43 -48.69 7.40
C ASP J 734 12.95 -49.69 6.38
N PHE J 735 13.08 -50.96 6.76
CA PHE J 735 13.56 -52.05 5.86
C PHE J 735 12.68 -52.09 4.61
N VAL J 736 11.35 -52.07 4.75
CA VAL J 736 10.39 -52.22 3.61
C VAL J 736 10.37 -50.92 2.79
N MET J 737 10.24 -49.77 3.45
CA MET J 737 10.06 -48.46 2.78
C MET J 737 11.40 -47.98 2.20
N ASP J 738 12.54 -48.49 2.70
CA ASP J 738 13.87 -48.21 2.10
C ASP J 738 14.05 -49.00 0.80
N ARG J 739 13.31 -50.10 0.65
CA ARG J 739 13.36 -50.94 -0.57
C ARG J 739 12.41 -50.36 -1.64
N PHE J 740 11.19 -49.97 -1.25
CA PHE J 740 10.16 -49.45 -2.19
C PHE J 740 9.42 -48.27 -1.57
N PRO J 741 10.01 -47.05 -1.60
CA PRO J 741 9.30 -45.86 -1.16
C PRO J 741 8.09 -45.54 -2.06
N TYR J 742 8.19 -45.94 -3.33
CA TYR J 742 7.11 -45.90 -4.35
C TYR J 742 6.80 -47.32 -4.81
N PRO J 743 5.56 -47.62 -5.24
CA PRO J 743 5.29 -48.93 -5.82
C PRO J 743 6.10 -49.03 -7.11
N PHE J 744 6.63 -50.20 -7.42
CA PHE J 744 7.30 -50.47 -8.70
C PHE J 744 6.22 -50.76 -9.75
N ILE J 745 6.49 -50.37 -10.99
CA ILE J 745 5.82 -50.92 -12.21
C ILE J 745 6.96 -51.50 -13.06
N GLU J 746 7.01 -52.83 -13.08
CA GLU J 746 7.92 -53.66 -13.91
C GLU J 746 7.62 -53.34 -15.36
N MET J 747 8.61 -52.86 -16.10
CA MET J 747 8.48 -52.54 -17.55
C MET J 747 9.66 -53.17 -18.30
N ASN J 748 9.37 -53.75 -19.46
CA ASN J 748 10.42 -54.20 -20.40
C ASN J 748 11.40 -53.05 -20.68
N PRO J 749 12.74 -53.24 -20.63
CA PRO J 749 13.69 -52.15 -20.90
C PRO J 749 13.51 -51.51 -22.27
N GLU J 750 13.11 -52.25 -23.30
CA GLU J 750 12.87 -51.73 -24.68
CA GLU J 750 12.92 -51.66 -24.65
C GLU J 750 11.63 -50.84 -24.63
N ASP J 751 10.59 -51.26 -23.90
CA ASP J 751 9.36 -50.45 -23.74
C ASP J 751 9.74 -49.11 -23.10
N MET J 752 10.56 -49.15 -22.05
CA MET J 752 11.05 -47.95 -21.33
C MET J 752 11.84 -47.03 -22.29
N ALA J 753 12.77 -47.59 -23.07
CA ALA J 753 13.61 -46.81 -24.03
C ALA J 753 12.71 -46.09 -25.05
N GLU J 754 11.75 -46.78 -25.65
CA GLU J 754 10.77 -46.21 -26.63
C GLU J 754 10.05 -45.02 -26.01
N ALA J 755 9.78 -45.07 -24.71
CA ALA J 755 8.85 -44.15 -24.01
C ALA J 755 9.63 -43.01 -23.35
N GLY J 756 10.96 -42.99 -23.49
CA GLY J 756 11.83 -41.98 -22.89
C GLY J 756 12.03 -42.18 -21.40
N LEU J 757 11.75 -43.38 -20.86
CA LEU J 757 11.75 -43.68 -19.39
C LEU J 757 13.08 -44.31 -18.96
N LYS J 758 13.58 -43.89 -17.81
CA LYS J 758 14.73 -44.50 -17.12
C LYS J 758 14.29 -45.05 -15.77
N GLU J 759 15.07 -46.01 -15.25
CA GLU J 759 14.81 -46.69 -13.97
C GLU J 759 14.55 -45.62 -12.89
N GLY J 760 13.54 -45.83 -12.05
CA GLY J 760 13.24 -44.95 -10.90
C GLY J 760 12.34 -43.77 -11.29
N ASP J 761 12.12 -43.54 -12.58
CA ASP J 761 11.27 -42.42 -13.07
C ASP J 761 9.86 -42.59 -12.47
N LEU J 762 9.28 -41.50 -11.99
CA LEU J 762 7.89 -41.42 -11.52
C LEU J 762 7.01 -41.33 -12.76
N VAL J 763 6.19 -42.36 -13.03
CA VAL J 763 5.32 -42.40 -14.22
C VAL J 763 3.88 -42.34 -13.75
N GLU J 764 3.03 -41.79 -14.59
CA GLU J 764 1.56 -41.79 -14.43
C GLU J 764 1.00 -42.93 -15.27
N ILE J 765 0.17 -43.77 -14.68
CA ILE J 765 -0.62 -44.78 -15.40
C ILE J 765 -2.03 -44.18 -15.51
N TYR J 766 -2.60 -44.13 -16.71
CA TYR J 766 -3.93 -43.50 -16.92
C TYR J 766 -4.72 -44.24 -17.98
N ASN J 767 -6.04 -44.25 -17.77
CA ASN J 767 -7.02 -44.89 -18.65
C ASN J 767 -8.39 -44.27 -18.33
N ASP J 768 -9.46 -44.93 -18.77
CA ASP J 768 -10.87 -44.47 -18.64
C ASP J 768 -11.30 -44.45 -17.17
N ALA J 769 -10.66 -45.23 -16.29
CA ALA J 769 -11.10 -45.46 -14.89
C ALA J 769 -10.50 -44.39 -13.97
N GLY J 770 -9.30 -43.89 -14.29
CA GLY J 770 -8.62 -42.88 -13.47
C GLY J 770 -7.14 -42.86 -13.77
N ALA J 771 -6.35 -42.49 -12.78
CA ALA J 771 -4.88 -42.30 -12.96
C ALA J 771 -4.18 -42.56 -11.63
N THR J 772 -2.92 -42.92 -11.68
CA THR J 772 -2.09 -43.22 -10.48
C THR J 772 -0.62 -43.05 -10.84
N GLN J 773 0.26 -43.29 -9.88
CA GLN J 773 1.72 -43.13 -10.06
C GLN J 773 2.44 -44.38 -9.56
N ALA J 774 3.56 -44.66 -10.21
CA ALA J 774 4.49 -45.75 -9.86
C ALA J 774 5.88 -45.35 -10.31
N MET J 775 6.85 -46.12 -9.87
CA MET J 775 8.27 -45.92 -10.19
C MET J 775 8.67 -47.01 -11.18
N ALA J 776 9.19 -46.63 -12.34
CA ALA J 776 9.58 -47.58 -13.42
C ALA J 776 10.72 -48.45 -12.90
N TYR J 777 10.56 -49.77 -13.03
CA TYR J 777 11.58 -50.76 -12.62
C TYR J 777 11.90 -51.61 -13.84
N PRO J 778 13.07 -51.43 -14.49
CA PRO J 778 13.42 -52.20 -15.68
C PRO J 778 13.47 -53.69 -15.35
N THR J 779 12.73 -54.48 -16.09
CA THR J 779 12.47 -55.93 -15.86
C THR J 779 12.65 -56.64 -17.20
N PRO J 780 13.87 -57.15 -17.46
CA PRO J 780 14.16 -57.86 -18.71
C PRO J 780 13.24 -59.06 -19.01
N THR J 781 12.73 -59.72 -17.99
CA THR J 781 11.79 -60.87 -18.15
C THR J 781 10.39 -60.40 -18.55
N ALA J 782 10.07 -59.10 -18.47
CA ALA J 782 8.76 -58.56 -18.88
C ALA J 782 8.65 -58.61 -20.41
N ARG J 783 7.53 -59.08 -20.94
CA ARG J 783 7.23 -59.06 -22.39
C ARG J 783 6.81 -57.65 -22.80
N ARG J 784 7.15 -57.25 -24.02
CA ARG J 784 6.81 -55.93 -24.62
C ARG J 784 5.31 -55.70 -24.49
N GLY J 785 4.91 -54.50 -24.03
CA GLY J 785 3.49 -54.10 -23.90
C GLY J 785 2.85 -54.59 -22.62
N GLU J 786 3.57 -55.36 -21.79
CA GLU J 786 3.02 -55.95 -20.53
C GLU J 786 3.82 -55.46 -19.33
N THR J 787 3.16 -54.75 -18.42
CA THR J 787 3.74 -54.22 -17.16
C THR J 787 3.09 -54.88 -15.94
N PHE J 788 3.74 -54.77 -14.79
CA PHE J 788 3.22 -55.31 -13.52
C PHE J 788 3.45 -54.26 -12.44
N MET J 789 2.35 -53.74 -11.91
CA MET J 789 2.36 -52.73 -10.82
C MET J 789 2.00 -53.39 -9.49
N LEU J 790 2.81 -53.14 -8.48
CA LEU J 790 2.53 -53.48 -7.06
C LEU J 790 1.16 -52.90 -6.70
N PHE J 791 0.27 -53.72 -6.16
CA PHE J 791 -1.11 -53.31 -5.79
C PHE J 791 -1.13 -52.73 -4.37
N GLY J 792 -2.21 -52.01 -4.07
CA GLY J 792 -2.65 -51.67 -2.71
C GLY J 792 -1.74 -50.66 -2.02
N PHE J 793 -0.79 -50.06 -2.72
CA PHE J 793 0.37 -49.38 -2.08
C PHE J 793 0.06 -47.92 -1.77
N PRO J 794 0.40 -47.40 -0.57
CA PRO J 794 0.03 -46.04 -0.18
C PRO J 794 0.56 -44.91 -1.10
N THR J 795 1.78 -45.03 -1.62
CA THR J 795 2.44 -43.95 -2.39
C THR J 795 2.18 -44.12 -3.89
N GLY J 796 1.14 -44.88 -4.26
CA GLY J 796 0.70 -45.09 -5.66
C GLY J 796 -0.23 -46.28 -5.78
N VAL J 797 -1.54 -46.02 -5.74
CA VAL J 797 -2.63 -47.03 -5.68
C VAL J 797 -2.95 -47.51 -7.10
N GLN J 798 -2.66 -48.77 -7.41
CA GLN J 798 -2.93 -49.38 -8.75
C GLN J 798 -4.44 -49.50 -8.97
N GLY J 799 -5.21 -49.65 -7.90
CA GLY J 799 -6.69 -49.73 -7.94
C GLY J 799 -7.33 -48.60 -8.74
N ASN J 800 -6.67 -47.46 -8.82
CA ASN J 800 -7.17 -46.21 -9.44
C ASN J 800 -7.47 -46.43 -10.93
N VAL J 801 -6.71 -47.30 -11.61
CA VAL J 801 -6.82 -47.54 -13.07
C VAL J 801 -7.58 -48.85 -13.35
N THR J 802 -8.09 -49.52 -12.32
CA THR J 802 -8.99 -50.69 -12.49
C THR J 802 -10.41 -50.15 -12.70
N SER J 803 -11.12 -50.67 -13.69
CA SER J 803 -12.52 -50.32 -13.99
C SER J 803 -13.44 -50.94 -12.93
N ALA J 804 -14.69 -50.49 -12.90
CA ALA J 804 -15.76 -51.01 -12.04
C ALA J 804 -16.19 -52.40 -12.52
N GLY J 805 -15.55 -52.96 -13.55
CA GLY J 805 -16.00 -54.19 -14.24
C GLY J 805 -15.91 -55.40 -13.34
N THR J 806 -17.02 -56.13 -13.18
CA THR J 806 -17.09 -57.40 -12.44
C THR J 806 -17.72 -58.48 -13.35
N ASN J 807 -17.71 -59.71 -12.86
CA ASN J 807 -18.48 -60.82 -13.46
C ASN J 807 -19.92 -60.68 -12.92
N GLU J 808 -20.80 -61.63 -13.25
CA GLU J 808 -22.25 -61.63 -12.95
C GLU J 808 -22.47 -61.71 -11.43
N LEU J 809 -21.51 -62.28 -10.69
CA LEU J 809 -21.59 -62.49 -9.21
C LEU J 809 -20.80 -61.41 -8.46
N ILE J 810 -20.39 -60.38 -9.19
CA ILE J 810 -19.77 -59.13 -8.64
C ILE J 810 -18.36 -59.47 -8.13
N ILE J 811 -17.69 -60.43 -8.72
CA ILE J 811 -16.22 -60.64 -8.55
C ILE J 811 -15.49 -59.56 -9.33
N PRO J 812 -14.57 -58.82 -8.67
CA PRO J 812 -13.77 -57.78 -9.32
C PRO J 812 -12.66 -58.37 -10.20
N ASN J 813 -12.61 -57.93 -11.46
CA ASN J 813 -11.67 -58.48 -12.47
C ASN J 813 -10.42 -57.59 -12.49
N TYR J 814 -9.70 -57.49 -11.36
CA TYR J 814 -8.57 -56.55 -11.20
C TYR J 814 -7.43 -56.86 -12.19
N LYS J 815 -7.16 -58.13 -12.51
CA LYS J 815 -5.93 -58.54 -13.23
C LYS J 815 -5.97 -58.10 -14.69
N GLN J 816 -7.16 -58.05 -15.31
CA GLN J 816 -7.34 -57.57 -16.70
C GLN J 816 -7.57 -56.05 -16.63
N THR J 817 -6.47 -55.31 -16.75
CA THR J 817 -6.41 -53.84 -16.70
C THR J 817 -5.39 -53.38 -17.73
N TRP J 818 -5.76 -52.40 -18.55
CA TRP J 818 -4.88 -51.84 -19.60
C TRP J 818 -4.82 -50.31 -19.41
N GLY J 819 -3.67 -49.71 -19.65
CA GLY J 819 -3.51 -48.25 -19.52
C GLY J 819 -2.33 -47.70 -20.27
N ASN J 820 -2.24 -46.38 -20.31
CA ASN J 820 -1.15 -45.60 -20.94
C ASN J 820 -0.19 -45.19 -19.81
N ILE J 821 1.06 -44.90 -20.16
CA ILE J 821 2.12 -44.56 -19.17
C ILE J 821 2.85 -43.34 -19.73
N ARG J 822 3.00 -42.31 -18.91
CA ARG J 822 3.76 -41.09 -19.26
C ARG J 822 4.47 -40.60 -18.00
N LYS J 823 5.68 -40.09 -18.18
CA LYS J 823 6.55 -39.50 -17.14
C LYS J 823 5.84 -38.36 -16.39
N ILE J 824 5.80 -38.43 -15.05
CA ILE J 824 5.48 -37.28 -14.16
C ILE J 824 6.79 -36.55 -13.85
N SER J 825 7.86 -37.29 -13.57
CA SER J 825 9.15 -36.71 -13.11
C SER J 825 10.30 -37.66 -13.44
N ASP J 826 11.49 -37.08 -13.67
CA ASP J 826 12.78 -37.79 -13.47
C ASP J 826 12.79 -38.43 -12.08
N ALA J 827 13.41 -39.62 -12.00
CA ALA J 827 13.65 -40.42 -10.77
C ALA J 827 13.87 -39.46 -9.59
N PRO J 828 12.96 -39.41 -8.62
CA PRO J 828 13.19 -38.58 -7.43
C PRO J 828 14.50 -38.97 -6.73
N ARG J 829 15.11 -38.02 -6.02
CA ARG J 829 16.35 -38.24 -5.22
C ARG J 829 16.15 -39.36 -4.19
N ASN J 830 14.94 -39.57 -3.66
CA ASN J 830 14.69 -40.55 -2.58
C ASN J 830 14.76 -41.99 -3.14
N VAL J 831 15.04 -42.13 -4.42
CA VAL J 831 15.05 -43.43 -5.13
C VAL J 831 16.48 -43.76 -5.63
N ALA J 832 17.43 -42.82 -5.52
CA ALA J 832 18.84 -42.95 -5.99
C ALA J 832 19.54 -44.15 -5.33
N HIS J 833 19.21 -44.49 -4.08
CA HIS J 833 19.85 -45.58 -3.30
C HIS J 833 19.36 -46.97 -3.69
N LEU J 834 18.28 -47.08 -4.50
CA LEU J 834 17.59 -48.37 -4.81
C LEU J 834 18.44 -49.23 -5.75
N SER J 835 18.44 -50.54 -5.52
CA SER J 835 18.86 -51.51 -6.55
C SER J 835 17.73 -51.64 -7.56
N PHE J 836 18.06 -51.59 -8.85
CA PHE J 836 17.12 -51.82 -9.97
C PHE J 836 17.49 -53.12 -10.69
N LYS J 837 18.25 -53.98 -10.01
CA LYS J 837 18.78 -55.23 -10.61
C LYS J 837 17.67 -56.28 -10.62
N SER J 838 17.87 -57.34 -11.40
CA SER J 838 16.89 -58.45 -11.54
C SER J 838 16.62 -59.06 -10.16
N LYS J 839 15.37 -59.38 -9.88
CA LYS J 839 14.96 -60.08 -8.63
C LYS J 839 15.30 -61.58 -8.74
N GLU J 840 15.73 -62.05 -9.91
CA GLU J 840 15.93 -63.50 -10.18
C GLU J 840 17.29 -63.95 -9.65
N TYR J 841 17.26 -64.92 -8.73
CA TYR J 841 18.44 -65.69 -8.27
C TYR J 841 19.22 -66.20 -9.50
N GLN J 842 20.54 -66.03 -9.50
CA GLN J 842 21.49 -66.59 -10.51
C GLN J 842 22.44 -67.58 -9.84
N SER J 843 22.46 -68.83 -10.29
CA SER J 843 23.63 -69.76 -10.20
C SER J 843 24.92 -69.05 -10.62
N ALA K 32 28.62 -50.50 26.82
CA ALA K 32 27.29 -50.12 26.21
C ALA K 32 27.17 -50.69 24.80
N GLY K 33 28.23 -50.57 24.01
CA GLY K 33 28.29 -51.11 22.64
C GLY K 33 29.24 -52.29 22.56
N VAL K 34 29.08 -53.08 21.51
CA VAL K 34 30.05 -54.14 21.09
C VAL K 34 31.41 -53.45 20.84
N GLU K 35 32.48 -54.01 21.40
CA GLU K 35 33.86 -53.52 21.19
C GLU K 35 34.43 -54.26 20.00
N TYR K 36 34.49 -53.61 18.84
CA TYR K 36 34.94 -54.25 17.58
C TYR K 36 36.46 -54.23 17.55
N PRO K 37 37.11 -55.36 17.21
CA PRO K 37 38.55 -55.34 16.94
C PRO K 37 38.81 -54.55 15.65
N ALA K 38 39.93 -53.84 15.58
CA ALA K 38 40.46 -53.19 14.37
C ALA K 38 41.44 -54.15 13.68
N ASN K 39 40.94 -55.01 12.78
CA ASN K 39 41.70 -56.11 12.12
C ASN K 39 42.05 -55.73 10.68
N ARG K 40 43.34 -55.87 10.31
CA ARG K 40 43.86 -55.88 8.93
C ARG K 40 43.30 -57.10 8.21
N LEU K 41 42.73 -56.93 7.02
CA LEU K 41 42.14 -58.03 6.20
C LEU K 41 43.00 -58.32 4.97
N ALA K 42 43.63 -57.29 4.41
CA ALA K 42 44.32 -57.31 3.10
C ALA K 42 44.87 -55.90 2.83
N ASN K 43 45.67 -55.76 1.78
CA ASN K 43 46.14 -54.46 1.25
C ASN K 43 45.33 -54.16 -0.01
N ILE K 44 45.03 -52.90 -0.30
CA ILE K 44 44.29 -52.46 -1.51
C ILE K 44 44.94 -53.07 -2.76
N SER K 45 46.26 -53.16 -2.79
CA SER K 45 47.05 -53.72 -3.93
C SER K 45 46.63 -55.16 -4.25
N GLU K 46 46.07 -55.91 -3.30
CA GLU K 46 45.73 -57.35 -3.46
C GLU K 46 44.44 -57.52 -4.28
N LEU K 47 43.65 -56.46 -4.47
CA LEU K 47 42.27 -56.58 -5.01
C LEU K 47 42.26 -56.37 -6.52
N THR K 48 41.68 -57.33 -7.25
CA THR K 48 41.39 -57.23 -8.70
C THR K 48 39.93 -56.81 -8.89
N LEU K 49 39.65 -55.95 -9.86
CA LEU K 49 38.27 -55.52 -10.22
C LEU K 49 37.37 -56.75 -10.32
N ASN K 50 36.27 -56.75 -9.55
CA ASN K 50 35.10 -57.66 -9.68
C ASN K 50 35.48 -59.08 -9.27
N GLU K 51 36.47 -59.24 -8.38
CA GLU K 51 36.98 -60.56 -7.91
C GLU K 51 36.97 -60.60 -6.38
N PRO K 52 35.98 -61.29 -5.76
CA PRO K 52 35.94 -61.40 -4.31
C PRO K 52 37.27 -61.92 -3.76
N LEU K 53 37.75 -61.33 -2.67
CA LEU K 53 38.82 -61.89 -1.82
C LEU K 53 38.18 -62.41 -0.53
N ASP K 54 38.21 -63.73 -0.33
CA ASP K 54 37.74 -64.38 0.92
C ASP K 54 38.48 -63.78 2.10
N VAL K 55 37.73 -63.52 3.17
CA VAL K 55 38.22 -62.78 4.36
C VAL K 55 37.33 -63.29 5.51
N ALA K 56 37.63 -62.95 6.76
CA ALA K 56 36.71 -63.25 7.87
C ALA K 56 36.79 -62.13 8.91
N TYR K 57 35.64 -61.67 9.38
CA TYR K 57 35.52 -60.56 10.34
C TYR K 57 34.17 -60.65 11.03
N PRO K 58 34.08 -60.45 12.37
CA PRO K 58 35.23 -60.03 13.20
C PRO K 58 36.14 -61.12 13.78
N ASP K 59 35.99 -62.38 13.33
CA ASP K 59 36.83 -63.54 13.74
C ASP K 59 36.77 -64.59 12.63
N GLU K 60 37.56 -65.67 12.74
CA GLU K 60 37.79 -66.67 11.67
C GLU K 60 36.50 -67.39 11.28
N ASP K 61 35.48 -67.41 12.14
CA ASP K 61 34.21 -68.17 11.92
C ASP K 61 33.12 -67.27 11.30
N ALA K 62 33.44 -66.02 10.95
CA ALA K 62 32.50 -65.06 10.32
C ALA K 62 33.01 -64.71 8.92
N ALA K 63 32.76 -65.60 7.95
CA ALA K 63 33.28 -65.52 6.57
C ALA K 63 32.68 -64.31 5.85
N GLY K 64 33.52 -63.65 5.04
CA GLY K 64 33.11 -62.53 4.19
C GLY K 64 34.06 -62.36 3.02
N VAL K 65 33.92 -61.27 2.29
CA VAL K 65 34.80 -60.94 1.14
C VAL K 65 35.03 -59.44 1.11
N LEU K 66 36.19 -59.05 0.59
CA LEU K 66 36.45 -57.70 0.04
C LEU K 66 36.20 -57.79 -1.46
N LEU K 67 35.77 -56.67 -2.05
CA LEU K 67 35.32 -56.62 -3.47
C LEU K 67 35.53 -55.20 -3.96
N LYS K 68 36.33 -55.05 -5.03
CA LYS K 68 36.58 -53.79 -5.76
C LYS K 68 35.57 -53.70 -6.91
N LEU K 69 34.72 -52.68 -6.94
CA LEU K 69 33.56 -52.65 -7.87
C LEU K 69 33.80 -51.69 -9.04
N GLY K 70 34.84 -50.87 -9.00
CA GLY K 70 35.24 -49.97 -10.10
C GLY K 70 34.25 -48.83 -10.29
N THR K 71 33.51 -48.48 -9.24
CA THR K 71 32.63 -47.29 -9.22
C THR K 71 32.41 -46.92 -7.74
N ARG K 72 32.21 -45.65 -7.44
CA ARG K 72 31.98 -45.18 -6.05
C ARG K 72 30.63 -45.74 -5.55
N VAL K 73 30.61 -46.42 -4.40
CA VAL K 73 29.37 -47.05 -3.83
C VAL K 73 29.31 -46.79 -2.33
N GLU K 74 28.11 -46.91 -1.76
CA GLU K 74 27.83 -46.75 -0.31
C GLU K 74 28.77 -47.67 0.49
N GLY K 75 29.48 -47.11 1.48
CA GLY K 75 30.39 -47.86 2.37
C GLY K 75 31.75 -48.12 1.74
N GLY K 76 31.92 -47.78 0.46
CA GLY K 76 33.14 -48.05 -0.34
C GLY K 76 34.29 -47.19 0.12
N VAL K 77 35.49 -47.76 0.13
CA VAL K 77 36.76 -47.08 0.54
C VAL K 77 37.79 -47.22 -0.59
N GLY K 78 38.98 -46.63 -0.40
CA GLY K 78 40.07 -46.60 -1.39
C GLY K 78 40.07 -45.28 -2.15
N PRO K 79 41.09 -45.00 -2.99
CA PRO K 79 41.05 -43.84 -3.88
C PRO K 79 39.66 -43.58 -4.49
N ASP K 80 39.04 -44.61 -5.08
CA ASP K 80 37.81 -44.48 -5.93
C ASP K 80 36.54 -44.90 -5.17
N GLY K 81 36.61 -45.11 -3.85
CA GLY K 81 35.47 -45.51 -3.00
C GLY K 81 34.71 -46.69 -3.56
N ASP K 82 35.41 -47.67 -4.13
CA ASP K 82 34.82 -48.85 -4.81
C ASP K 82 35.13 -50.17 -4.07
N ILE K 83 35.78 -50.11 -2.90
CA ILE K 83 36.17 -51.33 -2.14
C ILE K 83 35.21 -51.50 -0.96
N VAL K 84 34.54 -52.65 -0.93
CA VAL K 84 33.50 -52.97 0.10
C VAL K 84 33.84 -54.33 0.73
N GLY K 85 33.45 -54.48 1.99
CA GLY K 85 33.49 -55.76 2.70
C GLY K 85 32.10 -56.17 3.14
N PHE K 86 31.72 -57.43 2.89
CA PHE K 86 30.42 -58.00 3.28
C PHE K 86 30.62 -59.38 3.92
N SER K 87 29.79 -59.68 4.92
CA SER K 87 29.47 -61.06 5.35
C SER K 87 28.93 -61.80 4.13
N THR K 88 29.32 -63.06 3.99
CA THR K 88 29.05 -63.94 2.84
C THR K 88 28.06 -65.03 3.27
N ILE K 89 27.56 -64.97 4.51
CA ILE K 89 26.62 -65.97 5.08
C ILE K 89 25.21 -65.34 5.08
N CYS K 90 24.29 -65.99 4.38
CA CYS K 90 22.94 -65.43 4.09
C CYS K 90 22.27 -65.07 5.43
N PRO K 91 21.82 -63.81 5.61
CA PRO K 91 21.13 -63.41 6.83
C PRO K 91 19.80 -64.13 7.11
N HIS K 92 19.26 -64.86 6.14
CA HIS K 92 18.02 -65.67 6.33
C HIS K 92 18.31 -66.91 7.21
N LYS K 93 18.94 -67.95 6.65
CA LYS K 93 19.25 -69.23 7.34
C LYS K 93 20.72 -69.64 7.16
N GLY K 94 21.60 -68.76 6.70
CA GLY K 94 23.05 -68.92 6.80
C GLY K 94 23.69 -69.82 5.74
N PHE K 95 23.05 -70.07 4.61
CA PHE K 95 23.73 -70.74 3.46
C PHE K 95 24.79 -69.79 2.93
N PRO K 96 25.89 -70.31 2.33
CA PRO K 96 26.93 -69.45 1.78
C PRO K 96 26.46 -68.80 0.48
N LEU K 97 26.69 -67.49 0.32
CA LEU K 97 26.29 -66.71 -0.87
C LEU K 97 27.31 -66.91 -2.00
N SER K 98 26.86 -67.07 -3.24
CA SER K 98 27.72 -67.12 -4.45
C SER K 98 27.71 -65.74 -5.09
N TYR K 99 28.85 -65.33 -5.66
CA TYR K 99 29.02 -64.05 -6.38
C TYR K 99 28.84 -64.26 -7.88
N SER K 100 27.90 -63.51 -8.47
CA SER K 100 27.74 -63.42 -9.94
C SER K 100 28.52 -62.20 -10.43
N ALA K 101 29.66 -62.44 -11.09
CA ALA K 101 30.54 -61.41 -11.68
C ALA K 101 29.76 -60.58 -12.72
N ASP K 102 28.97 -61.21 -13.60
CA ASP K 102 28.17 -60.51 -14.64
C ASP K 102 27.19 -59.53 -14.01
N ASN K 103 26.40 -59.94 -13.00
CA ASN K 103 25.32 -59.12 -12.37
C ASN K 103 25.91 -58.20 -11.28
N LYS K 104 27.09 -58.53 -10.77
CA LYS K 104 27.65 -57.98 -9.50
C LYS K 104 26.65 -58.15 -8.36
N THR K 105 26.24 -59.38 -8.06
CA THR K 105 25.29 -59.70 -6.96
C THR K 105 25.74 -60.93 -6.18
N PHE K 106 25.46 -60.93 -4.89
CA PHE K 106 25.49 -62.15 -4.05
C PHE K 106 24.14 -62.86 -4.21
N ASN K 107 24.20 -64.18 -4.30
CA ASN K 107 23.04 -65.05 -4.63
C ASN K 107 23.01 -66.21 -3.63
N CYS K 108 21.86 -66.50 -3.05
CA CYS K 108 21.73 -67.56 -2.02
C CYS K 108 20.99 -68.77 -2.59
N PRO K 109 21.65 -69.95 -2.66
CA PRO K 109 21.01 -71.16 -3.20
C PRO K 109 20.02 -71.74 -2.19
N GLY K 110 19.93 -71.17 -1.00
CA GLY K 110 18.95 -71.55 0.03
C GLY K 110 17.51 -71.30 -0.43
N HIS K 111 17.10 -70.04 -0.48
CA HIS K 111 15.70 -69.65 -0.84
C HIS K 111 15.72 -68.45 -1.78
N PHE K 112 16.81 -68.31 -2.56
CA PHE K 112 16.90 -67.59 -3.87
C PHE K 112 17.06 -66.08 -3.63
N SER K 113 17.56 -65.69 -2.46
CA SER K 113 17.86 -64.30 -2.08
C SER K 113 18.96 -63.74 -3.00
N VAL K 114 18.89 -62.44 -3.27
CA VAL K 114 19.84 -61.67 -4.13
C VAL K 114 20.16 -60.37 -3.38
N PHE K 115 21.44 -60.10 -3.18
CA PHE K 115 21.96 -58.88 -2.48
C PHE K 115 22.89 -58.12 -3.41
N ASP K 116 22.84 -56.78 -3.34
CA ASP K 116 23.49 -55.87 -4.31
C ASP K 116 24.64 -55.16 -3.62
N PRO K 117 25.89 -55.61 -3.79
CA PRO K 117 27.02 -55.00 -3.09
C PRO K 117 27.32 -53.60 -3.62
N GLU K 118 26.76 -53.24 -4.78
CA GLU K 118 26.85 -51.87 -5.32
C GLU K 118 25.83 -50.93 -4.66
N LYS K 119 24.84 -51.41 -3.90
CA LYS K 119 23.91 -50.53 -3.15
C LYS K 119 23.84 -50.92 -1.66
N GLY K 120 24.97 -50.84 -0.96
CA GLY K 120 25.12 -51.20 0.46
C GLY K 120 24.63 -52.59 0.83
N GLY K 121 24.59 -53.53 -0.12
CA GLY K 121 24.11 -54.90 0.12
C GLY K 121 22.60 -55.00 0.25
N GLN K 122 21.87 -54.06 -0.36
CA GLN K 122 20.38 -54.09 -0.39
C GLN K 122 19.92 -55.44 -0.94
N GLN K 123 18.93 -56.02 -0.27
CA GLN K 123 18.25 -57.24 -0.75
C GLN K 123 17.36 -56.80 -1.92
N VAL K 124 17.75 -57.18 -3.14
CA VAL K 124 17.00 -56.92 -4.40
C VAL K 124 15.70 -57.70 -4.30
N TRP K 125 15.83 -58.97 -3.88
CA TRP K 125 14.73 -59.91 -3.60
C TRP K 125 15.27 -60.91 -2.57
N GLY K 126 14.46 -61.35 -1.60
CA GLY K 126 14.86 -62.42 -0.68
C GLY K 126 14.01 -62.51 0.59
N GLN K 127 14.34 -63.48 1.44
CA GLN K 127 13.55 -63.89 2.61
C GLN K 127 14.19 -63.33 3.90
N ALA K 128 15.41 -62.80 3.82
CA ALA K 128 16.08 -62.10 4.93
C ALA K 128 15.31 -60.83 5.29
N THR K 129 15.35 -60.44 6.58
CA THR K 129 14.80 -59.18 7.12
C THR K 129 15.92 -58.16 7.30
N GLN K 130 17.11 -58.50 6.84
CA GLN K 130 18.31 -57.63 6.87
C GLN K 130 18.88 -57.51 5.47
N ASN K 131 19.36 -56.31 5.15
CA ASN K 131 20.32 -56.10 4.04
C ASN K 131 21.66 -56.67 4.49
N LEU K 132 22.52 -57.02 3.54
CA LEU K 132 23.72 -57.86 3.79
C LEU K 132 24.63 -57.13 4.77
N PRO K 133 25.00 -57.73 5.93
CA PRO K 133 25.91 -57.07 6.85
C PRO K 133 27.21 -56.63 6.14
N GLN K 134 27.53 -55.35 6.28
CA GLN K 134 28.63 -54.65 5.58
C GLN K 134 29.65 -54.18 6.62
N TYR K 135 30.93 -54.28 6.28
CA TYR K 135 32.05 -53.92 7.18
C TYR K 135 32.31 -52.42 7.06
N VAL K 136 32.57 -51.77 8.20
CA VAL K 136 33.13 -50.38 8.27
C VAL K 136 34.62 -50.50 7.97
N LEU K 137 35.05 -50.09 6.78
CA LEU K 137 36.45 -50.27 6.33
C LEU K 137 37.20 -48.95 6.51
N ARG K 138 38.53 -49.06 6.64
CA ARG K 138 39.50 -47.94 6.71
C ARG K 138 40.76 -48.41 5.99
N VAL K 139 41.24 -47.60 5.04
CA VAL K 139 42.52 -47.83 4.34
C VAL K 139 43.57 -46.95 5.04
N ALA K 140 44.68 -47.54 5.49
CA ALA K 140 45.81 -46.79 6.08
C ALA K 140 46.71 -46.24 4.98
N ASP K 141 47.63 -45.32 5.34
CA ASP K 141 48.63 -44.71 4.43
C ASP K 141 49.30 -45.78 3.54
N ASN K 142 49.66 -46.92 4.14
CA ASN K 142 50.37 -48.03 3.45
C ASN K 142 49.40 -48.86 2.59
N GLY K 143 48.13 -48.49 2.50
CA GLY K 143 47.13 -49.18 1.66
C GLY K 143 46.53 -50.41 2.33
N ASP K 144 46.85 -50.66 3.60
CA ASP K 144 46.29 -51.81 4.37
C ASP K 144 44.82 -51.49 4.70
N ILE K 145 43.94 -52.47 4.48
CA ILE K 145 42.48 -52.35 4.71
C ILE K 145 42.16 -52.95 6.08
N PHE K 146 41.68 -52.13 7.02
CA PHE K 146 41.18 -52.56 8.35
C PHE K 146 39.65 -52.52 8.37
N ALA K 147 39.02 -53.60 8.82
CA ALA K 147 37.60 -53.65 9.24
C ALA K 147 37.52 -53.24 10.71
N GLU K 148 36.58 -52.36 11.05
CA GLU K 148 36.42 -51.83 12.43
C GLU K 148 34.94 -51.85 12.84
N GLY K 149 34.09 -52.60 12.15
CA GLY K 149 32.66 -52.65 12.48
C GLY K 149 31.85 -53.43 11.47
N VAL K 150 30.61 -53.74 11.84
CA VAL K 150 29.60 -54.41 10.99
C VAL K 150 28.25 -53.73 11.28
N ASP K 151 27.46 -53.44 10.24
CA ASP K 151 26.27 -52.53 10.31
C ASP K 151 24.97 -53.35 10.49
N GLU K 152 25.09 -54.67 10.66
CA GLU K 152 23.93 -55.56 10.84
C GLU K 152 24.40 -56.79 11.64
N LEU K 153 23.47 -57.54 12.18
CA LEU K 153 23.74 -58.75 13.00
C LEU K 153 24.11 -59.86 12.03
N ILE K 154 25.33 -60.39 12.15
CA ILE K 154 25.86 -61.51 11.33
C ILE K 154 25.03 -62.76 11.64
N TYR K 155 24.77 -63.58 10.63
CA TYR K 155 24.02 -64.85 10.82
C TYR K 155 24.71 -65.71 11.88
N GLY K 156 23.90 -66.31 12.77
CA GLY K 156 24.29 -67.42 13.66
C GLY K 156 25.07 -66.97 14.89
N ARG K 157 25.06 -65.67 15.19
CA ARG K 157 25.61 -65.10 16.45
C ARG K 157 24.67 -64.01 16.94
N LEU K 158 24.43 -63.97 18.25
CA LEU K 158 23.51 -63.00 18.88
C LEU K 158 24.31 -61.77 19.31
N SER K 159 25.62 -61.81 19.06
CA SER K 159 26.53 -60.66 19.25
C SER K 159 27.62 -60.74 18.17
N ASN K 160 27.91 -59.64 17.46
CA ASN K 160 28.87 -59.63 16.32
C ASN K 160 30.27 -60.01 16.83
N VAL K 161 30.64 -59.55 18.02
CA VAL K 161 31.85 -60.04 18.73
C VAL K 161 31.40 -61.08 19.75
N LEU K 162 31.98 -62.29 19.66
CA LEU K 162 31.73 -63.44 20.58
C LEU K 162 32.95 -63.67 21.49
N ASN L 5 -23.78 -56.88 55.09
CA ASN L 5 -24.92 -57.87 55.16
C ASN L 5 -24.58 -59.07 54.26
N ALA L 6 -24.37 -60.24 54.88
CA ALA L 6 -23.93 -61.50 54.24
C ALA L 6 -25.06 -62.09 53.37
N GLU L 7 -26.31 -62.04 53.84
CA GLU L 7 -27.48 -62.64 53.13
CA GLU L 7 -27.50 -62.62 53.14
C GLU L 7 -27.73 -61.86 51.83
N LYS L 8 -27.53 -60.53 51.84
CA LYS L 8 -27.67 -59.64 50.64
C LYS L 8 -26.49 -59.82 49.68
N GLY L 9 -25.37 -60.34 50.18
CA GLY L 9 -24.13 -60.66 49.43
C GLY L 9 -24.08 -62.08 48.90
N ALA L 10 -24.96 -62.97 49.39
CA ALA L 10 -25.16 -64.35 48.86
C ALA L 10 -25.91 -64.27 47.54
N VAL L 11 -26.72 -63.22 47.34
CA VAL L 11 -27.52 -62.94 46.10
C VAL L 11 -26.61 -62.21 45.10
N VAL L 12 -25.70 -61.37 45.58
CA VAL L 12 -24.66 -60.71 44.73
C VAL L 12 -23.70 -61.80 44.20
N PHE L 13 -23.51 -62.90 44.95
CA PHE L 13 -22.58 -64.02 44.64
C PHE L 13 -23.15 -65.00 43.59
N LYS L 14 -24.41 -64.82 43.15
CA LYS L 14 -25.02 -65.63 42.05
C LYS L 14 -24.38 -65.23 40.70
N LYS L 15 -23.64 -64.12 40.67
CA LYS L 15 -22.86 -63.64 39.48
C LYS L 15 -21.42 -64.19 39.52
N CYS L 16 -21.05 -64.92 40.57
CA CYS L 16 -19.70 -65.55 40.76
C CYS L 16 -19.80 -67.09 40.74
N ALA L 17 -20.95 -67.64 41.17
CA ALA L 17 -21.17 -69.07 41.51
C ALA L 17 -20.72 -69.98 40.35
N ALA L 18 -21.03 -69.59 39.11
CA ALA L 18 -20.62 -70.29 37.86
C ALA L 18 -19.15 -70.70 37.98
N CYS L 19 -18.26 -69.73 38.23
CA CYS L 19 -16.77 -69.86 38.22
C CYS L 19 -16.19 -70.10 39.63
N HIS L 20 -16.87 -69.64 40.70
CA HIS L 20 -16.38 -69.70 42.11
C HIS L 20 -17.32 -70.50 43.01
N ALA L 21 -16.74 -71.45 43.77
CA ALA L 21 -17.39 -72.25 44.82
C ALA L 21 -16.93 -71.75 46.21
N VAL L 22 -17.85 -71.78 47.20
CA VAL L 22 -17.61 -71.43 48.63
C VAL L 22 -18.25 -72.52 49.51
N GLY L 23 -18.03 -72.45 50.83
CA GLY L 23 -18.65 -73.35 51.82
C GLY L 23 -17.94 -74.69 51.88
N ASP L 24 -18.58 -75.67 52.52
CA ASP L 24 -17.98 -77.00 52.88
C ASP L 24 -17.51 -77.71 51.61
N GLY L 25 -16.31 -78.30 51.67
CA GLY L 25 -15.62 -78.99 50.55
C GLY L 25 -15.88 -78.34 49.20
N ALA L 26 -15.40 -77.11 49.00
CA ALA L 26 -15.53 -76.37 47.72
C ALA L 26 -14.28 -76.62 46.86
N ALA L 27 -14.48 -76.85 45.55
CA ALA L 27 -13.45 -77.29 44.59
C ALA L 27 -13.11 -76.15 43.61
N ASN L 28 -11.88 -76.18 43.07
CA ASN L 28 -11.39 -75.28 41.99
C ASN L 28 -12.08 -75.62 40.66
N LYS L 29 -13.02 -74.79 40.21
CA LYS L 29 -13.66 -74.84 38.86
C LYS L 29 -12.89 -73.91 37.89
N VAL L 30 -13.58 -73.02 37.17
CA VAL L 30 -12.98 -72.03 36.23
C VAL L 30 -12.17 -70.99 37.04
N GLY L 31 -12.78 -70.48 38.12
CA GLY L 31 -12.12 -69.67 39.16
C GLY L 31 -11.74 -70.54 40.37
N PRO L 32 -10.72 -70.15 41.18
CA PRO L 32 -10.36 -70.91 42.38
C PRO L 32 -11.44 -70.78 43.45
N GLU L 33 -11.54 -71.79 44.33
CA GLU L 33 -12.42 -71.78 45.53
C GLU L 33 -12.01 -70.61 46.42
N LEU L 34 -12.97 -69.92 47.04
CA LEU L 34 -12.78 -68.64 47.78
C LEU L 34 -12.96 -68.86 49.30
N ASN L 35 -12.41 -69.96 49.85
CA ASN L 35 -12.40 -70.29 51.30
C ASN L 35 -11.09 -69.82 51.96
N GLY L 36 -11.17 -69.18 53.12
CA GLY L 36 -10.01 -68.60 53.83
C GLY L 36 -9.40 -67.45 53.03
N LEU L 37 -10.21 -66.78 52.21
CA LEU L 37 -9.80 -65.73 51.22
C LEU L 37 -9.18 -64.54 51.95
N ILE L 38 -9.89 -64.00 52.94
CA ILE L 38 -9.46 -62.84 53.78
C ILE L 38 -8.24 -63.28 54.61
N GLY L 39 -7.03 -62.83 54.22
CA GLY L 39 -5.75 -63.26 54.82
C GLY L 39 -4.94 -64.18 53.91
N ARG L 40 -5.49 -64.61 52.78
CA ARG L 40 -4.85 -65.57 51.83
C ARG L 40 -3.88 -64.83 50.89
N LYS L 41 -2.68 -65.36 50.68
CA LYS L 41 -1.70 -64.84 49.69
C LYS L 41 -2.38 -64.82 48.32
N VAL L 42 -2.24 -63.73 47.55
CA VAL L 42 -2.77 -63.65 46.15
C VAL L 42 -2.14 -64.80 45.35
N ALA L 43 -2.96 -65.49 44.54
CA ALA L 43 -2.58 -66.66 43.71
C ALA L 43 -2.02 -67.79 44.60
N GLY L 44 -2.63 -68.02 45.77
CA GLY L 44 -2.10 -68.88 46.84
C GLY L 44 -2.81 -70.22 47.00
N VAL L 45 -3.85 -70.50 46.20
CA VAL L 45 -4.62 -71.78 46.26
C VAL L 45 -3.86 -72.85 45.49
N GLU L 46 -3.58 -74.00 46.13
CA GLU L 46 -2.85 -75.17 45.54
C GLU L 46 -3.70 -75.81 44.41
N GLY L 47 -3.03 -76.32 43.38
CA GLY L 47 -3.64 -76.98 42.21
C GLY L 47 -4.70 -76.12 41.54
N PHE L 48 -4.46 -74.80 41.40
CA PHE L 48 -5.19 -73.91 40.46
C PHE L 48 -4.18 -73.21 39.55
N ASN L 49 -4.44 -73.26 38.23
CA ASN L 49 -3.59 -72.62 37.17
C ASN L 49 -3.94 -71.13 37.11
N TYR L 50 -3.12 -70.29 37.77
CA TYR L 50 -3.29 -68.82 37.88
C TYR L 50 -2.67 -68.13 36.65
N SER L 51 -3.27 -67.03 36.18
CA SER L 51 -2.73 -66.13 35.12
C SER L 51 -1.30 -65.72 35.49
N PRO L 52 -0.40 -65.51 34.51
CA PRO L 52 0.91 -64.91 34.81
C PRO L 52 0.84 -63.60 35.62
N ALA L 53 -0.21 -62.79 35.43
CA ALA L 53 -0.43 -61.50 36.15
C ALA L 53 -0.59 -61.74 37.65
N PHE L 54 -1.28 -62.83 38.01
CA PHE L 54 -1.58 -63.26 39.41
C PHE L 54 -0.33 -63.88 40.08
N LYS L 55 0.45 -64.68 39.34
CA LYS L 55 1.70 -65.35 39.81
C LYS L 55 2.74 -64.27 40.16
N ALA L 56 2.77 -63.18 39.40
CA ALA L 56 3.63 -61.99 39.62
C ALA L 56 3.20 -61.25 40.89
N LYS L 57 1.89 -61.15 41.15
CA LYS L 57 1.31 -60.48 42.34
C LYS L 57 1.67 -61.28 43.62
N ALA L 58 1.60 -62.61 43.58
CA ALA L 58 2.11 -63.55 44.61
C ALA L 58 3.58 -63.24 44.91
N GLU L 59 4.40 -63.14 43.87
CA GLU L 59 5.86 -62.84 43.96
C GLU L 59 6.08 -61.47 44.62
N GLU L 60 5.15 -60.54 44.45
CA GLU L 60 5.19 -59.16 45.03
C GLU L 60 4.58 -59.15 46.43
N GLY L 61 4.19 -60.31 46.98
CA GLY L 61 3.85 -60.51 48.38
C GLY L 61 2.43 -60.07 48.71
N TRP L 62 1.60 -59.84 47.69
CA TRP L 62 0.18 -59.40 47.82
C TRP L 62 -0.61 -60.44 48.64
N VAL L 63 -1.49 -59.99 49.54
CA VAL L 63 -2.48 -60.86 50.25
C VAL L 63 -3.83 -60.13 50.29
N TRP L 64 -4.95 -60.85 50.15
CA TRP L 64 -6.30 -60.24 50.05
C TRP L 64 -6.73 -59.73 51.42
N ASP L 65 -7.13 -58.46 51.48
CA ASP L 65 -7.95 -57.87 52.57
C ASP L 65 -9.20 -57.29 51.89
N GLU L 66 -10.05 -56.57 52.62
CA GLU L 66 -11.31 -56.02 52.05
C GLU L 66 -10.98 -54.81 51.16
N VAL L 67 -9.85 -54.13 51.37
CA VAL L 67 -9.41 -52.94 50.55
C VAL L 67 -9.10 -53.41 49.12
N HIS L 68 -8.28 -54.46 48.94
CA HIS L 68 -7.97 -55.10 47.63
C HIS L 68 -9.27 -55.60 46.96
N LEU L 69 -10.13 -56.27 47.72
CA LEU L 69 -11.41 -56.88 47.26
C LEU L 69 -12.34 -55.77 46.73
N THR L 70 -12.44 -54.62 47.42
CA THR L 70 -13.31 -53.44 47.06
C THR L 70 -12.95 -52.92 45.66
N GLU L 71 -11.65 -52.90 45.33
CA GLU L 71 -11.13 -52.29 44.08
C GLU L 71 -11.15 -53.35 42.96
N TYR L 72 -10.81 -54.59 43.30
CA TYR L 72 -10.70 -55.74 42.36
C TYR L 72 -12.08 -56.09 41.79
N LEU L 73 -13.09 -56.26 42.64
CA LEU L 73 -14.44 -56.74 42.25
C LEU L 73 -15.27 -55.61 41.63
N ALA L 74 -14.83 -54.35 41.75
CA ALA L 74 -15.39 -53.17 41.05
C ALA L 74 -15.03 -53.23 39.55
N ASN L 75 -13.81 -53.64 39.22
CA ASN L 75 -13.23 -53.68 37.84
C ASN L 75 -11.96 -54.52 37.87
N PRO L 76 -12.05 -55.87 37.70
CA PRO L 76 -10.89 -56.76 37.83
C PRO L 76 -9.68 -56.41 36.96
N LYS L 77 -9.85 -56.25 35.64
CA LYS L 77 -8.72 -56.07 34.68
C LYS L 77 -8.04 -54.70 34.86
N ALA L 78 -8.73 -53.67 35.38
CA ALA L 78 -8.17 -52.32 35.68
C ALA L 78 -7.27 -52.37 36.92
N TYR L 79 -7.53 -53.30 37.86
CA TYR L 79 -6.82 -53.44 39.15
C TYR L 79 -5.60 -54.34 39.01
N ILE L 80 -5.73 -55.52 38.37
CA ILE L 80 -4.58 -56.40 37.99
C ILE L 80 -4.64 -56.65 36.48
N LYS L 81 -3.86 -55.88 35.72
CA LYS L 81 -3.77 -55.91 34.23
C LYS L 81 -3.40 -57.34 33.79
N GLY L 82 -4.26 -57.96 32.96
CA GLY L 82 -4.02 -59.31 32.40
C GLY L 82 -4.49 -60.44 33.31
N THR L 83 -5.28 -60.17 34.35
CA THR L 83 -6.04 -61.22 35.08
C THR L 83 -6.90 -61.96 34.03
N LYS L 84 -6.94 -63.30 34.12
CA LYS L 84 -7.77 -64.19 33.26
C LYS L 84 -9.21 -64.32 33.82
N MET L 85 -9.55 -63.57 34.88
CA MET L 85 -10.94 -63.40 35.38
C MET L 85 -11.73 -62.50 34.40
N ALA L 86 -12.61 -63.12 33.61
CA ALA L 86 -13.46 -62.48 32.58
C ALA L 86 -14.79 -62.04 33.23
N PHE L 87 -14.72 -61.05 34.11
CA PHE L 87 -15.88 -60.44 34.82
C PHE L 87 -15.87 -58.94 34.53
N ALA L 88 -17.01 -58.40 34.10
CA ALA L 88 -17.21 -56.95 33.83
C ALA L 88 -16.86 -56.16 35.10
N GLY L 89 -17.48 -56.52 36.22
CA GLY L 89 -17.27 -55.87 37.53
C GLY L 89 -18.57 -55.32 38.09
N LEU L 90 -18.76 -55.45 39.41
CA LEU L 90 -19.88 -54.88 40.21
C LEU L 90 -19.86 -53.35 40.13
N LYS L 91 -20.82 -52.76 39.41
CA LYS L 91 -20.96 -51.29 39.19
C LYS L 91 -21.21 -50.56 40.52
N LYS L 92 -21.99 -51.16 41.43
CA LYS L 92 -22.54 -50.48 42.64
C LYS L 92 -21.71 -50.85 43.88
N PRO L 93 -21.07 -49.86 44.56
CA PRO L 93 -20.22 -50.10 45.73
C PRO L 93 -20.79 -50.97 46.87
N GLU L 94 -22.11 -50.93 47.09
CA GLU L 94 -22.80 -51.70 48.17
C GLU L 94 -22.82 -53.20 47.83
N ASP L 95 -22.91 -53.57 46.55
CA ASP L 95 -22.90 -54.98 46.09
C ASP L 95 -21.53 -55.62 46.40
N VAL L 96 -20.45 -54.88 46.13
CA VAL L 96 -19.05 -55.26 46.47
C VAL L 96 -18.97 -55.42 48.00
N ALA L 97 -19.35 -54.39 48.75
CA ALA L 97 -19.40 -54.35 50.23
C ALA L 97 -20.14 -55.57 50.76
N ASP L 98 -21.31 -55.89 50.18
CA ASP L 98 -22.21 -57.01 50.59
C ASP L 98 -21.55 -58.36 50.28
N VAL L 99 -20.99 -58.54 49.07
CA VAL L 99 -20.37 -59.84 48.63
C VAL L 99 -19.07 -60.10 49.40
N ILE L 100 -18.38 -59.05 49.85
CA ILE L 100 -17.15 -59.17 50.71
C ILE L 100 -17.60 -59.69 52.08
N ALA L 101 -18.69 -59.14 52.63
CA ALA L 101 -19.32 -59.57 53.89
C ALA L 101 -19.71 -61.06 53.83
N TYR L 102 -20.28 -61.53 52.70
CA TYR L 102 -20.64 -62.95 52.44
C TYR L 102 -19.37 -63.80 52.35
N LEU L 103 -18.35 -63.33 51.63
CA LEU L 103 -17.03 -64.01 51.45
C LEU L 103 -16.38 -64.23 52.81
N LYS L 104 -16.54 -63.30 53.76
CA LYS L 104 -15.88 -63.28 55.10
C LYS L 104 -16.37 -64.44 55.98
N THR L 105 -17.57 -64.99 55.71
CA THR L 105 -18.14 -66.18 56.42
C THR L 105 -17.27 -67.43 56.21
N PHE L 106 -16.73 -67.62 55.01
CA PHE L 106 -16.06 -68.87 54.55
C PHE L 106 -14.54 -68.73 54.66
PB MGD M . -7.06 53.76 -1.21
O1B MGD M . -5.97 53.04 -1.90
O2B MGD M . -7.23 55.23 -1.46
O3B MGD M . -6.93 53.42 0.33
O3A MGD M . -7.22 54.04 2.65
PA MGD M . -8.06 53.39 1.47
O1A MGD M . -9.15 54.33 1.10
O2A MGD M . -8.40 52.00 1.90
O5' MGD M . -8.46 53.03 -1.42
C5' MGD M . -9.37 53.45 -2.45
C4' MGD M . -10.14 52.26 -2.97
O4' MGD M . -11.20 52.75 -3.83
C3' MGD M . -9.35 51.24 -3.81
O3' MGD M . -9.78 49.91 -3.49
C2' MGD M . -9.67 51.66 -5.26
O2' MGD M . -9.59 50.60 -6.19
C1' MGD M . -11.10 52.14 -5.10
N9 MGD M . -11.59 53.10 -6.09
C8 MGD M . -10.89 53.97 -6.91
N7 MGD M . -11.67 54.72 -7.64
C5 MGD M . -12.96 54.33 -7.27
C6 MGD M . -14.22 54.79 -7.73
O6 MGD M . -14.46 55.68 -8.57
N1 MGD M . -15.27 54.13 -7.06
C2 MGD M . -15.12 53.12 -6.14
N2 MGD M . -16.24 52.58 -5.62
N3 MGD M . -13.93 52.69 -5.72
C4 MGD M . -12.91 53.34 -6.33
C10 MGD M . -6.38 55.19 2.41
C11 MGD M . -6.11 55.75 3.80
O11 MGD M . -5.09 54.94 4.38
C12 MGD M . -5.77 57.21 3.87
S12 MGD M . -6.33 58.38 2.70
C13 MGD M . -4.99 57.64 4.89
S13 MGD M . -4.57 59.33 4.98
C14 MGD M . -4.44 56.74 5.96
N15 MGD M . -2.99 56.82 5.91
C16 MGD M . -2.27 55.91 6.63
C17 MGD M . -1.00 56.20 7.17
O17 MGD M . -0.42 57.28 7.02
N18 MGD M . -0.37 55.16 7.85
C19 MGD M . -0.97 53.94 8.04
N19 MGD M . -0.33 52.98 8.72
N20 MGD M . -2.17 53.68 7.55
C21 MGD M . -2.81 54.64 6.85
N22 MGD M . -4.03 54.31 6.36
C23 MGD M . -4.93 55.27 5.77
PB MGD N . 2.91 61.03 4.86
O1B MGD N . 3.98 60.26 4.18
O2B MGD N . 1.66 60.32 5.29
O3B MGD N . 2.49 62.24 3.90
O3A MGD N . 0.68 63.45 2.80
PA MGD N . 1.72 63.64 3.97
O1A MGD N . 0.91 63.77 5.22
O2A MGD N . 2.68 64.71 3.58
O5' MGD N . 3.51 61.76 6.17
C5' MGD N . 4.24 62.99 6.06
C4' MGD N . 5.39 63.01 7.04
O4' MGD N . 4.94 62.83 8.39
C3' MGD N . 6.48 61.94 6.84
O3' MGD N . 7.63 62.50 6.20
C2' MGD N . 6.81 61.48 8.27
O2' MGD N . 8.18 61.41 8.55
C1' MGD N . 6.12 62.55 9.10
N9 MGD N . 5.84 62.18 10.50
C8 MGD N . 5.73 60.94 11.05
N7 MGD N . 5.50 60.97 12.34
C5 MGD N . 5.47 62.32 12.65
C6 MGD N . 5.26 62.98 13.90
O6 MGD N . 5.06 62.49 15.03
N1 MGD N . 5.29 64.37 13.76
C2 MGD N . 5.51 65.05 12.58
N2 MGD N . 5.52 66.39 12.64
N3 MGD N . 5.71 64.43 11.42
C4 MGD N . 5.68 63.07 11.53
C10 MGD N . -0.46 62.57 2.97
C11 MGD N . -1.37 62.81 1.81
O11 MGD N . -0.58 62.56 0.63
C12 MGD N . -2.61 61.96 1.87
S12 MGD N . -3.50 61.84 3.37
C13 MGD N . -3.09 61.33 0.78
S13 MGD N . -4.61 60.48 0.88
C14 MGD N . -2.39 61.42 -0.56
N15 MGD N . -1.73 60.17 -0.93
C16 MGD N . -0.59 60.14 -1.71
C17 MGD N . 0.01 58.94 -2.11
O17 MGD N . -0.42 57.81 -1.82
N18 MGD N . 1.18 59.05 -2.83
C19 MGD N . 1.73 60.25 -3.19
N19 MGD N . 2.86 60.25 -3.89
N20 MGD N . 1.17 61.39 -2.83
C21 MGD N . 0.02 61.34 -2.09
N22 MGD N . -0.56 62.52 -1.73
C23 MGD N . -1.39 62.59 -0.56
MO 4MO O . -5.38 60.60 3.08
FE1 F3S P . -1.92 64.72 -9.76
FE3 F3S P . -0.57 67.11 -9.49
FE4 F3S P . -1.04 65.57 -7.19
S1 F3S P . -0.45 65.65 -11.15
S2 F3S P . -1.13 63.53 -8.05
S3 F3S P . -2.48 66.48 -8.57
S4 F3S P . 0.70 66.80 -7.71
O O Q . -6.85 61.53 3.46
FE1 FES R . 11.23 67.68 -13.87
FE2 FES R . 13.74 66.77 -14.59
S1 FES R . 12.66 66.45 -12.69
S2 FES R . 12.46 68.22 -15.61
CHA HEM S . 25.35 80.26 -15.06
CHB HEM S . 24.29 81.42 -19.63
CHC HEM S . 21.91 77.19 -20.09
CHD HEM S . 22.08 76.69 -15.29
C1A HEM S . 25.31 80.89 -16.27
C2A HEM S . 26.03 82.08 -16.58
C3A HEM S . 25.72 82.42 -17.86
C4A HEM S . 24.80 81.46 -18.35
CMA HEM S . 26.27 83.61 -18.60
CAA HEM S . 26.95 82.87 -15.67
CBA HEM S . 26.09 83.86 -14.90
CGA HEM S . 26.89 84.75 -13.98
O1A HEM S . 28.15 84.73 -13.99
O2A HEM S . 26.28 85.51 -13.18
C1B HEM S . 23.57 80.33 -20.16
C2B HEM S . 23.22 80.22 -21.54
C3B HEM S . 22.53 79.04 -21.68
C4B HEM S . 22.53 78.42 -20.34
CMB HEM S . 23.51 81.24 -22.62
CAB HEM S . 22.01 78.35 -22.88
CBB HEM S . 22.46 78.62 -24.10
C1C HEM S . 21.69 76.68 -18.81
C2C HEM S . 20.86 75.58 -18.46
C3C HEM S . 20.91 75.44 -17.07
C4C HEM S . 21.76 76.50 -16.60
CMC HEM S . 20.10 74.74 -19.47
CAC HEM S . 20.29 74.43 -16.16
CBC HEM S . 19.76 73.28 -16.55
C1D HEM S . 23.01 77.62 -14.87
C2D HEM S . 23.45 77.65 -13.47
C3D HEM S . 24.37 78.64 -13.41
C4D HEM S . 24.51 79.18 -14.77
CMD HEM S . 22.98 76.77 -12.33
CAD HEM S . 25.16 79.07 -12.20
CBD HEM S . 26.58 78.51 -12.44
CGD HEM S . 27.39 78.25 -11.17
O1D HEM S . 28.40 77.48 -11.22
O2D HEM S . 27.05 78.79 -10.08
NA HEM S . 24.56 80.54 -17.37
NB HEM S . 23.15 79.24 -19.50
NC HEM S . 22.21 77.21 -17.68
ND HEM S . 23.67 78.54 -15.61
FE HEM S . 23.45 78.88 -17.45
PB MGD T . -6.76 22.67 -17.49
O1B MGD T . -7.45 23.94 -17.84
O2B MGD T . -6.05 21.89 -18.56
O3B MGD T . -7.83 21.79 -16.67
O3A MGD T . -8.73 19.60 -16.06
PA MGD T . -7.59 20.61 -15.62
O1A MGD T . -6.26 19.99 -15.85
O2A MGD T . -7.92 21.09 -14.24
O5' MGD T . -5.77 22.91 -16.27
C5' MGD T . -4.39 23.20 -16.56
C4' MGD T . -3.83 24.00 -15.42
O4' MGD T . -2.38 23.95 -15.53
C3' MGD T . -4.21 25.49 -15.39
O3' MGD T . -4.48 25.89 -14.05
C2' MGD T . -2.98 26.16 -16.03
O2' MGD T . -2.74 27.48 -15.62
C1' MGD T . -1.87 25.26 -15.51
N9 MGD T . -0.67 25.24 -16.33
C8 MGD T . -0.54 25.48 -17.67
N7 MGD T . 0.69 25.33 -18.09
C5 MGD T . 1.40 24.95 -16.96
C6 MGD T . 2.78 24.66 -16.81
O6 MGD T . 3.66 24.66 -17.66
N1 MGD T . 3.06 24.34 -15.49
C2 MGD T . 2.17 24.28 -14.44
N2 MGD T . 2.65 23.91 -13.25
N3 MGD T . 0.87 24.57 -14.59
C4 MGD T . 0.57 24.90 -15.87
C10 MGD T . -8.80 19.18 -17.43
C11 MGD T . -9.64 17.90 -17.49
O11 MGD T . -10.99 18.29 -17.26
C12 MGD T . -9.53 17.12 -18.76
S12 MGD T . -8.06 17.25 -19.74
C13 MGD T . -10.58 16.35 -19.14
S13 MGD T . -10.52 15.43 -20.64
C14 MGD T . -11.87 16.31 -18.35
N15 MGD T . -12.96 16.79 -19.19
C16 MGD T . -14.18 17.03 -18.63
C17 MGD T . -15.38 16.85 -19.34
O17 MGD T . -15.43 16.47 -20.50
N18 MGD T . -16.54 17.10 -18.64
C19 MGD T . -16.54 17.54 -17.34
N19 MGD T . -17.72 17.75 -16.73
N20 MGD T . -15.41 17.68 -16.67
C21 MGD T . -14.23 17.44 -17.31
N22 MGD T . -13.08 17.60 -16.61
C23 MGD T . -11.79 17.14 -17.07
PB MGD U . -15.81 16.62 -25.92
O1B MGD U . -16.47 17.91 -26.31
O2B MGD U . -15.31 16.47 -24.52
O3B MGD U . -14.58 16.49 -26.93
O3A MGD U . -12.24 15.88 -27.20
PA MGD U . -13.70 15.28 -27.43
O1A MGD U . -13.87 14.10 -26.55
O2A MGD U . -13.83 15.13 -28.91
O5' MGD U . -16.75 15.36 -26.23
C5' MGD U . -16.86 14.80 -27.57
C4' MGD U . -18.30 14.47 -27.89
O4' MGD U . -18.80 13.47 -26.97
C3' MGD U . -19.31 15.63 -27.78
O3' MGD U . -19.70 16.08 -29.07
C2' MGD U . -20.50 15.05 -26.98
O2' MGD U . -21.74 15.40 -27.56
C1' MGD U . -20.20 13.55 -27.11
N9 MGD U . -20.86 12.68 -26.15
C8 MGD U . -21.47 12.98 -24.97
N7 MGD U . -22.00 11.94 -24.37
C5 MGD U . -21.72 10.88 -25.24
C6 MGD U . -22.04 9.50 -25.15
O6 MGD U . -22.66 8.94 -24.24
N1 MGD U . -21.59 8.79 -26.26
C2 MGD U . -20.89 9.33 -27.32
N2 MGD U . -20.53 8.51 -28.32
N3 MGD U . -20.59 10.63 -27.41
C4 MGD U . -21.03 11.33 -26.34
C10 MGD U . -11.76 16.12 -25.85
C11 MGD U . -10.34 16.55 -26.03
O11 MGD U . -10.36 17.79 -26.73
C12 MGD U . -9.58 16.63 -24.72
S12 MGD U . -9.72 15.32 -23.58
C13 MGD U . -8.71 17.64 -24.43
S13 MGD U . -7.83 17.62 -22.89
C14 MGD U . -8.51 18.73 -25.43
N15 MGD U . -9.20 19.96 -25.02
C16 MGD U . -9.68 20.88 -25.93
C17 MGD U . -10.26 22.08 -25.51
O17 MGD U . -10.38 22.44 -24.33
N18 MGD U . -10.72 22.91 -26.52
C19 MGD U . -10.61 22.60 -27.86
N19 MGD U . -11.06 23.50 -28.73
N20 MGD U . -10.03 21.49 -28.26
C21 MGD U . -9.57 20.61 -27.30
N22 MGD U . -9.00 19.46 -27.71
C23 MGD U . -9.04 18.31 -26.83
MO 4MO V . -8.46 15.78 -21.68
FE1 F3S W . -2.86 23.69 -31.67
FE3 F3S W . -3.31 22.35 -34.06
FE4 F3S W . -4.70 21.48 -31.77
S1 F3S W . -2.83 24.50 -33.76
S2 F3S W . -4.78 23.40 -30.69
S3 F3S W . -2.55 21.58 -32.13
S4 F3S W . -5.37 21.64 -33.87
O O X . -7.26 14.54 -21.43
FE1 FES Y . -9.99 28.53 -42.97
FE2 FES Y . -11.91 30.40 -43.76
S1 FES Y . -12.04 28.89 -42.18
S2 FES Y . -9.87 30.13 -44.54
CHA HEM Z . -16.86 26.30 -60.64
CHB HEM Z . -13.01 28.60 -62.52
CHC HEM Z . -12.06 30.53 -58.13
CHD HEM Z . -15.39 27.57 -56.19
C1A HEM Z . -15.93 26.80 -61.52
C2A HEM Z . -15.94 26.54 -62.90
C3A HEM Z . -14.85 27.18 -63.43
C4A HEM Z . -14.15 27.83 -62.38
CMA HEM Z . -14.46 27.21 -64.89
CAA HEM Z . -16.96 25.72 -63.66
CBA HEM Z . -16.29 24.44 -64.19
CGA HEM Z . -17.19 23.25 -64.15
O1A HEM Z . -16.64 22.11 -64.07
O2A HEM Z . -18.44 23.37 -64.18
C1B HEM Z . -12.45 29.34 -61.46
C2B HEM Z . -11.42 30.28 -61.66
C3B HEM Z . -11.14 30.84 -60.44
C4B HEM Z . -12.07 30.22 -59.50
CMB HEM Z . -10.74 30.59 -62.97
CAB HEM Z . -10.20 31.91 -60.08
CBB HEM Z . -9.63 32.73 -60.95
C1C HEM Z . -12.86 29.89 -57.17
C2C HEM Z . -12.92 30.15 -55.79
C3C HEM Z . -13.88 29.29 -55.23
C4C HEM Z . -14.38 28.51 -56.31
CMC HEM Z . -12.06 31.19 -55.08
CAC HEM Z . -14.41 29.13 -53.83
CBC HEM Z . -14.15 29.96 -52.82
C1D HEM Z . -16.06 27.02 -57.28
C2D HEM Z . -17.28 26.20 -57.09
C3D HEM Z . -17.69 25.86 -58.32
C4D HEM Z . -16.74 26.47 -59.26
CMD HEM Z . -17.95 25.83 -55.79
CAD HEM Z . -18.90 25.00 -58.67
CBD HEM Z . -20.11 25.87 -59.02
CGD HEM Z . -21.43 25.19 -58.69
O1D HEM Z . -21.48 24.00 -58.29
O2D HEM Z . -22.51 25.82 -58.85
NA HEM Z . -14.83 27.57 -61.22
NB HEM Z . -12.82 29.34 -60.17
NC HEM Z . -13.76 28.89 -57.47
ND HEM Z . -15.78 27.15 -58.59
FE HEM Z . -14.34 28.12 -59.35
PB MGD AA . 4.25 -23.56 16.72
O1B MGD AA . 4.06 -24.81 17.50
O2B MGD AA . 5.39 -22.70 17.13
O3B MGD AA . 2.89 -22.71 16.65
O3A MGD AA . 1.86 -20.54 16.88
PA MGD AA . 2.50 -21.46 15.74
O1A MGD AA . 3.75 -20.88 15.17
O2A MGD AA . 1.41 -21.83 14.79
O5' MGD AA . 4.38 -23.88 15.17
C5' MGD AA . 5.67 -24.09 14.59
C4' MGD AA . 5.46 -24.91 13.34
O4' MGD AA . 6.67 -24.84 12.54
C3' MGD AA . 5.19 -26.41 13.57
O3' MGD AA . 4.18 -26.83 12.66
C2' MGD AA . 6.56 -27.05 13.33
O2' MGD AA . 6.52 -28.39 12.85
C1' MGD AA . 7.12 -26.14 12.25
N9 MGD AA . 8.58 -26.09 12.18
C8 MGD AA . 9.53 -26.30 13.14
N7 MGD AA . 10.75 -26.13 12.70
C5 MGD AA . 10.58 -25.75 11.38
C6 MGD AA . 11.54 -25.43 10.39
O6 MGD AA . 12.76 -25.41 10.50
N1 MGD AA . 10.93 -25.09 9.18
C2 MGD AA . 9.58 -25.10 8.94
N2 MGD AA . 9.16 -24.76 7.71
N3 MGD AA . 8.67 -25.42 9.86
C4 MGD AA . 9.26 -25.73 11.04
C10 MGD AA . 2.67 -20.05 17.97
C11 MGD AA . 2.00 -18.77 18.44
O11 MGD AA . 0.77 -19.17 19.01
C12 MGD AA . 2.79 -17.98 19.42
S12 MGD AA . 4.53 -18.00 19.30
C13 MGD AA . 2.14 -17.26 20.38
S13 MGD AA . 3.07 -16.29 21.50
C14 MGD AA . 0.64 -17.25 20.53
N15 MGD AA . 0.29 -17.75 21.85
C16 MGD AA . -1.03 -17.96 22.14
C17 MGD AA . -1.57 -17.73 23.41
O17 MGD AA . -0.94 -17.35 24.39
N18 MGD AA . -2.93 -17.99 23.55
C19 MGD AA . -3.69 -18.43 22.50
N19 MGD AA . -5.00 -18.65 22.72
N20 MGD AA . -3.18 -18.59 21.30
C21 MGD AA . -1.86 -18.37 21.10
N22 MGD AA . -1.36 -18.59 19.86
C23 MGD AA . -0.06 -18.08 19.43
PB MGD BA . 2.00 -17.48 28.90
O1B MGD BA . 1.76 -18.76 29.62
O2B MGD BA . 1.56 -17.32 27.50
O3B MGD BA . 3.59 -17.31 28.97
O3A MGD BA . 5.70 -16.75 27.85
PA MGD BA . 4.64 -16.13 28.87
O1A MGD BA . 3.97 -14.95 28.31
O2A MGD BA . 5.35 -16.03 30.19
O5' MGD BA . 1.40 -16.27 29.75
C5' MGD BA . 2.12 -15.63 30.82
C4' MGD BA . 1.18 -15.33 31.97
O4' MGD BA . 0.24 -14.28 31.61
C3' MGD BA . 0.31 -16.51 32.44
O3' MGD BA . 0.76 -16.97 33.70
C2' MGD BA . -1.11 -15.92 32.55
O2' MGD BA . -1.75 -16.29 33.76
C1' MGD BA . -0.83 -14.43 32.51
N9 MGD BA . -1.94 -13.59 32.10
C8 MGD BA . -3.13 -13.88 31.50
N7 MGD BA . -3.91 -12.85 31.33
C5 MGD BA . -3.18 -11.79 31.87
C6 MGD BA . -3.51 -10.42 31.97
O6 MGD BA . -4.54 -9.85 31.60
N1 MGD BA . -2.49 -9.71 32.61
C2 MGD BA . -1.30 -10.24 33.07
N2 MGD BA . -0.42 -9.41 33.64
N3 MGD BA . -0.98 -11.52 32.94
C4 MGD BA . -1.97 -12.23 32.34
C10 MGD BA . 5.30 -16.97 26.46
C11 MGD BA . 6.55 -17.29 25.64
O11 MGD BA . 7.05 -18.49 26.24
C12 MGD BA . 6.29 -17.46 24.17
S12 MGD BA . 5.49 -16.17 23.34
C13 MGD BA . 6.76 -18.51 23.45
S13 MGD BA . 6.58 -18.54 21.71
C14 MGD BA . 7.54 -19.62 24.11
N15 MGD BA . 6.75 -20.84 24.24
C16 MGD BA . 6.95 -21.74 25.28
C17 MGD BA . 6.30 -22.97 25.30
O17 MGD BA . 5.53 -23.34 24.42
N18 MGD BA . 6.56 -23.79 26.39
C19 MGD BA . 7.43 -23.43 27.40
N19 MGD BA . 7.61 -24.27 28.42
N20 MGD BA . 8.06 -22.28 27.35
C21 MGD BA . 7.83 -21.42 26.31
N22 MGD BA . 8.52 -20.26 26.28
C23 MGD BA . 8.07 -19.15 25.49
MO 4MO CA . 5.40 -16.62 21.09
FE1 F3S DA . 15.94 -24.39 25.79
FE3 F3S DA . 16.98 -23.02 27.93
FE4 F3S DA . 14.41 -22.23 27.00
S1 F3S DA . 17.12 -25.19 27.49
S2 F3S DA . 13.75 -24.09 25.99
S3 F3S DA . 16.36 -22.24 25.99
S4 F3S DA . 15.23 -22.29 29.03
O O EA . 6.21 -15.37 20.11
C1 GOL FA . 10.35 -39.99 24.17
O1 GOL FA . 10.31 -40.25 25.57
C2 GOL FA . 10.06 -41.24 23.38
O2 GOL FA . 9.11 -40.95 22.36
C3 GOL FA . 11.30 -41.86 22.78
O3 GOL FA . 11.71 -42.97 23.56
O1 PG4 GA . 16.13 -21.34 -15.70
C1 PG4 GA . 14.81 -21.24 -15.38
C2 PG4 GA . 14.61 -20.06 -14.52
O2 PG4 GA . 15.84 -19.71 -13.88
C3 PG4 GA . 15.98 -20.22 -12.57
C4 PG4 GA . 17.43 -20.50 -12.26
O3 PG4 GA . 18.21 -19.34 -12.54
C5 PG4 GA . 18.55 -19.20 -13.91
C6 PG4 GA . 19.80 -18.38 -14.02
O4 PG4 GA . 20.60 -18.51 -12.85
C7 PG4 GA . 20.93 -17.26 -12.25
C8 PG4 GA . 22.41 -17.06 -12.16
O5 PG4 GA . 23.12 -18.26 -12.42
FE1 FES HA . 16.93 -29.25 39.08
FE2 FES HA . 15.92 -31.19 40.86
S1 FES HA . 14.84 -29.62 39.76
S2 FES HA . 18.03 -30.67 40.37
FE HEC IA . 23.20 -28.81 54.83
CHA HEC IA . 21.95 -26.85 57.25
CHB HEC IA . 26.15 -29.16 56.58
CHC HEC IA . 24.34 -31.24 52.55
CHD HEC IA . 20.55 -28.29 52.84
NA HEC IA . 23.94 -28.14 56.56
C1A HEC IA . 23.22 -27.34 57.42
C2A HEC IA . 24.03 -27.07 58.53
C3A HEC IA . 25.20 -27.71 58.34
C4A HEC IA . 25.15 -28.39 57.12
CMA HEC IA . 26.38 -27.71 59.29
CAA HEC IA . 23.67 -26.20 59.71
CBA HEC IA . 24.26 -24.80 59.39
CGA HEC IA . 23.69 -23.71 60.28
O1A HEC IA . 23.10 -24.01 61.36
O2A HEC IA . 23.79 -22.51 59.94
NB HEC IA . 24.92 -29.97 54.60
C1B HEC IA . 25.98 -29.92 55.41
C2B HEC IA . 26.97 -30.85 54.97
C3B HEC IA . 26.50 -31.44 53.84
C4B HEC IA . 25.15 -30.88 53.65
CMB HEC IA . 28.31 -31.07 55.64
CAB HEC IA . 27.04 -32.52 53.03
CBB HEC IA . 27.97 -33.37 53.48
NC HEC IA . 22.53 -29.70 53.03
C1C HEC IA . 23.15 -30.60 52.22
C2C HEC IA . 22.43 -30.71 50.99
C3C HEC IA . 21.33 -29.83 51.09
C4C HEC IA . 21.43 -29.23 52.37
CMC HEC IA . 22.81 -31.61 49.83
CAC HEC IA . 20.19 -29.58 50.14
CBC HEC IA . 19.92 -30.32 49.07
ND HEC IA . 21.63 -27.80 55.00
C1D HEC IA . 20.65 -27.67 54.09
C2D HEC IA . 19.56 -26.81 54.58
C3D HEC IA . 19.94 -26.41 55.81
C4D HEC IA . 21.25 -27.06 56.06
CMD HEC IA . 18.29 -26.43 53.85
CAD HEC IA . 19.17 -25.51 56.75
CBD HEC IA . 18.75 -26.39 57.95
CGD HEC IA . 17.36 -26.10 58.46
O1D HEC IA . 16.68 -27.07 58.87
O2D HEC IA . 16.87 -24.93 58.53
PB MGD JA . -5.16 -54.81 3.76
O1B MGD JA . -3.86 -54.14 3.60
O2B MGD JA . -5.21 -56.29 4.07
O3B MGD JA . -6.02 -54.47 2.44
O3A MGD JA . -7.64 -55.11 0.73
PA MGD JA . -7.60 -54.53 2.21
O1A MGD JA . -8.23 -55.48 3.15
O2A MGD JA . -8.15 -53.15 2.16
O5' MGD JA . -6.07 -54.05 4.81
C5' MGD JA . -6.23 -54.55 6.17
C4' MGD JA . -6.62 -53.39 7.06
O4' MGD JA . -6.94 -53.92 8.37
C3' MGD JA . -5.54 -52.33 7.30
O3' MGD JA . -6.13 -51.03 7.35
C2' MGD JA . -4.95 -52.71 8.66
O2' MGD JA . -4.42 -51.61 9.37
C1' MGD JA . -6.20 -53.25 9.36
N9 MGD JA . -5.95 -54.20 10.45
C8 MGD JA . -4.93 -55.10 10.66
N7 MGD JA . -5.09 -55.84 11.73
C5 MGD JA . -6.31 -55.42 12.23
C6 MGD JA . -7.05 -55.87 13.36
O6 MGD JA . -6.75 -56.78 14.16
N1 MGD JA . -8.27 -55.20 13.48
C2 MGD JA . -8.72 -54.20 12.64
N2 MGD JA . -9.91 -53.65 12.92
N3 MGD JA . -8.02 -53.77 11.59
C4 MGD JA . -6.85 -54.42 11.46
C10 MGD JA . -6.89 -56.32 0.41
C11 MGD JA . -7.48 -56.89 -0.86
O11 MGD JA . -7.03 -56.06 -1.93
C12 MGD JA . -7.17 -58.34 -1.09
S12 MGD JA . -6.87 -59.45 0.27
C13 MGD JA . -7.14 -58.77 -2.37
S13 MGD JA . -6.87 -60.45 -2.76
C14 MGD JA . -7.32 -57.86 -3.56
N15 MGD JA . -6.11 -57.89 -4.36
C16 MGD JA . -6.01 -56.99 -5.41
C17 MGD JA . -5.30 -57.27 -6.59
O17 MGD JA . -4.69 -58.31 -6.83
N18 MGD JA . -5.25 -56.24 -7.52
C19 MGD JA . -5.89 -55.04 -7.33
N19 MGD JA . -5.82 -54.13 -8.31
N20 MGD JA . -6.58 -54.80 -6.24
C21 MGD JA . -6.64 -55.75 -5.27
N22 MGD JA . -7.33 -55.45 -4.16
C23 MGD JA . -7.69 -56.42 -3.15
PB MGD KA . -0.80 -62.06 -7.10
O1B MGD KA . 0.50 -61.33 -7.20
O2B MGD KA . -2.04 -61.33 -6.70
O3B MGD KA . -0.53 -63.27 -6.08
O3A MGD KA . -1.37 -64.54 -4.14
PA MGD KA . -1.19 -64.68 -5.70
O1A MGD KA . -2.54 -64.82 -6.33
O2A MGD KA . -0.15 -65.73 -5.85
O5' MGD KA . -1.13 -62.79 -8.50
C5' MGD KA . -0.53 -64.05 -8.87
C4' MGD KA . -0.11 -64.03 -10.31
O4' MGD KA . -1.24 -63.85 -11.18
C3' MGD KA . 0.89 -62.93 -10.75
O3' MGD KA . 2.19 -63.49 -10.89
C2' MGD KA . 0.33 -62.43 -12.10
O2' MGD KA . 1.25 -62.32 -13.16
C1' MGD KA . -0.67 -63.52 -12.43
N9 MGD KA . -1.72 -63.17 -13.38
C8 MGD KA . -2.16 -61.94 -13.77
N7 MGD KA . -3.16 -62.01 -14.65
C5 MGD KA . -3.34 -63.37 -14.85
C6 MGD KA . -4.25 -64.07 -15.69
O6 MGD KA . -5.12 -63.61 -16.44
N1 MGD KA . -4.08 -65.46 -15.57
C2 MGD KA . -3.16 -66.10 -14.78
N2 MGD KA . -3.14 -67.45 -14.81
N3 MGD KA . -2.32 -65.44 -13.98
C4 MGD KA . -2.46 -64.10 -14.07
C10 MGD KA . -2.28 -63.56 -3.63
C11 MGD KA . -2.34 -63.78 -2.15
O11 MGD KA . -1.02 -63.60 -1.63
C12 MGD KA . -3.34 -62.92 -1.46
S12 MGD KA . -4.98 -62.93 -2.04
C13 MGD KA . -3.07 -62.30 -0.32
S13 MGD KA . -4.34 -61.52 0.57
C14 MGD KA . -1.75 -62.44 0.39
N15 MGD KA . -0.99 -61.20 0.34
C16 MGD KA . 0.38 -61.20 0.29
C17 MGD KA . 1.10 -60.00 0.32
O17 MGD KA . 0.58 -58.88 0.37
N18 MGD KA . 2.48 -60.10 0.20
C19 MGD KA . 3.11 -61.30 0.11
N19 MGD KA . 4.45 -61.31 0.03
N20 MGD KA . 2.44 -62.45 0.12
C21 MGD KA . 1.08 -62.40 0.22
N22 MGD KA . 0.40 -63.57 0.22
C23 MGD KA . -0.96 -63.63 -0.20
MO 4MO LA . -6.42 -61.62 -0.65
FE1 F3S MA . 4.15 -65.61 7.49
FE3 F3S MA . 4.93 -68.07 6.54
FE4 F3S MA . 3.16 -66.54 4.92
S1 F3S MA . 6.06 -66.62 7.70
S2 F3S MA . 3.66 -64.54 5.62
S3 F3S MA . 2.90 -67.35 6.95
S4 F3S MA . 4.87 -67.84 4.34
O O NA . -7.81 -62.58 0.00
O1 PG4 OA . 11.91 -60.19 -1.69
C1 PG4 OA . 12.00 -59.00 -1.00
C2 PG4 OA . 11.93 -59.20 0.47
O2 PG4 OA . 13.09 -58.64 1.05
C3 PG4 OA . 13.77 -57.80 0.12
C4 PG4 OA . 13.79 -56.42 0.61
O3 PG4 OA . 15.13 -55.97 0.75
C5 PG4 OA . 15.23 -54.55 0.74
C6 PG4 OA . 15.98 -54.07 1.88
O4 PG4 OA . 15.17 -53.28 2.75
C7 PG4 OA . 15.76 -52.01 2.97
C8 PG4 OA . 16.33 -51.60 1.69
O5 PG4 OA . 17.43 -50.75 1.82
FE1 FES PA . 17.17 -68.60 2.83
FE2 FES PA . 19.55 -67.53 2.00
S1 FES PA . 17.59 -67.20 1.13
S2 FES PA . 19.25 -69.08 3.55
CHA HEM QA . -10.04 -64.88 40.70
CHB HEM QA . -13.77 -63.21 43.35
CHC HEM QA . -16.61 -63.47 39.34
CHD HEM QA . -13.18 -66.20 37.26
C1A HEM QA . -10.80 -64.35 41.73
C2A HEM QA . -10.28 -63.98 42.98
C3A HEM QA . -11.31 -63.52 43.74
C4A HEM QA . -12.49 -63.60 42.97
CMA HEM QA . -11.18 -63.00 45.17
CAA HEM QA . -8.86 -64.08 43.44
CBA HEM QA . -8.73 -65.39 44.21
CGA HEM QA . -7.29 -65.78 44.47
O1A HEM QA . -6.35 -64.99 44.26
O2A HEM QA . -7.02 -66.92 44.93
C1B HEM QA . -14.87 -63.10 42.46
C2B HEM QA . -16.10 -62.47 42.80
C3B HEM QA . -16.91 -62.52 41.69
C4B HEM QA . -16.10 -63.19 40.63
CMB HEM QA . -16.46 -61.89 44.15
CAB HEM QA . -18.28 -61.96 41.46
CBB HEM QA . -18.88 -61.06 42.24
C1C HEM QA . -15.95 -64.28 38.41
C2C HEM QA . -16.46 -64.73 37.16
C3C HEM QA . -15.45 -65.53 36.56
C4C HEM QA . -14.36 -65.55 37.49
CMC HEM QA . -17.81 -64.40 36.55
CAC HEM QA . -15.42 -66.19 35.22
CBC HEM QA . -16.28 -65.97 34.22
C1D HEM QA . -12.04 -66.02 38.04
C2D HEM QA . -10.73 -66.53 37.59
C3D HEM QA . -9.85 -66.14 38.54
C4D HEM QA . -10.63 -65.39 39.55
CMD HEM QA . -10.40 -67.32 36.34
CAD HEM QA . -8.36 -66.40 38.59
CBD HEM QA . -7.69 -65.02 38.37
CGD HEM QA . -6.36 -65.05 37.64
O1D HEM QA . -6.00 -64.04 37.00
O2D HEM QA . -5.63 -66.06 37.69
NA HEM QA . -12.15 -64.11 41.74
NB HEM QA . -14.91 -63.51 41.18
NC HEM QA . -14.69 -64.80 38.58
ND HEM QA . -11.93 -65.35 39.20
FE HEM QA . -13.32 -64.49 40.17
#